data_8DOK
#
_entry.id   8DOK
#
_cell.length_a   1.00
_cell.length_b   1.00
_cell.length_c   1.00
_cell.angle_alpha   90.00
_cell.angle_beta   90.00
_cell.angle_gamma   90.00
#
_symmetry.space_group_name_H-M   'P 1'
#
loop_
_entity.id
_entity.type
_entity.pdbx_description
1 polymer 'CRF-1_AE T/F100 Env gp120'
2 polymer 'CRF-1_AE T/F100 HIV-1 gp41'
3 polymer 'Heavy chain of 8ANC195'
4 polymer 'Light chain of 8ANC195'
5 polymer 'Heavy chain of 10-1074'
6 polymer 'Light chain of 10-1074'
7 branched alpha-D-mannopyranose-(1-2)-alpha-D-mannopyranose-(1-2)-alpha-D-mannopyranose-(1-3)-[alpha-D-mannopyranose-(1-2)-alpha-D-mannopyranose-(1-6)-alpha-D-mannopyranose-(1-6)]beta-D-mannopyranose-(1-4)-2-acetamido-2-deoxy-beta-D-glucopyranose-(1-4)-2-acetamido-2-deoxy-beta-D-glucopyranose
8 branched beta-D-mannopyranose-(1-4)-2-acetamido-2-deoxy-beta-D-glucopyranose-(1-4)-2-acetamido-2-deoxy-beta-D-glucopyranose
9 branched 2-acetamido-2-deoxy-beta-D-glucopyranose-(1-4)-2-acetamido-2-deoxy-beta-D-glucopyranose-(1-4)-2-acetamido-2-deoxy-beta-D-glucopyranose-(1-4)-2-acetamido-2-deoxy-beta-D-glucopyranose
10 branched 2-acetamido-2-deoxy-beta-D-glucopyranose-(1-4)-2-acetamido-2-deoxy-beta-D-glucopyranose
11 branched alpha-D-mannopyranose-(1-2)-alpha-D-mannopyranose-(1-2)-alpha-D-mannopyranose-(1-3)-[alpha-D-mannopyranose-(1-2)-alpha-D-mannopyranose-(1-6)-[alpha-D-mannopyranose-(1-3)]alpha-D-mannopyranose-(1-6)]beta-D-mannopyranose-(1-4)-2-acetamido-2-deoxy-beta-D-glucopyranose-(1-4)-2-acetamido-2-deoxy-beta-D-glucopyranose
12 branched alpha-D-mannopyranose-(1-2)-alpha-D-mannopyranose-(1-3)-[alpha-D-mannopyranose-(1-6)]beta-D-mannopyranose-(1-4)-2-acetamido-2-deoxy-beta-D-glucopyranose-(1-4)-2-acetamido-2-deoxy-beta-D-glucopyranose
13 branched alpha-D-mannopyranose-(1-3)-[alpha-D-mannopyranose-(1-6)]beta-D-mannopyranose-(1-4)-2-acetamido-2-deoxy-beta-D-glucopyranose-(1-4)-2-acetamido-2-deoxy-beta-D-glucopyranose
14 non-polymer 2-acetamido-2-deoxy-beta-D-glucopyranose
#
loop_
_entity_poly.entity_id
_entity_poly.type
_entity_poly.pdbx_seq_one_letter_code
_entity_poly.pdbx_strand_id
1 'polypeptide(L)'
;ATNNLWVTVYYGVPVWRDADTTLFCASDAKAHETEVHNVWATHACVPTDPNPQEMHLKNVTENFNMWKNNMVEQMQEDVI
SLWDQSLKPCVKLTPLCVTLNCTSATVTNYTKVNDTSDIIGNITDDVRNCSFNMTTELRDKQQKVYALFYKLDIVPIDDS
SNNGSSNFSEYRLINCNTSVIKQACPKVSFDPIPIHYCTPAGYAILRCNDKKFNGTGPCKNVSSVQCTHGIKPVVSTQLL
LNGSLAEEGIIIRSENLTNNAKTIIVHFNESVKINCTRPSNNTRTGIHIGPGQVFYKTGDIIGDIRKAYCNISGAQWHKV
LGRVANKLKEHFNNKTIVFKPSSGGDPEITMHHFNCRGEFFYCNTTKLFNSTWGGNKNETRDNGTITIPCRIKQIINMWQ
GVGQAMYAPPIKGVIKCLSNITGILLTRDGGNDSTENNETFRPGGGNIKDNWRNELYKYKVVQIEPLGIAPTKCKRRVVE
RRRRRR
;
A,E,I
2 'polypeptide(L)'
;AVGLGAMIFGFLGAAGSTMGAASITLTVQARQLLSGIVQQQSNLLRAPEAQQHLLQLTVWGIKQLQARVLAVERYLQDQK
FLGLWGCSGKIICCTAVPWNSSWSNKTFEEIWNNMTWIEWEREISNYTSQIYDILTISQTQQEKNEKDLLELDAA
;
B,F,J
3 'polypeptide(L)'
;QIHLVQSGTEVKKPGSSVTVSCKAYGVNTFGLYAVNWVRQAPGQSLEYIGQIWRWKSSASHHFRGRVLISAVDLTGSSPP
ISSLEIKNLTSDDTAVYFCTTTSTYDRWSGLHHDGVMAFSSWGQGTLISVSAASTKGPSVFPLAPSSKSTSGGTAALGCL
VKDYFPEPVTVSWNSGALTSGVHTFPAVLQSSGLYSLSSVVTVPSSSLGTQTYICNVNHKPSNTKVDKRVEPKSCDKT
;
C,G,K
4 'polypeptide(L)'
;DIQMTQSPSTLSASTGDTVRISCRASQSITGNWVAWYQQRPGKAPRLLIYRGAALLGGVPSRFRGSAAGTDFTLTIGNLQ
AEDFGTFYCQQYDTYPGTFGQGTKVEVKRTVAAPSVFIFPPSDEQLKSGTASVVCLLNNFYPREAKVQWKVDNALQSGNS
QESVTEQDSKDSTYSLSSTLTLSKADYEKHKVYACEVTHQGLSSPVTKSFNRGEC
;
D,H,L
5 'polypeptide(L)'
;QVQLQESGPGLVKPSETLSVTCSVSGDSMNNYYWTWIRQSPGKGLEWIGYISDRESATYNPSLNSRVVISRDTSKNQLSL
KLNSVTPADTAVYYCATARRGQRIYGVVSFGEFFYYYSMDVWGKGTTVTVSSASTKGPSVFPLAPSSKSTSGGTAALGCL
VKDYFPEPVTVSWNSGALTSGVHTFPAVLQSSGLYSLSSVVTVPSSSLGTQTYICNVNHKPSNTKVDKRVEPKSCDKT
;
M,O,Q
6 'polypeptide(L)'
;SYVRPLSVALGETARISCGRQALGSRAVQWYQHRPGQAPILLIYNNQDRPSGIPERFSGTPDINFGTRATLTISGVEAGD
EADYYCHMWDSRSGFSWSFGGATRLTVLGQPKAAPSVTLFPPSSEELQANKATLVCLISDFYPGAVTVAWKADSSPVKAG
VETTTPSKQSNNKYAASSYLSLTPEQWKSHRSYSCQVTHEGSTVEKTVAPTECS
;
N,P,R
#
# COMPACT_ATOMS: atom_id res chain seq x y z
N ASN A 4 23.98 -21.79 52.36
CA ASN A 4 22.80 -21.50 53.18
C ASN A 4 21.69 -20.91 52.32
N LEU A 5 22.05 -20.16 51.30
CA LEU A 5 21.08 -19.49 50.47
C LEU A 5 21.07 -20.09 49.10
N TRP A 6 19.92 -20.13 48.43
CA TRP A 6 19.77 -20.75 47.12
C TRP A 6 19.03 -19.85 46.17
N VAL A 7 19.35 -19.88 44.89
CA VAL A 7 18.69 -19.04 43.92
C VAL A 7 17.22 -19.35 43.85
N THR A 8 16.37 -18.35 43.73
CA THR A 8 14.95 -18.54 43.59
C THR A 8 14.48 -17.63 42.48
N VAL A 9 13.67 -18.10 41.55
CA VAL A 9 13.29 -17.28 40.43
C VAL A 9 11.90 -16.75 40.57
N TYR A 10 11.75 -15.43 40.57
CA TYR A 10 10.47 -14.78 40.67
C TYR A 10 10.01 -14.23 39.33
N TYR A 11 8.74 -14.42 38.96
CA TYR A 11 8.20 -13.87 37.74
C TYR A 11 7.18 -12.82 38.06
N GLY A 12 7.38 -11.61 37.60
CA GLY A 12 6.51 -10.50 37.92
C GLY A 12 7.09 -9.48 38.86
N VAL A 13 8.41 -9.32 38.89
CA VAL A 13 9.08 -8.39 39.80
C VAL A 13 8.93 -6.97 39.28
N PRO A 14 8.90 -5.96 40.16
CA PRO A 14 8.79 -4.55 39.73
C PRO A 14 10.13 -3.98 39.28
N VAL A 15 10.61 -4.44 38.14
CA VAL A 15 11.87 -4.00 37.56
C VAL A 15 11.59 -3.48 36.15
N TRP A 16 12.12 -2.31 35.83
CA TRP A 16 11.83 -1.69 34.55
C TRP A 16 13.04 -0.96 34.02
N ARG A 17 13.03 -0.71 32.70
CA ARG A 17 14.09 0.03 32.02
C ARG A 17 13.47 1.00 31.04
N ASP A 18 14.24 2.02 30.68
CA ASP A 18 13.80 2.95 29.65
C ASP A 18 13.87 2.30 28.28
N ALA A 19 12.81 2.46 27.49
CA ALA A 19 12.75 1.89 26.15
C ALA A 19 11.80 2.72 25.30
N ASP A 20 11.91 2.55 24.00
CA ASP A 20 11.05 3.22 23.03
C ASP A 20 10.42 2.19 22.11
N THR A 21 9.10 2.21 22.01
CA THR A 21 8.37 1.29 21.14
C THR A 21 7.21 2.02 20.48
N THR A 22 6.47 1.28 19.66
CA THR A 22 5.32 1.84 18.95
C THR A 22 4.11 1.84 19.85
N LEU A 23 3.54 3.02 20.09
CA LEU A 23 2.36 3.19 20.93
C LEU A 23 1.14 3.31 20.04
N PHE A 24 0.16 2.43 20.26
CA PHE A 24 -1.03 2.47 19.41
C PHE A 24 -2.03 3.49 19.92
N CYS A 25 -2.99 3.81 19.06
CA CYS A 25 -4.01 4.81 19.36
C CYS A 25 -5.19 4.20 20.08
N ALA A 26 -5.91 5.03 20.83
CA ALA A 26 -7.17 4.64 21.47
C ALA A 26 -8.03 5.90 21.57
N SER A 27 -8.88 6.11 20.57
CA SER A 27 -9.75 7.28 20.54
C SER A 27 -10.99 7.01 21.38
N ASP A 28 -11.91 7.97 21.42
CA ASP A 28 -13.12 7.84 22.23
C ASP A 28 -14.12 7.01 21.42
N ALA A 29 -15.28 6.71 22.02
CA ALA A 29 -16.24 5.81 21.36
C ALA A 29 -16.92 6.49 20.18
N LYS A 30 -16.74 7.79 20.01
CA LYS A 30 -17.38 8.51 18.91
C LYS A 30 -16.90 8.04 17.54
N ALA A 31 -15.77 7.34 17.46
CA ALA A 31 -15.19 6.88 16.20
C ALA A 31 -14.90 8.13 15.37
N HIS A 32 -15.29 8.18 14.10
CA HIS A 32 -15.14 9.38 13.29
C HIS A 32 -16.21 10.41 13.62
N GLU A 33 -16.22 10.86 14.88
CA GLU A 33 -17.12 11.92 15.34
C GLU A 33 -18.55 11.63 14.87
N THR A 34 -19.13 10.57 15.43
CA THR A 34 -20.36 9.93 14.96
C THR A 34 -20.30 9.61 13.47
N GLU A 35 -19.14 9.06 13.05
CA GLU A 35 -18.92 8.43 11.75
C GLU A 35 -18.83 9.42 10.59
N VAL A 36 -18.23 10.59 10.80
CA VAL A 36 -17.84 11.48 9.70
C VAL A 36 -16.31 11.55 9.70
N HIS A 37 -15.70 11.15 8.60
CA HIS A 37 -14.26 10.95 8.51
C HIS A 37 -13.47 12.11 9.10
N ASN A 38 -12.66 11.80 10.12
CA ASN A 38 -11.70 12.75 10.67
C ASN A 38 -10.36 12.52 9.99
N VAL A 39 -9.61 13.61 9.79
CA VAL A 39 -8.29 13.50 9.19
C VAL A 39 -7.36 12.68 10.06
N TRP A 40 -7.64 12.62 11.37
CA TRP A 40 -6.80 11.87 12.29
C TRP A 40 -7.21 10.40 12.41
N ALA A 41 -8.14 9.93 11.58
CA ALA A 41 -8.48 8.50 11.47
C ALA A 41 -8.77 7.88 12.84
N THR A 42 -9.73 8.44 13.52
CA THR A 42 -9.98 8.01 14.87
C THR A 42 -11.05 6.95 15.11
N HIS A 43 -11.30 6.09 14.13
CA HIS A 43 -12.19 4.97 14.37
C HIS A 43 -11.24 3.83 14.23
N ALA A 44 -10.07 4.11 13.65
CA ALA A 44 -9.05 3.08 13.44
C ALA A 44 -8.24 2.98 14.69
N CYS A 45 -8.40 3.95 15.59
CA CYS A 45 -7.74 3.85 16.92
C CYS A 45 -8.59 2.80 17.63
N VAL A 46 -8.51 1.57 17.12
CA VAL A 46 -9.45 0.53 17.49
C VAL A 46 -9.61 0.42 18.96
N PRO A 47 -8.50 0.30 19.69
CA PRO A 47 -8.70 0.30 21.09
C PRO A 47 -9.81 1.35 21.29
N THR A 48 -10.67 1.08 22.24
CA THR A 48 -11.75 2.01 22.65
C THR A 48 -11.45 2.23 24.12
N ASP A 49 -11.42 3.46 24.61
CA ASP A 49 -10.90 3.56 25.95
C ASP A 49 -11.93 3.48 27.09
N PRO A 50 -12.37 2.26 27.53
CA PRO A 50 -13.42 2.29 28.58
C PRO A 50 -13.07 2.71 29.99
N ASN A 51 -11.98 2.21 30.55
CA ASN A 51 -11.69 2.50 31.96
C ASN A 51 -10.23 2.83 32.20
N PRO A 52 -9.97 3.71 33.16
CA PRO A 52 -8.58 4.08 33.32
C PRO A 52 -7.96 3.27 34.43
N GLN A 53 -6.89 2.56 34.14
CA GLN A 53 -6.21 1.85 35.18
C GLN A 53 -4.94 2.59 35.49
N GLU A 54 -4.75 2.96 36.75
CA GLU A 54 -3.54 3.63 37.16
C GLU A 54 -3.05 3.05 38.47
N MET A 55 -1.77 3.17 38.78
CA MET A 55 -1.18 2.74 40.03
C MET A 55 -0.19 3.81 40.48
N HIS A 56 -0.30 4.23 41.74
CA HIS A 56 0.64 5.19 42.29
C HIS A 56 1.88 4.45 42.79
N LEU A 57 3.01 4.68 42.14
CA LEU A 57 4.26 4.03 42.49
C LEU A 57 4.84 4.73 43.71
N LYS A 58 4.62 4.14 44.89
CA LYS A 58 5.03 4.76 46.14
C LYS A 58 6.54 4.60 46.34
N ASN A 59 7.17 5.65 46.87
CA ASN A 59 8.59 5.67 47.16
C ASN A 59 9.43 5.37 45.91
N VAL A 60 8.96 5.84 44.76
CA VAL A 60 9.64 5.65 43.49
C VAL A 60 9.93 7.02 42.89
N THR A 61 11.21 7.32 42.69
CA THR A 61 11.63 8.55 42.02
C THR A 61 12.23 8.18 40.66
N GLU A 62 11.64 8.74 39.61
CA GLU A 62 12.09 8.48 38.24
C GLU A 62 12.47 9.79 37.57
N ASN A 63 13.53 9.75 36.78
CA ASN A 63 14.05 10.92 36.10
C ASN A 63 13.35 11.10 34.77
N PHE A 64 12.79 12.28 34.54
CA PHE A 64 12.09 12.61 33.31
C PHE A 64 12.89 13.68 32.57
N ASN A 65 13.01 13.51 31.25
CA ASN A 65 13.64 14.49 30.37
C ASN A 65 12.75 14.66 29.15
N MET A 66 11.85 15.65 29.21
CA MET A 66 10.83 15.82 28.18
C MET A 66 11.40 16.17 26.82
N TRP A 67 12.66 16.59 26.75
CA TRP A 67 13.27 16.95 25.48
C TRP A 67 13.92 15.78 24.78
N LYS A 68 13.98 14.62 25.42
CA LYS A 68 14.43 13.37 24.79
C LYS A 68 13.32 12.35 24.71
N ASN A 69 12.08 12.76 24.95
CA ASN A 69 10.93 11.89 24.77
C ASN A 69 10.81 11.46 23.33
N ASN A 70 10.59 10.16 23.11
CA ASN A 70 10.29 9.65 21.79
C ASN A 70 8.79 9.62 21.52
N MET A 71 7.98 9.85 22.55
CA MET A 71 6.54 9.93 22.37
C MET A 71 6.15 11.11 21.49
N VAL A 72 6.83 12.24 21.67
CA VAL A 72 6.51 13.42 20.87
C VAL A 72 6.90 13.21 19.41
N GLU A 73 8.02 12.53 19.15
CA GLU A 73 8.40 12.24 17.77
C GLU A 73 7.46 11.22 17.14
N GLN A 74 7.03 10.22 17.91
CA GLN A 74 6.03 9.29 17.39
C GLN A 74 4.72 10.00 17.09
N MET A 75 4.32 10.95 17.94
CA MET A 75 3.14 11.75 17.64
C MET A 75 3.33 12.57 16.38
N GLN A 76 4.50 13.17 16.20
CA GLN A 76 4.76 13.95 14.99
C GLN A 76 4.59 13.08 13.75
N GLU A 77 5.24 11.91 13.73
CA GLU A 77 5.14 11.04 12.58
C GLU A 77 3.72 10.52 12.36
N ASP A 78 3.03 10.14 13.44
CA ASP A 78 1.66 9.65 13.30
C ASP A 78 0.74 10.72 12.76
N VAL A 79 0.85 11.96 13.26
CA VAL A 79 -0.01 13.04 12.79
C VAL A 79 0.28 13.35 11.32
N ILE A 80 1.55 13.40 10.94
CA ILE A 80 1.89 13.66 9.55
C ILE A 80 1.35 12.56 8.65
N SER A 81 1.48 11.30 9.07
CA SER A 81 1.00 10.19 8.25
C SER A 81 -0.52 10.20 8.14
N LEU A 82 -1.22 10.49 9.24
CA LEU A 82 -2.68 10.57 9.18
C LEU A 82 -3.13 11.69 8.26
N TRP A 83 -2.46 12.84 8.33
CA TRP A 83 -2.79 13.95 7.45
C TRP A 83 -2.56 13.59 5.99
N ASP A 84 -1.43 12.94 5.70
CA ASP A 84 -1.12 12.56 4.32
C ASP A 84 -2.11 11.53 3.79
N GLN A 85 -2.49 10.55 4.62
CA GLN A 85 -3.34 9.47 4.12
C GLN A 85 -4.76 9.94 3.88
N SER A 86 -5.16 11.06 4.47
CA SER A 86 -6.51 11.56 4.26
C SER A 86 -6.62 12.31 2.95
N LEU A 87 -5.48 12.69 2.36
CA LEU A 87 -5.47 13.45 1.13
C LEU A 87 -5.27 12.59 -0.11
N LYS A 88 -4.98 11.30 0.05
CA LYS A 88 -4.84 10.40 -1.09
C LYS A 88 -6.17 10.22 -1.84
N PRO A 89 -7.29 9.96 -1.16
CA PRO A 89 -8.55 9.82 -1.91
C PRO A 89 -9.02 11.10 -2.58
N CYS A 90 -8.58 12.26 -2.10
CA CYS A 90 -9.18 13.52 -2.51
C CYS A 90 -8.69 13.97 -3.88
N VAL A 91 -9.36 14.99 -4.42
CA VAL A 91 -9.08 15.48 -5.76
C VAL A 91 -7.67 16.05 -5.84
N LYS A 92 -7.01 15.82 -6.97
CA LYS A 92 -5.72 16.42 -7.27
C LYS A 92 -5.95 17.66 -8.12
N LEU A 93 -5.29 18.76 -7.74
CA LEU A 93 -5.55 20.07 -8.31
C LEU A 93 -4.41 20.55 -9.21
N THR A 94 -3.84 19.65 -9.99
CA THR A 94 -2.88 20.03 -11.02
C THR A 94 -3.48 20.85 -12.17
N PRO A 95 -4.76 20.74 -12.52
CA PRO A 95 -5.25 21.54 -13.66
C PRO A 95 -5.17 23.04 -13.46
N LEU A 96 -5.13 23.55 -12.22
CA LEU A 96 -5.12 24.99 -12.02
C LEU A 96 -3.77 25.52 -11.54
N CYS A 97 -2.67 24.82 -11.82
CA CYS A 97 -1.37 25.47 -11.88
C CYS A 97 -1.27 26.11 -13.25
N VAL A 98 -1.98 27.23 -13.39
CA VAL A 98 -2.25 27.85 -14.68
C VAL A 98 -2.12 29.36 -14.50
N THR A 99 -1.82 30.05 -15.60
CA THR A 99 -1.68 31.49 -15.55
C THR A 99 -3.02 32.13 -15.22
N LEU A 100 -3.07 32.92 -14.15
CA LEU A 100 -4.33 33.55 -13.68
C LEU A 100 -4.34 35.01 -14.12
N ASN A 101 -5.41 35.45 -14.78
CA ASN A 101 -5.63 36.81 -15.25
C ASN A 101 -6.41 37.52 -14.14
N CYS A 102 -5.66 37.91 -13.06
CA CYS A 102 -6.31 38.44 -11.86
C CYS A 102 -6.55 39.93 -12.03
N THR A 103 -7.75 40.38 -11.72
CA THR A 103 -8.07 41.80 -11.77
C THR A 103 -7.36 42.54 -10.64
N SER A 104 -6.50 43.48 -11.01
CA SER A 104 -5.77 44.29 -10.04
C SER A 104 -6.25 45.73 -10.12
N ALA A 105 -5.93 46.51 -9.09
CA ALA A 105 -6.35 47.91 -9.02
C ALA A 105 -5.73 48.73 -10.15
N ASP A 125 -9.57 45.03 0.70
CA ASP A 125 -9.88 43.61 0.61
C ASP A 125 -8.64 42.83 0.18
N ASP A 126 -8.59 41.55 0.53
CA ASP A 126 -7.43 40.73 0.18
C ASP A 126 -7.75 39.76 -0.95
N VAL A 127 -9.03 39.51 -1.22
CA VAL A 127 -9.39 38.61 -2.31
C VAL A 127 -9.09 39.27 -3.65
N ARG A 128 -8.91 38.45 -4.68
CA ARG A 128 -8.65 38.92 -6.04
C ARG A 128 -9.53 38.13 -7.00
N ASN A 129 -10.18 38.85 -7.92
CA ASN A 129 -11.02 38.21 -8.92
C ASN A 129 -10.15 37.79 -10.09
N CYS A 130 -9.93 36.48 -10.24
CA CYS A 130 -9.00 35.94 -11.21
C CYS A 130 -9.76 35.11 -12.24
N SER A 131 -9.25 35.10 -13.46
CA SER A 131 -9.81 34.33 -14.55
C SER A 131 -8.73 33.43 -15.14
N PHE A 132 -9.10 32.20 -15.47
CA PHE A 132 -8.18 31.24 -16.03
C PHE A 132 -8.95 30.19 -16.82
N ASN A 133 -8.27 29.61 -17.82
CA ASN A 133 -8.81 28.51 -18.60
C ASN A 133 -8.57 27.21 -17.85
N MET A 134 -9.65 26.50 -17.55
CA MET A 134 -9.57 25.28 -16.76
C MET A 134 -10.24 24.14 -17.51
N THR A 135 -9.71 22.94 -17.33
CA THR A 135 -10.22 21.77 -18.03
C THR A 135 -11.63 21.43 -17.58
N THR A 136 -12.40 20.83 -18.48
CA THR A 136 -13.74 20.34 -18.19
C THR A 136 -13.72 18.82 -18.17
N GLU A 137 -14.90 18.22 -18.03
CA GLU A 137 -14.98 16.76 -17.97
C GLU A 137 -14.50 16.13 -19.28
N LEU A 138 -14.65 16.85 -20.39
CA LEU A 138 -14.15 16.37 -21.68
C LEU A 138 -12.72 16.84 -21.89
N ARG A 139 -11.85 15.93 -22.31
CA ARG A 139 -10.45 16.29 -22.54
C ARG A 139 -10.32 17.26 -23.71
N ASP A 140 -11.30 17.26 -24.62
CA ASP A 140 -11.21 18.13 -25.79
C ASP A 140 -11.50 19.59 -25.44
N LYS A 141 -12.52 19.84 -24.62
CA LYS A 141 -13.02 21.17 -24.38
C LYS A 141 -12.41 21.80 -23.14
N GLN A 142 -12.46 23.14 -23.09
CA GLN A 142 -11.96 23.91 -21.96
C GLN A 142 -12.97 25.00 -21.60
N GLN A 143 -13.05 25.31 -20.31
CA GLN A 143 -13.98 26.31 -19.80
C GLN A 143 -13.21 27.44 -19.14
N LYS A 144 -13.66 28.68 -19.36
CA LYS A 144 -13.10 29.82 -18.66
C LYS A 144 -13.78 29.96 -17.30
N VAL A 145 -12.97 30.10 -16.25
CA VAL A 145 -13.46 30.08 -14.88
C VAL A 145 -13.07 31.39 -14.20
N TYR A 146 -13.98 31.89 -13.36
CA TYR A 146 -13.73 33.05 -12.52
C TYR A 146 -13.76 32.60 -11.07
N ALA A 147 -12.69 32.87 -10.33
CA ALA A 147 -12.57 32.43 -8.95
C ALA A 147 -11.90 33.52 -8.12
N LEU A 148 -12.36 33.65 -6.88
CA LEU A 148 -11.82 34.64 -5.96
C LEU A 148 -10.72 34.01 -5.13
N PHE A 149 -9.47 34.38 -5.41
CA PHE A 149 -8.30 33.81 -4.75
C PHE A 149 -7.71 34.86 -3.81
N TYR A 150 -7.36 34.41 -2.60
CA TYR A 150 -6.82 35.31 -1.60
C TYR A 150 -5.44 35.80 -2.01
N LYS A 151 -5.08 37.00 -1.54
CA LYS A 151 -3.79 37.58 -1.89
C LYS A 151 -2.65 36.74 -1.35
N LEU A 152 -2.87 36.04 -0.24
CA LEU A 152 -1.81 35.25 0.37
C LEU A 152 -1.50 33.98 -0.41
N ASP A 153 -2.45 33.51 -1.22
CA ASP A 153 -2.26 32.30 -2.02
C ASP A 153 -1.79 32.60 -3.43
N ILE A 154 -1.42 33.84 -3.72
CA ILE A 154 -1.11 34.29 -5.06
C ILE A 154 0.28 34.92 -5.09
N VAL A 155 1.09 34.53 -6.06
CA VAL A 155 2.41 35.11 -6.28
C VAL A 155 2.46 35.71 -7.68
N PRO A 156 2.94 36.94 -7.85
CA PRO A 156 3.01 37.52 -9.20
C PRO A 156 3.88 36.69 -10.13
N ILE A 157 3.47 36.63 -11.40
CA ILE A 157 4.18 35.80 -12.37
C ILE A 157 5.53 36.41 -12.72
N ASP A 158 5.59 37.73 -12.83
CA ASP A 158 6.79 38.45 -13.28
C ASP A 158 7.42 37.81 -14.51
N ASN A 167 -3.60 47.49 -15.66
CA ASN A 167 -4.55 46.61 -14.99
C ASN A 167 -4.39 45.17 -15.43
N PHE A 168 -5.08 44.27 -14.73
CA PHE A 168 -5.14 42.86 -15.10
C PHE A 168 -3.74 42.24 -15.17
N SER A 169 -3.02 42.33 -14.07
CA SER A 169 -1.72 41.66 -13.99
C SER A 169 -1.92 40.15 -13.94
N GLU A 170 -0.88 39.43 -14.36
CA GLU A 170 -0.92 37.98 -14.42
C GLU A 170 -0.28 37.39 -13.17
N TYR A 171 -0.88 36.34 -12.64
CA TYR A 171 -0.45 35.75 -11.39
C TYR A 171 -0.47 34.23 -11.49
N ARG A 172 -0.11 33.59 -10.39
CA ARG A 172 -0.12 32.14 -10.27
C ARG A 172 -0.23 31.75 -8.80
N LEU A 173 -0.70 30.53 -8.56
CA LEU A 173 -0.80 30.03 -7.20
C LEU A 173 0.58 29.85 -6.60
N ILE A 174 0.66 29.98 -5.27
CA ILE A 174 1.95 29.97 -4.59
C ILE A 174 2.57 28.59 -4.64
N ASN A 175 1.76 27.53 -4.48
CA ASN A 175 2.28 26.17 -4.44
C ASN A 175 2.09 25.49 -5.80
N CYS A 176 2.90 26.03 -6.71
CA CYS A 176 2.99 25.66 -8.13
C CYS A 176 4.42 25.35 -8.46
N ASN A 177 5.36 26.08 -7.92
CA ASN A 177 6.74 25.72 -8.23
C ASN A 177 7.36 24.83 -7.16
N THR A 178 6.59 24.45 -6.17
CA THR A 178 7.10 23.53 -5.13
C THR A 178 6.41 22.17 -5.24
N SER A 179 5.10 22.08 -5.05
CA SER A 179 4.43 20.79 -5.06
C SER A 179 3.12 20.91 -5.82
N VAL A 180 2.44 19.78 -5.96
CA VAL A 180 1.10 19.72 -6.55
C VAL A 180 0.09 19.63 -5.42
N ILE A 181 -0.84 20.58 -5.37
CA ILE A 181 -1.78 20.63 -4.26
C ILE A 181 -2.90 19.61 -4.48
N LYS A 182 -3.55 19.23 -3.39
CA LYS A 182 -4.69 18.33 -3.41
C LYS A 182 -5.81 18.94 -2.60
N GLN A 183 -7.01 18.93 -3.14
CA GLN A 183 -8.15 19.47 -2.42
C GLN A 183 -8.45 18.60 -1.18
N ALA A 184 -9.24 19.15 -0.28
CA ALA A 184 -9.71 18.42 0.89
C ALA A 184 -11.02 17.73 0.54
N CYS A 185 -11.13 16.46 0.94
CA CYS A 185 -12.37 15.74 0.70
C CYS A 185 -13.50 16.41 1.46
N PRO A 186 -14.68 16.53 0.86
CA PRO A 186 -15.77 17.27 1.53
C PRO A 186 -16.20 16.67 2.85
N LYS A 187 -16.12 15.34 2.99
CA LYS A 187 -16.57 14.69 4.21
C LYS A 187 -15.49 14.72 5.29
N VAL A 188 -14.22 14.77 4.88
CA VAL A 188 -13.12 14.79 5.84
C VAL A 188 -13.21 16.07 6.67
N SER A 189 -13.21 15.90 7.99
CA SER A 189 -13.32 17.01 8.93
C SER A 189 -12.05 17.13 9.75
N PHE A 190 -11.54 18.36 9.87
CA PHE A 190 -10.35 18.61 10.67
C PHE A 190 -10.74 19.05 12.08
N ASP A 191 -11.46 18.19 12.80
CA ASP A 191 -11.84 18.49 14.17
C ASP A 191 -10.95 17.71 15.11
N PRO A 192 -10.00 18.35 15.81
CA PRO A 192 -9.11 17.61 16.70
C PRO A 192 -9.90 17.01 17.87
N ILE A 193 -9.98 15.68 17.89
CA ILE A 193 -10.61 14.99 18.99
C ILE A 193 -9.54 14.20 19.74
N PRO A 194 -9.69 13.96 21.04
CA PRO A 194 -8.59 13.40 21.83
C PRO A 194 -8.07 12.09 21.28
N ILE A 195 -6.75 11.96 21.28
CA ILE A 195 -6.04 10.76 20.82
C ILE A 195 -5.15 10.26 21.94
N HIS A 196 -5.37 9.04 22.38
CA HIS A 196 -4.66 8.46 23.51
C HIS A 196 -3.55 7.56 23.01
N TYR A 197 -2.37 7.68 23.61
CA TYR A 197 -1.22 6.84 23.28
C TYR A 197 -1.07 5.78 24.35
N CYS A 198 -1.54 4.58 24.04
CA CYS A 198 -1.51 3.46 24.96
C CYS A 198 -0.31 2.57 24.66
N THR A 199 -0.06 1.60 25.53
CA THR A 199 1.18 0.86 25.39
C THR A 199 0.92 -0.64 25.28
N PRO A 200 1.76 -1.37 24.56
CA PRO A 200 1.57 -2.82 24.44
C PRO A 200 1.80 -3.53 25.76
N ALA A 201 1.48 -4.82 25.79
CA ALA A 201 1.74 -5.63 26.97
C ALA A 201 3.24 -5.80 27.18
N GLY A 202 3.66 -5.77 28.44
CA GLY A 202 5.06 -5.83 28.79
C GLY A 202 5.73 -4.49 28.90
N TYR A 203 5.04 -3.40 28.57
CA TYR A 203 5.55 -2.05 28.72
C TYR A 203 4.60 -1.26 29.62
N ALA A 204 5.05 -0.09 30.06
CA ALA A 204 4.23 0.77 30.88
C ALA A 204 4.62 2.22 30.61
N ILE A 205 3.68 3.12 30.89
CA ILE A 205 3.90 4.55 30.73
C ILE A 205 3.92 5.16 32.12
N LEU A 206 4.95 5.96 32.38
CA LEU A 206 5.15 6.59 33.68
C LEU A 206 4.71 8.04 33.61
N ARG A 207 3.80 8.42 34.50
CA ARG A 207 3.28 9.78 34.58
C ARG A 207 3.88 10.46 35.79
N CYS A 208 4.16 11.75 35.67
CA CYS A 208 4.92 12.42 36.74
C CYS A 208 4.01 12.88 37.87
N ASN A 209 2.81 13.40 37.56
CA ASN A 209 1.83 13.79 38.57
C ASN A 209 2.38 14.83 39.55
N ASP A 210 3.53 15.41 39.25
CA ASP A 210 4.21 16.32 40.14
C ASP A 210 3.98 17.75 39.69
N LYS A 211 3.54 18.59 40.61
CA LYS A 211 3.15 19.94 40.28
C LYS A 211 4.37 20.79 39.95
N LYS A 212 4.16 21.78 39.09
CA LYS A 212 5.21 22.71 38.67
C LYS A 212 6.43 21.99 38.12
N PHE A 213 6.18 20.94 37.35
CA PHE A 213 7.26 20.13 36.79
C PHE A 213 7.87 20.84 35.58
N ASN A 214 9.15 21.15 35.67
CA ASN A 214 9.89 21.72 34.55
C ASN A 214 10.07 20.75 33.40
N GLY A 215 9.67 19.49 33.55
CA GLY A 215 9.81 18.49 32.52
C GLY A 215 11.19 17.91 32.40
N THR A 216 12.11 18.31 33.27
CA THR A 216 13.50 17.87 33.20
C THR A 216 14.03 17.77 34.63
N GLY A 217 14.01 16.57 35.19
CA GLY A 217 14.52 16.35 36.52
C GLY A 217 13.82 15.22 37.25
N PRO A 218 14.15 15.05 38.53
CA PRO A 218 13.53 13.97 39.32
C PRO A 218 12.04 14.21 39.54
N CYS A 219 11.30 13.12 39.65
CA CYS A 219 9.85 13.15 39.86
C CYS A 219 9.52 12.24 41.03
N LYS A 220 8.74 12.73 42.00
CA LYS A 220 8.61 12.02 43.28
C LYS A 220 7.42 11.07 43.29
N ASN A 221 6.21 11.53 42.97
CA ASN A 221 5.09 10.64 42.70
C ASN A 221 4.94 10.29 41.21
N VAL A 222 5.90 9.50 40.76
CA VAL A 222 5.73 8.81 39.48
C VAL A 222 4.56 7.85 39.58
N SER A 223 3.82 7.70 38.48
CA SER A 223 2.66 6.81 38.46
C SER A 223 2.63 6.04 37.15
N SER A 224 2.13 4.82 37.21
CA SER A 224 2.09 3.93 36.06
C SER A 224 0.69 3.92 35.46
N VAL A 225 0.56 4.35 34.21
CA VAL A 225 -0.70 4.38 33.50
C VAL A 225 -0.57 3.55 32.24
N GLN A 226 -1.68 2.95 31.81
CA GLN A 226 -1.68 2.21 30.56
C GLN A 226 -1.80 3.16 29.38
N CYS A 227 -2.61 4.20 29.52
CA CYS A 227 -3.00 5.05 28.40
C CYS A 227 -2.79 6.51 28.81
N THR A 228 -2.28 7.32 27.88
CA THR A 228 -2.15 8.73 28.16
C THR A 228 -3.51 9.42 28.13
N HIS A 229 -3.56 10.63 28.69
CA HIS A 229 -4.75 11.44 28.56
C HIS A 229 -4.97 11.81 27.10
N GLY A 230 -6.12 12.43 26.82
CA GLY A 230 -6.44 12.78 25.45
C GLY A 230 -5.62 13.97 24.98
N ILE A 231 -4.67 13.74 24.07
CA ILE A 231 -3.90 14.82 23.45
C ILE A 231 -4.62 15.18 22.17
N LYS A 232 -5.23 16.36 22.14
CA LYS A 232 -5.87 16.83 20.92
C LYS A 232 -4.82 17.26 19.91
N PRO A 233 -4.83 16.71 18.70
CA PRO A 233 -3.85 17.14 17.69
C PRO A 233 -4.17 18.50 17.12
N VAL A 234 -4.05 19.52 17.96
CA VAL A 234 -4.29 20.91 17.58
C VAL A 234 -2.99 21.50 17.08
N VAL A 235 -3.00 21.98 15.84
CA VAL A 235 -1.82 22.55 15.20
C VAL A 235 -1.96 24.06 15.19
N SER A 236 -1.00 24.74 15.80
CA SER A 236 -1.01 26.20 15.89
C SER A 236 0.42 26.69 16.03
N THR A 237 0.62 27.97 15.73
CA THR A 237 1.97 28.51 15.57
C THR A 237 2.46 29.31 16.76
N GLN A 238 1.75 30.37 17.15
CA GLN A 238 2.23 31.24 18.21
C GLN A 238 1.52 31.02 19.55
N LEU A 239 0.30 30.49 19.54
CA LEU A 239 -0.43 30.24 20.76
C LEU A 239 -0.97 28.81 20.72
N LEU A 240 -0.85 28.12 21.85
CA LEU A 240 -1.30 26.74 21.95
C LEU A 240 -2.77 26.73 22.36
N LEU A 241 -3.65 26.24 21.52
CA LEU A 241 -5.07 26.40 21.91
C LEU A 241 -5.61 25.05 22.30
N ASN A 242 -6.64 25.07 23.10
CA ASN A 242 -7.39 23.93 23.60
C ASN A 242 -6.51 22.90 24.29
N GLY A 243 -5.32 23.25 24.78
CA GLY A 243 -4.39 22.25 25.36
C GLY A 243 -4.68 21.90 26.81
N SER A 244 -3.80 21.11 27.48
CA SER A 244 -3.95 20.83 28.90
C SER A 244 -3.28 21.93 29.69
N LEU A 245 -3.98 22.45 30.69
CA LEU A 245 -3.54 23.62 31.43
C LEU A 245 -2.99 23.19 32.79
N ALA A 246 -2.00 23.95 33.27
CA ALA A 246 -1.20 23.53 34.41
C ALA A 246 -2.04 23.49 35.69
N GLU A 247 -1.44 23.00 36.77
CA GLU A 247 -2.19 22.74 37.99
C GLU A 247 -2.10 23.90 38.96
N GLU A 248 -0.89 24.32 39.33
CA GLU A 248 -0.70 25.29 40.40
C GLU A 248 -0.07 26.61 39.96
N GLY A 249 0.58 26.65 38.79
CA GLY A 249 1.20 27.89 38.37
C GLY A 249 1.66 27.82 36.94
N ILE A 250 2.18 28.95 36.46
CA ILE A 250 2.66 29.03 35.08
C ILE A 250 4.06 28.43 35.01
N ILE A 251 4.24 27.48 34.10
CA ILE A 251 5.46 26.69 34.00
C ILE A 251 6.17 27.04 32.71
N ILE A 252 7.47 27.32 32.80
CA ILE A 252 8.29 27.69 31.66
C ILE A 252 9.22 26.54 31.34
N ARG A 253 9.15 26.04 30.11
CA ARG A 253 9.91 24.87 29.69
C ARG A 253 10.71 25.22 28.44
N SER A 254 12.03 25.22 28.56
CA SER A 254 12.90 25.40 27.42
C SER A 254 14.00 24.35 27.48
N GLU A 255 14.42 23.87 26.30
CA GLU A 255 15.48 22.89 26.21
C GLU A 255 16.77 23.42 26.80
N ASN A 256 17.05 24.70 26.56
CA ASN A 256 18.28 25.35 26.98
C ASN A 256 17.99 26.84 27.11
N LEU A 257 17.86 27.32 28.35
CA LEU A 257 17.50 28.71 28.57
C LEU A 257 18.58 29.66 28.04
N THR A 258 19.85 29.32 28.24
CA THR A 258 20.91 30.19 27.75
C THR A 258 20.88 30.31 26.23
N ASN A 259 20.60 29.21 25.54
CA ASN A 259 20.50 29.25 24.08
C ASN A 259 19.24 30.01 23.67
N ASN A 260 19.43 31.01 22.80
CA ASN A 260 18.32 31.81 22.31
C ASN A 260 17.65 31.21 21.09
N ALA A 261 18.23 30.15 20.51
CA ALA A 261 17.62 29.42 19.40
C ALA A 261 16.70 28.31 19.89
N LYS A 262 16.53 28.17 21.20
CA LYS A 262 15.65 27.18 21.80
C LYS A 262 14.38 27.88 22.24
N THR A 263 13.25 27.45 21.69
CA THR A 263 11.98 28.10 21.96
C THR A 263 11.55 27.86 23.40
N ILE A 264 10.98 28.89 24.02
CA ILE A 264 10.50 28.85 25.39
C ILE A 264 9.02 28.53 25.37
N ILE A 265 8.64 27.40 25.94
CA ILE A 265 7.26 26.95 25.98
C ILE A 265 6.68 27.33 27.33
N VAL A 266 5.64 28.17 27.31
CA VAL A 266 4.98 28.66 28.52
C VAL A 266 3.69 27.87 28.70
N HIS A 267 3.44 27.42 29.93
CA HIS A 267 2.24 26.67 30.27
C HIS A 267 1.41 27.50 31.26
N PHE A 268 0.09 27.40 31.12
CA PHE A 268 -0.83 28.27 31.84
C PHE A 268 -1.54 27.51 32.96
N ASN A 269 -1.54 28.12 34.15
CA ASN A 269 -2.56 27.78 35.14
C ASN A 269 -3.98 27.99 34.65
N GLU A 270 -4.26 29.14 34.03
CA GLU A 270 -5.61 29.47 33.59
C GLU A 270 -5.57 29.89 32.11
N SER A 271 -6.63 29.54 31.40
CA SER A 271 -6.68 29.71 29.96
C SER A 271 -7.40 31.00 29.59
N VAL A 272 -6.71 31.87 28.86
CA VAL A 272 -7.34 33.04 28.27
C VAL A 272 -8.27 32.54 27.16
N LYS A 273 -9.37 33.23 26.94
CA LYS A 273 -10.38 32.78 26.01
C LYS A 273 -10.34 33.65 24.75
N ILE A 274 -10.24 33.01 23.60
CA ILE A 274 -10.14 33.68 22.31
C ILE A 274 -11.37 33.31 21.48
N ASN A 275 -11.99 34.32 20.87
CA ASN A 275 -13.19 34.14 20.05
C ASN A 275 -12.85 34.61 18.64
N CYS A 276 -12.82 33.67 17.70
CA CYS A 276 -12.40 33.96 16.33
C CYS A 276 -13.58 33.74 15.39
N THR A 277 -13.83 34.72 14.53
CA THR A 277 -14.99 34.70 13.64
C THR A 277 -14.58 35.09 12.23
N ARG A 278 -15.33 34.56 11.26
CA ARG A 278 -15.32 35.07 9.89
C ARG A 278 -16.72 35.52 9.53
N PRO A 279 -17.06 36.79 9.71
CA PRO A 279 -18.46 37.23 9.63
C PRO A 279 -19.01 37.42 8.23
N SER A 280 -18.35 36.91 7.19
CA SER A 280 -18.80 37.09 5.82
C SER A 280 -19.39 35.78 5.31
N ASN A 281 -20.66 35.82 4.91
CA ASN A 281 -21.25 34.66 4.25
C ASN A 281 -20.59 34.45 2.91
N ASN A 282 -20.08 33.23 2.69
CA ASN A 282 -19.32 32.93 1.50
C ASN A 282 -20.05 31.88 0.67
N THR A 283 -19.74 31.86 -0.62
CA THR A 283 -20.32 30.91 -1.55
C THR A 283 -19.26 29.97 -2.09
N ARG A 284 -19.53 28.67 -1.98
CA ARG A 284 -18.75 27.66 -2.68
C ARG A 284 -19.54 27.20 -3.89
N THR A 285 -18.97 27.39 -5.07
CA THR A 285 -19.60 27.02 -6.32
C THR A 285 -18.73 26.00 -7.02
N GLY A 286 -19.01 24.73 -6.78
CA GLY A 286 -18.20 23.67 -7.36
C GLY A 286 -18.27 23.66 -8.87
N ILE A 287 -17.09 23.55 -9.49
CA ILE A 287 -16.98 23.40 -10.93
C ILE A 287 -16.36 22.04 -11.21
N HIS A 288 -16.65 21.50 -12.39
CA HIS A 288 -16.20 20.17 -12.76
C HIS A 288 -14.93 20.31 -13.60
N ILE A 289 -13.83 19.75 -13.11
CA ILE A 289 -12.53 19.92 -13.76
C ILE A 289 -12.06 18.57 -14.28
N GLY A 290 -12.95 17.59 -14.27
CA GLY A 290 -12.64 16.26 -14.73
C GLY A 290 -13.77 15.29 -14.47
N PRO A 291 -13.54 14.00 -14.77
CA PRO A 291 -14.57 12.98 -14.52
C PRO A 291 -14.77 12.77 -13.02
N GLY A 292 -15.90 13.24 -12.51
CA GLY A 292 -16.22 13.08 -11.11
C GLY A 292 -15.41 13.95 -10.16
N GLN A 293 -14.67 14.93 -10.68
CA GLN A 293 -13.79 15.77 -9.88
C GLN A 293 -14.38 17.18 -9.84
N VAL A 294 -14.78 17.62 -8.65
CA VAL A 294 -15.39 18.93 -8.45
C VAL A 294 -14.43 19.80 -7.67
N PHE A 295 -14.13 20.97 -8.19
CA PHE A 295 -13.24 21.94 -7.55
C PHE A 295 -14.07 23.08 -6.99
N TYR A 296 -14.06 23.24 -5.67
CA TYR A 296 -14.93 24.19 -4.98
C TYR A 296 -14.21 25.52 -4.81
N LYS A 297 -14.74 26.56 -5.41
CA LYS A 297 -14.14 27.89 -5.40
C LYS A 297 -15.06 28.87 -4.68
N THR A 298 -14.47 29.97 -4.22
CA THR A 298 -15.23 31.04 -3.59
C THR A 298 -15.80 31.96 -4.66
N GLY A 299 -17.12 32.08 -4.69
CA GLY A 299 -17.78 32.88 -5.70
C GLY A 299 -17.95 34.34 -5.34
N ASP A 300 -18.62 34.61 -4.22
CA ASP A 300 -18.90 35.97 -3.80
C ASP A 300 -19.40 35.97 -2.36
N ILE A 301 -19.53 37.16 -1.80
CA ILE A 301 -19.99 37.34 -0.43
C ILE A 301 -21.41 37.90 -0.46
N ILE A 302 -22.36 37.14 0.12
CA ILE A 302 -23.74 37.60 0.21
C ILE A 302 -23.90 38.49 1.43
N GLY A 303 -23.77 39.79 1.23
CA GLY A 303 -23.94 40.73 2.33
C GLY A 303 -22.73 41.65 2.43
N ASP A 304 -22.45 42.05 3.66
CA ASP A 304 -21.31 42.92 3.92
C ASP A 304 -20.00 42.14 3.79
N ILE A 305 -18.93 42.86 3.45
CA ILE A 305 -17.59 42.31 3.47
C ILE A 305 -16.96 42.68 4.81
N ARG A 306 -16.62 41.67 5.60
CA ARG A 306 -16.13 41.86 6.96
C ARG A 306 -14.83 41.12 7.16
N LYS A 307 -13.83 41.81 7.70
CA LYS A 307 -12.55 41.18 8.01
C LYS A 307 -12.73 40.17 9.14
N ALA A 308 -11.96 39.09 9.05
CA ALA A 308 -11.94 38.11 10.12
C ALA A 308 -11.09 38.60 11.27
N TYR A 309 -11.44 38.16 12.48
CA TYR A 309 -10.76 38.65 13.66
C TYR A 309 -10.86 37.64 14.79
N CYS A 310 -10.09 37.88 15.83
CA CYS A 310 -10.17 37.04 17.03
C CYS A 310 -10.13 38.02 18.19
N ASN A 311 -11.06 37.87 19.12
CA ASN A 311 -11.26 38.71 20.29
C ASN A 311 -10.65 38.04 21.51
N ILE A 312 -9.79 38.78 22.24
CA ILE A 312 -9.15 38.30 23.51
C ILE A 312 -9.31 39.39 24.56
N SER A 313 -9.91 39.10 25.70
CA SER A 313 -10.13 40.09 26.74
C SER A 313 -8.80 40.68 27.19
N GLY A 314 -8.77 42.02 27.27
CA GLY A 314 -7.53 42.69 27.64
C GLY A 314 -7.12 42.45 29.08
N ALA A 315 -8.09 42.44 30.00
CA ALA A 315 -7.78 42.25 31.41
C ALA A 315 -7.19 40.88 31.67
N GLN A 316 -7.87 39.82 31.19
CA GLN A 316 -7.38 38.47 31.39
C GLN A 316 -6.03 38.25 30.71
N TRP A 317 -5.89 38.72 29.47
CA TRP A 317 -4.63 38.56 28.77
C TRP A 317 -3.49 39.27 29.47
N HIS A 318 -3.73 40.49 29.96
CA HIS A 318 -2.64 41.23 30.60
C HIS A 318 -2.32 40.67 31.98
N LYS A 319 -3.32 40.14 32.68
CA LYS A 319 -3.06 39.43 33.93
C LYS A 319 -2.16 38.22 33.69
N VAL A 320 -2.54 37.37 32.74
CA VAL A 320 -1.76 36.19 32.44
C VAL A 320 -0.37 36.56 31.94
N LEU A 321 -0.27 37.64 31.15
CA LEU A 321 1.02 38.06 30.63
C LEU A 321 1.90 38.62 31.73
N GLY A 322 1.30 39.26 32.75
CA GLY A 322 2.08 39.67 33.90
C GLY A 322 2.61 38.49 34.69
N ARG A 323 1.78 37.46 34.86
CA ARG A 323 2.27 36.25 35.51
C ARG A 323 3.41 35.62 34.71
N VAL A 324 3.27 35.57 33.38
CA VAL A 324 4.33 35.03 32.53
C VAL A 324 5.60 35.88 32.64
N ALA A 325 5.43 37.21 32.73
CA ALA A 325 6.59 38.09 32.88
C ALA A 325 7.31 37.85 34.19
N ASN A 326 6.56 37.66 35.28
CA ASN A 326 7.20 37.34 36.56
C ASN A 326 7.93 36.00 36.49
N LYS A 327 7.30 34.99 35.89
CA LYS A 327 7.94 33.68 35.79
C LYS A 327 9.18 33.74 34.92
N LEU A 328 9.18 34.61 33.91
CA LEU A 328 10.38 34.80 33.09
C LEU A 328 11.45 35.59 33.83
N LYS A 329 11.03 36.52 34.69
CA LYS A 329 11.99 37.23 35.54
C LYS A 329 12.69 36.25 36.47
N GLU A 330 11.98 35.24 36.95
CA GLU A 330 12.61 34.25 37.83
C GLU A 330 13.75 33.52 37.12
N HIS A 331 13.56 33.16 35.85
CA HIS A 331 14.57 32.42 35.12
C HIS A 331 15.57 33.30 34.37
N PHE A 332 15.35 34.61 34.31
CA PHE A 332 16.19 35.50 33.51
C PHE A 332 16.76 36.66 34.34
N ASN A 333 17.18 36.37 35.57
CA ASN A 333 17.98 37.30 36.37
C ASN A 333 17.23 38.60 36.68
N ASN A 334 15.91 38.50 36.85
CA ASN A 334 15.07 39.62 37.26
C ASN A 334 15.19 40.80 36.29
N LYS A 335 15.53 40.53 35.03
CA LYS A 335 15.56 41.58 34.04
C LYS A 335 14.14 41.98 33.66
N THR A 336 14.01 43.17 33.09
CA THR A 336 12.71 43.63 32.60
C THR A 336 12.35 42.84 31.34
N ILE A 337 11.14 42.28 31.33
CA ILE A 337 10.70 41.36 30.29
C ILE A 337 9.91 42.15 29.26
N VAL A 338 10.39 42.16 28.03
CA VAL A 338 9.77 42.95 26.97
C VAL A 338 9.24 42.03 25.88
N PHE A 339 7.92 41.91 25.78
CA PHE A 339 7.31 41.22 24.66
C PHE A 339 7.15 42.18 23.49
N LYS A 340 7.67 41.78 22.33
CA LYS A 340 7.62 42.59 21.13
C LYS A 340 7.11 41.74 19.98
N PRO A 341 6.39 42.34 19.02
CA PRO A 341 5.76 41.55 17.96
C PRO A 341 6.80 40.84 17.09
N SER A 342 6.38 39.72 16.50
CA SER A 342 7.27 38.89 15.71
C SER A 342 7.91 39.69 14.58
N SER A 343 9.12 39.29 14.21
CA SER A 343 9.94 40.10 13.31
C SER A 343 9.33 40.20 11.93
N GLY A 344 8.97 39.07 11.33
CA GLY A 344 8.42 39.04 9.99
C GLY A 344 8.96 37.89 9.18
N GLY A 345 8.29 37.61 8.07
CA GLY A 345 8.62 36.51 7.19
C GLY A 345 7.36 35.90 6.61
N ASP A 346 7.38 34.58 6.45
CA ASP A 346 6.22 33.89 5.93
C ASP A 346 5.05 34.02 6.90
N PRO A 347 3.82 34.11 6.41
CA PRO A 347 2.65 34.20 7.30
C PRO A 347 2.55 33.00 8.25
N GLU A 348 2.96 31.83 7.77
CA GLU A 348 2.93 30.64 8.62
C GLU A 348 3.88 30.79 9.80
N ILE A 349 5.05 31.40 9.57
CA ILE A 349 6.05 31.51 10.62
C ILE A 349 5.68 32.60 11.62
N THR A 350 5.26 33.77 11.13
CA THR A 350 5.14 34.96 11.97
C THR A 350 3.70 35.42 12.16
N MET A 351 2.72 34.53 12.00
CA MET A 351 1.34 34.85 12.33
C MET A 351 0.71 33.67 13.06
N HIS A 352 -0.18 33.99 13.99
CA HIS A 352 -0.91 32.96 14.70
C HIS A 352 -1.77 32.17 13.71
N HIS A 353 -1.39 30.93 13.45
CA HIS A 353 -2.09 30.07 12.51
C HIS A 353 -2.91 29.05 13.29
N PHE A 354 -4.13 28.79 12.82
CA PHE A 354 -4.98 27.76 13.42
C PHE A 354 -6.08 27.42 12.43
N ASN A 355 -7.01 26.59 12.88
CA ASN A 355 -8.06 26.03 12.03
C ASN A 355 -9.38 26.16 12.77
N CYS A 356 -10.27 27.02 12.26
CA CYS A 356 -11.51 27.29 12.97
C CYS A 356 -12.56 26.22 12.68
N ARG A 357 -13.06 26.16 11.44
CA ARG A 357 -14.04 25.15 11.06
C ARG A 357 -13.68 24.57 9.69
N GLY A 358 -12.41 24.28 9.48
CA GLY A 358 -11.92 23.93 8.17
C GLY A 358 -11.41 25.09 7.36
N GLU A 359 -11.47 26.31 7.91
CA GLU A 359 -10.92 27.50 7.29
C GLU A 359 -9.73 27.96 8.12
N PHE A 360 -8.59 28.11 7.48
CA PHE A 360 -7.33 28.32 8.19
C PHE A 360 -7.05 29.82 8.33
N PHE A 361 -6.79 30.26 9.55
CA PHE A 361 -6.63 31.67 9.89
C PHE A 361 -5.15 31.97 10.10
N TYR A 362 -4.75 33.20 9.79
CA TYR A 362 -3.39 33.68 10.02
C TYR A 362 -3.47 35.06 10.66
N CYS A 363 -3.51 35.09 12.00
CA CYS A 363 -3.83 36.31 12.72
C CYS A 363 -2.59 37.12 13.07
N ASN A 364 -2.78 38.43 13.17
CA ASN A 364 -1.77 39.35 13.69
C ASN A 364 -1.84 39.43 15.20
N THR A 365 -0.80 38.93 15.87
CA THR A 365 -0.70 38.98 17.33
C THR A 365 0.13 40.17 17.82
N THR A 366 0.31 41.20 16.99
CA THR A 366 1.09 42.36 17.40
C THR A 366 0.44 43.10 18.56
N LYS A 367 -0.89 43.18 18.57
CA LYS A 367 -1.57 43.82 19.68
C LYS A 367 -1.43 43.00 20.97
N LEU A 368 -1.36 41.68 20.84
CA LEU A 368 -1.17 40.83 22.01
C LEU A 368 0.24 41.00 22.57
N PHE A 369 1.25 40.74 21.75
CA PHE A 369 2.63 40.77 22.27
C PHE A 369 3.29 42.10 22.00
N ASN A 370 3.00 43.09 22.82
CA ASN A 370 3.59 44.43 22.75
C ASN A 370 3.46 45.04 24.15
N SER A 371 4.53 44.91 24.94
CA SER A 371 4.56 45.47 26.31
C SER A 371 5.92 45.24 26.98
N THR A 372 6.19 45.94 28.06
CA THR A 372 7.38 45.83 28.90
C THR A 372 6.93 45.79 30.35
N TRP A 373 7.56 44.93 31.14
CA TRP A 373 7.15 44.69 32.52
C TRP A 373 8.32 44.92 33.47
N GLY A 374 8.04 45.55 34.60
CA GLY A 374 9.06 45.84 35.58
C GLY A 374 9.90 47.06 35.23
N GLU A 379 3.28 46.69 30.50
CA GLU A 379 2.15 46.50 31.41
C GLU A 379 0.99 47.39 31.00
N THR A 380 0.57 47.29 29.74
CA THR A 380 -0.46 48.18 29.22
C THR A 380 -1.73 48.09 30.06
N ARG A 381 -2.34 49.25 30.33
CA ARG A 381 -3.43 49.35 31.29
C ARG A 381 -4.80 49.21 30.66
N ASP A 382 -4.87 48.83 29.39
CA ASP A 382 -6.16 48.56 28.77
C ASP A 382 -6.82 47.34 29.39
N ASN A 383 -8.15 47.34 29.42
CA ASN A 383 -8.90 46.25 30.03
C ASN A 383 -10.10 45.86 29.17
N GLY A 384 -10.07 46.16 27.87
CA GLY A 384 -11.15 45.83 26.98
C GLY A 384 -10.72 44.80 25.95
N THR A 385 -11.69 44.39 25.13
CA THR A 385 -11.45 43.35 24.13
C THR A 385 -10.36 43.77 23.17
N ILE A 386 -9.47 42.83 22.87
CA ILE A 386 -8.40 43.03 21.89
C ILE A 386 -8.81 42.28 20.63
N THR A 387 -9.09 43.03 19.57
CA THR A 387 -9.54 42.46 18.30
C THR A 387 -8.37 42.49 17.32
N ILE A 388 -7.90 41.31 16.93
CA ILE A 388 -6.69 41.16 16.12
C ILE A 388 -7.09 40.74 14.71
N PRO A 389 -6.54 41.36 13.67
CA PRO A 389 -6.90 40.97 12.30
C PRO A 389 -6.39 39.58 11.96
N CYS A 390 -7.15 38.87 11.13
CA CYS A 390 -6.75 37.56 10.62
C CYS A 390 -7.00 37.51 9.12
N ARG A 391 -6.16 36.74 8.42
CA ARG A 391 -6.24 36.58 6.98
C ARG A 391 -6.41 35.10 6.65
N ILE A 392 -7.54 34.75 6.05
CA ILE A 392 -7.78 33.37 5.68
C ILE A 392 -6.91 32.97 4.50
N LYS A 393 -6.43 31.74 4.52
CA LYS A 393 -5.66 31.17 3.42
C LYS A 393 -6.34 29.90 2.94
N GLN A 394 -6.01 29.48 1.73
CA GLN A 394 -6.57 28.26 1.18
C GLN A 394 -5.52 27.27 0.70
N ILE A 395 -4.36 27.72 0.24
CA ILE A 395 -3.25 26.85 -0.11
C ILE A 395 -2.46 26.61 1.16
N ILE A 396 -2.71 25.48 1.82
CA ILE A 396 -2.25 25.23 3.18
C ILE A 396 -1.01 24.36 3.14
N ASN A 397 0.04 24.79 3.86
CA ASN A 397 1.20 23.96 4.12
C ASN A 397 1.45 24.05 5.63
N MET A 398 0.77 23.18 6.39
CA MET A 398 0.90 23.21 7.85
C MET A 398 2.29 22.78 8.28
N TRP A 399 2.77 21.66 7.74
CA TRP A 399 4.09 21.16 8.06
C TRP A 399 5.08 21.62 7.00
N GLN A 400 6.20 22.18 7.45
CA GLN A 400 7.09 22.95 6.58
C GLN A 400 7.85 21.98 5.68
N GLY A 401 7.15 21.50 4.65
CA GLY A 401 7.71 20.64 3.65
C GLY A 401 7.56 19.16 3.91
N VAL A 402 7.61 18.73 5.17
CA VAL A 402 7.47 17.30 5.48
C VAL A 402 6.05 16.83 5.21
N GLY A 403 5.05 17.67 5.50
CA GLY A 403 3.68 17.34 5.20
C GLY A 403 3.29 17.75 3.79
N GLN A 404 2.13 17.31 3.34
CA GLN A 404 1.68 17.65 2.00
C GLN A 404 1.23 19.09 1.93
N ALA A 405 1.01 19.59 0.71
CA ALA A 405 0.32 20.84 0.51
C ALA A 405 -1.11 20.58 0.05
N MET A 406 -2.06 21.24 0.71
CA MET A 406 -3.47 21.00 0.45
C MET A 406 -4.12 22.29 -0.01
N TYR A 407 -5.36 22.16 -0.47
CA TYR A 407 -6.22 23.30 -0.78
C TYR A 407 -7.52 23.12 -0.01
N ALA A 408 -7.86 24.11 0.81
CA ALA A 408 -9.03 24.01 1.67
C ALA A 408 -10.24 24.63 0.98
N PRO A 409 -11.26 23.85 0.63
CA PRO A 409 -12.45 24.43 0.01
C PRO A 409 -13.15 25.38 0.96
N PRO A 410 -13.79 26.43 0.44
CA PRO A 410 -14.44 27.41 1.32
C PRO A 410 -15.63 26.81 2.06
N ILE A 411 -15.93 27.40 3.20
CA ILE A 411 -17.07 27.02 4.03
C ILE A 411 -18.19 28.02 3.75
N LYS A 412 -19.41 27.51 3.56
CA LYS A 412 -20.50 28.35 3.07
C LYS A 412 -20.82 29.48 4.05
N GLY A 413 -21.36 29.13 5.22
CA GLY A 413 -21.86 30.12 6.16
C GLY A 413 -20.75 30.80 6.93
N VAL A 414 -21.15 31.68 7.84
CA VAL A 414 -20.20 32.29 8.75
C VAL A 414 -19.76 31.26 9.79
N ILE A 415 -18.49 31.33 10.16
CA ILE A 415 -17.90 30.35 11.05
C ILE A 415 -17.49 31.04 12.34
N LYS A 416 -17.84 30.42 13.47
CA LYS A 416 -17.49 30.91 14.79
C LYS A 416 -16.96 29.74 15.62
N CYS A 417 -15.76 29.89 16.16
CA CYS A 417 -15.16 28.85 16.98
C CYS A 417 -14.68 29.46 18.29
N LEU A 418 -14.95 28.74 19.38
CA LEU A 418 -14.71 29.22 20.74
C LEU A 418 -13.62 28.36 21.36
N SER A 419 -12.41 28.89 21.44
CA SER A 419 -11.26 28.13 21.94
C SER A 419 -10.57 28.87 23.06
N ASN A 420 -9.94 28.08 23.94
CA ASN A 420 -9.18 28.60 25.08
C ASN A 420 -7.70 28.40 24.80
N ILE A 421 -6.91 29.47 24.95
CA ILE A 421 -5.47 29.39 24.77
C ILE A 421 -4.83 28.99 26.09
N THR A 422 -3.96 27.99 26.06
CA THR A 422 -3.36 27.46 27.27
C THR A 422 -1.84 27.55 27.30
N GLY A 423 -1.23 28.25 26.35
CA GLY A 423 0.21 28.38 26.37
C GLY A 423 0.69 29.29 25.26
N ILE A 424 1.96 29.67 25.35
CA ILE A 424 2.62 30.53 24.39
C ILE A 424 3.93 29.85 23.97
N LEU A 425 4.38 30.19 22.77
CA LEU A 425 5.69 29.78 22.28
C LEU A 425 6.51 31.03 22.01
N LEU A 426 7.51 31.27 22.85
CA LEU A 426 8.33 32.48 22.76
C LEU A 426 9.69 32.12 22.16
N THR A 427 10.43 33.14 21.77
CA THR A 427 11.77 32.97 21.21
C THR A 427 12.59 34.20 21.56
N ARG A 428 13.39 34.09 22.62
CA ARG A 428 14.24 35.18 23.05
C ARG A 428 15.33 35.47 22.01
N ASP A 429 15.68 36.73 21.88
CA ASP A 429 16.73 37.16 20.97
C ASP A 429 17.85 37.85 21.75
N GLY A 430 19.08 37.65 21.32
CA GLY A 430 20.23 38.23 21.99
C GLY A 430 20.59 39.61 21.50
N ASN A 437 20.42 44.74 29.71
CA ASN A 437 19.53 45.44 30.62
C ASN A 437 18.15 44.78 30.64
N ASN A 438 17.71 44.28 29.48
CA ASN A 438 16.41 43.67 29.34
C ASN A 438 16.49 42.52 28.37
N GLU A 439 15.51 41.61 28.46
CA GLU A 439 15.39 40.49 27.56
C GLU A 439 14.10 40.64 26.76
N THR A 440 14.20 40.49 25.44
CA THR A 440 13.07 40.65 24.53
C THR A 440 12.61 39.29 24.06
N PHE A 441 11.30 39.06 24.08
CA PHE A 441 10.72 37.76 23.75
C PHE A 441 9.74 37.91 22.58
N ARG A 442 10.22 37.67 21.37
CA ARG A 442 9.34 37.55 20.23
C ARG A 442 8.41 36.35 20.42
N PRO A 443 7.16 36.44 19.98
CA PRO A 443 6.28 35.28 20.02
C PRO A 443 6.58 34.31 18.88
N GLY A 444 5.89 33.18 18.91
CA GLY A 444 6.01 32.20 17.86
C GLY A 444 7.37 31.51 17.85
N GLY A 445 7.65 30.88 16.73
CA GLY A 445 8.90 30.19 16.55
C GLY A 445 8.89 28.82 17.21
N GLY A 446 9.38 27.83 16.48
CA GLY A 446 9.46 26.48 17.02
C GLY A 446 9.20 25.47 15.94
N ASN A 447 9.29 24.20 16.34
CA ASN A 447 8.94 23.08 15.49
C ASN A 447 7.47 22.75 15.69
N ILE A 448 6.98 21.81 14.88
CA ILE A 448 5.60 21.37 15.04
C ILE A 448 5.44 20.58 16.33
N LYS A 449 6.52 19.92 16.79
CA LYS A 449 6.45 19.09 17.98
C LYS A 449 6.12 19.92 19.22
N ASP A 450 6.51 21.19 19.25
CA ASP A 450 6.37 21.97 20.47
C ASP A 450 4.92 22.16 20.88
N ASN A 451 3.97 21.99 19.96
CA ASN A 451 2.56 22.05 20.33
C ASN A 451 2.21 20.91 21.27
N TRP A 452 2.78 19.73 21.04
CA TRP A 452 2.45 18.55 21.81
C TRP A 452 3.44 18.27 22.93
N ARG A 453 4.46 19.10 23.10
CA ARG A 453 5.38 18.90 24.22
C ARG A 453 4.80 19.36 25.53
N ASN A 454 3.77 20.22 25.50
CA ASN A 454 3.07 20.52 26.74
C ASN A 454 2.12 19.40 27.13
N GLU A 455 1.91 18.44 26.23
CA GLU A 455 1.01 17.33 26.52
C GLU A 455 1.79 16.08 26.93
N LEU A 456 2.83 15.73 26.17
CA LEU A 456 3.58 14.50 26.38
C LEU A 456 4.85 14.72 27.19
N TYR A 457 4.92 15.79 27.99
CA TYR A 457 6.13 16.06 28.76
C TYR A 457 6.23 15.14 29.98
N LYS A 458 5.09 14.80 30.57
CA LYS A 458 5.08 14.04 31.82
C LYS A 458 5.00 12.54 31.61
N TYR A 459 4.95 12.07 30.36
CA TYR A 459 4.81 10.65 30.07
C TYR A 459 6.14 10.08 29.59
N LYS A 460 6.48 8.90 30.09
CA LYS A 460 7.73 8.23 29.77
C LYS A 460 7.45 6.77 29.46
N VAL A 461 7.91 6.31 28.31
CA VAL A 461 7.73 4.93 27.89
C VAL A 461 8.77 4.07 28.60
N VAL A 462 8.32 3.00 29.23
CA VAL A 462 9.14 2.19 30.12
C VAL A 462 8.88 0.72 29.84
N GLN A 463 9.96 -0.06 29.77
CA GLN A 463 9.88 -1.49 29.49
C GLN A 463 10.00 -2.27 30.79
N ILE A 464 9.06 -3.18 31.02
CA ILE A 464 9.03 -3.97 32.25
C ILE A 464 9.75 -5.29 32.02
N GLU A 465 10.65 -5.63 32.95
CA GLU A 465 11.37 -6.89 32.91
C GLU A 465 10.90 -7.76 34.07
N PRO A 466 10.08 -8.77 33.85
CA PRO A 466 9.41 -9.47 34.96
C PRO A 466 10.19 -10.62 35.58
N LEU A 467 11.37 -10.98 35.06
CA LEU A 467 12.16 -12.06 35.62
C LEU A 467 13.13 -11.52 36.66
N GLY A 468 13.28 -12.26 37.75
CA GLY A 468 14.13 -11.84 38.84
C GLY A 468 14.75 -12.98 39.61
N ILE A 469 16.00 -12.89 40.01
CA ILE A 469 16.69 -13.97 40.69
C ILE A 469 17.16 -13.42 42.01
N ALA A 470 16.81 -14.05 43.12
CA ALA A 470 17.16 -13.52 44.40
C ALA A 470 17.55 -14.64 45.27
N PRO A 471 18.42 -14.43 46.26
CA PRO A 471 18.71 -15.55 47.13
C PRO A 471 17.71 -15.77 48.25
N THR A 472 17.17 -16.98 48.39
CA THR A 472 16.24 -17.32 49.45
C THR A 472 16.62 -18.70 49.94
N LYS A 473 16.03 -19.16 51.03
CA LYS A 473 16.31 -20.47 51.59
C LYS A 473 15.32 -21.62 51.25
N CYS A 474 15.06 -21.93 49.99
CA CYS A 474 14.15 -22.98 49.54
C CYS A 474 14.87 -24.32 49.40
N LYS A 475 16.01 -24.33 48.69
CA LYS A 475 16.92 -25.47 48.56
C LYS A 475 16.38 -26.59 47.69
N ARG A 476 15.11 -26.56 47.30
CA ARG A 476 14.50 -27.65 46.55
C ARG A 476 14.33 -27.23 45.10
N ARG A 477 14.57 -28.17 44.19
CA ARG A 477 14.46 -27.92 42.75
C ARG A 477 13.03 -27.56 42.35
N GLY B 10 -0.16 -5.10 37.01
CA GLY B 10 0.67 -4.60 35.95
C GLY B 10 2.11 -4.89 36.26
N PHE B 11 2.39 -5.44 37.44
CA PHE B 11 3.74 -5.83 37.87
C PHE B 11 4.58 -4.71 38.41
N LEU B 12 4.11 -3.47 38.39
CA LEU B 12 4.93 -2.37 38.81
C LEU B 12 4.43 -1.69 40.06
N GLY B 13 3.46 -2.28 40.72
CA GLY B 13 2.88 -1.62 41.88
C GLY B 13 3.71 -1.39 43.10
N ALA B 14 4.38 -2.44 43.57
CA ALA B 14 5.24 -2.32 44.77
C ALA B 14 6.63 -2.14 44.24
N ALA B 15 6.98 -0.93 43.86
CA ALA B 15 8.29 -0.74 43.24
C ALA B 15 9.26 0.05 44.11
N GLY B 16 8.76 0.78 45.10
CA GLY B 16 9.63 1.45 46.05
C GLY B 16 9.75 0.63 47.33
N SER B 17 8.92 -0.39 47.44
CA SER B 17 8.94 -1.30 48.57
C SER B 17 10.16 -2.22 48.47
N THR B 18 10.78 -2.48 49.62
CA THR B 18 11.89 -3.40 49.67
C THR B 18 11.44 -4.80 49.26
N MET B 19 12.40 -5.64 48.88
CA MET B 19 12.07 -6.93 48.30
C MET B 19 11.27 -7.80 49.26
N GLY B 20 11.59 -7.73 50.56
CA GLY B 20 10.85 -8.51 51.52
C GLY B 20 9.38 -8.14 51.58
N ALA B 21 9.10 -6.83 51.61
CA ALA B 21 7.72 -6.37 51.64
C ALA B 21 7.04 -6.51 50.29
N ALA B 22 7.80 -6.33 49.20
CA ALA B 22 7.21 -6.40 47.87
C ALA B 22 6.87 -7.83 47.46
N SER B 23 7.69 -8.81 47.86
CA SER B 23 7.48 -10.19 47.43
C SER B 23 6.11 -10.70 47.84
N ILE B 24 5.58 -10.20 48.95
CA ILE B 24 4.20 -10.53 49.32
C ILE B 24 3.23 -9.94 48.29
N THR B 25 3.47 -8.70 47.86
CA THR B 25 2.59 -8.04 46.91
C THR B 25 2.86 -8.42 45.46
N LEU B 26 3.93 -9.18 45.19
CA LEU B 26 4.12 -9.73 43.85
C LEU B 26 2.99 -10.69 43.50
N THR B 27 2.57 -11.51 44.46
CA THR B 27 1.50 -12.48 44.23
C THR B 27 0.12 -11.93 44.51
N VAL B 28 0.01 -10.77 45.17
CA VAL B 28 -1.30 -10.15 45.37
C VAL B 28 -1.90 -9.74 44.04
N GLN B 29 -1.10 -9.06 43.21
CA GLN B 29 -1.51 -8.73 41.85
C GLN B 29 -1.71 -10.01 41.04
N ALA B 30 -0.63 -10.76 40.85
CA ALA B 30 -0.63 -12.06 40.18
C ALA B 30 -1.19 -12.01 38.76
N ARG B 31 -1.39 -10.80 38.21
CA ARG B 31 -2.00 -10.62 36.90
C ARG B 31 -3.32 -11.39 36.81
N GLN B 32 -4.14 -11.20 37.83
CA GLN B 32 -5.30 -12.07 38.09
C GLN B 32 -6.29 -12.13 36.93
N LEU B 33 -6.70 -10.97 36.40
CA LEU B 33 -7.72 -10.94 35.37
C LEU B 33 -7.33 -10.01 34.23
N LEU B 34 -7.41 -10.54 33.01
CA LEU B 34 -7.47 -9.72 31.80
C LEU B 34 -8.72 -10.07 30.97
N SER B 35 -9.72 -10.67 31.62
CA SER B 35 -10.92 -11.13 30.94
C SER B 35 -11.80 -9.97 30.48
N LEU B 57 -5.10 -0.88 5.78
CA LEU B 57 -3.76 -0.53 6.22
C LEU B 57 -3.63 0.95 6.55
N THR B 58 -4.32 1.37 7.62
CA THR B 58 -4.19 2.73 8.11
C THR B 58 -2.93 2.84 8.97
N VAL B 59 -2.74 4.02 9.57
CA VAL B 59 -1.58 4.22 10.44
C VAL B 59 -1.68 3.32 11.66
N TRP B 60 -2.88 3.19 12.24
CA TRP B 60 -3.05 2.39 13.45
C TRP B 60 -3.18 0.91 13.15
N GLY B 61 -3.27 0.52 11.87
CA GLY B 61 -3.38 -0.89 11.54
C GLY B 61 -2.12 -1.67 11.88
N ILE B 62 -0.96 -1.09 11.58
CA ILE B 62 0.30 -1.80 11.81
C ILE B 62 0.86 -1.49 13.19
N LYS B 63 0.54 -0.31 13.73
CA LYS B 63 1.04 0.10 15.04
C LYS B 63 0.49 -0.78 16.15
N GLN B 64 -0.55 -1.56 15.88
CA GLN B 64 -1.07 -2.52 16.84
C GLN B 64 -0.63 -3.95 16.54
N LEU B 65 -0.53 -4.32 15.25
CA LEU B 65 -0.09 -5.66 14.91
C LEU B 65 1.37 -5.88 15.31
N GLN B 66 2.23 -4.90 15.07
CA GLN B 66 3.63 -5.04 15.47
C GLN B 66 3.75 -5.17 16.97
N ALA B 67 3.00 -4.37 17.71
CA ALA B 67 3.00 -4.44 19.17
C ALA B 67 2.52 -5.81 19.64
N ARG B 68 1.45 -6.32 19.02
CA ARG B 68 0.94 -7.64 19.38
C ARG B 68 2.00 -8.70 19.21
N VAL B 69 2.64 -8.74 18.04
CA VAL B 69 3.63 -9.78 17.77
C VAL B 69 4.81 -9.65 18.73
N LEU B 70 5.29 -8.43 18.96
CA LEU B 70 6.43 -8.24 19.85
C LEU B 70 6.11 -8.66 21.27
N ALA B 71 4.93 -8.28 21.77
CA ALA B 71 4.56 -8.67 23.13
C ALA B 71 4.40 -10.19 23.25
N VAL B 72 3.79 -10.82 22.24
CA VAL B 72 3.60 -12.26 22.27
C VAL B 72 4.95 -12.97 22.31
N GLU B 73 5.89 -12.56 21.46
CA GLU B 73 7.17 -13.26 21.42
C GLU B 73 8.02 -12.94 22.65
N ARG B 74 7.87 -11.75 23.23
CA ARG B 74 8.57 -11.46 24.47
C ARG B 74 8.05 -12.32 25.62
N TYR B 75 6.73 -12.46 25.71
CA TYR B 75 6.14 -13.32 26.73
C TYR B 75 6.58 -14.77 26.54
N LEU B 76 6.60 -15.23 25.28
CA LEU B 76 7.04 -16.59 25.00
C LEU B 76 8.51 -16.79 25.36
N GLN B 77 9.35 -15.79 25.13
CA GLN B 77 10.75 -15.88 25.55
C GLN B 77 10.86 -15.96 27.06
N ASP B 78 10.06 -15.16 27.78
CA ASP B 78 10.10 -15.22 29.25
C ASP B 78 9.68 -16.60 29.75
N GLN B 79 8.63 -17.17 29.17
CA GLN B 79 8.23 -18.52 29.57
C GLN B 79 9.25 -19.57 29.15
N LYS B 80 9.89 -19.39 28.01
CA LYS B 80 10.90 -20.35 27.56
C LYS B 80 12.09 -20.36 28.51
N PHE B 81 12.52 -19.19 28.98
CA PHE B 81 13.51 -19.15 30.05
C PHE B 81 12.98 -19.78 31.32
N LEU B 82 11.73 -19.46 31.68
CA LEU B 82 11.18 -19.98 32.94
C LEU B 82 11.02 -21.49 32.89
N GLY B 83 10.64 -22.03 31.73
CA GLY B 83 10.46 -23.47 31.60
C GLY B 83 11.76 -24.25 31.68
N LEU B 84 12.82 -23.72 31.07
CA LEU B 84 14.09 -24.44 31.02
C LEU B 84 14.67 -24.68 32.40
N TRP B 85 14.24 -23.88 33.39
CA TRP B 85 14.68 -24.03 34.77
C TRP B 85 13.77 -24.94 35.57
N GLY B 86 12.77 -25.55 34.94
CA GLY B 86 11.87 -26.47 35.60
C GLY B 86 10.65 -25.83 36.22
N CYS B 87 10.53 -24.50 36.19
CA CYS B 87 9.41 -23.85 36.84
C CYS B 87 8.13 -24.02 36.01
N SER B 88 8.13 -23.48 34.80
CA SER B 88 7.04 -23.66 33.83
C SER B 88 5.67 -23.43 34.46
N GLY B 89 5.47 -22.21 34.92
CA GLY B 89 4.17 -21.81 35.44
C GLY B 89 4.11 -21.57 36.94
N LYS B 90 5.22 -21.22 37.57
CA LYS B 90 5.25 -20.88 38.99
C LYS B 90 5.71 -19.44 39.15
N ILE B 91 4.95 -18.65 39.92
CA ILE B 91 5.31 -17.26 40.14
C ILE B 91 6.57 -17.18 41.00
N ILE B 92 6.62 -17.92 42.10
CA ILE B 92 7.79 -18.00 42.96
C ILE B 92 8.34 -19.41 42.85
N CYS B 93 9.44 -19.55 42.10
CA CYS B 93 9.99 -20.85 41.75
C CYS B 93 11.26 -21.11 42.54
N CYS B 94 11.35 -22.32 43.09
CA CYS B 94 12.46 -22.72 43.96
C CYS B 94 13.46 -23.51 43.15
N THR B 95 14.74 -23.14 43.27
CA THR B 95 15.81 -23.79 42.53
C THR B 95 16.85 -24.33 43.49
N ALA B 96 17.46 -25.45 43.12
CA ALA B 96 18.45 -26.11 43.95
C ALA B 96 19.87 -25.59 43.73
N VAL B 97 20.01 -24.46 43.06
CA VAL B 97 21.34 -23.89 42.81
C VAL B 97 21.79 -23.14 44.06
N PRO B 98 22.93 -23.48 44.63
CA PRO B 98 23.45 -22.69 45.76
C PRO B 98 23.84 -21.29 45.33
N TRP B 99 23.69 -20.35 46.24
CA TRP B 99 24.00 -18.95 45.96
C TRP B 99 25.51 -18.75 46.05
N ASN B 100 26.15 -18.64 44.88
CA ASN B 100 27.57 -18.31 44.83
C ASN B 100 27.79 -16.94 45.48
N SER B 101 28.87 -16.83 46.25
CA SER B 101 29.17 -15.59 46.96
C SER B 101 29.72 -14.50 46.06
N SER B 102 30.29 -14.87 44.90
CA SER B 102 30.77 -13.85 43.97
C SER B 102 29.62 -13.04 43.39
N TRP B 103 28.45 -13.67 43.25
CA TRP B 103 27.28 -12.95 42.76
C TRP B 103 26.87 -11.86 43.73
N SER B 104 26.86 -12.17 45.02
CA SER B 104 26.51 -11.19 46.04
C SER B 104 26.97 -11.69 47.40
N ASN B 105 27.75 -10.86 48.09
CA ASN B 105 28.21 -11.16 49.44
C ASN B 105 27.21 -10.66 50.47
N LYS B 106 26.19 -9.92 50.03
CA LYS B 106 25.20 -9.37 50.95
C LYS B 106 24.39 -10.49 51.58
N THR B 107 24.15 -10.37 52.90
CA THR B 107 23.39 -11.39 53.59
C THR B 107 21.89 -11.20 53.35
N PHE B 108 21.13 -12.27 53.65
CA PHE B 108 19.72 -12.32 53.29
C PHE B 108 18.95 -11.13 53.87
N GLU B 109 19.24 -10.75 55.12
CA GLU B 109 18.50 -9.68 55.76
C GLU B 109 18.74 -8.34 55.07
N GLU B 110 19.99 -8.04 54.69
CA GLU B 110 20.24 -6.76 54.04
C GLU B 110 20.01 -6.85 52.54
N ILE B 111 19.62 -8.02 52.05
CA ILE B 111 19.12 -8.11 50.68
C ILE B 111 17.62 -7.88 50.66
N TRP B 112 16.91 -8.31 51.70
CA TRP B 112 15.47 -8.34 51.65
C TRP B 112 14.83 -7.24 52.50
N ASN B 113 15.63 -6.49 53.26
CA ASN B 113 15.03 -5.52 54.17
C ASN B 113 15.39 -4.08 53.79
N ASN B 114 16.55 -3.85 53.18
CA ASN B 114 16.89 -2.55 52.60
C ASN B 114 17.29 -2.63 51.12
N MET B 115 16.55 -3.36 50.31
CA MET B 115 16.88 -3.39 48.90
C MET B 115 15.63 -3.66 48.08
N THR B 116 15.40 -2.80 47.10
CA THR B 116 14.28 -2.92 46.17
C THR B 116 14.69 -3.78 44.98
N TRP B 117 13.71 -4.11 44.15
CA TRP B 117 13.96 -5.07 43.08
C TRP B 117 14.85 -4.47 41.98
N ILE B 118 14.63 -3.20 41.63
CA ILE B 118 15.48 -2.55 40.64
C ILE B 118 16.91 -2.44 41.16
N GLU B 119 17.07 -2.07 42.43
CA GLU B 119 18.40 -1.99 43.03
C GLU B 119 19.08 -3.35 43.02
N TRP B 120 18.35 -4.41 43.37
CA TRP B 120 18.92 -5.75 43.39
C TRP B 120 19.35 -6.20 42.01
N GLU B 121 18.46 -6.04 41.01
CA GLU B 121 18.80 -6.46 39.66
C GLU B 121 19.90 -5.60 39.05
N ARG B 122 20.10 -4.37 39.55
CA ARG B 122 21.27 -3.61 39.12
C ARG B 122 22.54 -4.15 39.78
N GLU B 123 22.44 -4.56 41.05
CA GLU B 123 23.59 -5.14 41.74
C GLU B 123 24.03 -6.44 41.06
N ILE B 124 23.08 -7.28 40.68
CA ILE B 124 23.40 -8.58 40.08
C ILE B 124 23.19 -8.53 38.57
N SER B 125 23.43 -7.38 37.98
CA SER B 125 23.20 -7.19 36.54
C SER B 125 24.33 -7.86 35.75
N ASN B 126 25.47 -8.10 36.37
CA ASN B 126 26.59 -8.70 35.65
C ASN B 126 26.58 -10.21 35.66
N TYR B 127 25.81 -10.80 36.56
CA TYR B 127 25.80 -12.27 36.71
C TYR B 127 24.43 -12.81 36.36
N THR B 128 23.68 -12.16 35.48
CA THR B 128 22.41 -12.75 35.09
C THR B 128 22.61 -13.88 34.08
N SER B 129 23.49 -13.69 33.10
CA SER B 129 23.73 -14.76 32.12
C SER B 129 24.32 -15.99 32.78
N GLN B 130 25.29 -15.80 33.68
CA GLN B 130 25.90 -16.94 34.38
C GLN B 130 24.86 -17.67 35.22
N ILE B 131 24.01 -16.94 35.92
CA ILE B 131 22.97 -17.57 36.73
C ILE B 131 21.98 -18.33 35.85
N TYR B 132 21.63 -17.76 34.70
CA TYR B 132 20.75 -18.46 33.78
C TYR B 132 21.36 -19.78 33.33
N ASP B 133 22.65 -19.75 32.97
CA ASP B 133 23.32 -20.97 32.54
C ASP B 133 23.39 -22.00 33.67
N ILE B 134 23.69 -21.55 34.90
CA ILE B 134 23.78 -22.46 36.03
C ILE B 134 22.42 -23.10 36.30
N LEU B 135 21.34 -22.32 36.24
CA LEU B 135 20.01 -22.88 36.44
C LEU B 135 19.64 -23.88 35.36
N THR B 136 19.98 -23.59 34.09
CA THR B 136 19.69 -24.55 33.04
C THR B 136 20.47 -25.84 33.25
N ILE B 137 21.75 -25.73 33.61
CA ILE B 137 22.57 -26.92 33.87
C ILE B 137 22.01 -27.71 35.05
N SER B 138 21.59 -27.00 36.10
CA SER B 138 21.04 -27.68 37.27
C SER B 138 19.77 -28.43 36.93
N GLN B 139 18.88 -27.82 36.15
CA GLN B 139 17.65 -28.52 35.77
C GLN B 139 17.96 -29.71 34.88
N THR B 140 18.96 -29.57 33.99
CA THR B 140 19.37 -30.71 33.18
C THR B 140 19.89 -31.85 34.05
N GLN B 141 20.68 -31.52 35.07
CA GLN B 141 21.20 -32.53 35.98
C GLN B 141 20.06 -33.20 36.74
N GLN B 142 19.09 -32.42 37.21
CA GLN B 142 17.97 -32.99 37.95
C GLN B 142 17.13 -33.89 37.06
N GLU B 143 16.91 -33.50 35.80
CA GLU B 143 16.19 -34.36 34.87
C GLU B 143 16.96 -35.65 34.60
N LYS B 144 18.27 -35.57 34.46
CA LYS B 144 19.07 -36.78 34.26
C LYS B 144 18.98 -37.70 35.47
N ASN B 145 19.04 -37.13 36.68
CA ASN B 145 18.92 -37.94 37.87
C ASN B 145 17.54 -38.57 37.98
N GLU B 146 16.49 -37.82 37.63
CA GLU B 146 15.15 -38.37 37.66
C GLU B 146 14.99 -39.52 36.67
N LYS B 147 15.56 -39.36 35.47
CA LYS B 147 15.50 -40.45 34.49
C LYS B 147 16.30 -41.66 34.95
N ASP B 148 17.47 -41.42 35.55
CA ASP B 148 18.30 -42.53 36.03
C ASP B 148 17.61 -43.30 37.14
N LEU B 149 16.95 -42.59 38.06
CA LEU B 149 16.24 -43.26 39.14
C LEU B 149 15.10 -44.12 38.60
N LEU B 150 14.40 -43.63 37.58
CA LEU B 150 13.36 -44.43 36.94
C LEU B 150 13.91 -45.66 36.25
N GLU B 151 15.20 -45.70 35.95
CA GLU B 151 15.87 -46.88 35.41
C GLU B 151 15.24 -47.36 34.12
N GLN C 1 30.57 19.72 23.60
CA GLN C 1 30.23 18.71 24.59
C GLN C 1 30.01 19.33 25.96
N ILE C 2 30.64 18.74 26.98
CA ILE C 2 30.52 19.18 28.36
C ILE C 2 31.90 19.67 28.81
N HIS C 3 31.93 20.84 29.44
CA HIS C 3 33.17 21.45 29.90
C HIS C 3 32.96 22.06 31.27
N LEU C 4 33.80 21.68 32.22
CA LEU C 4 33.76 22.19 33.58
C LEU C 4 34.95 23.11 33.80
N VAL C 5 34.68 24.32 34.32
CA VAL C 5 35.71 25.30 34.60
C VAL C 5 35.55 25.79 36.02
N GLN C 6 36.66 25.96 36.73
CA GLN C 6 36.67 26.43 38.11
C GLN C 6 37.22 27.84 38.20
N SER C 7 37.22 28.37 39.42
CA SER C 7 37.46 29.80 39.67
C SER C 7 38.95 30.05 39.91
N GLY C 8 39.75 29.93 38.86
CA GLY C 8 41.11 30.44 38.89
C GLY C 8 41.99 29.82 39.96
N THR C 9 42.60 30.68 40.77
CA THR C 9 43.54 30.27 41.80
C THR C 9 43.59 31.34 42.88
N GLU C 10 43.59 30.91 44.15
CA GLU C 10 43.55 31.84 45.27
C GLU C 10 44.61 31.47 46.29
N VAL C 11 45.20 32.49 46.90
CA VAL C 11 46.13 32.34 48.02
C VAL C 11 45.63 33.24 49.14
N LYS C 12 45.22 32.65 50.26
CA LYS C 12 44.59 33.38 51.35
C LYS C 12 45.26 33.04 52.68
N LYS C 13 45.15 33.96 53.62
CA LYS C 13 45.70 33.74 54.94
C LYS C 13 44.90 32.66 55.67
N PRO C 14 45.54 31.89 56.56
CA PRO C 14 44.80 30.89 57.34
C PRO C 14 43.68 31.52 58.15
N GLY C 15 42.58 30.78 58.27
CA GLY C 15 41.41 31.25 58.99
C GLY C 15 40.33 31.86 58.13
N SER C 16 40.65 32.21 56.88
CA SER C 16 39.67 32.80 55.98
C SER C 16 38.84 31.70 55.31
N SER C 17 37.77 32.12 54.64
CA SER C 17 36.88 31.23 53.91
C SER C 17 37.05 31.45 52.42
N VAL C 18 37.26 30.37 51.68
CA VAL C 18 37.48 30.42 50.24
C VAL C 18 36.26 29.85 49.53
N THR C 19 35.84 30.50 48.46
CA THR C 19 34.73 30.02 47.63
C THR C 19 35.27 29.67 46.25
N VAL C 20 35.14 28.38 45.90
CA VAL C 20 35.46 27.91 44.56
C VAL C 20 34.16 27.78 43.77
N SER C 21 34.19 28.24 42.53
CA SER C 21 32.99 28.23 41.70
C SER C 21 33.13 27.20 40.61
N CYS C 22 32.02 26.54 40.29
CA CYS C 22 31.97 25.50 39.28
C CYS C 22 30.86 25.83 38.28
N LYS C 23 31.26 26.23 37.09
CA LYS C 23 30.33 26.61 36.03
C LYS C 23 30.30 25.50 34.99
N ALA C 24 29.19 24.77 34.93
CA ALA C 24 29.08 23.56 34.11
C ALA C 24 28.48 23.92 32.76
N TYR C 25 29.31 23.89 31.72
CA TYR C 25 28.86 24.08 30.35
C TYR C 25 28.52 22.73 29.76
N GLY C 26 27.31 22.61 29.22
CA GLY C 26 26.83 21.37 28.65
C GLY C 26 25.93 20.54 29.54
N VAL C 27 25.69 20.99 30.77
CA VAL C 27 24.80 20.30 31.70
C VAL C 27 23.42 20.93 31.56
N ASN C 28 22.44 20.13 31.13
CA ASN C 28 21.10 20.68 30.95
C ASN C 28 20.50 21.12 32.27
N THR C 29 20.72 20.35 33.33
CA THR C 29 20.30 20.74 34.66
C THR C 29 21.00 19.84 35.68
N PHE C 30 21.07 20.33 36.91
CA PHE C 30 21.58 19.53 38.01
C PHE C 30 20.51 18.61 38.61
N GLY C 31 19.31 18.62 38.04
CA GLY C 31 18.34 17.59 38.39
C GLY C 31 18.74 16.23 37.84
N LEU C 32 19.33 16.20 36.65
CA LEU C 32 19.80 14.96 36.03
C LEU C 32 21.31 14.82 36.11
N TYR C 33 21.98 15.66 36.89
CA TYR C 33 23.42 15.60 37.06
C TYR C 33 23.72 15.77 38.54
N ALA C 34 24.90 15.29 38.95
CA ALA C 34 25.34 15.43 40.34
C ALA C 34 26.75 15.99 40.34
N VAL C 35 26.95 17.07 41.10
CA VAL C 35 28.25 17.72 41.22
C VAL C 35 28.96 17.12 42.43
N ASN C 36 30.12 16.53 42.20
CA ASN C 36 30.91 15.88 43.23
C ASN C 36 32.21 16.65 43.41
N TRP C 37 32.50 17.05 44.65
CA TRP C 37 33.67 17.86 44.95
C TRP C 37 34.76 16.98 45.52
N VAL C 38 35.93 17.00 44.88
CA VAL C 38 37.08 16.19 45.29
C VAL C 38 38.31 17.07 45.34
N ARG C 39 39.19 16.79 46.29
CA ARG C 39 40.42 17.54 46.51
C ARG C 39 41.61 16.63 46.32
N GLN C 40 42.64 17.12 45.62
CA GLN C 40 43.88 16.37 45.43
C GLN C 40 45.02 17.10 46.12
N ALA C 41 45.69 16.41 47.04
CA ALA C 41 46.84 16.97 47.73
C ALA C 41 48.01 17.11 46.75
N PRO C 42 49.00 17.92 47.08
CA PRO C 42 50.10 18.15 46.11
C PRO C 42 50.83 16.88 45.72
N GLY C 43 50.90 15.88 46.60
CA GLY C 43 51.56 14.64 46.26
C GLY C 43 50.75 13.41 46.58
N GLN C 44 49.67 13.57 47.33
CA GLN C 44 48.88 12.44 47.79
C GLN C 44 47.74 12.14 46.82
N SER C 45 46.87 11.23 47.24
CA SER C 45 45.76 10.79 46.40
C SER C 45 44.58 11.74 46.53
N LEU C 46 43.56 11.51 45.68
CA LEU C 46 42.37 12.33 45.71
C LEU C 46 41.46 11.93 46.87
N GLU C 47 40.86 12.93 47.50
CA GLU C 47 39.88 12.72 48.55
C GLU C 47 38.52 13.20 48.06
N TYR C 48 37.47 12.83 48.79
CA TYR C 48 36.10 13.19 48.44
C TYR C 48 35.56 14.16 49.47
N ILE C 49 35.08 15.31 49.02
CA ILE C 49 34.64 16.37 49.92
C ILE C 49 33.14 16.27 50.15
N GLY C 50 32.37 16.37 49.07
CA GLY C 50 30.92 16.35 49.18
C GLY C 50 30.28 16.45 47.81
N GLN C 51 28.95 16.47 47.80
CA GLN C 51 28.21 16.48 46.55
C GLN C 51 26.88 17.19 46.74
N ILE C 52 26.30 17.59 45.60
CA ILE C 52 24.88 17.92 45.50
C ILE C 52 24.27 16.94 44.51
N TRP C 53 23.24 16.22 44.95
CA TRP C 53 22.59 15.20 44.13
C TRP C 53 21.09 15.33 44.30
N ARG C 54 20.40 15.64 43.20
CA ARG C 54 18.97 15.93 43.22
C ARG C 54 18.66 17.06 44.19
N TRP C 55 19.50 18.11 44.14
CA TRP C 55 19.35 19.30 44.96
C TRP C 55 19.39 18.98 46.46
N LYS C 56 20.20 18.00 46.82
CA LYS C 56 20.44 17.67 48.22
C LYS C 56 21.94 17.73 48.47
N SER C 57 22.33 18.50 49.48
CA SER C 57 23.74 18.75 49.77
C SER C 57 24.22 17.81 50.87
N SER C 58 25.40 17.22 50.65
CA SER C 58 26.01 16.32 51.62
C SER C 58 27.52 16.40 51.48
N ALA C 59 28.21 16.18 52.59
CA ALA C 59 29.66 16.14 52.63
C ALA C 59 30.12 14.96 53.47
N SER C 60 31.32 14.46 53.17
CA SER C 60 31.86 13.34 53.91
C SER C 60 32.13 13.74 55.36
N HIS C 61 32.27 12.71 56.21
CA HIS C 61 32.38 12.95 57.65
C HIS C 61 33.56 13.84 57.98
N HIS C 62 34.64 13.74 57.20
CA HIS C 62 35.82 14.58 57.46
C HIS C 62 35.50 16.06 57.24
N PHE C 63 34.56 16.36 56.36
CA PHE C 63 34.27 17.74 55.97
C PHE C 63 32.87 18.17 56.40
N ARG C 64 32.27 17.51 57.39
CA ARG C 64 30.92 17.82 57.83
C ARG C 64 30.94 19.07 58.71
N GLY C 65 30.18 20.08 58.30
CA GLY C 65 30.09 21.33 59.03
C GLY C 65 31.15 22.34 58.69
N ARG C 66 32.21 21.94 57.99
CA ARG C 66 33.32 22.83 57.67
C ARG C 66 33.31 23.26 56.21
N VAL C 67 32.36 22.76 55.41
CA VAL C 67 32.26 23.11 54.01
C VAL C 67 30.78 23.31 53.66
N LEU C 68 30.54 24.18 52.67
CA LEU C 68 29.19 24.43 52.17
C LEU C 68 29.20 24.26 50.66
N ILE C 69 28.23 23.51 50.14
CA ILE C 69 28.10 23.27 48.71
C ILE C 69 26.72 23.75 48.28
N SER C 70 26.69 24.64 47.28
CA SER C 70 25.45 25.18 46.76
C SER C 70 25.50 25.17 45.23
N ALA C 71 24.32 25.12 44.61
CA ALA C 71 24.25 25.05 43.16
C ALA C 71 22.94 25.63 42.66
N VAL C 72 23.00 26.27 41.49
CA VAL C 72 21.83 26.76 40.77
C VAL C 72 21.99 26.38 39.31
N ASP C 73 20.90 25.95 38.69
CA ASP C 73 20.92 25.42 37.34
C ASP C 73 20.67 26.54 36.33
N LEU C 74 20.33 26.17 35.09
CA LEU C 74 20.34 27.10 33.96
C LEU C 74 19.52 28.35 34.23
N THR C 75 20.09 29.49 33.86
CA THR C 75 19.38 30.75 33.77
C THR C 75 19.48 31.25 32.34
N GLY C 76 18.98 32.47 32.11
CA GLY C 76 19.10 33.06 30.79
C GLY C 76 20.53 33.37 30.39
N SER C 77 21.36 33.73 31.37
CA SER C 77 22.69 34.22 31.04
C SER C 77 23.77 33.19 31.34
N SER C 78 23.68 32.53 32.50
CA SER C 78 24.75 31.69 33.01
C SER C 78 24.39 30.21 32.90
N PRO C 79 25.38 29.34 32.76
CA PRO C 79 25.14 27.90 32.85
C PRO C 79 24.95 27.50 34.30
N PRO C 80 24.64 26.23 34.59
CA PRO C 80 24.54 25.81 35.99
C PRO C 80 25.85 26.07 36.74
N ILE C 81 25.74 26.59 37.95
CA ILE C 81 26.87 27.00 38.76
C ILE C 81 26.86 26.22 40.07
N SER C 82 28.03 25.74 40.49
CA SER C 82 28.21 25.07 41.76
C SER C 82 29.31 25.77 42.54
N SER C 83 29.12 25.91 43.85
CA SER C 83 30.03 26.65 44.70
C SER C 83 30.49 25.78 45.86
N LEU C 84 31.79 25.75 46.09
CA LEU C 84 32.39 25.06 47.23
C LEU C 84 33.02 26.10 48.14
N GLU C 85 32.47 26.24 49.34
CA GLU C 85 32.92 27.25 50.31
C GLU C 85 33.50 26.54 51.53
N ILE C 86 34.82 26.55 51.65
CA ILE C 86 35.48 25.99 52.82
C ILE C 86 35.54 27.06 53.91
N LYS C 87 35.41 26.63 55.17
CA LYS C 87 35.45 27.53 56.30
C LYS C 87 36.58 27.13 57.24
N ASN C 88 37.20 28.13 57.88
CA ASN C 88 38.37 27.94 58.74
C ASN C 88 39.49 27.22 58.01
N LEU C 89 40.06 27.86 57.00
CA LEU C 89 41.18 27.30 56.26
C LEU C 89 42.38 27.07 57.17
N THR C 90 43.08 25.97 56.91
CA THR C 90 44.31 25.64 57.63
C THR C 90 45.34 25.22 56.59
N SER C 91 46.60 25.09 57.05
CA SER C 91 47.69 24.79 56.14
C SER C 91 47.53 23.42 55.48
N ASP C 92 46.71 22.54 56.06
CA ASP C 92 46.48 21.23 55.49
C ASP C 92 45.60 21.26 54.24
N ASP C 93 44.99 22.41 53.93
CA ASP C 93 44.12 22.55 52.78
C ASP C 93 44.87 22.99 51.53
N THR C 94 46.20 22.97 51.54
CA THR C 94 47.00 23.37 50.39
C THR C 94 46.94 22.26 49.35
N ALA C 95 45.81 22.22 48.64
CA ALA C 95 45.55 21.12 47.71
C ALA C 95 44.77 21.66 46.51
N VAL C 96 44.88 20.94 45.40
CA VAL C 96 44.09 21.23 44.21
C VAL C 96 42.66 20.76 44.45
N TYR C 97 41.69 21.52 43.96
CA TYR C 97 40.28 21.18 44.14
C TYR C 97 39.63 20.99 42.78
N PHE C 98 38.88 19.89 42.65
CA PHE C 98 38.27 19.53 41.39
C PHE C 98 36.76 19.49 41.55
N CYS C 99 36.07 19.73 40.44
CA CYS C 99 34.62 19.67 40.36
C CYS C 99 34.23 18.68 39.27
N THR C 100 33.29 17.79 39.59
CA THR C 100 32.94 16.70 38.68
C THR C 100 31.43 16.58 38.58
N THR C 101 30.96 16.22 37.39
CA THR C 101 29.55 16.00 37.12
C THR C 101 29.36 14.69 36.37
N THR C 102 28.38 13.91 36.81
CA THR C 102 28.04 12.64 36.18
C THR C 102 26.55 12.60 35.89
N SER C 103 26.19 11.96 34.79
CA SER C 103 24.79 11.83 34.40
C SER C 103 24.12 10.75 35.21
N THR C 104 23.16 11.15 36.04
CA THR C 104 22.37 10.25 36.86
C THR C 104 20.97 10.10 36.30
N TYR C 105 20.85 10.18 34.98
CA TYR C 105 19.55 10.12 34.31
C TYR C 105 19.00 8.70 34.26
N ASP C 106 19.70 7.77 33.62
CA ASP C 106 19.27 6.37 33.57
C ASP C 106 19.88 5.59 34.73
N ARG C 107 19.07 4.74 35.35
CA ARG C 107 19.50 3.98 36.56
C ARG C 107 20.42 2.79 36.20
N TRP C 108 20.50 2.44 34.92
CA TRP C 108 21.34 1.31 34.51
C TRP C 108 22.59 1.75 33.75
N SER C 109 23.15 2.91 34.06
CA SER C 109 24.39 3.33 33.41
C SER C 109 25.61 2.74 34.10
N GLY C 110 25.52 2.53 35.41
CA GLY C 110 26.64 2.02 36.18
C GLY C 110 27.58 3.09 36.71
N LEU C 111 27.48 4.32 36.22
CA LEU C 111 28.28 5.42 36.72
C LEU C 111 27.84 5.89 38.11
N HIS C 112 26.63 5.54 38.54
CA HIS C 112 26.13 5.96 39.83
C HIS C 112 25.50 4.76 40.54
N HIS C 113 25.50 4.80 41.86
CA HIS C 113 25.00 3.72 42.70
C HIS C 113 24.56 4.30 44.05
N ASP C 114 23.25 4.45 44.22
CA ASP C 114 22.67 4.87 45.50
C ASP C 114 23.19 6.23 45.95
N GLY C 115 23.55 7.08 45.01
CA GLY C 115 24.14 8.36 45.33
C GLY C 115 25.64 8.36 45.49
N VAL C 116 26.28 7.19 45.43
CA VAL C 116 27.73 7.07 45.45
C VAL C 116 28.15 6.69 44.04
N MET C 117 28.81 7.62 43.35
CA MET C 117 28.98 7.52 41.91
C MET C 117 30.44 7.71 41.53
N ALA C 118 30.76 7.31 40.29
CA ALA C 118 32.04 7.60 39.68
C ALA C 118 32.11 9.08 39.32
N PHE C 119 33.20 9.48 38.66
CA PHE C 119 33.41 10.86 38.26
C PHE C 119 33.73 10.86 36.76
N SER C 120 32.85 11.47 35.97
CA SER C 120 32.92 11.37 34.51
C SER C 120 33.46 12.62 33.83
N SER C 121 33.10 13.81 34.30
CA SER C 121 33.58 15.07 33.71
C SER C 121 34.40 15.80 34.76
N TRP C 122 35.60 16.22 34.37
CA TRP C 122 36.56 16.81 35.30
C TRP C 122 36.91 18.22 34.88
N GLY C 123 36.89 19.15 35.83
CA GLY C 123 37.26 20.52 35.59
C GLY C 123 38.75 20.75 35.69
N GLN C 124 39.15 22.00 35.45
CA GLN C 124 40.57 22.33 35.40
C GLN C 124 41.21 22.31 36.79
N GLY C 125 40.51 22.77 37.82
CA GLY C 125 41.04 22.74 39.17
C GLY C 125 41.56 24.07 39.68
N THR C 126 41.32 24.36 40.97
CA THR C 126 41.80 25.57 41.63
C THR C 126 42.77 25.17 42.74
N LEU C 127 44.06 25.21 42.46
CA LEU C 127 45.04 25.04 43.51
C LEU C 127 44.91 26.17 44.52
N ILE C 128 44.87 25.81 45.80
CA ILE C 128 44.72 26.77 46.88
C ILE C 128 45.95 26.68 47.78
N SER C 129 46.58 27.82 48.03
CA SER C 129 47.75 27.90 48.89
C SER C 129 47.39 28.72 50.12
N VAL C 130 47.86 28.25 51.28
CA VAL C 130 47.52 28.89 52.55
C VAL C 130 48.57 28.57 53.61
N ASP D 1 35.03 4.13 53.90
CA ASP D 1 35.29 3.06 54.85
C ASP D 1 36.09 1.93 54.21
N ILE D 2 35.79 1.64 52.95
CA ILE D 2 36.51 0.61 52.20
C ILE D 2 37.77 1.23 51.64
N GLN D 3 38.92 0.70 52.06
CA GLN D 3 40.22 1.19 51.63
C GLN D 3 40.69 0.36 50.44
N MET D 4 40.95 1.02 49.32
CA MET D 4 41.41 0.36 48.11
C MET D 4 42.89 0.62 47.92
N THR D 5 43.68 -0.43 47.71
CA THR D 5 45.12 -0.28 47.51
C THR D 5 45.54 -0.68 46.10
N GLN D 6 46.52 0.01 45.53
CA GLN D 6 46.97 -0.29 44.18
C GLN D 6 48.32 -0.96 44.22
N SER D 7 48.36 -2.13 43.59
CA SER D 7 49.54 -3.01 43.54
C SER D 7 50.85 -2.28 43.22
N PRO D 8 51.08 -1.81 41.97
CA PRO D 8 52.42 -1.34 41.62
C PRO D 8 52.49 0.12 41.96
N SER D 9 53.17 0.52 43.01
CA SER D 9 53.13 1.92 43.44
C SER D 9 53.68 2.80 42.35
N THR D 10 54.73 2.34 41.68
CA THR D 10 55.28 3.07 40.58
C THR D 10 55.54 1.95 39.62
N LEU D 11 55.68 2.26 38.35
CA LEU D 11 56.01 1.24 37.41
C LEU D 11 56.88 1.81 36.33
N SER D 12 57.56 0.94 35.59
CA SER D 12 58.46 1.35 34.53
C SER D 12 58.19 0.51 33.29
N ALA D 13 57.95 1.18 32.17
CA ALA D 13 57.70 0.50 30.91
C ALA D 13 57.89 1.51 29.78
N SER D 14 57.86 1.00 28.56
CA SER D 14 58.04 1.82 27.36
C SER D 14 56.91 1.55 26.39
N THR D 15 56.98 2.19 25.22
CA THR D 15 55.98 2.00 24.19
C THR D 15 55.92 0.54 23.75
N GLY D 16 54.71 0.00 23.68
CA GLY D 16 54.51 -1.38 23.31
C GLY D 16 54.54 -2.38 24.46
N ASP D 17 54.84 -1.93 25.67
CA ASP D 17 54.91 -2.80 26.84
C ASP D 17 53.60 -2.73 27.61
N THR D 18 52.81 -3.80 27.53
CA THR D 18 51.53 -3.83 28.21
C THR D 18 51.72 -4.05 29.70
N VAL D 19 51.08 -3.22 30.51
CA VAL D 19 51.23 -3.25 31.95
C VAL D 19 49.88 -3.59 32.58
N ARG D 20 49.91 -4.44 33.61
CA ARG D 20 48.73 -4.79 34.38
C ARG D 20 48.83 -4.09 35.73
N ILE D 21 47.98 -3.08 35.93
CA ILE D 21 47.88 -2.36 37.20
C ILE D 21 46.78 -3.01 38.02
N SER D 22 47.15 -3.53 39.18
CA SER D 22 46.22 -4.29 40.02
C SER D 22 45.75 -3.41 41.18
N CYS D 23 44.62 -3.79 41.75
CA CYS D 23 44.00 -3.05 42.84
C CYS D 23 43.23 -4.02 43.72
N ARG D 24 43.26 -3.76 45.03
CA ARG D 24 42.60 -4.63 46.00
C ARG D 24 41.79 -3.78 46.97
N ALA D 25 40.73 -4.38 47.51
CA ALA D 25 39.78 -3.66 48.34
C ALA D 25 39.75 -4.21 49.75
N SER D 26 39.32 -3.37 50.69
CA SER D 26 39.16 -3.80 52.07
C SER D 26 37.99 -4.77 52.22
N GLN D 27 37.06 -4.76 51.26
CA GLN D 27 35.91 -5.65 51.29
C GLN D 27 35.71 -6.30 49.94
N SER D 28 34.61 -7.02 49.77
CA SER D 28 34.30 -7.70 48.51
C SER D 28 33.31 -6.85 47.73
N ILE D 29 33.77 -6.25 46.65
CA ILE D 29 32.94 -5.44 45.78
C ILE D 29 32.37 -6.38 44.72
N THR D 30 31.28 -7.07 45.08
CA THR D 30 30.62 -8.01 44.18
C THR D 30 29.78 -7.33 43.12
N GLY D 31 29.42 -6.07 43.32
CA GLY D 31 28.71 -5.29 42.32
C GLY D 31 29.59 -4.64 41.28
N ASN D 32 30.90 -4.82 41.37
CA ASN D 32 31.86 -4.27 40.42
C ASN D 32 31.79 -2.75 40.37
N TRP D 33 31.58 -2.12 41.53
CA TRP D 33 31.50 -0.67 41.63
C TRP D 33 32.90 -0.10 41.78
N VAL D 34 33.70 -0.24 40.72
CA VAL D 34 35.07 0.22 40.71
C VAL D 34 35.32 1.03 39.43
N ALA D 35 36.06 2.12 39.56
CA ALA D 35 36.35 3.01 38.45
C ALA D 35 37.85 3.30 38.40
N TRP D 36 38.35 3.53 37.19
CA TRP D 36 39.77 3.76 36.94
C TRP D 36 39.98 5.12 36.30
N TYR D 37 41.02 5.82 36.74
CA TYR D 37 41.34 7.15 36.25
C TYR D 37 42.79 7.22 35.80
N GLN D 38 43.09 8.25 35.01
CA GLN D 38 44.44 8.60 34.59
C GLN D 38 44.65 10.09 34.79
N GLN D 39 45.77 10.46 35.41
CA GLN D 39 46.10 11.86 35.65
C GLN D 39 47.45 12.16 35.01
N ARG D 40 47.42 12.83 33.86
CA ARG D 40 48.65 13.37 33.29
C ARG D 40 49.12 14.56 34.14
N PRO D 41 50.43 14.81 34.17
CA PRO D 41 50.93 15.92 34.99
C PRO D 41 50.35 17.26 34.54
N GLY D 42 49.99 18.08 35.53
CA GLY D 42 49.40 19.37 35.25
C GLY D 42 48.01 19.33 34.66
N LYS D 43 47.29 18.22 34.78
CA LYS D 43 45.95 18.09 34.22
C LYS D 43 45.05 17.39 35.22
N ALA D 44 43.75 17.42 34.93
CA ALA D 44 42.74 16.78 35.76
C ALA D 44 42.69 15.29 35.50
N PRO D 45 42.18 14.51 36.45
CA PRO D 45 41.96 13.08 36.19
C PRO D 45 40.98 12.86 35.05
N ARG D 46 41.19 11.76 34.33
CA ARG D 46 40.33 11.36 33.23
C ARG D 46 39.74 9.99 33.56
N LEU D 47 38.44 9.84 33.37
CA LEU D 47 37.81 8.54 33.60
C LEU D 47 38.03 7.63 32.41
N LEU D 48 38.44 6.40 32.69
CA LEU D 48 38.69 5.38 31.68
C LEU D 48 37.73 4.21 31.78
N ILE D 49 37.51 3.71 32.99
CA ILE D 49 36.70 2.53 33.23
C ILE D 49 35.69 2.83 34.34
N TYR D 50 34.43 2.47 34.11
CA TYR D 50 33.42 2.47 35.14
C TYR D 50 32.74 1.10 35.15
N ARG D 51 32.16 0.75 36.30
CA ARG D 51 31.51 -0.56 36.48
C ARG D 51 32.46 -1.70 36.15
N GLY D 52 33.69 -1.61 36.63
CA GLY D 52 34.63 -2.71 36.50
C GLY D 52 35.36 -2.81 35.18
N ALA D 53 34.62 -2.96 34.08
CA ALA D 53 35.24 -3.20 32.77
C ALA D 53 34.54 -2.46 31.63
N ALA D 54 33.77 -1.42 31.92
CA ALA D 54 33.05 -0.69 30.88
C ALA D 54 33.82 0.56 30.48
N LEU D 55 33.85 0.84 29.18
CA LEU D 55 34.65 1.91 28.63
C LEU D 55 33.79 3.10 28.25
N LEU D 56 34.25 4.30 28.59
CA LEU D 56 33.60 5.52 28.12
C LEU D 56 33.82 5.70 26.62
N GLY D 57 32.97 6.51 26.01
CA GLY D 57 33.25 6.98 24.66
C GLY D 57 34.41 7.96 24.66
N GLY D 58 35.21 7.91 23.60
CA GLY D 58 36.39 8.75 23.50
C GLY D 58 37.59 8.25 24.28
N VAL D 59 37.52 7.07 24.88
CA VAL D 59 38.64 6.46 25.57
C VAL D 59 39.17 5.33 24.68
N PRO D 60 40.48 5.22 24.47
CA PRO D 60 40.99 4.18 23.58
C PRO D 60 40.60 2.79 24.04
N SER D 61 40.33 1.92 23.06
CA SER D 61 39.96 0.54 23.36
C SER D 61 41.12 -0.26 23.94
N ARG D 62 42.34 0.28 23.89
CA ARG D 62 43.49 -0.44 24.42
C ARG D 62 43.37 -0.62 25.93
N PHE D 63 42.70 0.32 26.61
CA PHE D 63 42.47 0.17 28.03
C PHE D 63 41.35 -0.82 28.29
N ARG D 64 41.59 -1.78 29.18
CA ARG D 64 40.60 -2.77 29.55
C ARG D 64 40.74 -3.08 31.03
N GLY D 65 39.65 -3.57 31.61
CA GLY D 65 39.63 -3.86 33.03
C GLY D 65 39.02 -5.22 33.29
N SER D 66 39.27 -5.72 34.50
CA SER D 66 38.72 -6.99 34.96
C SER D 66 38.31 -6.85 36.41
N ALA D 67 37.26 -7.56 36.78
CA ALA D 67 36.73 -7.52 38.14
C ALA D 67 36.56 -8.93 38.66
N ALA D 68 37.16 -9.20 39.83
CA ALA D 68 37.05 -10.52 40.45
C ALA D 68 37.12 -10.35 41.96
N GLY D 69 35.94 -10.29 42.59
CA GLY D 69 35.87 -10.19 44.04
C GLY D 69 36.56 -8.95 44.57
N THR D 70 37.69 -9.15 45.24
CA THR D 70 38.42 -8.02 45.82
C THR D 70 39.54 -7.56 44.88
N ASP D 71 39.77 -8.31 43.81
CA ASP D 71 40.87 -8.02 42.89
C ASP D 71 40.35 -7.34 41.64
N PHE D 72 40.85 -6.13 41.39
CA PHE D 72 40.52 -5.37 40.18
C PHE D 72 41.81 -4.98 39.49
N THR D 73 41.90 -5.24 38.18
CA THR D 73 43.11 -4.99 37.42
C THR D 73 42.79 -4.13 36.21
N LEU D 74 43.78 -3.34 35.79
CA LEU D 74 43.69 -2.52 34.60
C LEU D 74 44.85 -2.86 33.68
N THR D 75 44.54 -3.25 32.44
CA THR D 75 45.54 -3.64 31.46
C THR D 75 45.57 -2.61 30.33
N ILE D 76 46.77 -2.26 29.89
CA ILE D 76 46.97 -1.26 28.85
C ILE D 76 47.73 -1.94 27.72
N GLY D 77 46.98 -2.47 26.74
CA GLY D 77 47.63 -3.07 25.59
C GLY D 77 48.22 -2.02 24.66
N ASN D 78 49.42 -2.31 24.16
CA ASN D 78 50.16 -1.41 23.29
C ASN D 78 50.30 -0.02 23.92
N LEU D 79 51.02 0.01 25.04
CA LEU D 79 51.22 1.24 25.78
C LEU D 79 51.85 2.33 24.90
N GLN D 80 51.36 3.56 25.05
CA GLN D 80 51.78 4.67 24.21
C GLN D 80 52.20 5.83 25.09
N ALA D 81 52.77 6.87 24.46
CA ALA D 81 53.38 7.96 25.20
C ALA D 81 52.37 8.72 26.05
N GLU D 82 51.18 8.98 25.51
CA GLU D 82 50.19 9.75 26.25
C GLU D 82 49.66 8.96 27.44
N ASP D 83 49.75 7.63 27.39
CA ASP D 83 49.22 6.80 28.47
C ASP D 83 50.03 6.95 29.74
N PHE D 84 51.29 7.37 29.63
CA PHE D 84 52.14 7.56 30.80
C PHE D 84 51.55 8.60 31.74
N GLY D 85 51.50 8.26 33.02
CA GLY D 85 50.91 9.13 34.01
C GLY D 85 50.37 8.31 35.16
N THR D 86 49.96 9.03 36.21
CA THR D 86 49.44 8.37 37.40
C THR D 86 48.05 7.81 37.13
N PHE D 87 47.82 6.57 37.56
CA PHE D 87 46.53 5.90 37.43
C PHE D 87 45.93 5.69 38.80
N TYR D 88 44.62 5.87 38.92
CA TYR D 88 43.94 5.77 40.20
C TYR D 88 42.87 4.69 40.18
N CYS D 89 42.61 4.15 41.37
CA CYS D 89 41.60 3.11 41.58
C CYS D 89 40.57 3.64 42.55
N GLN D 90 39.32 3.68 42.10
CA GLN D 90 38.22 4.23 42.90
C GLN D 90 37.14 3.18 43.07
N GLN D 91 36.53 3.17 44.26
CA GLN D 91 35.36 2.36 44.53
C GLN D 91 34.20 3.27 44.91
N TYR D 92 33.03 3.01 44.33
CA TYR D 92 31.80 3.68 44.72
C TYR D 92 30.72 2.69 45.15
N ASP D 93 31.13 1.58 45.76
CA ASP D 93 30.19 0.61 46.26
C ASP D 93 29.67 1.07 47.58
N THR D 94 30.49 1.72 48.37
CA THR D 94 29.94 2.22 49.60
C THR D 94 30.41 3.62 49.91
N TYR D 95 29.61 4.39 50.64
CA TYR D 95 29.96 5.75 50.99
C TYR D 95 31.09 5.77 51.97
N PRO D 96 32.00 6.74 51.86
CA PRO D 96 32.32 7.54 50.69
C PRO D 96 33.18 6.85 49.70
N GLY D 97 33.25 7.36 48.49
CA GLY D 97 34.08 6.77 47.47
C GLY D 97 35.49 6.92 47.91
N THR D 98 36.34 5.99 47.53
CA THR D 98 37.71 6.05 48.01
C THR D 98 38.65 5.81 46.87
N PHE D 99 39.82 6.48 46.90
CA PHE D 99 40.76 6.38 45.79
C PHE D 99 42.01 5.62 46.23
N GLY D 100 42.56 4.83 45.31
CA GLY D 100 43.85 4.23 45.54
C GLY D 100 44.96 5.25 45.55
N GLN D 101 46.13 4.85 46.03
CA GLN D 101 47.24 5.77 46.17
C GLN D 101 47.75 6.26 44.82
N GLY D 102 48.24 5.36 43.99
CA GLY D 102 48.69 5.74 42.67
C GLY D 102 49.53 4.66 42.03
N THR D 103 49.64 4.74 40.70
CA THR D 103 50.51 3.88 39.92
C THR D 103 51.10 4.73 38.79
N LYS D 104 52.28 5.29 39.04
CA LYS D 104 52.94 6.09 38.02
C LYS D 104 53.64 5.20 37.01
N VAL D 105 53.35 5.43 35.73
CA VAL D 105 53.97 4.70 34.64
C VAL D 105 54.91 5.67 33.93
N GLU D 106 56.21 5.33 33.91
CA GLU D 106 57.23 6.19 33.35
C GLU D 106 58.08 5.41 32.36
N VAL D 107 58.71 6.14 31.45
CA VAL D 107 59.54 5.54 30.41
C VAL D 107 60.77 4.88 31.02
N ASN E 4 11.71 -54.75 28.81
CA ASN E 4 10.79 -54.08 27.91
C ASN E 4 11.21 -52.63 27.68
N LEU E 5 10.62 -51.99 26.67
CA LEU E 5 10.98 -50.64 26.28
C LEU E 5 9.74 -49.77 26.27
N TRP E 6 9.92 -48.50 26.61
CA TRP E 6 8.83 -47.54 26.72
C TRP E 6 9.15 -46.29 25.92
N VAL E 7 8.09 -45.68 25.39
CA VAL E 7 8.25 -44.46 24.60
C VAL E 7 8.81 -43.34 25.46
N THR E 8 9.74 -42.58 24.89
CA THR E 8 10.33 -41.42 25.56
C THR E 8 10.34 -40.26 24.58
N VAL E 9 9.78 -39.13 25.00
CA VAL E 9 9.59 -37.97 24.13
C VAL E 9 10.76 -37.01 24.35
N TYR E 10 11.64 -36.92 23.35
CA TYR E 10 12.72 -35.95 23.37
C TYR E 10 12.32 -34.70 22.59
N TYR E 11 12.67 -33.53 23.14
CA TYR E 11 12.43 -32.26 22.48
C TYR E 11 13.77 -31.56 22.27
N GLY E 12 14.00 -31.11 21.04
CA GLY E 12 15.27 -30.52 20.68
C GLY E 12 16.24 -31.43 19.96
N VAL E 13 15.74 -32.44 19.25
CA VAL E 13 16.58 -33.42 18.56
C VAL E 13 17.10 -32.82 17.27
N PRO E 14 18.29 -33.22 16.82
CA PRO E 14 18.86 -32.69 15.55
C PRO E 14 18.31 -33.40 14.32
N VAL E 15 17.08 -33.05 13.95
CA VAL E 15 16.42 -33.60 12.78
C VAL E 15 15.94 -32.45 11.91
N TRP E 16 16.28 -32.49 10.62
CA TRP E 16 15.95 -31.40 9.72
C TRP E 16 15.33 -31.93 8.44
N ARG E 17 14.58 -31.07 7.77
CA ARG E 17 13.89 -31.39 6.53
C ARG E 17 13.96 -30.22 5.58
N ASP E 18 14.16 -30.51 4.29
CA ASP E 18 14.23 -29.46 3.29
C ASP E 18 12.92 -28.69 3.22
N ALA E 19 13.02 -27.36 3.22
CA ALA E 19 11.85 -26.50 3.14
C ALA E 19 12.26 -25.15 2.59
N ASP E 20 11.27 -24.39 2.13
CA ASP E 20 11.47 -23.06 1.58
C ASP E 20 10.58 -22.07 2.34
N THR E 21 11.19 -21.02 2.88
CA THR E 21 10.46 -19.99 3.61
C THR E 21 11.06 -18.62 3.30
N THR E 22 10.39 -17.59 3.79
CA THR E 22 10.87 -16.23 3.61
C THR E 22 12.05 -15.95 4.54
N LEU E 23 13.09 -15.36 3.96
CA LEU E 23 14.31 -15.01 4.69
C LEU E 23 14.42 -13.49 4.75
N PHE E 24 14.56 -12.94 5.95
CA PHE E 24 14.63 -11.50 6.08
C PHE E 24 16.05 -11.00 5.80
N CYS E 25 16.31 -9.72 6.05
CA CYS E 25 17.57 -9.09 5.67
C CYS E 25 18.36 -8.68 6.89
N ALA E 26 19.66 -8.50 6.69
CA ALA E 26 20.57 -8.02 7.74
C ALA E 26 21.73 -7.31 7.05
N SER E 27 21.71 -5.99 7.01
CA SER E 27 22.79 -5.25 6.41
C SER E 27 23.55 -4.69 7.55
N ASP E 28 24.67 -4.04 7.28
CA ASP E 28 25.55 -3.60 8.36
C ASP E 28 25.22 -2.35 9.13
N ALA E 29 26.18 -1.87 9.91
CA ALA E 29 25.92 -0.72 10.79
C ALA E 29 25.46 0.52 10.07
N LYS E 30 26.05 0.80 8.93
CA LYS E 30 25.69 1.97 8.19
C LYS E 30 24.23 1.75 7.95
N ALA E 31 23.41 2.73 8.31
CA ALA E 31 21.99 2.52 8.19
C ALA E 31 21.74 3.01 6.83
N HIS E 32 21.42 2.11 5.92
CA HIS E 32 21.29 2.52 4.53
C HIS E 32 22.47 3.39 4.13
N GLU E 33 23.69 2.88 4.31
CA GLU E 33 24.90 3.68 4.02
C GLU E 33 24.91 5.04 4.73
N THR E 34 24.86 5.04 6.07
CA THR E 34 24.85 6.27 6.87
C THR E 34 23.73 7.22 6.49
N GLU E 35 22.54 6.68 6.30
CA GLU E 35 21.35 7.48 5.95
C GLU E 35 21.10 7.90 4.50
N VAL E 36 21.80 7.32 3.54
CA VAL E 36 21.45 7.66 2.14
C VAL E 36 20.65 6.50 1.54
N HIS E 37 19.37 6.72 1.33
CA HIS E 37 18.54 5.67 0.84
C HIS E 37 19.25 4.94 -0.25
N ASN E 38 19.58 3.71 0.05
CA ASN E 38 20.19 2.77 -0.91
C ASN E 38 19.01 2.12 -1.61
N VAL E 39 19.08 1.93 -2.92
CA VAL E 39 17.97 1.32 -3.59
C VAL E 39 17.64 0.10 -2.79
N TRP E 40 18.60 -0.45 -2.06
CA TRP E 40 18.38 -1.70 -1.36
C TRP E 40 17.76 -1.66 0.03
N ALA E 41 17.29 -0.50 0.51
CA ALA E 41 16.54 -0.37 1.77
C ALA E 41 17.23 -0.97 2.88
N THR E 42 18.52 -0.80 2.89
CA THR E 42 19.26 -1.48 3.89
C THR E 42 19.05 -0.96 5.30
N HIS E 43 18.14 -0.02 5.52
CA HIS E 43 17.84 0.37 6.89
C HIS E 43 16.79 -0.54 7.51
N ALA E 44 15.88 -1.08 6.69
CA ALA E 44 14.92 -2.05 7.15
C ALA E 44 15.54 -3.41 7.40
N CYS E 45 16.74 -3.61 6.93
CA CYS E 45 17.42 -4.82 7.19
C CYS E 45 17.73 -4.77 8.66
N VAL E 46 17.31 -5.78 9.40
CA VAL E 46 17.56 -5.87 10.82
C VAL E 46 19.07 -5.90 10.97
N PRO E 47 19.62 -5.34 12.04
CA PRO E 47 21.09 -5.24 12.12
C PRO E 47 21.86 -6.53 12.05
N THR E 48 23.07 -6.50 11.52
CA THR E 48 23.86 -7.71 11.32
C THR E 48 24.38 -8.35 12.55
N ASP E 49 24.86 -9.57 12.38
CA ASP E 49 25.45 -10.31 13.49
C ASP E 49 26.71 -9.69 14.15
N PRO E 50 26.56 -9.07 15.34
CA PRO E 50 27.80 -8.62 16.01
C PRO E 50 28.83 -9.73 16.14
N ASN E 51 28.37 -10.96 16.39
CA ASN E 51 29.20 -12.15 16.37
C ASN E 51 28.52 -13.22 15.53
N PRO E 52 29.16 -13.68 14.45
CA PRO E 52 28.53 -14.71 13.61
C PRO E 52 28.43 -16.04 14.34
N GLN E 53 27.24 -16.61 14.34
CA GLN E 53 26.98 -17.90 14.98
C GLN E 53 27.02 -19.00 13.93
N GLU E 54 27.98 -19.91 14.08
CA GLU E 54 28.11 -21.07 13.21
C GLU E 54 28.32 -22.30 14.08
N MET E 55 28.18 -23.47 13.46
CA MET E 55 28.42 -24.72 14.16
C MET E 55 28.70 -25.81 13.14
N HIS E 56 29.91 -26.36 13.17
CA HIS E 56 30.29 -27.40 12.23
C HIS E 56 29.52 -28.69 12.54
N LEU E 57 28.71 -29.12 11.58
CA LEU E 57 27.94 -30.37 11.70
C LEU E 57 28.87 -31.52 11.36
N LYS E 58 29.32 -32.24 12.39
CA LYS E 58 30.29 -33.30 12.21
C LYS E 58 29.62 -34.59 11.75
N ASN E 59 30.30 -35.31 10.86
CA ASN E 59 29.82 -36.58 10.32
C ASN E 59 28.47 -36.44 9.63
N VAL E 60 28.21 -35.28 9.02
CA VAL E 60 26.96 -35.00 8.33
C VAL E 60 27.28 -34.73 6.87
N THR E 61 26.66 -35.50 5.98
CA THR E 61 26.73 -35.27 4.55
C THR E 61 25.36 -34.85 4.05
N GLU E 62 25.29 -33.69 3.40
CA GLU E 62 24.04 -33.15 2.89
C GLU E 62 24.16 -32.92 1.38
N ASN E 63 23.07 -33.17 0.68
CA ASN E 63 23.04 -33.04 -0.77
C ASN E 63 22.58 -31.64 -1.15
N PHE E 64 23.39 -30.97 -1.97
CA PHE E 64 23.11 -29.61 -2.43
C PHE E 64 22.82 -29.62 -3.92
N ASN E 65 21.86 -28.81 -4.34
CA ASN E 65 21.55 -28.61 -5.75
C ASN E 65 21.34 -27.11 -5.96
N MET E 66 22.40 -26.43 -6.39
CA MET E 66 22.34 -24.97 -6.47
C MET E 66 21.34 -24.50 -7.53
N TRP E 67 20.96 -25.38 -8.44
CA TRP E 67 20.05 -24.99 -9.52
C TRP E 67 18.59 -25.15 -9.14
N LYS E 68 18.30 -25.76 -7.99
CA LYS E 68 16.95 -25.80 -7.44
C LYS E 68 16.86 -25.04 -6.12
N ASN E 69 17.86 -24.24 -5.80
CA ASN E 69 17.80 -23.40 -4.61
C ASN E 69 16.73 -22.33 -4.77
N ASN E 70 15.92 -22.15 -3.74
CA ASN E 70 14.91 -21.10 -3.72
C ASN E 70 15.44 -19.79 -3.16
N MET E 71 16.62 -19.82 -2.55
CA MET E 71 17.22 -18.60 -2.02
C MET E 71 17.52 -17.60 -3.13
N VAL E 72 18.01 -18.09 -4.27
CA VAL E 72 18.33 -17.20 -5.38
C VAL E 72 17.05 -16.61 -5.97
N GLU E 73 15.97 -17.40 -6.04
CA GLU E 73 14.70 -16.87 -6.52
C GLU E 73 14.15 -15.81 -5.58
N GLN E 74 14.24 -16.05 -4.27
CA GLN E 74 13.81 -15.05 -3.30
C GLN E 74 14.63 -13.78 -3.40
N MET E 75 15.95 -13.90 -3.59
CA MET E 75 16.78 -12.73 -3.77
C MET E 75 16.41 -11.98 -5.04
N GLN E 76 16.13 -12.71 -6.12
CA GLN E 76 15.67 -12.07 -7.35
C GLN E 76 14.43 -11.24 -7.11
N GLU E 77 13.41 -11.82 -6.48
CA GLU E 77 12.18 -11.08 -6.22
C GLU E 77 12.40 -9.91 -5.26
N ASP E 78 13.20 -10.09 -4.21
CA ASP E 78 13.47 -9.00 -3.28
C ASP E 78 14.20 -7.85 -3.96
N VAL E 79 15.18 -8.16 -4.81
CA VAL E 79 15.95 -7.12 -5.49
C VAL E 79 15.05 -6.36 -6.46
N ILE E 80 14.19 -7.08 -7.19
CA ILE E 80 13.26 -6.40 -8.09
C ILE E 80 12.32 -5.49 -7.30
N SER E 81 11.80 -5.98 -6.17
CA SER E 81 10.88 -5.17 -5.38
C SER E 81 11.57 -3.94 -4.80
N LEU E 82 12.80 -4.09 -4.32
CA LEU E 82 13.55 -2.95 -3.79
C LEU E 82 13.84 -1.93 -4.89
N TRP E 83 14.17 -2.41 -6.09
CA TRP E 83 14.38 -1.50 -7.22
C TRP E 83 13.11 -0.74 -7.54
N ASP E 84 11.96 -1.44 -7.55
CA ASP E 84 10.70 -0.80 -7.90
C ASP E 84 10.27 0.21 -6.86
N GLN E 85 10.42 -0.10 -5.56
CA GLN E 85 9.87 0.79 -4.54
C GLN E 85 10.68 2.06 -4.43
N SER E 86 11.95 2.02 -4.82
CA SER E 86 12.78 3.23 -4.78
C SER E 86 12.43 4.19 -5.91
N LEU E 87 11.61 3.76 -6.87
CA LEU E 87 11.24 4.58 -8.01
C LEU E 87 9.83 5.14 -7.91
N LYS E 88 9.12 4.86 -6.82
CA LYS E 88 7.76 5.38 -6.66
C LYS E 88 7.75 6.84 -6.21
N PRO E 89 8.58 7.25 -5.23
CA PRO E 89 8.60 8.68 -4.88
C PRO E 89 9.16 9.58 -5.98
N CYS E 90 9.87 9.01 -6.96
CA CYS E 90 10.65 9.83 -7.88
C CYS E 90 9.80 10.41 -9.00
N VAL E 91 10.41 11.34 -9.74
CA VAL E 91 9.72 12.04 -10.83
C VAL E 91 9.29 11.05 -11.90
N LYS E 92 8.17 11.35 -12.55
CA LYS E 92 7.69 10.57 -13.69
C LYS E 92 7.92 11.36 -14.96
N LEU E 93 8.73 10.81 -15.86
CA LEU E 93 9.16 11.52 -17.06
C LEU E 93 8.24 11.22 -18.25
N THR E 94 6.94 11.39 -18.00
CA THR E 94 5.97 11.27 -19.09
C THR E 94 6.01 12.44 -20.07
N PRO E 95 6.39 13.68 -19.71
CA PRO E 95 6.47 14.73 -20.72
C PRO E 95 7.59 14.52 -21.73
N LEU E 96 8.55 13.64 -21.46
CA LEU E 96 9.68 13.43 -22.36
C LEU E 96 9.34 12.57 -23.57
N CYS E 97 8.24 11.82 -23.53
CA CYS E 97 7.82 11.04 -24.70
C CYS E 97 7.25 12.02 -25.71
N VAL E 98 8.18 12.73 -26.36
CA VAL E 98 7.85 13.84 -27.26
C VAL E 98 8.76 13.73 -28.47
N THR E 99 8.34 14.34 -29.57
CA THR E 99 9.14 14.32 -30.79
C THR E 99 10.39 15.17 -30.59
N LEU E 100 11.58 14.60 -30.84
CA LEU E 100 12.87 15.30 -30.64
C LEU E 100 13.46 15.70 -32.00
N ASN E 101 14.00 16.90 -32.11
CA ASN E 101 14.63 17.52 -33.28
C ASN E 101 16.13 17.40 -33.06
N CYS E 102 16.64 16.28 -33.39
CA CYS E 102 18.04 16.02 -33.08
C CYS E 102 18.90 16.44 -34.26
N THR E 103 20.07 17.01 -33.98
CA THR E 103 20.99 17.41 -35.02
C THR E 103 22.01 16.31 -35.29
N ASP E 125 28.69 5.95 -27.23
CA ASP E 125 27.98 6.95 -26.44
C ASP E 125 28.13 8.33 -27.05
N ASP E 126 28.25 8.38 -28.37
CA ASP E 126 28.34 9.67 -29.05
C ASP E 126 27.01 10.39 -28.95
N VAL E 127 27.00 11.51 -28.23
CA VAL E 127 25.76 12.19 -27.92
C VAL E 127 25.15 12.81 -29.18
N ARG E 128 23.87 13.14 -29.10
CA ARG E 128 23.09 13.86 -30.14
C ARG E 128 22.47 15.10 -29.49
N ASN E 129 22.56 16.29 -30.07
CA ASN E 129 22.01 17.52 -29.51
C ASN E 129 20.58 17.67 -30.00
N CYS E 130 19.61 17.15 -29.18
CA CYS E 130 18.21 17.10 -29.57
C CYS E 130 17.48 18.31 -29.01
N SER E 131 16.49 18.78 -29.77
CA SER E 131 15.67 19.92 -29.39
C SER E 131 14.22 19.48 -29.28
N PHE E 132 13.61 19.77 -28.14
CA PHE E 132 12.20 19.46 -27.92
C PHE E 132 11.59 20.54 -27.04
N ASN E 133 10.39 20.95 -27.39
CA ASN E 133 9.64 21.94 -26.63
C ASN E 133 8.59 21.23 -25.79
N MET E 134 8.67 21.42 -24.48
CA MET E 134 8.08 20.57 -23.46
C MET E 134 7.40 21.45 -22.41
N THR E 135 6.75 20.80 -21.44
CA THR E 135 5.92 21.49 -20.47
C THR E 135 6.73 22.36 -19.53
N THR E 136 6.03 23.17 -18.75
CA THR E 136 6.57 24.11 -17.77
C THR E 136 5.80 23.91 -16.46
N GLU E 137 6.23 24.58 -15.39
CA GLU E 137 5.50 24.53 -14.13
C GLU E 137 4.03 24.91 -14.34
N LEU E 138 3.76 25.84 -15.25
CA LEU E 138 2.40 26.22 -15.59
C LEU E 138 1.88 25.34 -16.72
N ARG E 139 0.63 24.91 -16.60
CA ARG E 139 0.06 24.02 -17.61
C ARG E 139 -0.12 24.73 -18.94
N ASP E 140 -0.31 26.05 -18.92
CA ASP E 140 -0.48 26.79 -20.18
C ASP E 140 0.83 26.89 -20.94
N LYS E 141 1.91 27.26 -20.27
CA LYS E 141 3.14 27.65 -20.95
C LYS E 141 4.02 26.45 -21.23
N GLN E 142 4.76 26.52 -22.33
CA GLN E 142 5.69 25.48 -22.74
C GLN E 142 7.04 26.10 -23.04
N GLN E 143 8.11 25.39 -22.70
CA GLN E 143 9.47 25.86 -22.86
C GLN E 143 10.22 24.97 -23.85
N LYS E 144 10.90 25.59 -24.80
CA LYS E 144 11.77 24.84 -25.71
C LYS E 144 13.05 24.45 -24.99
N VAL E 145 13.39 23.17 -25.06
CA VAL E 145 14.49 22.61 -24.30
C VAL E 145 15.50 22.01 -25.25
N TYR E 146 16.78 22.21 -24.93
CA TYR E 146 17.88 21.58 -25.64
C TYR E 146 18.58 20.63 -24.68
N ALA E 147 18.71 19.37 -25.09
CA ALA E 147 19.31 18.35 -24.24
C ALA E 147 20.12 17.39 -25.10
N LEU E 148 21.27 16.98 -24.57
CA LEU E 148 22.16 16.06 -25.27
C LEU E 148 21.84 14.64 -24.87
N PHE E 149 21.26 13.89 -25.80
CA PHE E 149 20.81 12.52 -25.56
C PHE E 149 21.77 11.56 -26.22
N TYR E 150 22.08 10.46 -25.52
CA TYR E 150 22.98 9.45 -26.05
C TYR E 150 22.33 8.72 -27.22
N LYS E 151 23.17 8.27 -28.15
CA LYS E 151 22.66 7.62 -29.35
C LYS E 151 21.93 6.32 -29.01
N LEU E 152 22.26 5.70 -27.88
CA LEU E 152 21.66 4.42 -27.53
C LEU E 152 20.23 4.60 -27.03
N ASP E 153 19.96 5.72 -26.35
CA ASP E 153 18.60 5.96 -25.84
C ASP E 153 17.67 6.44 -26.94
N ILE E 154 18.23 6.86 -28.07
CA ILE E 154 17.48 7.55 -29.12
C ILE E 154 17.22 6.60 -30.27
N VAL E 155 15.94 6.50 -30.66
CA VAL E 155 15.52 5.65 -31.77
C VAL E 155 14.85 6.52 -32.84
N PRO E 156 15.23 6.38 -34.11
CA PRO E 156 14.61 7.20 -35.16
C PRO E 156 13.12 6.92 -35.29
N ILE E 157 12.38 7.94 -35.70
CA ILE E 157 10.97 7.83 -36.01
C ILE E 157 10.78 7.94 -37.52
N ASP E 158 9.92 7.08 -38.07
CA ASP E 158 9.71 7.07 -39.51
C ASP E 158 8.23 7.24 -39.85
N ASN E 167 19.48 17.12 -42.76
CA ASN E 167 19.80 17.46 -41.38
C ASN E 167 18.55 17.54 -40.51
N PHE E 168 18.77 17.63 -39.20
CA PHE E 168 17.69 17.85 -38.23
C PHE E 168 16.60 16.79 -38.34
N SER E 169 17.03 15.53 -38.37
CA SER E 169 16.08 14.43 -38.41
C SER E 169 15.36 14.30 -37.06
N GLU E 170 14.20 13.67 -37.10
CA GLU E 170 13.35 13.54 -35.92
C GLU E 170 13.51 12.18 -35.27
N TYR E 171 13.52 12.17 -33.94
CA TYR E 171 13.79 10.98 -33.15
C TYR E 171 12.83 10.92 -31.99
N ARG E 172 12.94 9.86 -31.17
CA ARG E 172 12.10 9.66 -30.00
C ARG E 172 12.79 8.75 -29.02
N LEU E 173 12.61 8.95 -27.72
CA LEU E 173 13.21 8.12 -26.70
C LEU E 173 12.83 6.66 -26.92
N ILE E 174 13.75 5.76 -26.59
CA ILE E 174 13.55 4.34 -26.89
C ILE E 174 12.42 3.75 -26.04
N ASN E 175 12.31 4.19 -24.78
CA ASN E 175 11.29 3.66 -23.88
C ASN E 175 10.08 4.58 -23.86
N CYS E 176 9.47 4.72 -25.04
CA CYS E 176 8.21 5.42 -25.20
C CYS E 176 7.10 4.58 -25.81
N ASN E 177 7.52 3.42 -26.46
CA ASN E 177 6.55 2.49 -26.99
C ASN E 177 6.42 1.23 -26.14
N THR E 178 7.15 1.18 -25.03
CA THR E 178 7.03 0.03 -24.13
C THR E 178 6.45 0.49 -22.82
N SER E 179 7.14 1.37 -22.11
CA SER E 179 6.79 1.79 -20.77
C SER E 179 7.01 3.30 -20.65
N VAL E 180 6.69 3.84 -19.49
CA VAL E 180 6.96 5.23 -19.15
C VAL E 180 8.08 5.25 -18.12
N ILE E 181 9.07 6.11 -18.33
CA ILE E 181 10.27 6.10 -17.49
C ILE E 181 10.06 7.02 -16.29
N LYS E 182 10.79 6.73 -15.22
CA LYS E 182 10.80 7.55 -14.02
C LYS E 182 12.24 7.90 -13.69
N GLN E 183 12.53 9.18 -13.54
CA GLN E 183 13.88 9.62 -13.22
C GLN E 183 14.30 9.06 -11.87
N ALA E 184 15.58 8.68 -11.77
CA ALA E 184 16.10 8.22 -10.48
C ALA E 184 16.16 9.37 -9.50
N CYS E 185 15.79 9.10 -8.26
CA CYS E 185 15.78 10.14 -7.24
C CYS E 185 17.20 10.64 -6.99
N PRO E 186 17.35 11.94 -6.70
CA PRO E 186 18.71 12.49 -6.54
C PRO E 186 19.43 11.93 -5.33
N LYS E 187 18.72 11.74 -4.21
CA LYS E 187 19.37 11.24 -3.00
C LYS E 187 19.63 9.74 -3.09
N VAL E 188 18.73 8.99 -3.72
CA VAL E 188 18.83 7.54 -3.82
C VAL E 188 20.15 7.14 -4.45
N SER E 189 20.91 6.29 -3.75
CA SER E 189 22.23 5.86 -4.18
C SER E 189 22.17 4.38 -4.59
N PHE E 190 22.99 4.04 -5.59
CA PHE E 190 22.98 2.70 -6.17
C PHE E 190 24.16 1.85 -5.68
N ASP E 191 24.84 2.27 -4.62
CA ASP E 191 25.99 1.52 -4.13
C ASP E 191 25.54 0.17 -3.58
N PRO E 192 26.02 -0.94 -4.13
CA PRO E 192 25.61 -2.25 -3.61
C PRO E 192 26.33 -2.60 -2.32
N ILE E 193 25.62 -2.58 -1.20
CA ILE E 193 26.22 -2.97 0.07
C ILE E 193 25.76 -4.38 0.40
N PRO E 194 26.52 -5.15 1.17
CA PRO E 194 26.16 -6.56 1.41
C PRO E 194 24.78 -6.70 2.04
N ILE E 195 24.06 -7.72 1.60
CA ILE E 195 22.76 -8.11 2.15
C ILE E 195 22.89 -9.53 2.68
N HIS E 196 22.66 -9.71 3.97
CA HIS E 196 22.70 -11.02 4.59
C HIS E 196 21.28 -11.56 4.71
N TYR E 197 21.09 -12.79 4.24
CA TYR E 197 19.79 -13.45 4.31
C TYR E 197 19.76 -14.39 5.50
N CYS E 198 19.01 -14.01 6.53
CA CYS E 198 18.92 -14.76 7.77
C CYS E 198 17.65 -15.60 7.78
N THR E 199 17.56 -16.50 8.75
CA THR E 199 16.43 -17.40 8.76
C THR E 199 15.63 -17.29 10.06
N PRO E 200 14.32 -17.48 10.01
CA PRO E 200 13.51 -17.39 11.23
C PRO E 200 13.83 -18.52 12.21
N ALA E 201 13.24 -18.41 13.39
CA ALA E 201 13.40 -19.45 14.40
C ALA E 201 12.72 -20.74 13.94
N GLY E 202 13.35 -21.87 14.24
CA GLY E 202 12.87 -23.15 13.79
C GLY E 202 13.40 -23.59 12.45
N TYR E 203 14.15 -22.74 11.76
CA TYR E 203 14.79 -23.07 10.50
C TYR E 203 16.29 -22.88 10.63
N ALA E 204 17.02 -23.37 9.64
CA ALA E 204 18.46 -23.23 9.63
C ALA E 204 18.95 -23.17 8.19
N ILE E 205 20.13 -22.59 8.00
CA ILE E 205 20.78 -22.51 6.71
C ILE E 205 22.03 -23.35 6.75
N LEU E 206 22.17 -24.26 5.80
CA LEU E 206 23.31 -25.17 5.74
C LEU E 206 24.31 -24.64 4.73
N ARG E 207 25.53 -24.39 5.19
CA ARG E 207 26.63 -23.93 4.35
C ARG E 207 27.54 -25.10 4.04
N CYS E 208 27.94 -25.23 2.78
CA CYS E 208 28.63 -26.45 2.35
C CYS E 208 30.05 -26.50 2.92
N ASN E 209 30.80 -25.41 2.80
CA ASN E 209 32.18 -25.34 3.30
C ASN E 209 33.11 -26.28 2.55
N ASP E 210 32.57 -27.07 1.63
CA ASP E 210 33.42 -27.95 0.85
C ASP E 210 34.06 -27.17 -0.30
N LYS E 211 35.33 -27.48 -0.56
CA LYS E 211 36.11 -26.75 -1.55
C LYS E 211 36.01 -27.43 -2.91
N LYS E 212 36.11 -26.60 -3.96
CA LYS E 212 35.90 -27.03 -5.33
C LYS E 212 34.51 -27.65 -5.52
N PHE E 213 33.55 -27.05 -4.82
CA PHE E 213 32.14 -27.52 -4.86
C PHE E 213 31.42 -26.85 -6.02
N ASN E 214 31.02 -27.63 -7.00
CA ASN E 214 30.30 -27.24 -8.20
C ASN E 214 28.80 -27.17 -8.00
N GLY E 215 28.35 -27.06 -6.76
CA GLY E 215 26.93 -26.78 -6.46
C GLY E 215 25.91 -27.86 -6.74
N THR E 216 26.33 -29.06 -7.11
CA THR E 216 25.46 -30.21 -7.29
C THR E 216 26.17 -31.44 -6.78
N GLY E 217 25.60 -32.07 -5.75
CA GLY E 217 26.13 -33.30 -5.23
C GLY E 217 26.31 -33.29 -3.73
N PRO E 218 26.89 -34.37 -3.19
CA PRO E 218 27.11 -34.45 -1.74
C PRO E 218 28.08 -33.38 -1.25
N CYS E 219 27.84 -32.91 -0.04
CA CYS E 219 28.75 -32.00 0.66
C CYS E 219 29.28 -32.73 1.88
N LYS E 220 30.60 -32.74 2.05
CA LYS E 220 31.24 -33.65 2.98
C LYS E 220 31.36 -33.12 4.41
N ASN E 221 31.41 -31.80 4.62
CA ASN E 221 31.17 -31.26 5.96
C ASN E 221 30.35 -29.96 5.87
N VAL E 222 29.03 -30.11 5.99
CA VAL E 222 28.17 -28.94 6.01
C VAL E 222 28.26 -28.25 7.36
N SER E 223 27.76 -27.02 7.41
CA SER E 223 27.72 -26.23 8.64
C SER E 223 26.44 -25.43 8.65
N SER E 224 25.87 -25.26 9.85
CA SER E 224 24.60 -24.57 10.02
C SER E 224 24.88 -23.14 10.47
N VAL E 225 24.42 -22.17 9.69
CA VAL E 225 24.63 -20.76 9.96
C VAL E 225 23.28 -20.08 10.07
N GLN E 226 23.22 -19.02 10.89
CA GLN E 226 21.99 -18.24 10.98
C GLN E 226 21.81 -17.35 9.75
N CYS E 227 22.87 -16.72 9.30
CA CYS E 227 22.82 -15.78 8.19
C CYS E 227 23.91 -16.11 7.19
N THR E 228 23.63 -15.82 5.91
CA THR E 228 24.63 -15.99 4.87
C THR E 228 25.66 -14.87 4.93
N HIS E 229 26.78 -15.08 4.23
CA HIS E 229 27.72 -13.99 4.01
C HIS E 229 27.04 -12.90 3.19
N GLY E 230 27.54 -11.68 3.33
CA GLY E 230 26.90 -10.55 2.67
C GLY E 230 26.99 -10.67 1.16
N ILE E 231 25.85 -10.86 0.50
CA ILE E 231 25.77 -10.90 -0.95
C ILE E 231 25.55 -9.48 -1.44
N LYS E 232 26.51 -8.94 -2.16
CA LYS E 232 26.37 -7.59 -2.70
C LYS E 232 25.51 -7.63 -3.96
N PRO E 233 24.41 -6.88 -4.00
CA PRO E 233 23.55 -6.92 -5.19
C PRO E 233 24.15 -6.16 -6.37
N VAL E 234 25.15 -6.76 -6.99
CA VAL E 234 25.79 -6.19 -8.19
C VAL E 234 25.10 -6.79 -9.41
N VAL E 235 24.60 -5.93 -10.28
CA VAL E 235 23.88 -6.34 -11.47
C VAL E 235 24.78 -6.11 -12.68
N SER E 236 25.27 -7.20 -13.26
CA SER E 236 26.15 -7.12 -14.41
C SER E 236 25.84 -8.28 -15.35
N THR E 237 26.14 -8.08 -16.63
CA THR E 237 25.66 -8.96 -17.69
C THR E 237 26.63 -10.05 -18.08
N GLN E 238 27.88 -9.69 -18.42
CA GLN E 238 28.83 -10.65 -18.95
C GLN E 238 29.98 -10.97 -17.99
N LEU E 239 30.24 -10.10 -17.02
CA LEU E 239 31.30 -10.32 -16.05
C LEU E 239 30.73 -10.11 -14.66
N LEU E 240 31.08 -11.00 -13.74
CA LEU E 240 30.63 -10.91 -12.36
C LEU E 240 31.65 -10.13 -11.55
N LEU E 241 31.27 -8.93 -11.15
CA LEU E 241 32.25 -8.06 -10.49
C LEU E 241 31.92 -8.00 -9.02
N ASN E 242 32.94 -7.80 -8.24
CA ASN E 242 32.95 -7.64 -6.79
C ASN E 242 32.38 -8.85 -6.05
N GLY E 243 32.25 -10.03 -6.66
CA GLY E 243 31.61 -11.14 -5.93
C GLY E 243 32.55 -11.91 -5.02
N SER E 244 32.10 -13.01 -4.36
CA SER E 244 32.97 -13.88 -3.59
C SER E 244 33.77 -14.76 -4.55
N LEU E 245 35.05 -14.96 -4.22
CA LEU E 245 35.95 -15.69 -5.08
C LEU E 245 36.30 -17.04 -4.46
N ALA E 246 36.55 -18.02 -5.32
CA ALA E 246 36.70 -19.40 -4.89
C ALA E 246 37.93 -19.58 -4.01
N GLU E 247 38.07 -20.77 -3.44
CA GLU E 247 39.10 -21.00 -2.45
C GLU E 247 40.36 -21.62 -3.05
N GLU E 248 40.23 -22.75 -3.74
CA GLU E 248 41.39 -23.47 -4.24
C GLU E 248 41.58 -23.42 -5.75
N GLY E 249 40.53 -23.22 -6.53
CA GLY E 249 40.69 -23.23 -7.96
C GLY E 249 39.49 -22.67 -8.68
N ILE E 250 39.61 -22.57 -10.00
CA ILE E 250 38.52 -22.07 -10.82
C ILE E 250 37.46 -23.15 -10.95
N ILE E 251 36.21 -22.79 -10.64
CA ILE E 251 35.10 -23.73 -10.58
C ILE E 251 34.11 -23.39 -11.67
N ILE E 252 33.73 -24.40 -12.45
CA ILE E 252 32.76 -24.25 -13.54
C ILE E 252 31.44 -24.83 -13.08
N ARG E 253 30.39 -24.00 -13.09
CA ARG E 253 29.07 -24.41 -12.64
C ARG E 253 28.06 -24.15 -13.76
N SER E 254 27.52 -25.22 -14.33
CA SER E 254 26.46 -25.10 -15.32
C SER E 254 25.32 -26.01 -14.90
N GLU E 255 24.10 -25.61 -15.26
CA GLU E 255 22.88 -26.36 -14.92
C GLU E 255 22.80 -27.69 -15.65
N ASN E 256 23.31 -27.74 -16.88
CA ASN E 256 23.38 -28.92 -17.72
C ASN E 256 24.54 -28.67 -18.70
N LEU E 257 25.68 -29.29 -18.46
CA LEU E 257 26.79 -29.06 -19.40
C LEU E 257 26.37 -29.48 -20.81
N THR E 258 25.72 -30.62 -21.00
CA THR E 258 25.43 -31.06 -22.35
C THR E 258 24.61 -30.01 -23.10
N ASN E 259 23.63 -29.40 -22.44
CA ASN E 259 22.82 -28.37 -23.07
C ASN E 259 23.65 -27.10 -23.26
N ASN E 260 23.59 -26.54 -24.46
CA ASN E 260 24.26 -25.28 -24.77
C ASN E 260 23.37 -24.08 -24.54
N ALA E 261 22.09 -24.28 -24.22
CA ALA E 261 21.21 -23.20 -23.81
C ALA E 261 21.33 -22.88 -22.33
N LYS E 262 22.19 -23.59 -21.61
CA LYS E 262 22.45 -23.36 -20.20
C LYS E 262 23.77 -22.63 -20.05
N THR E 263 23.75 -21.52 -19.33
CA THR E 263 24.89 -20.62 -19.24
C THR E 263 25.93 -21.18 -18.29
N ILE E 264 27.09 -21.54 -18.82
CA ILE E 264 28.21 -21.93 -17.98
C ILE E 264 28.62 -20.75 -17.10
N ILE E 265 28.74 -21.01 -15.80
CA ILE E 265 29.14 -19.99 -14.84
C ILE E 265 30.52 -20.35 -14.31
N VAL E 266 31.48 -19.47 -14.53
CA VAL E 266 32.87 -19.68 -14.11
C VAL E 266 33.11 -18.86 -12.86
N HIS E 267 33.73 -19.48 -11.86
CA HIS E 267 34.07 -18.83 -10.61
C HIS E 267 35.58 -18.68 -10.50
N PHE E 268 36.11 -17.52 -10.16
CA PHE E 268 37.58 -17.46 -10.20
C PHE E 268 38.15 -17.53 -8.80
N ASN E 269 39.26 -18.23 -8.61
CA ASN E 269 39.91 -18.23 -7.30
C ASN E 269 40.94 -17.12 -7.17
N GLU E 270 41.09 -16.40 -8.29
CA GLU E 270 41.93 -15.19 -8.48
C GLU E 270 41.04 -14.15 -9.17
N SER E 271 41.04 -12.90 -8.69
CA SER E 271 40.15 -11.87 -9.22
C SER E 271 40.95 -10.92 -10.10
N VAL E 272 40.56 -10.84 -11.38
CA VAL E 272 41.11 -9.83 -12.27
C VAL E 272 40.56 -8.46 -11.88
N LYS E 273 41.41 -7.44 -12.00
CA LYS E 273 41.07 -6.09 -11.56
C LYS E 273 40.74 -5.24 -12.77
N ILE E 274 39.58 -4.59 -12.75
CA ILE E 274 39.10 -3.77 -13.84
C ILE E 274 38.97 -2.33 -13.35
N ASN E 275 39.48 -1.39 -14.14
CA ASN E 275 39.45 0.02 -13.81
C ASN E 275 38.65 0.74 -14.89
N CYS E 276 37.48 1.25 -14.53
CA CYS E 276 36.55 1.86 -15.48
C CYS E 276 36.41 3.34 -15.15
N THR E 277 36.53 4.18 -16.18
CA THR E 277 36.57 5.63 -15.99
C THR E 277 35.76 6.31 -17.08
N ARG E 278 35.08 7.40 -16.70
CA ARG E 278 34.49 8.31 -17.66
C ARG E 278 35.18 9.66 -17.52
N PRO E 279 36.17 9.96 -18.34
CA PRO E 279 37.05 11.12 -18.11
C PRO E 279 36.49 12.47 -18.55
N SER E 280 35.18 12.58 -18.78
CA SER E 280 34.60 13.80 -19.31
C SER E 280 33.94 14.60 -18.19
N ASN E 281 34.39 15.83 -17.98
CA ASN E 281 33.69 16.75 -17.10
C ASN E 281 32.29 17.00 -17.67
N ASN E 282 31.27 16.61 -16.91
CA ASN E 282 29.89 16.74 -17.38
C ASN E 282 29.16 17.79 -16.55
N THR E 283 28.14 18.38 -17.16
CA THR E 283 27.34 19.40 -16.52
C THR E 283 25.91 18.90 -16.37
N ARG E 284 25.40 18.92 -15.14
CA ARG E 284 24.02 18.59 -14.84
C ARG E 284 23.23 19.88 -14.72
N THR E 285 22.36 20.13 -15.69
CA THR E 285 21.48 21.29 -15.66
C THR E 285 20.05 20.80 -15.46
N GLY E 286 19.41 21.27 -14.41
CA GLY E 286 18.08 20.80 -14.09
C GLY E 286 16.97 21.73 -14.50
N ILE E 287 16.18 21.33 -15.49
CA ILE E 287 15.03 22.12 -15.89
C ILE E 287 13.81 21.68 -15.09
N HIS E 288 12.79 22.54 -15.07
CA HIS E 288 11.57 22.30 -14.30
C HIS E 288 10.46 21.89 -15.25
N ILE E 289 9.97 20.67 -15.11
CA ILE E 289 8.94 20.12 -15.98
C ILE E 289 7.57 20.11 -15.32
N GLY E 290 7.45 20.64 -14.10
CA GLY E 290 6.20 20.65 -13.40
C GLY E 290 6.35 21.23 -12.01
N PRO E 291 5.30 21.18 -11.21
CA PRO E 291 5.36 21.71 -9.84
C PRO E 291 6.26 20.85 -8.97
N GLY E 292 7.44 21.37 -8.66
CA GLY E 292 8.39 20.67 -7.82
C GLY E 292 9.12 19.53 -8.49
N GLN E 293 8.98 19.36 -9.81
CA GLN E 293 9.61 18.28 -10.54
C GLN E 293 10.73 18.84 -11.40
N VAL E 294 11.95 18.36 -11.17
CA VAL E 294 13.14 18.83 -11.89
C VAL E 294 13.69 17.67 -12.69
N PHE E 295 13.85 17.88 -13.99
CA PHE E 295 14.42 16.88 -14.90
C PHE E 295 15.85 17.29 -15.21
N TYR E 296 16.80 16.47 -14.78
CA TYR E 296 18.22 16.78 -14.88
C TYR E 296 18.75 16.24 -16.20
N LYS E 297 19.04 17.13 -17.14
CA LYS E 297 19.55 16.77 -18.45
C LYS E 297 21.07 16.94 -18.48
N THR E 298 21.65 16.64 -19.63
CA THR E 298 23.09 16.76 -19.83
C THR E 298 23.37 18.02 -20.64
N GLY E 299 24.26 18.87 -20.12
CA GLY E 299 24.65 20.06 -20.85
C GLY E 299 25.80 19.77 -21.80
N ASP E 300 26.86 20.55 -21.71
CA ASP E 300 28.03 20.37 -22.56
C ASP E 300 29.22 19.96 -21.71
N ILE E 301 30.09 19.15 -22.32
CA ILE E 301 31.31 18.72 -21.65
C ILE E 301 32.28 19.89 -21.57
N ILE E 302 32.59 20.33 -20.35
CA ILE E 302 33.50 21.45 -20.18
C ILE E 302 34.94 20.92 -20.13
N GLY E 303 35.53 20.77 -21.31
CA GLY E 303 36.87 20.23 -21.42
C GLY E 303 36.98 19.36 -22.66
N ASP E 304 37.87 18.37 -22.57
CA ASP E 304 38.03 17.42 -23.66
C ASP E 304 36.87 16.43 -23.69
N ILE E 305 36.59 15.94 -24.89
CA ILE E 305 35.62 14.86 -25.07
C ILE E 305 36.38 13.55 -25.13
N ARG E 306 36.11 12.67 -24.17
CA ARG E 306 36.86 11.44 -23.99
C ARG E 306 35.91 10.27 -23.87
N LYS E 307 36.15 9.22 -24.67
CA LYS E 307 35.36 8.01 -24.56
C LYS E 307 35.62 7.31 -23.23
N ALA E 308 34.57 6.70 -22.69
CA ALA E 308 34.71 5.91 -21.48
C ALA E 308 35.33 4.56 -21.79
N TYR E 309 36.06 4.02 -20.82
CA TYR E 309 36.81 2.80 -21.07
C TYR E 309 36.98 2.04 -19.77
N CYS E 310 37.37 0.79 -19.90
CA CYS E 310 37.67 0.00 -18.71
C CYS E 310 38.99 -0.68 -19.04
N ASN E 311 39.95 -0.56 -18.14
CA ASN E 311 41.29 -1.13 -18.28
C ASN E 311 41.34 -2.47 -17.57
N ILE E 312 41.90 -3.47 -18.25
CA ILE E 312 42.11 -4.86 -17.75
C ILE E 312 43.52 -5.29 -18.13
N SER E 313 44.32 -5.68 -17.16
CA SER E 313 45.71 -6.13 -17.26
C SER E 313 45.78 -7.35 -18.16
N GLY E 314 46.56 -7.25 -19.23
CA GLY E 314 46.60 -8.32 -20.21
C GLY E 314 47.21 -9.60 -19.67
N ALA E 315 48.27 -9.49 -18.88
CA ALA E 315 48.92 -10.68 -18.34
C ALA E 315 48.00 -11.41 -17.37
N GLN E 316 47.39 -10.69 -16.43
CA GLN E 316 46.48 -11.30 -15.47
C GLN E 316 45.26 -11.90 -16.17
N TRP E 317 44.67 -11.15 -17.10
CA TRP E 317 43.50 -11.66 -17.80
C TRP E 317 43.83 -12.91 -18.60
N HIS E 318 44.97 -12.92 -19.30
CA HIS E 318 45.33 -14.09 -20.08
C HIS E 318 45.70 -15.28 -19.22
N LYS E 319 46.33 -15.06 -18.07
CA LYS E 319 46.59 -16.15 -17.14
C LYS E 319 45.28 -16.78 -16.65
N VAL E 320 44.37 -15.94 -16.16
CA VAL E 320 43.11 -16.44 -15.63
C VAL E 320 42.29 -17.11 -16.74
N LEU E 321 42.33 -16.54 -17.95
CA LEU E 321 41.59 -17.12 -19.06
C LEU E 321 42.20 -18.44 -19.51
N GLY E 322 43.52 -18.59 -19.43
CA GLY E 322 44.13 -19.88 -19.72
C GLY E 322 43.74 -20.93 -18.71
N ARG E 323 43.68 -20.55 -17.44
CA ARG E 323 43.25 -21.53 -16.44
C ARG E 323 41.77 -21.88 -16.59
N VAL E 324 40.94 -20.91 -16.95
CA VAL E 324 39.54 -21.19 -17.28
C VAL E 324 39.46 -22.14 -18.47
N ALA E 325 40.30 -21.92 -19.48
CA ALA E 325 40.31 -22.80 -20.64
C ALA E 325 40.73 -24.21 -20.25
N ASN E 326 41.68 -24.34 -19.33
CA ASN E 326 42.08 -25.67 -18.85
C ASN E 326 40.92 -26.37 -18.16
N LYS E 327 40.18 -25.65 -17.31
CA LYS E 327 39.03 -26.26 -16.64
C LYS E 327 37.95 -26.64 -17.65
N LEU E 328 37.74 -25.79 -18.65
CA LEU E 328 36.77 -26.10 -19.70
C LEU E 328 37.21 -27.31 -20.51
N LYS E 329 38.51 -27.48 -20.74
CA LYS E 329 39.01 -28.68 -21.39
C LYS E 329 38.75 -29.91 -20.54
N GLU E 330 38.92 -29.78 -19.23
CA GLU E 330 38.60 -30.89 -18.33
C GLU E 330 37.12 -31.28 -18.43
N HIS E 331 36.24 -30.29 -18.46
CA HIS E 331 34.81 -30.57 -18.49
C HIS E 331 34.25 -30.83 -19.89
N PHE E 332 35.03 -30.64 -20.95
CA PHE E 332 34.52 -30.75 -22.31
C PHE E 332 35.37 -31.69 -23.16
N ASN E 333 35.82 -32.79 -22.57
CA ASN E 333 36.43 -33.91 -23.32
C ASN E 333 37.69 -33.49 -24.08
N ASN E 334 38.51 -32.64 -23.47
CA ASN E 334 39.82 -32.26 -24.01
C ASN E 334 39.68 -31.76 -25.44
N LYS E 335 39.00 -30.63 -25.58
CA LYS E 335 38.88 -29.93 -26.85
C LYS E 335 39.50 -28.56 -26.73
N THR E 336 40.03 -28.05 -27.84
CA THR E 336 40.58 -26.70 -27.83
C THR E 336 39.48 -25.68 -27.60
N ILE E 337 39.68 -24.81 -26.61
CA ILE E 337 38.64 -23.90 -26.14
C ILE E 337 38.84 -22.56 -26.85
N VAL E 338 37.84 -22.16 -27.62
CA VAL E 338 37.91 -20.96 -28.45
C VAL E 338 36.94 -19.94 -27.87
N PHE E 339 37.46 -18.95 -27.15
CA PHE E 339 36.65 -17.82 -26.77
C PHE E 339 36.49 -16.88 -27.96
N LYS E 340 35.26 -16.50 -28.25
CA LYS E 340 34.94 -15.63 -29.37
C LYS E 340 34.05 -14.50 -28.89
N PRO E 341 34.09 -13.35 -29.55
CA PRO E 341 33.28 -12.21 -29.11
C PRO E 341 31.79 -12.53 -29.12
N SER E 342 31.04 -11.72 -28.40
CA SER E 342 29.60 -11.94 -28.28
C SER E 342 28.93 -11.85 -29.64
N SER E 343 27.78 -12.51 -29.76
CA SER E 343 27.11 -12.63 -31.05
C SER E 343 26.71 -11.27 -31.61
N GLY E 344 26.17 -10.40 -30.76
CA GLY E 344 25.75 -9.09 -31.21
C GLY E 344 24.24 -8.92 -31.20
N GLY E 345 23.78 -7.68 -31.06
CA GLY E 345 22.37 -7.41 -31.00
C GLY E 345 22.00 -6.35 -29.99
N ASP E 346 21.09 -6.69 -29.07
CA ASP E 346 20.65 -5.74 -28.06
C ASP E 346 21.82 -5.35 -27.16
N PRO E 347 22.05 -4.06 -26.93
CA PRO E 347 23.22 -3.65 -26.13
C PRO E 347 23.24 -4.22 -24.73
N GLU E 348 22.08 -4.37 -24.09
CA GLU E 348 22.05 -4.99 -22.77
C GLU E 348 22.47 -6.45 -22.83
N ILE E 349 22.05 -7.16 -23.88
CA ILE E 349 22.30 -8.59 -23.96
C ILE E 349 23.76 -8.88 -24.27
N THR E 350 24.34 -8.19 -25.27
CA THR E 350 25.60 -8.57 -25.86
C THR E 350 26.74 -7.62 -25.53
N MET E 351 26.62 -6.84 -24.45
CA MET E 351 27.67 -5.90 -24.09
C MET E 351 27.73 -5.80 -22.57
N HIS E 352 28.95 -5.68 -22.04
CA HIS E 352 29.15 -5.73 -20.59
C HIS E 352 28.50 -4.52 -19.93
N HIS E 353 27.53 -4.80 -19.05
CA HIS E 353 26.75 -3.78 -18.38
C HIS E 353 27.09 -3.77 -16.89
N PHE E 354 27.21 -2.57 -16.32
CA PHE E 354 27.38 -2.41 -14.89
C PHE E 354 27.08 -0.96 -14.52
N ASN E 355 27.33 -0.62 -13.26
CA ASN E 355 26.96 0.68 -12.70
C ASN E 355 28.17 1.21 -11.93
N CYS E 356 28.79 2.26 -12.46
CA CYS E 356 30.04 2.76 -11.88
C CYS E 356 29.79 3.62 -10.65
N ARG E 357 29.19 4.79 -10.84
CA ARG E 357 28.85 5.68 -9.73
C ARG E 357 27.47 6.29 -9.96
N GLY E 358 26.55 5.50 -10.49
CA GLY E 358 25.26 5.99 -10.93
C GLY E 358 25.15 6.17 -12.43
N GLU E 359 26.24 6.01 -13.17
CA GLU E 359 26.24 6.02 -14.62
C GLU E 359 26.44 4.59 -15.10
N PHE E 360 25.57 4.13 -15.98
CA PHE E 360 25.50 2.73 -16.37
C PHE E 360 26.31 2.50 -17.64
N PHE E 361 27.42 1.77 -17.51
CA PHE E 361 28.39 1.60 -18.58
C PHE E 361 28.08 0.32 -19.34
N TYR E 362 27.86 0.44 -20.64
CA TYR E 362 27.71 -0.70 -21.54
C TYR E 362 29.03 -0.91 -22.28
N CYS E 363 29.97 -1.68 -21.72
CA CYS E 363 31.30 -1.86 -22.40
C CYS E 363 31.28 -2.83 -23.60
N ASN E 364 32.27 -2.71 -24.51
CA ASN E 364 32.47 -3.56 -25.67
C ASN E 364 33.66 -4.45 -25.36
N THR E 365 33.35 -5.71 -25.15
CA THR E 365 34.26 -6.72 -24.56
C THR E 365 34.84 -7.72 -25.55
N THR E 366 35.03 -7.39 -26.82
CA THR E 366 35.62 -8.18 -27.90
C THR E 366 37.12 -8.37 -27.71
N LYS E 367 37.80 -7.37 -27.16
CA LYS E 367 39.22 -7.52 -26.88
C LYS E 367 39.47 -8.56 -25.80
N LEU E 368 38.62 -8.60 -24.78
CA LEU E 368 38.78 -9.59 -23.72
C LEU E 368 38.50 -11.00 -24.18
N PHE E 369 37.49 -11.26 -25.00
CA PHE E 369 37.24 -12.67 -25.36
C PHE E 369 37.54 -12.88 -26.84
N ASN E 370 38.78 -13.21 -27.20
CA ASN E 370 39.18 -13.35 -28.59
C ASN E 370 40.04 -14.58 -28.82
N SER E 371 40.78 -14.94 -27.78
CA SER E 371 41.80 -16.00 -27.90
C SER E 371 41.19 -17.36 -28.18
N THR E 372 42.08 -18.28 -28.49
CA THR E 372 41.87 -19.73 -28.63
C THR E 372 43.01 -20.45 -27.93
N TRP E 373 42.69 -21.53 -27.22
CA TRP E 373 43.65 -22.22 -26.38
C TRP E 373 43.73 -23.68 -26.77
N GLY E 374 44.94 -24.20 -26.87
CA GLY E 374 45.16 -25.59 -27.25
C GLY E 374 45.60 -25.76 -28.68
N THR E 380 52.26 -15.48 -27.32
CA THR E 380 51.10 -15.58 -28.18
C THR E 380 50.16 -14.40 -27.91
N ARG E 381 50.13 -13.96 -26.65
CA ARG E 381 49.26 -12.87 -26.23
C ARG E 381 50.10 -11.77 -25.61
N ASP E 382 49.56 -10.55 -25.61
CA ASP E 382 50.24 -9.42 -25.02
C ASP E 382 50.21 -9.51 -23.50
N ASN E 383 50.89 -8.57 -22.86
CA ASN E 383 50.97 -8.49 -21.41
C ASN E 383 50.75 -7.07 -20.91
N GLY E 384 50.01 -6.28 -21.70
CA GLY E 384 49.76 -4.90 -21.36
C GLY E 384 48.28 -4.64 -21.15
N THR E 385 47.98 -3.43 -20.70
CA THR E 385 46.61 -3.06 -20.36
C THR E 385 45.69 -3.19 -21.58
N ILE E 386 44.54 -3.82 -21.36
CA ILE E 386 43.52 -3.97 -22.39
C ILE E 386 42.44 -2.93 -22.14
N THR E 387 42.37 -1.93 -23.01
CA THR E 387 41.41 -0.84 -22.88
C THR E 387 40.23 -1.13 -23.81
N ILE E 388 39.05 -1.25 -23.23
CA ILE E 388 37.84 -1.65 -23.97
C ILE E 388 36.90 -0.45 -24.02
N PRO E 389 36.30 -0.15 -25.17
CA PRO E 389 35.37 0.98 -25.24
C PRO E 389 34.12 0.74 -24.42
N CYS E 390 33.56 1.81 -23.87
CA CYS E 390 32.33 1.75 -23.10
C CYS E 390 31.38 2.84 -23.58
N ARG E 391 30.09 2.53 -23.56
CA ARG E 391 29.05 3.46 -23.97
C ARG E 391 28.08 3.67 -22.81
N ILE E 392 27.92 4.93 -22.39
CA ILE E 392 27.01 5.22 -21.30
C ILE E 392 25.58 5.34 -21.83
N LYS E 393 24.64 4.82 -21.04
CA LYS E 393 23.23 4.95 -21.33
C LYS E 393 22.55 5.67 -20.18
N GLN E 394 21.36 6.20 -20.45
CA GLN E 394 20.59 6.88 -19.43
C GLN E 394 19.21 6.28 -19.21
N ILE E 395 18.59 5.74 -20.25
CA ILE E 395 17.32 5.02 -20.10
C ILE E 395 17.69 3.55 -20.04
N ILE E 396 17.75 3.02 -18.84
CA ILE E 396 18.20 1.65 -18.62
C ILE E 396 16.99 0.77 -18.36
N ASN E 397 17.02 -0.52 -18.67
CA ASN E 397 15.93 -1.45 -18.32
C ASN E 397 16.69 -2.69 -17.91
N MET E 398 17.26 -2.69 -16.69
CA MET E 398 18.15 -3.76 -16.26
C MET E 398 17.55 -5.12 -16.21
N TRP E 399 16.49 -5.25 -15.41
CA TRP E 399 15.75 -6.52 -15.31
C TRP E 399 14.87 -6.49 -16.53
N GLN E 400 15.06 -7.43 -17.43
CA GLN E 400 14.48 -7.25 -18.73
C GLN E 400 12.98 -7.30 -18.77
N GLY E 401 12.35 -6.18 -18.46
CA GLY E 401 10.92 -6.09 -18.48
C GLY E 401 10.23 -6.56 -17.23
N VAL E 402 10.98 -7.09 -16.28
CA VAL E 402 10.41 -7.54 -15.03
C VAL E 402 10.46 -6.37 -14.09
N GLY E 403 11.53 -5.60 -14.16
CA GLY E 403 11.69 -4.49 -13.26
C GLY E 403 11.54 -3.18 -13.95
N GLN E 404 11.25 -2.14 -13.20
CA GLN E 404 10.97 -0.86 -13.80
C GLN E 404 12.00 -0.08 -14.63
N ALA E 405 11.68 0.27 -15.87
CA ALA E 405 12.51 1.16 -16.67
C ALA E 405 12.59 2.53 -16.00
N MET E 406 13.81 3.07 -15.95
CA MET E 406 14.03 4.36 -15.32
C MET E 406 14.98 5.19 -16.17
N TYR E 407 15.23 6.41 -15.73
CA TYR E 407 16.15 7.33 -16.38
C TYR E 407 17.18 7.79 -15.36
N ALA E 408 18.46 7.63 -15.70
CA ALA E 408 19.53 7.94 -14.77
C ALA E 408 20.01 9.37 -14.96
N PRO E 409 19.83 10.25 -13.99
CA PRO E 409 20.33 11.61 -14.15
C PRO E 409 21.84 11.62 -14.25
N PRO E 410 22.40 12.59 -14.98
CA PRO E 410 23.86 12.62 -15.16
C PRO E 410 24.59 12.87 -13.85
N ILE E 411 25.82 12.37 -13.78
CA ILE E 411 26.73 12.65 -12.68
C ILE E 411 27.72 13.70 -13.16
N LYS E 412 27.79 14.82 -12.45
CA LYS E 412 28.50 15.99 -12.98
C LYS E 412 30.01 15.76 -13.06
N GLY E 413 30.61 15.24 -12.00
CA GLY E 413 32.05 15.11 -11.93
C GLY E 413 32.58 13.97 -12.78
N VAL E 414 33.90 13.83 -12.76
CA VAL E 414 34.54 12.69 -13.40
C VAL E 414 34.45 11.48 -12.48
N ILE E 415 33.92 10.38 -13.00
CA ILE E 415 33.62 9.20 -12.19
C ILE E 415 34.66 8.13 -12.49
N LYS E 416 35.15 7.49 -11.44
CA LYS E 416 36.12 6.41 -11.54
C LYS E 416 35.82 5.37 -10.48
N CYS E 417 35.67 4.11 -10.89
CA CYS E 417 35.31 3.03 -9.97
C CYS E 417 36.27 1.87 -10.15
N LEU E 418 36.61 1.24 -9.04
CA LEU E 418 37.64 0.20 -8.97
C LEU E 418 37.00 -1.09 -8.48
N SER E 419 36.98 -2.12 -9.32
CA SER E 419 36.24 -3.33 -9.01
C SER E 419 37.02 -4.55 -9.49
N ASN E 420 36.74 -5.70 -8.86
CA ASN E 420 37.36 -6.97 -9.19
C ASN E 420 36.50 -7.69 -10.21
N ILE E 421 37.12 -8.59 -10.98
CA ILE E 421 36.37 -9.54 -11.79
C ILE E 421 36.49 -10.90 -11.10
N THR E 422 35.37 -11.44 -10.63
CA THR E 422 35.39 -12.69 -9.89
C THR E 422 34.61 -13.80 -10.59
N GLY E 423 34.30 -13.63 -11.87
CA GLY E 423 33.64 -14.69 -12.61
C GLY E 423 33.25 -14.25 -13.99
N ILE E 424 32.88 -15.23 -14.81
CA ILE E 424 32.42 -15.02 -16.17
C ILE E 424 31.14 -15.80 -16.38
N LEU E 425 30.31 -15.34 -17.30
CA LEU E 425 29.13 -16.07 -17.75
C LEU E 425 29.30 -16.38 -19.22
N LEU E 426 29.46 -17.65 -19.55
CA LEU E 426 29.73 -18.09 -20.91
C LEU E 426 28.48 -18.77 -21.49
N THR E 427 28.54 -19.04 -22.79
CA THR E 427 27.45 -19.71 -23.49
C THR E 427 28.01 -20.42 -24.71
N ARG E 428 27.99 -21.76 -24.68
CA ARG E 428 28.54 -22.55 -25.75
C ARG E 428 27.72 -22.41 -27.02
N ASP E 429 28.39 -22.58 -28.16
CA ASP E 429 27.73 -22.52 -29.45
C ASP E 429 27.16 -23.89 -29.82
N GLY E 430 26.06 -23.88 -30.56
CA GLY E 430 25.41 -25.11 -30.97
C GLY E 430 26.06 -25.72 -32.19
N GLY E 431 25.30 -26.59 -32.84
CA GLY E 431 25.77 -27.26 -34.04
C GLY E 431 25.21 -26.69 -35.32
N ASN E 437 35.48 -30.59 -33.41
CA ASN E 437 36.93 -30.44 -33.22
C ASN E 437 37.24 -29.51 -32.05
N ASN E 438 36.41 -28.48 -31.89
CA ASN E 438 36.60 -27.48 -30.85
C ASN E 438 35.25 -26.98 -30.36
N GLU E 439 35.25 -26.42 -29.15
CA GLU E 439 34.07 -25.82 -28.55
C GLU E 439 34.30 -24.33 -28.41
N THR E 440 33.33 -23.53 -28.87
CA THR E 440 33.45 -22.08 -28.87
C THR E 440 32.54 -21.51 -27.78
N PHE E 441 33.11 -20.68 -26.92
CA PHE E 441 32.40 -20.12 -25.76
C PHE E 441 32.32 -18.60 -25.90
N ARG E 442 31.20 -18.11 -26.40
CA ARG E 442 30.94 -16.68 -26.40
C ARG E 442 30.60 -16.21 -25.00
N PRO E 443 30.98 -14.99 -24.62
CA PRO E 443 30.47 -14.41 -23.37
C PRO E 443 28.99 -14.10 -23.50
N GLY E 444 28.39 -13.77 -22.37
CA GLY E 444 26.97 -13.49 -22.38
C GLY E 444 26.34 -13.90 -21.06
N GLY E 445 25.31 -14.73 -21.17
CA GLY E 445 24.64 -15.21 -19.98
C GLY E 445 23.17 -15.44 -20.27
N GLY E 446 22.42 -15.64 -19.19
CA GLY E 446 21.01 -15.94 -19.28
C GLY E 446 20.19 -15.11 -18.32
N ASN E 447 19.43 -15.77 -17.45
CA ASN E 447 18.64 -15.07 -16.44
C ASN E 447 19.55 -14.18 -15.59
N ILE E 448 18.93 -13.16 -14.99
CA ILE E 448 19.68 -12.22 -14.16
C ILE E 448 20.03 -12.87 -12.82
N LYS E 449 19.44 -14.02 -12.51
CA LYS E 449 19.74 -14.71 -11.26
C LYS E 449 21.17 -15.20 -11.23
N ASP E 450 21.78 -15.46 -12.39
CA ASP E 450 23.10 -16.08 -12.44
C ASP E 450 24.18 -15.23 -11.77
N ASN E 451 23.93 -13.93 -11.58
CA ASN E 451 24.88 -13.12 -10.83
C ASN E 451 24.99 -13.59 -9.39
N TRP E 452 23.88 -14.02 -8.79
CA TRP E 452 23.83 -14.42 -7.39
C TRP E 452 23.80 -15.94 -7.23
N ARG E 453 24.14 -16.70 -8.26
CA ARG E 453 24.32 -18.14 -8.12
C ARG E 453 25.75 -18.52 -7.83
N ASN E 454 26.68 -17.58 -7.84
CA ASN E 454 28.00 -17.80 -7.26
C ASN E 454 28.06 -17.40 -5.79
N GLU E 455 26.99 -16.82 -5.27
CA GLU E 455 26.91 -16.42 -3.87
C GLU E 455 26.04 -17.34 -3.03
N LEU E 456 24.84 -17.65 -3.50
CA LEU E 456 23.90 -18.50 -2.77
C LEU E 456 23.93 -19.95 -3.22
N TYR E 457 25.04 -20.38 -3.84
CA TYR E 457 25.11 -21.76 -4.31
C TYR E 457 25.36 -22.73 -3.16
N LYS E 458 26.13 -22.32 -2.17
CA LYS E 458 26.52 -23.19 -1.07
C LYS E 458 25.54 -23.15 0.10
N TYR E 459 24.51 -22.31 0.04
CA TYR E 459 23.57 -22.15 1.14
C TYR E 459 22.29 -22.90 0.82
N LYS E 460 21.83 -23.71 1.76
CA LYS E 460 20.61 -24.47 1.63
C LYS E 460 19.77 -24.22 2.88
N VAL E 461 18.55 -23.75 2.68
CA VAL E 461 17.64 -23.45 3.78
C VAL E 461 16.87 -24.72 4.13
N VAL E 462 16.88 -25.07 5.41
CA VAL E 462 16.35 -26.34 5.88
C VAL E 462 15.50 -26.08 7.12
N GLN E 463 14.53 -26.96 7.35
CA GLN E 463 13.54 -26.80 8.41
C GLN E 463 13.83 -27.80 9.52
N ILE E 464 13.89 -27.30 10.76
CA ILE E 464 14.23 -28.12 11.92
C ILE E 464 12.96 -28.69 12.52
N GLU E 465 12.95 -29.99 12.78
CA GLU E 465 11.87 -30.65 13.49
C GLU E 465 12.36 -31.10 14.85
N PRO E 466 12.00 -30.43 15.94
CA PRO E 466 12.66 -30.70 17.23
C PRO E 466 11.98 -31.75 18.10
N LEU E 467 10.95 -32.43 17.60
CA LEU E 467 10.25 -33.44 18.37
C LEU E 467 10.71 -34.83 17.93
N GLY E 468 11.04 -35.67 18.90
CA GLY E 468 11.53 -37.00 18.60
C GLY E 468 10.98 -38.02 19.58
N ILE E 469 10.79 -39.24 19.07
CA ILE E 469 10.30 -40.36 19.85
C ILE E 469 11.31 -41.50 19.74
N ALA E 470 11.75 -41.99 20.89
CA ALA E 470 12.71 -43.08 20.95
C ALA E 470 12.37 -43.96 22.14
N PRO E 471 12.59 -45.27 22.04
CA PRO E 471 12.27 -46.16 23.15
C PRO E 471 13.38 -46.26 24.18
N THR E 472 13.07 -45.92 25.43
CA THR E 472 13.99 -46.10 26.55
C THR E 472 13.35 -47.01 27.57
N LYS E 473 14.04 -47.20 28.70
CA LYS E 473 13.61 -48.19 29.68
C LYS E 473 12.75 -47.56 30.77
N CYS E 474 12.75 -46.24 30.87
CA CYS E 474 11.96 -45.57 31.91
C CYS E 474 10.48 -45.61 31.57
N LYS E 475 9.64 -45.76 32.61
CA LYS E 475 8.24 -46.09 32.40
C LYS E 475 7.29 -45.30 33.30
N ARG E 476 7.55 -44.02 33.53
CA ARG E 476 6.67 -43.19 34.36
C ARG E 476 6.29 -41.92 33.62
N ARG E 477 5.08 -41.44 33.87
CA ARG E 477 4.63 -40.11 33.46
C ARG E 477 4.60 -39.94 31.95
N GLY F 10 15.24 -27.38 18.91
CA GLY F 10 16.01 -27.77 17.74
C GLY F 10 17.46 -27.37 17.84
N PHE F 11 18.33 -28.32 18.15
CA PHE F 11 19.76 -28.08 18.31
C PHE F 11 20.52 -28.97 17.33
N LEU F 12 20.81 -28.42 16.16
CA LEU F 12 21.76 -29.08 15.26
C LEU F 12 23.14 -29.09 15.89
N GLY F 13 24.05 -29.79 15.23
CA GLY F 13 25.30 -30.08 15.90
C GLY F 13 25.19 -31.35 16.72
N ALA F 14 26.21 -32.20 16.61
CA ALA F 14 26.13 -33.60 17.03
C ALA F 14 24.94 -34.28 16.36
N ALA F 15 24.73 -33.94 15.08
CA ALA F 15 23.69 -34.52 14.26
C ALA F 15 24.17 -35.71 13.44
N GLY F 16 25.48 -35.89 13.31
CA GLY F 16 26.03 -37.11 12.75
C GLY F 16 26.35 -38.07 13.87
N SER F 17 26.30 -37.56 15.09
CA SER F 17 26.47 -38.41 16.26
C SER F 17 25.26 -39.32 16.45
N THR F 18 25.54 -40.56 16.83
CA THR F 18 24.48 -41.53 17.09
C THR F 18 23.61 -41.06 18.25
N MET F 19 22.49 -41.77 18.44
CA MET F 19 21.51 -41.35 19.43
C MET F 19 22.08 -41.34 20.84
N GLY F 20 22.86 -42.36 21.20
CA GLY F 20 23.43 -42.41 22.54
C GLY F 20 24.33 -41.24 22.84
N ALA F 21 25.21 -40.88 21.89
CA ALA F 21 26.11 -39.76 22.10
C ALA F 21 25.39 -38.43 21.98
N ALA F 22 24.40 -38.35 21.08
CA ALA F 22 23.73 -37.08 20.82
C ALA F 22 22.79 -36.71 21.96
N SER F 23 22.12 -37.70 22.56
CA SER F 23 21.18 -37.42 23.64
C SER F 23 21.87 -36.76 24.82
N ILE F 24 23.15 -37.10 25.06
CA ILE F 24 23.92 -36.41 26.09
C ILE F 24 24.15 -34.96 25.71
N THR F 25 24.35 -34.69 24.42
CA THR F 25 24.71 -33.35 23.95
C THR F 25 23.49 -32.45 23.77
N LEU F 26 22.32 -32.87 24.22
CA LEU F 26 21.18 -31.96 24.32
C LEU F 26 21.41 -31.05 25.51
N THR F 27 21.44 -29.74 25.26
CA THR F 27 22.01 -28.78 26.21
C THR F 27 21.16 -27.53 26.31
N VAL F 28 21.75 -26.47 26.87
CA VAL F 28 21.05 -25.21 27.11
C VAL F 28 20.45 -24.73 25.79
N GLN F 29 19.12 -24.67 25.73
CA GLN F 29 18.44 -24.26 24.51
C GLN F 29 18.68 -22.79 24.20
N ALA F 30 18.61 -21.94 25.22
CA ALA F 30 18.80 -20.50 25.06
C ALA F 30 19.79 -20.00 26.11
N ARG F 31 20.77 -19.23 25.64
CA ARG F 31 21.82 -18.68 26.50
C ARG F 31 22.58 -19.79 27.24
N LEU F 57 5.41 0.62 4.87
CA LEU F 57 5.72 -0.75 4.50
C LEU F 57 6.97 -0.83 3.65
N THR F 58 7.69 -1.94 3.77
CA THR F 58 8.93 -2.17 3.03
C THR F 58 9.02 -3.66 2.76
N VAL F 59 9.89 -4.03 1.81
CA VAL F 59 10.10 -5.43 1.49
C VAL F 59 10.53 -6.21 2.73
N TRP F 60 11.40 -5.61 3.54
CA TRP F 60 11.83 -6.27 4.76
C TRP F 60 10.79 -6.10 5.88
N GLY F 61 9.80 -5.23 5.65
CA GLY F 61 8.79 -5.00 6.68
C GLY F 61 7.92 -6.21 6.93
N ILE F 62 7.49 -6.88 5.85
CA ILE F 62 6.57 -8.01 5.99
C ILE F 62 7.33 -9.32 6.09
N LYS F 63 8.55 -9.38 5.54
CA LYS F 63 9.36 -10.58 5.63
C LYS F 63 9.67 -10.94 7.07
N GLN F 64 9.89 -9.93 7.91
CA GLN F 64 10.14 -10.17 9.32
C GLN F 64 8.87 -10.60 10.05
N LEU F 65 7.75 -9.92 9.76
CA LEU F 65 6.52 -10.17 10.51
C LEU F 65 5.95 -11.54 10.21
N GLN F 66 5.90 -11.93 8.92
CA GLN F 66 5.36 -13.25 8.58
C GLN F 66 6.22 -14.35 9.18
N ALA F 67 7.54 -14.20 9.13
CA ALA F 67 8.44 -15.19 9.72
C ALA F 67 8.23 -15.28 11.22
N ARG F 68 8.09 -14.14 11.90
CA ARG F 68 7.89 -14.16 13.34
C ARG F 68 6.59 -14.86 13.71
N VAL F 69 5.51 -14.57 12.99
CA VAL F 69 4.24 -15.21 13.29
C VAL F 69 4.31 -16.70 13.04
N LEU F 70 4.94 -17.13 11.94
CA LEU F 70 5.06 -18.55 11.66
C LEU F 70 5.90 -19.26 12.73
N ALA F 71 6.99 -18.63 13.16
CA ALA F 71 7.82 -19.24 14.20
C ALA F 71 7.05 -19.36 15.51
N VAL F 72 6.30 -18.32 15.88
CA VAL F 72 5.50 -18.38 17.10
C VAL F 72 4.47 -19.50 17.02
N GLU F 73 3.78 -19.60 15.88
CA GLU F 73 2.79 -20.65 15.71
C GLU F 73 3.38 -22.05 15.71
N ARG F 74 4.59 -22.22 15.19
CA ARG F 74 5.26 -23.52 15.23
C ARG F 74 5.72 -23.88 16.64
N TYR F 75 6.29 -22.93 17.37
CA TYR F 75 6.69 -23.18 18.75
C TYR F 75 5.50 -23.54 19.61
N LEU F 76 4.40 -22.80 19.46
CA LEU F 76 3.20 -23.09 20.22
C LEU F 76 2.53 -24.40 19.82
N GLN F 77 2.80 -24.91 18.63
CA GLN F 77 2.31 -26.23 18.24
C GLN F 77 3.18 -27.34 18.81
N ASP F 78 4.50 -27.13 18.82
CA ASP F 78 5.40 -28.08 19.47
C ASP F 78 5.08 -28.21 20.95
N GLN F 79 4.88 -27.08 21.64
CA GLN F 79 4.50 -27.15 23.05
C GLN F 79 3.08 -27.67 23.23
N LYS F 80 2.19 -27.39 22.27
CA LYS F 80 0.83 -27.92 22.36
C LYS F 80 0.83 -29.45 22.31
N PHE F 81 1.63 -30.03 21.42
CA PHE F 81 1.82 -31.48 21.42
C PHE F 81 2.49 -31.94 22.70
N LEU F 82 3.54 -31.25 23.13
CA LEU F 82 4.32 -31.70 24.27
C LEU F 82 3.50 -31.64 25.56
N GLY F 83 2.59 -30.67 25.65
CA GLY F 83 1.77 -30.55 26.86
C GLY F 83 0.68 -31.60 26.95
N LEU F 84 0.12 -31.99 25.79
CA LEU F 84 -0.95 -32.98 25.77
C LEU F 84 -0.48 -34.34 26.29
N TRP F 85 0.82 -34.60 26.27
CA TRP F 85 1.39 -35.86 26.75
C TRP F 85 1.89 -35.77 28.18
N GLY F 86 1.68 -34.64 28.85
CA GLY F 86 2.17 -34.46 30.20
C GLY F 86 3.63 -34.08 30.30
N CYS F 87 4.26 -33.71 29.18
CA CYS F 87 5.69 -33.43 29.13
C CYS F 87 5.99 -31.94 29.06
N SER F 88 5.03 -31.08 29.40
CA SER F 88 5.26 -29.64 29.32
C SER F 88 6.42 -29.22 30.21
N GLY F 89 7.34 -28.46 29.64
CA GLY F 89 8.48 -27.96 30.38
C GLY F 89 9.61 -28.96 30.58
N LYS F 90 9.58 -30.10 29.89
CA LYS F 90 10.60 -31.13 30.04
C LYS F 90 11.28 -31.35 28.69
N ILE F 91 12.61 -31.31 28.68
CA ILE F 91 13.35 -31.61 27.46
C ILE F 91 13.33 -33.11 27.18
N ILE F 92 13.63 -33.92 28.18
CA ILE F 92 13.55 -35.37 28.06
C ILE F 92 12.41 -35.85 28.94
N CYS F 93 11.36 -36.38 28.31
CA CYS F 93 10.16 -36.80 29.01
C CYS F 93 9.95 -38.29 28.85
N CYS F 94 9.78 -38.98 29.98
CA CYS F 94 9.48 -40.40 30.01
C CYS F 94 7.97 -40.59 30.04
N THR F 95 7.50 -41.66 29.41
CA THR F 95 6.08 -41.94 29.34
C THR F 95 5.83 -43.42 29.65
N ALA F 96 4.58 -43.73 29.99
CA ALA F 96 4.16 -45.06 30.38
C ALA F 96 3.56 -45.84 29.21
N VAL F 97 4.02 -45.55 27.99
CA VAL F 97 3.53 -46.23 26.79
C VAL F 97 4.52 -47.32 26.42
N PRO F 98 4.14 -48.59 26.43
CA PRO F 98 5.05 -49.64 25.98
C PRO F 98 5.36 -49.49 24.50
N TRP F 99 6.58 -49.88 24.13
CA TRP F 99 7.04 -49.77 22.75
C TRP F 99 6.60 -51.02 21.99
N ASN F 100 5.64 -50.86 21.08
CA ASN F 100 5.23 -51.96 20.23
C ASN F 100 6.39 -52.35 19.31
N SER F 101 6.48 -53.65 19.00
CA SER F 101 7.48 -54.15 18.08
C SER F 101 7.11 -53.91 16.62
N SER F 102 5.84 -53.61 16.35
CA SER F 102 5.43 -53.28 14.99
C SER F 102 6.04 -51.96 14.53
N TRP F 103 6.33 -51.06 15.48
CA TRP F 103 7.06 -49.84 15.14
C TRP F 103 8.51 -50.15 14.78
N SER F 104 9.14 -51.05 15.54
CA SER F 104 10.45 -51.59 15.21
C SER F 104 10.78 -52.71 16.19
N ASN F 105 11.42 -53.77 15.72
CA ASN F 105 11.97 -54.78 16.62
C ASN F 105 13.49 -54.62 16.73
N LYS F 106 13.98 -53.39 16.72
CA LYS F 106 15.40 -53.13 16.86
C LYS F 106 15.73 -52.89 18.33
N THR F 107 16.76 -53.58 18.81
CA THR F 107 17.07 -53.53 20.22
C THR F 107 17.57 -52.15 20.63
N PHE F 108 17.65 -51.95 21.95
CA PHE F 108 18.06 -50.65 22.48
C PHE F 108 19.46 -50.28 22.01
N GLU F 109 20.38 -51.24 22.03
CA GLU F 109 21.75 -50.97 21.60
C GLU F 109 21.81 -50.65 20.10
N GLU F 110 21.03 -51.36 19.29
CA GLU F 110 21.04 -51.09 17.85
C GLU F 110 20.43 -49.73 17.54
N ILE F 111 19.44 -49.31 18.32
CA ILE F 111 18.83 -48.00 18.09
C ILE F 111 19.76 -46.88 18.55
N TRP F 112 20.46 -47.10 19.67
CA TRP F 112 21.14 -45.99 20.32
C TRP F 112 22.65 -45.97 20.10
N ASN F 113 23.20 -46.94 19.37
CA ASN F 113 24.64 -47.02 19.25
C ASN F 113 25.11 -46.80 17.81
N ASN F 114 24.38 -47.30 16.83
CA ASN F 114 24.67 -47.06 15.41
C ASN F 114 23.48 -46.49 14.64
N MET F 115 22.81 -45.49 15.19
CA MET F 115 21.78 -44.79 14.43
C MET F 115 21.61 -43.37 14.93
N THR F 116 21.58 -42.43 14.00
CA THR F 116 21.40 -41.01 14.29
C THR F 116 19.91 -40.67 14.35
N TRP F 117 19.63 -39.44 14.80
CA TRP F 117 18.25 -39.04 15.02
C TRP F 117 17.47 -38.96 13.72
N ILE F 118 18.08 -38.42 12.66
CA ILE F 118 17.39 -38.32 11.38
C ILE F 118 17.09 -39.70 10.83
N GLU F 119 18.05 -40.62 10.94
CA GLU F 119 17.81 -41.99 10.50
C GLU F 119 16.69 -42.65 11.30
N TRP F 120 16.67 -42.42 12.61
CA TRP F 120 15.61 -42.99 13.44
C TRP F 120 14.24 -42.45 13.04
N GLU F 121 14.14 -41.13 12.90
CA GLU F 121 12.86 -40.52 12.55
C GLU F 121 12.44 -40.86 11.13
N ARG F 122 13.38 -41.24 10.26
CA ARG F 122 12.99 -41.80 8.96
C ARG F 122 12.49 -43.23 9.12
N GLU F 123 13.12 -44.00 9.99
CA GLU F 123 12.69 -45.39 10.21
C GLU F 123 11.28 -45.45 10.77
N ILE F 124 10.96 -44.58 11.74
CA ILE F 124 9.65 -44.58 12.39
C ILE F 124 8.80 -43.43 11.87
N SER F 125 9.00 -43.06 10.62
CA SER F 125 8.26 -41.92 10.04
C SER F 125 6.82 -42.33 9.75
N ASN F 126 6.54 -43.61 9.67
CA ASN F 126 5.18 -44.05 9.38
C ASN F 126 4.30 -44.14 10.62
N TYR F 127 4.91 -44.24 11.78
CA TYR F 127 4.18 -44.48 13.04
C TYR F 127 4.26 -43.31 14.01
N THR F 128 4.52 -42.11 13.53
CA THR F 128 4.50 -40.93 14.39
C THR F 128 3.08 -40.53 14.78
N SER F 129 2.13 -40.56 13.86
CA SER F 129 0.76 -40.21 14.20
C SER F 129 0.18 -41.20 15.20
N GLN F 130 0.41 -42.50 15.00
CA GLN F 130 -0.10 -43.50 15.92
C GLN F 130 0.52 -43.34 17.30
N ILE F 131 1.83 -43.07 17.35
CA ILE F 131 2.48 -42.88 18.65
C ILE F 131 1.95 -41.63 19.34
N TYR F 132 1.69 -40.57 18.57
CA TYR F 132 1.09 -39.37 19.15
C TYR F 132 -0.27 -39.68 19.76
N ASP F 133 -1.09 -40.45 19.04
CA ASP F 133 -2.40 -40.81 19.56
C ASP F 133 -2.29 -41.66 20.82
N ILE F 134 -1.36 -42.63 20.82
CA ILE F 134 -1.19 -43.48 22.00
C ILE F 134 -0.71 -42.66 23.19
N LEU F 135 0.20 -41.71 22.95
CA LEU F 135 0.67 -40.85 24.04
C LEU F 135 -0.46 -40.01 24.62
N THR F 136 -1.28 -39.42 23.74
CA THR F 136 -2.40 -38.63 24.22
C THR F 136 -3.39 -39.49 25.00
N ILE F 137 -3.68 -40.69 24.51
CA ILE F 137 -4.61 -41.58 25.20
C ILE F 137 -4.05 -42.00 26.55
N SER F 138 -2.75 -42.30 26.59
CA SER F 138 -2.13 -42.71 27.85
C SER F 138 -2.17 -41.58 28.87
N GLN F 139 -1.89 -40.35 28.44
CA GLN F 139 -1.95 -39.24 29.38
C GLN F 139 -3.37 -38.98 29.84
N THR F 140 -4.35 -39.14 28.95
CA THR F 140 -5.75 -39.05 29.36
C THR F 140 -6.10 -40.10 30.39
N GLN F 141 -5.64 -41.34 30.19
CA GLN F 141 -5.89 -42.40 31.15
C GLN F 141 -5.25 -42.09 32.50
N GLN F 142 -4.02 -41.56 32.47
CA GLN F 142 -3.35 -41.20 33.72
C GLN F 142 -4.10 -40.09 34.44
N GLU F 143 -4.58 -39.08 33.72
CA GLU F 143 -5.36 -38.03 34.35
C GLU F 143 -6.65 -38.57 34.96
N LYS F 144 -7.34 -39.45 34.23
CA LYS F 144 -8.56 -40.06 34.76
C LYS F 144 -8.27 -40.86 36.01
N ASN F 145 -7.20 -41.64 36.02
CA ASN F 145 -6.86 -42.44 37.19
C ASN F 145 -6.46 -41.56 38.37
N GLU F 146 -5.74 -40.48 38.10
CA GLU F 146 -5.37 -39.55 39.17
C GLU F 146 -6.59 -38.90 39.78
N LYS F 147 -7.56 -38.49 38.95
CA LYS F 147 -8.79 -37.92 39.47
C LYS F 147 -9.59 -38.96 40.24
N ASP F 148 -9.58 -40.21 39.79
CA ASP F 148 -10.30 -41.27 40.49
C ASP F 148 -9.69 -41.54 41.85
N LEU F 149 -8.35 -41.58 41.94
CA LEU F 149 -7.71 -41.86 43.22
C LEU F 149 -7.99 -40.76 44.23
N LEU F 150 -8.20 -39.54 43.76
CA LEU F 150 -8.59 -38.44 44.65
C LEU F 150 -10.06 -38.51 45.04
N GLU F 151 -10.80 -39.48 44.51
CA GLU F 151 -12.23 -39.63 44.76
C GLU F 151 -13.00 -38.35 44.45
N GLN G 1 11.82 -36.61 -20.05
CA GLN G 1 12.14 -37.01 -18.68
C GLN G 1 13.48 -37.74 -18.61
N ILE G 2 13.50 -38.88 -17.94
CA ILE G 2 14.72 -39.67 -17.76
C ILE G 2 14.59 -40.92 -18.61
N HIS G 3 15.65 -41.23 -19.37
CA HIS G 3 15.70 -42.40 -20.22
C HIS G 3 17.10 -43.00 -20.16
N LEU G 4 17.18 -44.31 -19.97
CA LEU G 4 18.44 -45.03 -19.90
C LEU G 4 18.53 -46.01 -21.06
N VAL G 5 19.66 -45.99 -21.76
CA VAL G 5 19.93 -46.88 -22.88
C VAL G 5 21.27 -47.57 -22.62
N GLN G 6 21.36 -48.83 -23.01
CA GLN G 6 22.53 -49.65 -22.71
C GLN G 6 23.17 -50.18 -23.99
N SER G 7 24.30 -50.87 -23.82
CA SER G 7 25.20 -51.15 -24.94
C SER G 7 24.51 -51.95 -26.04
N GLY G 8 23.93 -53.09 -25.70
CA GLY G 8 23.29 -53.96 -26.67
C GLY G 8 23.62 -55.41 -26.44
N THR G 9 22.88 -56.28 -27.11
CA THR G 9 23.06 -57.72 -26.97
C THR G 9 24.45 -58.14 -27.45
N GLU G 10 25.11 -58.99 -26.67
CA GLU G 10 26.43 -59.49 -27.01
C GLU G 10 26.50 -60.99 -26.76
N VAL G 11 27.29 -61.67 -27.59
CA VAL G 11 27.57 -63.09 -27.44
C VAL G 11 29.07 -63.25 -27.22
N LYS G 12 29.44 -63.90 -26.13
CA LYS G 12 30.82 -64.00 -25.70
C LYS G 12 31.20 -65.45 -25.48
N LYS G 13 32.48 -65.75 -25.72
CA LYS G 13 33.05 -67.07 -25.42
C LYS G 13 33.38 -67.15 -23.94
N PRO G 14 33.08 -68.25 -23.26
CA PRO G 14 33.36 -68.34 -21.83
C PRO G 14 34.83 -68.09 -21.53
N GLY G 15 35.08 -67.31 -20.48
CA GLY G 15 36.41 -66.88 -20.12
C GLY G 15 36.74 -65.46 -20.53
N SER G 16 35.93 -64.84 -21.38
CA SER G 16 36.18 -63.48 -21.83
C SER G 16 35.65 -62.47 -20.83
N SER G 17 35.92 -61.19 -21.10
CA SER G 17 35.43 -60.08 -20.29
C SER G 17 34.49 -59.24 -21.15
N VAL G 18 33.29 -58.98 -20.63
CA VAL G 18 32.28 -58.22 -21.34
C VAL G 18 32.02 -56.93 -20.57
N THR G 19 31.86 -55.83 -21.30
CA THR G 19 31.54 -54.54 -20.71
C THR G 19 30.17 -54.09 -21.20
N VAL G 20 29.28 -53.79 -20.25
CA VAL G 20 27.98 -53.20 -20.55
C VAL G 20 28.02 -51.73 -20.11
N SER G 21 27.66 -50.83 -21.01
CA SER G 21 27.72 -49.41 -20.74
C SER G 21 26.32 -48.84 -20.68
N CYS G 22 26.07 -47.99 -19.69
CA CYS G 22 24.76 -47.42 -19.45
C CYS G 22 24.88 -45.90 -19.44
N LYS G 23 24.14 -45.26 -20.35
CA LYS G 23 24.15 -43.81 -20.49
C LYS G 23 22.80 -43.26 -20.04
N ALA G 24 22.84 -42.39 -19.04
CA ALA G 24 21.62 -41.87 -18.41
C ALA G 24 21.29 -40.50 -18.99
N TYR G 25 20.20 -40.44 -19.77
CA TYR G 25 19.69 -39.19 -20.31
C TYR G 25 18.65 -38.66 -19.34
N GLY G 26 18.95 -37.54 -18.69
CA GLY G 26 18.07 -36.95 -17.71
C GLY G 26 18.62 -36.91 -16.29
N VAL G 27 19.77 -37.52 -16.03
CA VAL G 27 20.42 -37.48 -14.72
C VAL G 27 21.39 -36.32 -14.72
N ASN G 28 21.11 -35.32 -13.87
CA ASN G 28 21.97 -34.15 -13.81
C ASN G 28 23.37 -34.49 -13.30
N THR G 29 23.50 -35.46 -12.40
CA THR G 29 24.80 -35.91 -11.92
C THR G 29 24.64 -37.19 -11.11
N PHE G 30 25.66 -38.05 -11.14
CA PHE G 30 25.64 -39.25 -10.30
C PHE G 30 26.00 -38.97 -8.86
N GLY G 31 26.32 -37.72 -8.52
CA GLY G 31 26.44 -37.32 -7.13
C GLY G 31 25.09 -37.34 -6.44
N LEU G 32 24.04 -37.00 -7.18
CA LEU G 32 22.69 -36.99 -6.60
C LEU G 32 21.97 -38.31 -6.85
N TYR G 33 22.18 -38.91 -8.02
CA TYR G 33 21.58 -40.19 -8.34
C TYR G 33 22.51 -41.33 -7.91
N ALA G 34 22.02 -42.56 -8.05
CA ALA G 34 22.80 -43.75 -7.75
C ALA G 34 22.48 -44.83 -8.76
N VAL G 35 23.52 -45.44 -9.31
CA VAL G 35 23.38 -46.46 -10.35
C VAL G 35 23.47 -47.83 -9.68
N ASN G 36 22.43 -48.64 -9.89
CA ASN G 36 22.36 -49.99 -9.34
C ASN G 36 22.24 -50.98 -10.49
N TRP G 37 23.04 -52.04 -10.45
CA TRP G 37 23.12 -53.00 -11.54
C TRP G 37 22.34 -54.25 -11.17
N VAL G 38 21.44 -54.66 -12.06
CA VAL G 38 20.51 -55.76 -11.83
C VAL G 38 20.58 -56.73 -12.99
N ARG G 39 20.67 -58.02 -12.68
CA ARG G 39 20.68 -59.08 -13.69
C ARG G 39 19.42 -59.92 -13.53
N GLN G 40 18.84 -60.33 -14.65
CA GLN G 40 17.66 -61.20 -14.66
C GLN G 40 17.94 -62.43 -15.51
N ALA G 41 18.03 -63.59 -14.85
CA ALA G 41 18.23 -64.85 -15.55
C ALA G 41 16.97 -65.20 -16.33
N PRO G 42 17.10 -66.02 -17.38
CA PRO G 42 15.92 -66.40 -18.17
C PRO G 42 14.91 -67.17 -17.33
N GLY G 43 13.76 -66.54 -17.09
CA GLY G 43 12.70 -67.16 -16.33
C GLY G 43 12.83 -66.96 -14.83
N GLN G 44 14.04 -66.74 -14.35
CA GLN G 44 14.29 -66.61 -12.91
C GLN G 44 14.05 -65.18 -12.45
N SER G 45 14.32 -64.94 -11.17
CA SER G 45 14.07 -63.65 -10.56
C SER G 45 15.27 -62.72 -10.72
N LEU G 46 15.05 -61.44 -10.44
CA LEU G 46 16.09 -60.44 -10.55
C LEU G 46 17.07 -60.53 -9.39
N GLU G 47 18.35 -60.30 -9.68
CA GLU G 47 19.41 -60.30 -8.68
C GLU G 47 20.03 -58.91 -8.63
N TYR G 48 20.91 -58.69 -7.65
CA TYR G 48 21.57 -57.42 -7.46
C TYR G 48 23.08 -57.63 -7.58
N ILE G 49 23.72 -56.82 -8.42
CA ILE G 49 25.13 -57.00 -8.73
C ILE G 49 25.98 -56.03 -7.92
N GLY G 50 25.78 -54.75 -8.13
CA GLY G 50 26.58 -53.74 -7.45
C GLY G 50 26.05 -52.36 -7.77
N GLN G 51 26.71 -51.35 -7.17
CA GLN G 51 26.25 -49.99 -7.34
C GLN G 51 27.44 -49.03 -7.24
N ILE G 52 27.22 -47.82 -7.77
CA ILE G 52 28.00 -46.65 -7.40
C ILE G 52 27.04 -45.67 -6.75
N TRP G 53 27.35 -45.27 -5.52
CA TRP G 53 26.52 -44.35 -4.75
C TRP G 53 27.43 -43.33 -4.10
N ARG G 54 27.19 -42.05 -4.42
CA ARG G 54 28.05 -40.96 -3.96
C ARG G 54 29.49 -41.18 -4.39
N TRP G 55 29.66 -41.65 -5.64
CA TRP G 55 30.98 -41.90 -6.24
C TRP G 55 31.77 -42.95 -5.47
N LYS G 56 31.09 -43.82 -4.74
CA LYS G 56 31.69 -44.97 -4.10
C LYS G 56 31.05 -46.22 -4.67
N SER G 57 31.89 -47.15 -5.12
CA SER G 57 31.43 -48.34 -5.83
C SER G 57 31.56 -49.57 -4.94
N SER G 58 30.54 -50.42 -5.00
CA SER G 58 30.52 -51.67 -4.24
C SER G 58 29.70 -52.69 -5.00
N ALA G 59 29.92 -53.96 -4.69
CA ALA G 59 29.24 -55.06 -5.33
C ALA G 59 28.78 -56.08 -4.31
N SER G 60 27.79 -56.87 -4.69
CA SER G 60 27.28 -57.93 -3.83
C SER G 60 28.37 -58.96 -3.56
N HIS G 61 28.26 -59.64 -2.41
CA HIS G 61 29.29 -60.59 -1.99
C HIS G 61 29.49 -61.68 -3.04
N HIS G 62 28.43 -62.09 -3.72
CA HIS G 62 28.57 -63.08 -4.78
C HIS G 62 29.46 -62.58 -5.91
N PHE G 63 29.36 -61.29 -6.23
CA PHE G 63 30.06 -60.71 -7.38
C PHE G 63 31.34 -59.98 -7.00
N ARG G 64 31.72 -59.98 -5.72
CA ARG G 64 32.90 -59.22 -5.31
C ARG G 64 34.16 -59.79 -5.96
N GLY G 65 34.94 -58.91 -6.57
CA GLY G 65 36.16 -59.28 -7.25
C GLY G 65 35.97 -59.73 -8.68
N ARG G 66 34.75 -60.07 -9.08
CA ARG G 66 34.47 -60.52 -10.44
C ARG G 66 33.77 -59.45 -11.28
N VAL G 67 33.70 -58.22 -10.79
CA VAL G 67 32.95 -57.15 -11.46
C VAL G 67 33.57 -55.80 -11.11
N LEU G 68 33.46 -54.87 -12.04
CA LEU G 68 33.85 -53.48 -11.82
C LEU G 68 32.70 -52.58 -12.21
N ILE G 69 32.38 -51.61 -11.35
CA ILE G 69 31.37 -50.60 -11.64
C ILE G 69 32.08 -49.27 -11.75
N SER G 70 31.92 -48.61 -12.90
CA SER G 70 32.57 -47.33 -13.15
C SER G 70 31.55 -46.37 -13.73
N ALA G 71 31.73 -45.08 -13.44
CA ALA G 71 30.79 -44.07 -13.90
C ALA G 71 31.49 -42.72 -13.99
N VAL G 72 31.05 -41.92 -14.97
CA VAL G 72 31.48 -40.53 -15.12
C VAL G 72 30.25 -39.69 -15.40
N ASP G 73 30.21 -38.49 -14.80
CA ASP G 73 28.98 -37.66 -14.94
C ASP G 73 29.02 -36.76 -16.15
N LEU G 74 28.24 -35.69 -16.09
CA LEU G 74 27.98 -34.90 -17.30
C LEU G 74 29.26 -34.33 -17.92
N THR G 75 29.32 -34.40 -19.25
CA THR G 75 30.30 -33.68 -20.04
C THR G 75 29.55 -32.91 -21.12
N GLY G 76 30.28 -32.06 -21.85
CA GLY G 76 29.64 -31.29 -22.90
C GLY G 76 29.07 -32.15 -24.01
N SER G 77 29.69 -33.30 -24.26
CA SER G 77 29.30 -34.12 -25.40
C SER G 77 28.32 -35.22 -25.00
N SER G 78 28.54 -35.85 -23.85
CA SER G 78 27.81 -37.06 -23.50
C SER G 78 27.13 -36.92 -22.15
N PRO G 79 26.01 -37.62 -21.97
CA PRO G 79 25.38 -37.68 -20.64
C PRO G 79 26.18 -38.56 -19.70
N PRO G 80 25.81 -38.63 -18.42
CA PRO G 80 26.54 -39.53 -17.50
C PRO G 80 26.49 -40.96 -17.98
N ILE G 81 27.62 -41.65 -17.86
CA ILE G 81 27.80 -43.00 -18.37
C ILE G 81 28.21 -43.91 -17.23
N SER G 82 27.56 -45.07 -17.13
CA SER G 82 27.92 -46.10 -16.15
C SER G 82 28.27 -47.38 -16.89
N SER G 83 29.33 -48.05 -16.43
CA SER G 83 29.87 -49.21 -17.10
C SER G 83 29.85 -50.43 -16.19
N LEU G 84 29.45 -51.56 -16.73
CA LEU G 84 29.41 -52.83 -16.02
C LEU G 84 30.32 -53.82 -16.74
N GLU G 85 31.41 -54.21 -16.09
CA GLU G 85 32.39 -55.14 -16.66
C GLU G 85 32.38 -56.42 -15.85
N ILE G 86 32.12 -57.55 -16.51
CA ILE G 86 32.07 -58.86 -15.86
C ILE G 86 33.34 -59.60 -16.24
N LYS G 87 34.30 -59.65 -15.32
CA LYS G 87 35.49 -60.45 -15.55
C LYS G 87 35.18 -61.93 -15.40
N ASN G 88 35.95 -62.76 -16.10
CA ASN G 88 35.89 -64.22 -15.99
C ASN G 88 34.47 -64.73 -16.22
N LEU G 89 33.98 -64.51 -17.43
CA LEU G 89 32.64 -64.95 -17.77
C LEU G 89 32.52 -66.47 -17.69
N THR G 90 31.40 -66.92 -17.13
CA THR G 90 31.04 -68.32 -17.08
C THR G 90 29.62 -68.48 -17.60
N SER G 91 29.20 -69.74 -17.77
CA SER G 91 27.90 -70.01 -18.36
C SER G 91 26.76 -69.51 -17.48
N ASP G 92 27.03 -69.29 -16.20
CA ASP G 92 26.00 -68.81 -15.28
C ASP G 92 25.69 -67.33 -15.46
N ASP G 93 26.49 -66.60 -16.25
CA ASP G 93 26.31 -65.16 -16.43
C ASP G 93 25.36 -64.81 -17.56
N THR G 94 24.63 -65.79 -18.10
CA THR G 94 23.67 -65.55 -19.17
C THR G 94 22.41 -64.97 -18.56
N ALA G 95 22.30 -63.64 -18.59
CA ALA G 95 21.16 -62.96 -18.01
C ALA G 95 21.00 -61.59 -18.65
N VAL G 96 19.80 -61.04 -18.54
CA VAL G 96 19.50 -59.71 -19.07
C VAL G 96 19.93 -58.69 -18.02
N TYR G 97 21.13 -58.14 -18.18
CA TYR G 97 21.61 -57.12 -17.26
C TYR G 97 20.83 -55.83 -17.42
N PHE G 98 20.54 -55.18 -16.30
CA PHE G 98 19.75 -53.95 -16.30
C PHE G 98 20.53 -52.83 -15.62
N CYS G 99 20.21 -51.60 -15.99
CA CYS G 99 20.78 -50.41 -15.41
C CYS G 99 19.67 -49.59 -14.76
N THR G 100 19.94 -49.07 -13.56
CA THR G 100 18.96 -48.32 -12.81
C THR G 100 19.61 -47.07 -12.22
N THR G 101 18.81 -46.01 -12.10
CA THR G 101 19.23 -44.78 -11.45
C THR G 101 18.10 -44.30 -10.56
N THR G 102 18.40 -44.11 -9.28
CA THR G 102 17.41 -43.68 -8.28
C THR G 102 17.83 -42.36 -7.68
N SER G 103 16.87 -41.46 -7.48
CA SER G 103 17.16 -40.13 -6.96
C SER G 103 17.39 -40.19 -5.45
N THR G 104 18.63 -39.94 -5.04
CA THR G 104 18.99 -39.88 -3.63
C THR G 104 19.15 -38.46 -3.12
N TYR G 105 18.44 -37.50 -3.69
CA TYR G 105 18.62 -36.10 -3.30
C TYR G 105 18.07 -35.85 -1.91
N ASP G 106 16.77 -36.05 -1.70
CA ASP G 106 16.14 -35.84 -0.41
C ASP G 106 16.09 -37.16 0.37
N ARG G 107 16.50 -37.12 1.63
CA ARG G 107 16.59 -38.34 2.49
C ARG G 107 15.19 -38.85 2.89
N TRP G 108 14.16 -38.02 2.78
CA TRP G 108 12.81 -38.41 3.17
C TRP G 108 11.96 -38.86 1.99
N SER G 109 12.59 -39.31 0.90
CA SER G 109 11.82 -39.80 -0.24
C SER G 109 11.28 -41.20 0.02
N GLY G 110 12.05 -42.02 0.73
CA GLY G 110 11.68 -43.40 0.97
C GLY G 110 12.19 -44.38 -0.07
N LEU G 111 12.67 -43.89 -1.22
CA LEU G 111 13.23 -44.76 -2.24
C LEU G 111 14.58 -45.33 -1.83
N HIS G 112 15.19 -44.80 -0.78
CA HIS G 112 16.54 -45.21 -0.39
C HIS G 112 16.71 -45.05 1.12
N HIS G 113 17.67 -45.79 1.67
CA HIS G 113 18.13 -45.59 3.04
C HIS G 113 19.43 -46.33 3.24
N ASP G 114 20.42 -45.65 3.81
CA ASP G 114 21.70 -46.27 4.19
C ASP G 114 22.38 -46.93 3.00
N GLY G 115 22.12 -46.42 1.79
CA GLY G 115 22.73 -46.95 0.59
C GLY G 115 22.05 -48.14 -0.04
N VAL G 116 20.92 -48.59 0.53
CA VAL G 116 20.14 -49.68 -0.04
C VAL G 116 18.81 -49.08 -0.49
N MET G 117 18.52 -49.19 -1.79
CA MET G 117 17.45 -48.40 -2.38
C MET G 117 16.60 -49.24 -3.32
N ALA G 118 15.36 -48.77 -3.52
CA ALA G 118 14.50 -49.28 -4.57
C ALA G 118 14.84 -48.62 -5.89
N PHE G 119 14.61 -49.36 -6.98
CA PHE G 119 15.06 -48.97 -8.31
C PHE G 119 13.92 -48.25 -9.02
N SER G 120 14.15 -46.98 -9.37
CA SER G 120 13.07 -46.14 -9.89
C SER G 120 13.01 -46.17 -11.41
N SER G 121 14.16 -46.01 -12.08
CA SER G 121 14.23 -45.99 -13.53
C SER G 121 15.04 -47.19 -14.00
N TRP G 122 14.57 -47.84 -15.07
CA TRP G 122 15.15 -49.09 -15.54
C TRP G 122 15.61 -48.94 -16.98
N GLY G 123 16.82 -49.45 -17.26
CA GLY G 123 17.33 -49.43 -18.61
C GLY G 123 16.69 -50.49 -19.49
N GLN G 124 17.03 -50.44 -20.78
CA GLN G 124 16.44 -51.37 -21.73
C GLN G 124 16.86 -52.81 -21.45
N GLY G 125 18.13 -53.02 -21.10
CA GLY G 125 18.58 -54.38 -20.81
C GLY G 125 19.36 -54.95 -21.97
N THR G 126 20.51 -55.54 -21.65
CA THR G 126 21.39 -56.15 -22.65
C THR G 126 21.53 -57.63 -22.34
N LEU G 127 20.82 -58.46 -23.10
CA LEU G 127 20.99 -59.90 -22.96
C LEU G 127 22.40 -60.30 -23.36
N ILE G 128 23.03 -61.13 -22.53
CA ILE G 128 24.37 -61.64 -22.79
C ILE G 128 24.29 -63.16 -22.83
N SER G 129 24.75 -63.75 -23.94
CA SER G 129 24.78 -65.19 -24.11
C SER G 129 26.22 -65.66 -24.11
N VAL G 130 26.50 -66.74 -23.39
CA VAL G 130 27.86 -67.23 -23.23
C VAL G 130 27.89 -68.74 -23.16
N ASP H 1 20.23 -60.91 2.43
CA ASP H 1 20.20 -61.91 3.48
C ASP H 1 18.77 -62.24 3.89
N ILE H 2 17.88 -61.26 3.72
CA ILE H 2 16.46 -61.43 4.06
C ILE H 2 15.79 -62.08 2.85
N GLN H 3 15.66 -63.41 2.89
CA GLN H 3 14.95 -64.12 1.84
C GLN H 3 13.46 -63.80 1.91
N MET H 4 12.83 -63.72 0.74
CA MET H 4 11.42 -63.38 0.67
C MET H 4 10.69 -64.38 -0.21
N THR H 5 9.41 -64.56 0.10
CA THR H 5 8.55 -65.43 -0.69
C THR H 5 7.37 -64.61 -1.20
N GLN H 6 6.89 -64.92 -2.40
CA GLN H 6 5.75 -64.21 -2.98
C GLN H 6 4.68 -65.26 -3.13
N SER H 7 3.58 -65.11 -2.41
CA SER H 7 2.58 -66.18 -2.36
C SER H 7 1.80 -66.68 -3.58
N PRO H 8 1.05 -65.89 -4.36
CA PRO H 8 0.34 -66.49 -5.51
C PRO H 8 1.14 -66.82 -6.77
N SER H 9 2.27 -67.53 -6.62
CA SER H 9 3.26 -67.93 -7.67
C SER H 9 2.84 -67.74 -9.14
N THR H 10 1.69 -68.27 -9.55
CA THR H 10 1.17 -68.06 -10.88
C THR H 10 -0.32 -68.16 -10.74
N LEU H 11 -1.01 -67.05 -10.84
CA LEU H 11 -2.46 -67.01 -10.69
C LEU H 11 -3.09 -66.57 -12.00
N SER H 12 -4.42 -66.67 -12.05
CA SER H 12 -5.19 -66.33 -13.23
C SER H 12 -6.34 -65.41 -12.85
N ALA H 13 -6.61 -64.41 -13.70
CA ALA H 13 -7.70 -63.48 -13.50
C ALA H 13 -8.04 -62.84 -14.83
N SER H 14 -9.12 -62.07 -14.85
CA SER H 14 -9.57 -61.41 -16.08
C SER H 14 -9.82 -59.93 -15.79
N THR H 15 -10.18 -59.21 -16.84
CA THR H 15 -10.44 -57.78 -16.71
C THR H 15 -11.61 -57.54 -15.78
N GLY H 16 -11.45 -56.55 -14.89
CA GLY H 16 -12.47 -56.22 -13.91
C GLY H 16 -12.32 -56.94 -12.59
N ASP H 17 -11.38 -57.87 -12.47
CA ASP H 17 -11.17 -58.60 -11.22
C ASP H 17 -10.40 -57.76 -10.23
N THR H 18 -10.22 -58.31 -9.03
CA THR H 18 -9.41 -57.70 -7.97
C THR H 18 -8.45 -58.75 -7.45
N VAL H 19 -7.16 -58.57 -7.74
CA VAL H 19 -6.13 -59.54 -7.42
C VAL H 19 -5.25 -58.98 -6.31
N ARG H 20 -4.91 -59.84 -5.35
CA ARG H 20 -4.07 -59.48 -4.20
C ARG H 20 -2.87 -60.40 -4.17
N ILE H 21 -1.74 -59.93 -4.66
CA ILE H 21 -0.47 -60.65 -4.60
C ILE H 21 0.14 -60.41 -3.23
N SER H 22 0.51 -61.48 -2.54
CA SER H 22 1.03 -61.39 -1.18
C SER H 22 2.53 -61.62 -1.19
N CYS H 23 3.17 -61.19 -0.10
CA CYS H 23 4.62 -61.28 0.02
C CYS H 23 4.97 -61.53 1.48
N ARG H 24 6.06 -62.27 1.68
CA ARG H 24 6.51 -62.66 3.01
C ARG H 24 8.01 -62.41 3.12
N ALA H 25 8.46 -62.09 4.32
CA ALA H 25 9.86 -61.75 4.55
C ALA H 25 10.47 -62.68 5.59
N SER H 26 11.79 -62.85 5.49
CA SER H 26 12.51 -63.65 6.47
C SER H 26 12.54 -62.97 7.83
N GLN H 27 12.51 -61.64 7.84
CA GLN H 27 12.52 -60.87 9.08
C GLN H 27 11.33 -59.93 9.12
N SER H 28 11.29 -59.06 10.12
CA SER H 28 10.23 -58.07 10.26
C SER H 28 10.70 -56.75 9.69
N ILE H 29 10.16 -56.38 8.52
CA ILE H 29 10.49 -55.12 7.88
C ILE H 29 9.53 -54.08 8.47
N THR H 30 9.90 -53.54 9.62
CA THR H 30 9.08 -52.56 10.32
C THR H 30 9.19 -51.17 9.74
N GLY H 31 10.21 -50.90 8.93
CA GLY H 31 10.37 -49.62 8.27
C GLY H 31 9.61 -49.46 6.98
N ASN H 32 8.80 -50.46 6.61
CA ASN H 32 8.04 -50.46 5.37
C ASN H 32 8.96 -50.32 4.16
N TRP H 33 10.11 -50.98 4.20
CA TRP H 33 11.08 -50.90 3.11
C TRP H 33 10.80 -51.99 2.08
N VAL H 34 9.66 -51.90 1.40
CA VAL H 34 9.27 -52.89 0.41
C VAL H 34 8.92 -52.17 -0.89
N ALA H 35 9.31 -52.80 -2.02
CA ALA H 35 9.08 -52.24 -3.33
C ALA H 35 8.42 -53.27 -4.23
N TRP H 36 7.51 -52.81 -5.08
CA TRP H 36 6.74 -53.67 -5.97
C TRP H 36 7.01 -53.30 -7.41
N TYR H 37 7.21 -54.31 -8.26
CA TYR H 37 7.55 -54.13 -9.66
C TYR H 37 6.57 -54.87 -10.56
N GLN H 38 6.55 -54.47 -11.82
CA GLN H 38 5.80 -55.15 -12.87
C GLN H 38 6.70 -55.32 -14.07
N GLN H 39 6.75 -56.54 -14.63
CA GLN H 39 7.58 -56.85 -15.78
C GLN H 39 6.70 -57.43 -16.88
N ARG H 40 6.37 -56.61 -17.87
CA ARG H 40 5.74 -57.12 -19.08
C ARG H 40 6.77 -57.92 -19.88
N PRO H 41 6.33 -58.92 -20.66
CA PRO H 41 7.28 -59.72 -21.43
C PRO H 41 8.06 -58.86 -22.41
N GLY H 42 9.36 -59.15 -22.52
CA GLY H 42 10.21 -58.40 -23.41
C GLY H 42 10.41 -56.96 -23.02
N LYS H 43 10.25 -56.61 -21.75
CA LYS H 43 10.38 -55.23 -21.29
C LYS H 43 11.02 -55.21 -19.91
N ALA H 44 11.56 -54.05 -19.56
CA ALA H 44 12.20 -53.85 -18.28
C ALA H 44 11.16 -53.69 -17.17
N PRO H 45 11.52 -54.01 -15.93
CA PRO H 45 10.59 -53.83 -14.82
C PRO H 45 10.23 -52.36 -14.61
N ARG H 46 9.02 -52.14 -14.12
CA ARG H 46 8.54 -50.81 -13.76
C ARG H 46 8.34 -50.75 -12.25
N LEU H 47 8.73 -49.65 -11.64
CA LEU H 47 8.46 -49.47 -10.21
C LEU H 47 7.06 -48.90 -10.02
N LEU H 48 6.28 -49.57 -9.20
CA LEU H 48 4.90 -49.19 -8.91
C LEU H 48 4.69 -48.75 -7.47
N ILE H 49 5.38 -49.38 -6.52
CA ILE H 49 5.20 -49.10 -5.10
C ILE H 49 6.57 -49.05 -4.44
N TYR H 50 6.83 -47.98 -3.68
CA TYR H 50 8.00 -47.88 -2.82
C TYR H 50 7.55 -47.47 -1.44
N ARG H 51 8.34 -47.83 -0.44
CA ARG H 51 8.03 -47.52 0.96
C ARG H 51 6.62 -47.98 1.34
N GLY H 52 6.37 -49.27 1.15
CA GLY H 52 5.12 -49.85 1.59
C GLY H 52 3.95 -49.67 0.65
N ALA H 53 3.34 -48.50 0.64
CA ALA H 53 2.15 -48.26 -0.18
C ALA H 53 2.17 -46.88 -0.82
N ALA H 54 3.34 -46.44 -1.28
CA ALA H 54 3.46 -45.14 -1.93
C ALA H 54 3.51 -45.31 -3.44
N LEU H 55 2.72 -44.52 -4.14
CA LEU H 55 2.59 -44.62 -5.59
C LEU H 55 3.62 -43.70 -6.26
N LEU H 56 4.49 -44.29 -7.08
CA LEU H 56 5.41 -43.51 -7.88
C LEU H 56 4.63 -42.75 -8.96
N GLY H 57 5.06 -41.53 -9.23
CA GLY H 57 4.35 -40.70 -10.19
C GLY H 57 4.32 -41.33 -11.57
N GLY H 58 3.13 -41.35 -12.16
CA GLY H 58 2.93 -42.02 -13.43
C GLY H 58 2.48 -43.45 -13.34
N VAL H 59 2.09 -43.92 -12.16
CA VAL H 59 1.56 -45.26 -11.98
C VAL H 59 0.06 -45.12 -11.70
N PRO H 60 -0.78 -45.95 -12.30
CA PRO H 60 -2.23 -45.83 -12.07
C PRO H 60 -2.59 -45.97 -10.60
N SER H 61 -3.58 -45.17 -10.18
CA SER H 61 -3.98 -45.17 -8.78
C SER H 61 -4.66 -46.47 -8.36
N ARG H 62 -5.02 -47.33 -9.32
CA ARG H 62 -5.68 -48.58 -8.98
C ARG H 62 -4.74 -49.51 -8.21
N PHE H 63 -3.43 -49.43 -8.47
CA PHE H 63 -2.47 -50.19 -7.70
C PHE H 63 -2.37 -49.63 -6.29
N ARG H 64 -2.35 -50.52 -5.30
CA ARG H 64 -2.21 -50.12 -3.90
C ARG H 64 -1.45 -51.20 -3.15
N GLY H 65 -0.89 -50.81 -2.01
CA GLY H 65 -0.10 -51.72 -1.22
C GLY H 65 -0.47 -51.65 0.25
N SER H 66 0.12 -52.55 1.02
CA SER H 66 -0.07 -52.60 2.47
C SER H 66 1.15 -53.22 3.11
N ALA H 67 1.51 -52.70 4.28
CA ALA H 67 2.66 -53.19 5.03
C ALA H 67 2.21 -53.55 6.43
N ALA H 68 2.45 -54.82 6.82
CA ALA H 68 2.08 -55.31 8.15
C ALA H 68 3.16 -56.31 8.58
N GLY H 69 4.15 -55.82 9.31
CA GLY H 69 5.21 -56.68 9.82
C GLY H 69 5.94 -57.38 8.69
N THR H 70 5.75 -58.71 8.60
CA THR H 70 6.39 -59.49 7.56
C THR H 70 5.48 -59.75 6.36
N ASP H 71 4.29 -59.16 6.33
CA ASP H 71 3.33 -59.39 5.28
C ASP H 71 3.16 -58.12 4.45
N PHE H 72 3.35 -58.24 3.15
CA PHE H 72 3.14 -57.14 2.21
C PHE H 72 2.28 -57.64 1.06
N THR H 73 1.31 -56.82 0.65
CA THR H 73 0.36 -57.22 -0.38
C THR H 73 0.20 -56.09 -1.39
N LEU H 74 -0.15 -56.48 -2.62
CA LEU H 74 -0.42 -55.56 -3.71
C LEU H 74 -1.80 -55.84 -4.26
N THR H 75 -2.66 -54.82 -4.26
CA THR H 75 -4.04 -54.95 -4.69
C THR H 75 -4.23 -54.19 -6.00
N ILE H 76 -4.77 -54.87 -7.01
CA ILE H 76 -5.02 -54.25 -8.31
C ILE H 76 -6.51 -54.20 -8.57
N GLY H 77 -7.15 -53.09 -8.22
CA GLY H 77 -8.56 -52.95 -8.51
C GLY H 77 -8.80 -52.65 -9.98
N ASN H 78 -9.82 -53.30 -10.54
CA ASN H 78 -10.16 -53.17 -11.96
C ASN H 78 -8.96 -53.55 -12.84
N LEU H 79 -8.56 -54.81 -12.76
CA LEU H 79 -7.43 -55.32 -13.52
C LEU H 79 -7.67 -55.15 -15.01
N GLN H 80 -6.60 -54.80 -15.74
CA GLN H 80 -6.69 -54.54 -17.17
C GLN H 80 -5.54 -55.22 -17.90
N ALA H 81 -5.70 -55.33 -19.22
CA ALA H 81 -4.69 -56.00 -20.04
C ALA H 81 -3.33 -55.33 -19.95
N GLU H 82 -3.32 -54.01 -19.78
CA GLU H 82 -2.05 -53.31 -19.54
C GLU H 82 -1.41 -53.80 -18.26
N ASP H 83 -2.22 -53.99 -17.22
CA ASP H 83 -1.68 -54.40 -15.91
C ASP H 83 -1.29 -55.87 -15.90
N PHE H 84 -1.83 -56.65 -16.84
CA PHE H 84 -1.49 -58.07 -16.91
C PHE H 84 0.01 -58.24 -17.15
N GLY H 85 0.65 -59.01 -16.29
CA GLY H 85 2.07 -59.27 -16.43
C GLY H 85 2.65 -59.78 -15.13
N THR H 86 3.94 -60.07 -15.18
CA THR H 86 4.67 -60.54 -14.01
C THR H 86 4.83 -59.41 -12.99
N PHE H 87 4.85 -59.79 -11.71
CA PHE H 87 5.04 -58.84 -10.62
C PHE H 87 6.14 -59.35 -9.70
N TYR H 88 6.88 -58.40 -9.11
CA TYR H 88 8.01 -58.72 -8.26
C TYR H 88 7.92 -57.97 -6.94
N CYS H 89 8.52 -58.55 -5.91
CA CYS H 89 8.49 -58.02 -4.56
C CYS H 89 9.91 -57.87 -4.06
N GLN H 90 10.27 -56.67 -3.61
CA GLN H 90 11.63 -56.36 -3.21
C GLN H 90 11.63 -55.80 -1.79
N GLN H 91 12.71 -56.08 -1.06
CA GLN H 91 13.00 -55.40 0.20
C GLN H 91 14.32 -54.65 0.04
N TYR H 92 14.35 -53.42 0.51
CA TYR H 92 15.60 -52.69 0.68
C TYR H 92 15.67 -52.23 2.13
N ASP H 93 16.12 -53.14 2.99
CA ASP H 93 16.25 -52.90 4.42
C ASP H 93 17.59 -53.34 4.99
N THR H 94 18.13 -54.46 4.53
CA THR H 94 19.48 -54.88 4.85
C THR H 94 20.21 -55.24 3.56
N TYR H 95 21.49 -54.90 3.51
CA TYR H 95 22.28 -55.20 2.33
C TYR H 95 22.48 -56.71 2.20
N PRO H 96 22.31 -57.27 0.98
CA PRO H 96 21.84 -56.60 -0.23
C PRO H 96 20.32 -56.70 -0.39
N GLY H 97 19.75 -55.92 -1.30
CA GLY H 97 18.34 -56.05 -1.59
C GLY H 97 18.04 -57.39 -2.28
N THR H 98 16.82 -57.87 -2.09
CA THR H 98 16.40 -59.15 -2.63
C THR H 98 15.05 -59.02 -3.30
N PHE H 99 14.78 -59.92 -4.24
CA PHE H 99 13.55 -59.92 -5.02
C PHE H 99 12.78 -61.21 -4.79
N GLY H 100 11.46 -61.13 -4.82
CA GLY H 100 10.65 -62.33 -4.79
C GLY H 100 10.78 -63.12 -6.08
N GLN H 101 10.34 -64.38 -6.03
CA GLN H 101 10.47 -65.24 -7.19
C GLN H 101 9.59 -64.78 -8.34
N GLY H 102 8.40 -64.32 -8.05
CA GLY H 102 7.55 -63.73 -9.08
C GLY H 102 6.10 -64.13 -8.91
N THR H 103 5.26 -63.43 -9.65
CA THR H 103 3.82 -63.70 -9.71
C THR H 103 3.29 -63.26 -11.06
N LYS H 104 2.88 -64.23 -11.87
CA LYS H 104 2.41 -63.97 -13.23
C LYS H 104 0.88 -64.01 -13.24
N VAL H 105 0.28 -62.95 -13.77
CA VAL H 105 -1.17 -62.85 -13.88
C VAL H 105 -1.53 -63.01 -15.36
N GLU H 106 -2.36 -64.02 -15.65
CA GLU H 106 -2.74 -64.34 -17.02
C GLU H 106 -4.27 -64.34 -17.13
N VAL H 107 -4.74 -64.16 -18.36
CA VAL H 107 -6.18 -64.09 -18.60
C VAL H 107 -6.83 -65.42 -18.25
N LYS H 108 -8.11 -65.35 -17.88
CA LYS H 108 -8.89 -66.51 -17.45
C LYS H 108 -8.25 -67.19 -16.24
N ASN I 4 -19.94 -31.59 49.98
CA ASN I 4 -18.57 -31.12 49.88
C ASN I 4 -18.06 -31.24 48.45
N LEU I 5 -18.14 -30.14 47.70
CA LEU I 5 -17.69 -30.10 46.32
C LEU I 5 -16.61 -29.05 46.16
N TRP I 6 -15.72 -29.28 45.19
CA TRP I 6 -14.57 -28.43 44.96
C TRP I 6 -14.53 -27.97 43.51
N VAL I 7 -14.06 -26.74 43.30
CA VAL I 7 -13.97 -26.19 41.95
C VAL I 7 -12.99 -27.04 41.13
N THR I 8 -13.31 -27.21 39.85
CA THR I 8 -12.49 -28.00 38.95
C THR I 8 -12.50 -27.34 37.57
N VAL I 9 -11.31 -27.20 36.98
CA VAL I 9 -11.11 -26.42 35.76
C VAL I 9 -10.96 -27.39 34.60
N TYR I 10 -11.92 -27.35 33.68
CA TYR I 10 -11.85 -28.10 32.43
C TYR I 10 -11.45 -27.19 31.29
N TYR I 11 -10.55 -27.67 30.43
CA TYR I 11 -10.15 -26.96 29.23
C TYR I 11 -10.59 -27.76 28.02
N GLY I 12 -11.40 -27.14 27.17
CA GLY I 12 -11.95 -27.81 26.00
C GLY I 12 -13.41 -28.14 26.08
N VAL I 13 -14.21 -27.38 26.83
CA VAL I 13 -15.62 -27.66 27.01
C VAL I 13 -16.38 -27.18 25.76
N PRO I 14 -17.52 -27.79 25.44
CA PRO I 14 -18.31 -27.37 24.26
C PRO I 14 -19.21 -26.17 24.55
N VAL I 15 -18.60 -24.99 24.63
CA VAL I 15 -19.31 -23.74 24.89
C VAL I 15 -18.93 -22.73 23.82
N TRP I 16 -19.92 -22.11 23.19
CA TRP I 16 -19.67 -21.16 22.13
C TRP I 16 -20.54 -19.92 22.30
N ARG I 17 -20.06 -18.82 21.75
CA ARG I 17 -20.78 -17.54 21.73
C ARG I 17 -20.84 -17.04 20.30
N ASP I 18 -21.89 -16.27 20.01
CA ASP I 18 -22.01 -15.61 18.73
C ASP I 18 -20.93 -14.53 18.62
N ALA I 19 -20.22 -14.51 17.50
CA ALA I 19 -19.14 -13.54 17.30
C ALA I 19 -18.96 -13.30 15.81
N ASP I 20 -18.31 -12.19 15.50
CA ASP I 20 -18.01 -11.79 14.13
C ASP I 20 -16.51 -11.54 14.01
N THR I 21 -15.86 -12.24 13.09
CA THR I 21 -14.43 -12.06 12.87
C THR I 21 -14.08 -12.05 11.39
N THR I 22 -12.80 -12.09 11.07
CA THR I 22 -12.32 -12.08 9.69
C THR I 22 -12.06 -13.51 9.25
N LEU I 23 -12.75 -13.93 8.20
CA LEU I 23 -12.62 -15.27 7.66
C LEU I 23 -11.76 -15.24 6.41
N PHE I 24 -10.68 -16.02 6.40
CA PHE I 24 -9.83 -16.10 5.22
C PHE I 24 -10.47 -17.04 4.21
N CYS I 25 -9.87 -17.13 3.02
CA CYS I 25 -10.46 -17.89 1.93
C CYS I 25 -9.67 -19.17 1.68
N ALA I 26 -10.30 -20.08 0.96
CA ALA I 26 -9.67 -21.31 0.51
C ALA I 26 -10.24 -21.67 -0.86
N SER I 27 -9.39 -22.22 -1.73
CA SER I 27 -9.82 -22.54 -3.09
C SER I 27 -9.56 -24.00 -3.42
N ASP I 28 -9.78 -24.37 -4.68
CA ASP I 28 -9.70 -25.77 -5.10
C ASP I 28 -8.26 -26.10 -5.50
N ALA I 29 -8.06 -27.32 -6.03
CA ALA I 29 -6.72 -27.77 -6.37
C ALA I 29 -6.14 -26.98 -7.53
N LYS I 30 -6.98 -26.28 -8.31
CA LYS I 30 -6.52 -25.48 -9.45
C LYS I 30 -6.00 -24.15 -8.94
N ALA I 31 -4.90 -24.23 -8.18
CA ALA I 31 -4.23 -23.03 -7.70
C ALA I 31 -3.77 -22.19 -8.88
N HIS I 32 -4.15 -20.91 -8.88
CA HIS I 32 -4.00 -20.07 -10.07
C HIS I 32 -2.69 -19.31 -10.07
N GLU I 33 -1.60 -20.07 -10.11
CA GLU I 33 -0.32 -19.61 -10.62
C GLU I 33 -0.11 -20.06 -12.06
N THR I 34 -1.21 -20.29 -12.78
CA THR I 34 -1.22 -20.97 -14.07
C THR I 34 -1.31 -20.00 -15.25
N GLU I 35 -0.65 -18.85 -15.16
CA GLU I 35 -0.52 -17.81 -16.19
C GLU I 35 -1.79 -16.99 -16.35
N VAL I 36 -2.88 -17.33 -15.66
CA VAL I 36 -4.11 -16.55 -15.67
C VAL I 36 -4.48 -16.20 -14.24
N HIS I 37 -4.85 -14.94 -14.02
CA HIS I 37 -5.21 -14.45 -12.71
C HIS I 37 -6.69 -14.10 -12.68
N ASN I 38 -7.41 -14.72 -11.76
CA ASN I 38 -8.81 -14.36 -11.55
C ASN I 38 -8.90 -13.02 -10.84
N VAL I 39 -10.07 -12.38 -11.00
CA VAL I 39 -10.32 -11.13 -10.29
C VAL I 39 -10.32 -11.37 -8.79
N TRP I 40 -10.72 -12.56 -8.35
CA TRP I 40 -10.86 -12.88 -6.94
C TRP I 40 -9.61 -13.51 -6.34
N ALA I 41 -8.52 -13.57 -7.11
CA ALA I 41 -7.19 -13.95 -6.61
C ALA I 41 -7.25 -15.27 -5.85
N THR I 42 -7.83 -16.29 -6.47
CA THR I 42 -7.94 -17.59 -5.81
C THR I 42 -6.57 -18.24 -5.57
N HIS I 43 -5.52 -17.73 -6.21
CA HIS I 43 -4.18 -18.16 -5.87
C HIS I 43 -3.77 -17.62 -4.51
N ALA I 44 -4.16 -16.38 -4.19
CA ALA I 44 -3.93 -15.82 -2.86
C ALA I 44 -4.68 -16.54 -1.78
N CYS I 45 -5.66 -17.38 -2.14
CA CYS I 45 -6.30 -18.29 -1.19
C CYS I 45 -5.34 -19.44 -0.88
N VAL I 46 -4.25 -19.09 -0.19
CA VAL I 46 -3.18 -20.05 0.07
C VAL I 46 -3.70 -21.30 0.75
N PRO I 47 -4.58 -21.24 1.76
CA PRO I 47 -5.14 -22.47 2.31
C PRO I 47 -5.85 -23.29 1.25
N THR I 48 -5.70 -24.61 1.33
CA THR I 48 -6.34 -25.56 0.43
C THR I 48 -7.10 -26.57 1.27
N ASP I 49 -8.20 -27.07 0.74
CA ASP I 49 -9.08 -27.96 1.50
C ASP I 49 -9.02 -29.40 0.99
N PRO I 50 -8.12 -30.22 1.55
CA PRO I 50 -8.09 -31.63 1.13
C PRO I 50 -9.28 -32.44 1.61
N ASN I 51 -9.67 -32.27 2.86
CA ASN I 51 -10.77 -33.02 3.45
C ASN I 51 -11.74 -32.09 4.15
N PRO I 52 -13.03 -32.45 4.20
CA PRO I 52 -14.02 -31.54 4.80
C PRO I 52 -13.81 -31.30 6.29
N GLN I 53 -13.67 -32.36 7.07
CA GLN I 53 -13.56 -32.27 8.53
C GLN I 53 -14.79 -31.60 9.13
N GLU I 54 -15.94 -32.25 8.97
CA GLU I 54 -17.18 -31.79 9.57
C GLU I 54 -17.42 -32.55 10.87
N MET I 55 -18.53 -32.24 11.55
CA MET I 55 -19.03 -33.00 12.69
C MET I 55 -20.45 -32.52 13.00
N HIS I 56 -21.29 -33.47 13.40
CA HIS I 56 -22.71 -33.22 13.63
C HIS I 56 -22.95 -33.00 15.12
N LEU I 57 -23.43 -31.81 15.46
CA LEU I 57 -23.75 -31.47 16.85
C LEU I 57 -25.09 -32.13 17.20
N LYS I 58 -25.03 -33.21 17.97
CA LYS I 58 -26.23 -33.93 18.33
C LYS I 58 -26.96 -33.25 19.47
N ASN I 59 -28.29 -33.22 19.38
CA ASN I 59 -29.16 -32.60 20.40
C ASN I 59 -28.80 -31.14 20.64
N VAL I 60 -28.38 -30.43 19.59
CA VAL I 60 -28.02 -29.02 19.68
C VAL I 60 -28.97 -28.21 18.81
N THR I 61 -29.69 -27.28 19.42
CA THR I 61 -30.58 -26.37 18.71
C THR I 61 -30.00 -24.98 18.74
N GLU I 62 -29.75 -24.41 17.57
CA GLU I 62 -29.15 -23.09 17.43
C GLU I 62 -30.02 -22.22 16.56
N ASN I 63 -30.15 -20.95 16.95
CA ASN I 63 -30.97 -19.99 16.25
C ASN I 63 -30.15 -19.29 15.17
N PHE I 64 -30.67 -19.29 13.94
CA PHE I 64 -30.02 -18.66 12.80
C PHE I 64 -30.85 -17.48 12.35
N ASN I 65 -30.18 -16.37 12.03
CA ASN I 65 -30.81 -15.19 11.44
C ASN I 65 -30.06 -14.86 10.16
N MET I 66 -30.65 -15.23 9.02
CA MET I 66 -29.98 -15.03 7.74
C MET I 66 -29.72 -13.55 7.47
N TRP I 67 -30.59 -12.67 7.95
CA TRP I 67 -30.50 -11.26 7.61
C TRP I 67 -29.58 -10.47 8.53
N LYS I 68 -29.07 -11.08 9.60
CA LYS I 68 -28.05 -10.46 10.43
C LYS I 68 -26.71 -11.18 10.37
N ASN I 69 -26.54 -12.04 9.36
CA ASN I 69 -25.25 -12.66 9.12
C ASN I 69 -24.21 -11.61 8.72
N ASN I 70 -23.03 -11.70 9.31
CA ASN I 70 -21.92 -10.84 8.94
C ASN I 70 -21.04 -11.47 7.87
N MET I 71 -21.20 -12.77 7.62
CA MET I 71 -20.41 -13.43 6.58
C MET I 71 -20.74 -12.86 5.20
N VAL I 72 -22.00 -12.52 4.95
CA VAL I 72 -22.38 -11.96 3.66
C VAL I 72 -21.80 -10.56 3.48
N GLU I 73 -21.79 -9.77 4.55
CA GLU I 73 -21.18 -8.44 4.49
C GLU I 73 -19.68 -8.54 4.23
N GLN I 74 -19.02 -9.49 4.91
CA GLN I 74 -17.59 -9.70 4.66
C GLN I 74 -17.34 -10.16 3.23
N MET I 75 -18.22 -11.03 2.71
CA MET I 75 -18.08 -11.45 1.31
C MET I 75 -18.21 -10.27 0.36
N GLN I 76 -19.18 -9.38 0.60
CA GLN I 76 -19.33 -8.22 -0.26
C GLN I 76 -18.09 -7.34 -0.23
N GLU I 77 -17.57 -7.08 0.98
CA GLU I 77 -16.38 -6.24 1.08
C GLU I 77 -15.18 -6.90 0.39
N ASP I 78 -15.02 -8.20 0.58
CA ASP I 78 -13.89 -8.89 -0.05
C ASP I 78 -14.00 -8.87 -1.58
N VAL I 79 -15.20 -9.10 -2.10
CA VAL I 79 -15.37 -9.10 -3.56
C VAL I 79 -15.10 -7.71 -4.13
N ILE I 80 -15.61 -6.67 -3.46
CA ILE I 80 -15.38 -5.32 -3.94
C ILE I 80 -13.89 -4.99 -3.89
N SER I 81 -13.20 -5.41 -2.84
CA SER I 81 -11.77 -5.16 -2.75
C SER I 81 -11.00 -5.93 -3.83
N LEU I 82 -11.45 -7.15 -4.16
CA LEU I 82 -10.76 -7.93 -5.19
C LEU I 82 -10.94 -7.32 -6.57
N TRP I 83 -12.13 -6.81 -6.89
CA TRP I 83 -12.30 -6.00 -8.09
C TRP I 83 -11.46 -4.73 -8.07
N ASP I 84 -11.42 -4.04 -6.93
CA ASP I 84 -10.66 -2.79 -6.87
C ASP I 84 -9.17 -3.02 -7.10
N GLN I 85 -8.60 -4.06 -6.48
CA GLN I 85 -7.16 -4.27 -6.65
C GLN I 85 -6.84 -4.88 -8.00
N SER I 86 -7.82 -5.54 -8.63
CA SER I 86 -7.57 -6.17 -9.92
C SER I 86 -7.46 -5.15 -11.04
N LEU I 87 -7.95 -3.94 -10.82
CA LEU I 87 -7.96 -2.91 -11.86
C LEU I 87 -6.87 -1.85 -11.66
N LYS I 88 -6.13 -1.91 -10.56
CA LYS I 88 -5.06 -0.93 -10.33
C LYS I 88 -3.95 -1.06 -11.38
N PRO I 89 -3.40 -2.27 -11.68
CA PRO I 89 -2.35 -2.40 -12.69
C PRO I 89 -2.89 -2.53 -14.11
N CYS I 90 -3.85 -1.67 -14.46
CA CYS I 90 -4.48 -1.72 -15.78
C CYS I 90 -4.52 -0.32 -16.38
N VAL I 91 -4.81 -0.27 -17.68
CA VAL I 91 -4.81 0.99 -18.42
C VAL I 91 -5.80 1.96 -17.77
N LYS I 92 -5.52 3.26 -17.90
CA LYS I 92 -6.31 4.27 -17.21
C LYS I 92 -7.39 4.89 -18.10
N LEU I 93 -7.24 4.81 -19.42
CA LEU I 93 -8.25 5.27 -20.40
C LEU I 93 -8.82 6.64 -20.07
N THR I 94 -8.00 7.50 -19.49
CA THR I 94 -8.42 8.89 -19.36
C THR I 94 -8.46 9.65 -20.69
N PRO I 95 -7.67 9.29 -21.73
CA PRO I 95 -7.84 9.97 -23.03
C PRO I 95 -9.21 9.78 -23.65
N LEU I 96 -9.96 8.75 -23.30
CA LEU I 96 -11.21 8.41 -23.97
C LEU I 96 -12.33 9.39 -23.70
N CYS I 97 -12.22 10.22 -22.66
CA CYS I 97 -13.29 11.17 -22.32
C CYS I 97 -13.14 12.40 -23.20
N VAL I 98 -13.52 12.23 -24.47
CA VAL I 98 -13.48 13.29 -25.47
C VAL I 98 -14.80 13.31 -26.22
N THR I 99 -15.02 14.39 -26.95
CA THR I 99 -16.21 14.49 -27.79
C THR I 99 -16.15 13.47 -28.92
N LEU I 100 -17.21 12.68 -29.06
CA LEU I 100 -17.23 11.60 -30.08
C LEU I 100 -18.08 12.01 -31.27
N ASN I 101 -17.56 11.94 -32.48
CA ASN I 101 -18.25 12.27 -33.73
C ASN I 101 -18.95 11.00 -34.23
N CYS I 102 -20.04 10.58 -33.43
CA CYS I 102 -20.80 9.39 -33.80
C CYS I 102 -21.76 9.70 -34.93
N THR I 103 -21.99 8.71 -35.78
CA THR I 103 -22.93 8.85 -36.89
C THR I 103 -24.35 9.07 -36.38
N ASP I 125 -26.76 -5.15 -29.09
CA ASP I 125 -27.65 -4.13 -29.64
C ASP I 125 -27.05 -3.47 -30.87
N ASP I 126 -27.49 -2.24 -31.14
CA ASP I 126 -27.01 -1.47 -32.27
C ASP I 126 -25.80 -0.64 -31.84
N VAL I 127 -24.67 -0.86 -32.50
CA VAL I 127 -23.50 -0.05 -32.23
C VAL I 127 -23.63 1.31 -32.90
N ARG I 128 -22.69 2.21 -32.59
CA ARG I 128 -22.59 3.54 -33.25
C ARG I 128 -21.15 3.68 -33.75
N ASN I 129 -20.90 4.20 -34.95
CA ASN I 129 -19.56 4.35 -35.50
C ASN I 129 -19.08 5.76 -35.19
N CYS I 130 -18.38 5.85 -34.17
CA CYS I 130 -17.89 7.12 -33.66
C CYS I 130 -16.43 7.35 -34.06
N SER I 131 -16.07 8.62 -34.17
CA SER I 131 -14.70 9.04 -34.46
C SER I 131 -14.29 10.09 -33.44
N PHE I 132 -13.02 10.05 -33.04
CA PHE I 132 -12.52 10.98 -32.04
C PHE I 132 -11.01 11.12 -32.17
N ASN I 133 -10.50 12.30 -31.83
CA ASN I 133 -9.08 12.57 -31.75
C ASN I 133 -8.57 12.05 -30.42
N MET I 134 -7.58 11.14 -30.47
CA MET I 134 -7.07 10.53 -29.25
C MET I 134 -5.56 10.50 -29.30
N THR I 135 -4.96 10.48 -28.11
CA THR I 135 -3.51 10.61 -27.98
C THR I 135 -2.80 9.37 -28.52
N THR I 136 -1.59 9.59 -29.03
CA THR I 136 -0.67 8.54 -29.43
C THR I 136 0.45 8.41 -28.40
N GLU I 137 1.40 7.53 -28.66
CA GLU I 137 2.49 7.31 -27.72
C GLU I 137 3.34 8.57 -27.55
N LEU I 138 3.37 9.42 -28.56
CA LEU I 138 4.08 10.70 -28.46
C LEU I 138 3.13 11.78 -27.95
N ARG I 139 3.61 12.59 -27.01
CA ARG I 139 2.75 13.60 -26.40
C ARG I 139 2.41 14.71 -27.39
N ASP I 140 3.22 14.88 -28.43
CA ASP I 140 2.90 15.89 -29.43
C ASP I 140 1.86 15.40 -30.42
N LYS I 141 2.16 14.32 -31.13
CA LYS I 141 1.29 13.81 -32.19
C LYS I 141 -0.02 13.28 -31.62
N GLN I 142 -1.04 13.27 -32.46
CA GLN I 142 -2.39 12.90 -32.05
C GLN I 142 -3.11 12.25 -33.23
N GLN I 143 -3.70 11.09 -32.98
CA GLN I 143 -4.28 10.26 -34.03
C GLN I 143 -5.80 10.30 -33.96
N LYS I 144 -6.44 10.25 -35.13
CA LYS I 144 -7.88 10.12 -35.23
C LYS I 144 -8.25 8.65 -35.23
N VAL I 145 -9.22 8.27 -34.40
CA VAL I 145 -9.58 6.88 -34.20
C VAL I 145 -11.05 6.68 -34.56
N TYR I 146 -11.35 5.51 -35.11
CA TYR I 146 -12.71 5.08 -35.38
C TYR I 146 -13.01 3.82 -34.58
N ALA I 147 -14.09 3.84 -33.81
CA ALA I 147 -14.45 2.71 -32.98
C ALA I 147 -15.96 2.59 -32.89
N LEU I 148 -16.45 1.36 -32.90
CA LEU I 148 -17.88 1.07 -32.75
C LEU I 148 -18.21 1.03 -31.27
N PHE I 149 -18.95 2.02 -30.80
CA PHE I 149 -19.34 2.14 -29.41
C PHE I 149 -20.79 1.74 -29.26
N TYR I 150 -21.08 0.93 -28.25
CA TYR I 150 -22.44 0.45 -28.03
C TYR I 150 -23.35 1.62 -27.64
N LYS I 151 -24.61 1.53 -28.04
CA LYS I 151 -25.55 2.61 -27.76
C LYS I 151 -25.78 2.79 -26.27
N LEU I 152 -25.55 1.74 -25.48
CA LEU I 152 -25.77 1.84 -24.04
C LEU I 152 -24.67 2.65 -23.37
N ASP I 153 -23.45 2.56 -23.88
CA ASP I 153 -22.32 3.27 -23.27
C ASP I 153 -22.34 4.76 -23.63
N ILE I 154 -23.05 5.10 -24.69
CA ILE I 154 -22.90 6.42 -25.31
C ILE I 154 -24.09 7.30 -24.94
N VAL I 155 -23.80 8.48 -24.41
CA VAL I 155 -24.82 9.44 -23.99
C VAL I 155 -24.69 10.70 -24.82
N PRO I 156 -25.79 11.22 -25.38
CA PRO I 156 -25.71 12.44 -26.18
C PRO I 156 -25.24 13.63 -25.36
N ILE I 157 -24.56 14.56 -26.03
CA ILE I 157 -24.12 15.81 -25.42
C ILE I 157 -24.96 16.94 -26.01
N ASP I 158 -25.38 17.87 -25.15
CA ASP I 158 -26.21 18.98 -25.59
C ASP I 158 -25.61 20.32 -25.20
N ASN I 167 -27.10 14.90 -39.25
CA ASN I 167 -26.22 13.73 -39.14
C ASN I 167 -24.99 14.06 -38.30
N PHE I 168 -24.27 13.01 -37.92
CA PHE I 168 -23.00 13.13 -37.21
C PHE I 168 -23.15 13.97 -35.93
N SER I 169 -24.16 13.63 -35.13
CA SER I 169 -24.34 14.29 -33.86
C SER I 169 -23.23 13.90 -32.89
N GLU I 170 -22.88 14.83 -32.01
CA GLU I 170 -21.79 14.63 -31.06
C GLU I 170 -22.30 13.91 -29.82
N TYR I 171 -21.44 13.07 -29.25
CA TYR I 171 -21.82 12.21 -28.14
C TYR I 171 -20.72 12.22 -27.09
N ARG I 172 -20.83 11.31 -26.13
CA ARG I 172 -19.92 11.26 -24.99
C ARG I 172 -20.12 9.95 -24.25
N LEU I 173 -19.02 9.39 -23.75
CA LEU I 173 -19.11 8.19 -22.92
C LEU I 173 -19.91 8.49 -21.66
N ILE I 174 -20.64 7.46 -21.19
CA ILE I 174 -21.55 7.66 -20.07
C ILE I 174 -20.80 7.93 -18.78
N ASN I 175 -19.68 7.23 -18.55
CA ASN I 175 -18.91 7.41 -17.33
C ASN I 175 -17.75 8.37 -17.50
N CYS I 176 -18.13 9.62 -17.77
CA CYS I 176 -17.24 10.76 -17.99
C CYS I 176 -17.55 11.80 -16.94
N ASN I 177 -18.78 11.86 -16.48
CA ASN I 177 -19.14 12.82 -15.45
C ASN I 177 -19.28 12.16 -14.08
N THR I 178 -18.75 10.95 -13.91
CA THR I 178 -18.86 10.30 -12.59
C THR I 178 -17.54 9.67 -12.13
N SER I 179 -16.80 8.99 -12.97
CA SER I 179 -15.53 8.37 -12.59
C SER I 179 -14.62 8.32 -13.80
N VAL I 180 -13.39 7.87 -13.56
CA VAL I 180 -12.41 7.61 -14.61
C VAL I 180 -12.40 6.12 -14.88
N ILE I 181 -12.47 5.75 -16.15
CA ILE I 181 -12.73 4.38 -16.56
C ILE I 181 -11.41 3.68 -16.80
N LYS I 182 -11.16 2.60 -16.07
CA LYS I 182 -9.95 1.81 -16.24
C LYS I 182 -10.28 0.54 -17.03
N GLN I 183 -9.46 0.24 -18.03
CA GLN I 183 -9.68 -0.94 -18.85
C GLN I 183 -9.45 -2.20 -18.01
N ALA I 184 -9.98 -3.32 -18.52
CA ALA I 184 -9.78 -4.62 -17.91
C ALA I 184 -8.54 -5.27 -18.53
N CYS I 185 -7.61 -5.67 -17.68
CA CYS I 185 -6.37 -6.25 -18.18
C CYS I 185 -6.65 -7.55 -18.94
N PRO I 186 -6.02 -7.76 -20.08
CA PRO I 186 -6.37 -8.94 -20.90
C PRO I 186 -6.12 -10.27 -20.23
N LYS I 187 -5.07 -10.37 -19.41
CA LYS I 187 -4.78 -11.64 -18.76
C LYS I 187 -5.73 -11.92 -17.61
N VAL I 188 -6.27 -10.85 -17.00
CA VAL I 188 -7.21 -11.03 -15.90
C VAL I 188 -8.49 -11.68 -16.40
N SER I 189 -8.91 -12.76 -15.73
CA SER I 189 -10.08 -13.52 -16.11
C SER I 189 -11.18 -13.30 -15.08
N PHE I 190 -12.43 -13.33 -15.55
CA PHE I 190 -13.59 -13.06 -14.70
C PHE I 190 -14.35 -14.32 -14.33
N ASP I 191 -13.75 -15.50 -14.51
CA ASP I 191 -14.45 -16.75 -14.26
C ASP I 191 -14.76 -16.90 -12.77
N PRO I 192 -16.04 -17.02 -12.38
CA PRO I 192 -16.37 -17.20 -10.97
C PRO I 192 -15.91 -18.56 -10.48
N ILE I 193 -14.95 -18.55 -9.56
CA ILE I 193 -14.33 -19.79 -9.09
C ILE I 193 -14.61 -19.92 -7.58
N PRO I 194 -15.01 -21.10 -7.11
CA PRO I 194 -15.51 -21.23 -5.73
C PRO I 194 -14.50 -20.73 -4.71
N ILE I 195 -15.00 -19.99 -3.72
CA ILE I 195 -14.18 -19.42 -2.65
C ILE I 195 -14.77 -19.86 -1.33
N HIS I 196 -13.96 -20.52 -0.51
CA HIS I 196 -14.40 -21.10 0.75
C HIS I 196 -14.01 -20.18 1.89
N TYR I 197 -14.95 -19.92 2.80
CA TYR I 197 -14.69 -19.11 3.99
C TYR I 197 -14.42 -20.01 5.18
N CYS I 198 -13.24 -19.87 5.76
CA CYS I 198 -12.79 -20.68 6.87
C CYS I 198 -12.57 -19.81 8.11
N THR I 199 -12.43 -20.45 9.26
CA THR I 199 -12.33 -19.67 10.49
C THR I 199 -11.01 -19.93 11.20
N PRO I 200 -10.52 -18.96 11.96
CA PRO I 200 -9.29 -19.16 12.72
C PRO I 200 -9.45 -20.21 13.79
N ALA I 201 -8.36 -20.54 14.46
CA ALA I 201 -8.43 -21.41 15.63
C ALA I 201 -9.18 -20.71 16.75
N GLY I 202 -10.01 -21.46 17.45
CA GLY I 202 -10.86 -20.91 18.49
C GLY I 202 -12.23 -20.47 18.03
N TYR I 203 -12.50 -20.52 16.73
CA TYR I 203 -13.81 -20.20 16.17
C TYR I 203 -14.31 -21.38 15.38
N ALA I 204 -15.61 -21.38 15.10
CA ALA I 204 -16.22 -22.44 14.32
C ALA I 204 -17.40 -21.87 13.54
N ILE I 205 -17.76 -22.56 12.47
CA ILE I 205 -18.90 -22.21 11.65
C ILE I 205 -19.99 -23.25 11.88
N LEU I 206 -21.19 -22.78 12.17
CA LEU I 206 -22.34 -23.64 12.39
C LEU I 206 -23.17 -23.70 11.12
N ARG I 207 -23.44 -24.91 10.65
CA ARG I 207 -24.23 -25.13 9.44
C ARG I 207 -25.56 -25.75 9.81
N CYS I 208 -26.64 -25.23 9.22
CA CYS I 208 -27.98 -25.64 9.64
C CYS I 208 -28.26 -27.10 9.28
N ASN I 209 -27.83 -27.54 8.09
CA ASN I 209 -28.02 -28.92 7.65
C ASN I 209 -29.50 -29.31 7.60
N ASP I 210 -30.39 -28.35 7.77
CA ASP I 210 -31.82 -28.59 7.91
C ASP I 210 -32.52 -28.24 6.59
N LYS I 211 -33.53 -29.03 6.26
CA LYS I 211 -34.22 -28.89 4.98
C LYS I 211 -35.33 -27.85 5.09
N LYS I 212 -35.59 -27.18 3.96
CA LYS I 212 -36.63 -26.14 3.87
C LYS I 212 -36.40 -25.04 4.90
N PHE I 213 -35.12 -24.72 5.13
CA PHE I 213 -34.74 -23.70 6.12
C PHE I 213 -34.73 -22.30 5.51
N ASN I 214 -35.78 -21.55 5.74
CA ASN I 214 -36.00 -20.18 5.31
C ASN I 214 -35.13 -19.17 6.03
N GLY I 215 -33.96 -19.64 6.46
CA GLY I 215 -32.85 -18.86 7.03
C GLY I 215 -33.18 -17.90 8.15
N THR I 216 -34.15 -18.23 8.97
CA THR I 216 -34.55 -17.52 10.18
C THR I 216 -35.35 -18.44 11.09
N GLY I 217 -34.82 -18.69 12.29
CA GLY I 217 -35.49 -19.51 13.26
C GLY I 217 -34.61 -20.60 13.83
N PRO I 218 -35.16 -21.43 14.71
CA PRO I 218 -34.37 -22.53 15.29
C PRO I 218 -33.95 -23.54 14.25
N CYS I 219 -32.80 -24.18 14.49
CA CYS I 219 -32.25 -25.19 13.60
C CYS I 219 -31.95 -26.44 14.42
N LYS I 220 -32.44 -27.59 13.96
CA LYS I 220 -32.44 -28.78 14.80
C LYS I 220 -31.13 -29.56 14.70
N ASN I 221 -30.73 -29.96 13.49
CA ASN I 221 -29.42 -30.58 13.29
C ASN I 221 -28.36 -29.58 12.83
N VAL I 222 -27.93 -28.75 13.78
CA VAL I 222 -26.80 -27.87 13.54
C VAL I 222 -25.55 -28.72 13.39
N SER I 223 -24.65 -28.29 12.50
CA SER I 223 -23.40 -29.00 12.26
C SER I 223 -22.25 -28.00 12.26
N SER I 224 -21.10 -28.45 12.76
CA SER I 224 -19.93 -27.61 12.92
C SER I 224 -18.91 -27.94 11.83
N VAL I 225 -18.60 -26.96 11.00
CA VAL I 225 -17.67 -27.12 9.89
C VAL I 225 -16.56 -26.10 10.02
N GLN I 226 -15.43 -26.37 9.37
CA GLN I 226 -14.33 -25.41 9.36
C GLN I 226 -14.49 -24.39 8.25
N CYS I 227 -14.85 -24.85 7.05
CA CYS I 227 -14.93 -24.00 5.87
C CYS I 227 -16.31 -24.13 5.25
N THR I 228 -16.81 -23.04 4.68
CA THR I 228 -18.06 -23.08 3.95
C THR I 228 -17.86 -23.78 2.60
N HIS I 229 -18.99 -24.16 1.99
CA HIS I 229 -18.92 -24.78 0.67
C HIS I 229 -18.44 -23.78 -0.37
N GLY I 230 -18.15 -24.28 -1.57
CA GLY I 230 -17.66 -23.42 -2.63
C GLY I 230 -18.72 -22.42 -3.04
N ILE I 231 -18.46 -21.15 -2.73
CA ILE I 231 -19.40 -20.06 -2.99
C ILE I 231 -18.89 -19.28 -4.19
N LYS I 232 -19.49 -19.51 -5.35
CA LYS I 232 -19.06 -18.85 -6.56
C LYS I 232 -19.47 -17.38 -6.54
N PRO I 233 -18.53 -16.45 -6.69
CA PRO I 233 -18.90 -15.02 -6.71
C PRO I 233 -19.47 -14.58 -8.05
N VAL I 234 -20.68 -15.06 -8.34
CA VAL I 234 -21.42 -14.69 -9.55
C VAL I 234 -22.22 -13.43 -9.26
N VAL I 235 -22.07 -12.43 -10.11
CA VAL I 235 -22.77 -11.15 -9.96
C VAL I 235 -23.84 -11.07 -11.03
N SER I 236 -25.11 -11.05 -10.60
CA SER I 236 -26.24 -10.99 -11.51
C SER I 236 -27.36 -10.22 -10.82
N THR I 237 -28.25 -9.66 -11.63
CA THR I 237 -29.23 -8.70 -11.16
C THR I 237 -30.60 -9.30 -10.87
N GLN I 238 -31.23 -9.94 -11.85
CA GLN I 238 -32.58 -10.47 -11.67
C GLN I 238 -32.63 -11.96 -11.45
N LEU I 239 -31.61 -12.70 -11.89
CA LEU I 239 -31.62 -14.15 -11.82
C LEU I 239 -30.32 -14.63 -11.21
N LEU I 240 -30.43 -15.52 -10.22
CA LEU I 240 -29.27 -16.11 -9.56
C LEU I 240 -28.79 -17.30 -10.38
N LEU I 241 -27.60 -17.19 -10.93
CA LEU I 241 -27.14 -18.26 -11.84
C LEU I 241 -26.01 -18.99 -11.17
N ASN I 242 -25.89 -20.25 -11.48
CA ASN I 242 -24.86 -21.17 -11.01
C ASN I 242 -24.82 -21.29 -9.50
N GLY I 243 -25.90 -21.03 -8.76
CA GLY I 243 -25.82 -21.09 -7.28
C GLY I 243 -26.07 -22.47 -6.70
N SER I 244 -26.17 -22.65 -5.36
CA SER I 244 -26.54 -23.92 -4.77
C SER I 244 -28.06 -24.08 -4.77
N LEU I 245 -28.51 -25.33 -4.89
CA LEU I 245 -29.92 -25.65 -5.02
C LEU I 245 -30.49 -26.05 -3.66
N ALA I 246 -31.76 -25.73 -3.46
CA ALA I 246 -32.47 -26.21 -2.28
C ALA I 246 -32.60 -27.73 -2.34
N GLU I 247 -32.90 -28.34 -1.20
CA GLU I 247 -32.84 -29.78 -1.10
C GLU I 247 -34.20 -30.46 -1.27
N GLU I 248 -35.26 -29.89 -0.70
CA GLU I 248 -36.56 -30.54 -0.72
C GLU I 248 -37.64 -29.74 -1.44
N GLY I 249 -37.56 -28.42 -1.45
CA GLY I 249 -38.57 -27.63 -2.12
C GLY I 249 -38.09 -26.20 -2.33
N ILE I 250 -38.92 -25.44 -3.03
CA ILE I 250 -38.59 -24.05 -3.31
C ILE I 250 -38.82 -23.21 -2.06
N ILE I 251 -37.81 -22.42 -1.68
CA ILE I 251 -37.80 -21.71 -0.41
C ILE I 251 -37.84 -20.22 -0.70
N ILE I 252 -38.73 -19.51 -0.01
CA ILE I 252 -38.89 -18.07 -0.17
C ILE I 252 -38.28 -17.39 1.06
N ARG I 253 -37.36 -16.47 0.84
CA ARG I 253 -36.59 -15.84 1.91
C ARG I 253 -36.65 -14.33 1.76
N SER I 254 -37.48 -13.68 2.57
CA SER I 254 -37.58 -12.23 2.61
C SER I 254 -37.31 -11.73 4.02
N GLU I 255 -36.62 -10.60 4.09
CA GLU I 255 -36.22 -9.98 5.37
C GLU I 255 -37.44 -9.56 6.16
N ASN I 256 -38.51 -9.19 5.46
CA ASN I 256 -39.78 -8.79 6.05
C ASN I 256 -40.82 -9.00 4.96
N LEU I 257 -41.53 -10.11 5.00
CA LEU I 257 -42.54 -10.34 3.95
C LEU I 257 -43.48 -9.13 3.88
N THR I 258 -44.08 -8.70 4.97
CA THR I 258 -45.05 -7.61 4.92
C THR I 258 -44.51 -6.42 4.13
N ASN I 259 -43.24 -6.08 4.35
CA ASN I 259 -42.65 -4.94 3.65
C ASN I 259 -42.43 -5.27 2.18
N ASN I 260 -42.84 -4.36 1.32
CA ASN I 260 -42.65 -4.51 -0.12
C ASN I 260 -41.35 -3.87 -0.60
N ALA I 261 -40.64 -3.16 0.27
CA ALA I 261 -39.32 -2.64 -0.05
C ALA I 261 -38.22 -3.64 0.24
N LYS I 262 -38.56 -4.84 0.70
CA LYS I 262 -37.62 -5.90 0.97
C LYS I 262 -37.68 -6.92 -0.16
N THR I 263 -36.53 -7.20 -0.77
CA THR I 263 -36.48 -8.16 -1.85
C THR I 263 -36.86 -9.55 -1.36
N ILE I 264 -37.54 -10.30 -2.22
CA ILE I 264 -37.94 -11.67 -1.94
C ILE I 264 -37.01 -12.59 -2.71
N ILE I 265 -36.22 -13.38 -1.98
CA ILE I 265 -35.25 -14.27 -2.58
C ILE I 265 -35.88 -15.65 -2.68
N VAL I 266 -36.05 -16.14 -3.90
CA VAL I 266 -36.58 -17.46 -4.16
C VAL I 266 -35.43 -18.39 -4.48
N HIS I 267 -35.40 -19.54 -3.83
CA HIS I 267 -34.34 -20.53 -4.02
C HIS I 267 -34.90 -21.72 -4.77
N PHE I 268 -34.28 -22.19 -5.84
CA PHE I 268 -34.95 -23.31 -6.54
C PHE I 268 -34.28 -24.61 -6.16
N ASN I 269 -35.03 -25.69 -6.04
CA ASN I 269 -34.47 -27.01 -5.77
C ASN I 269 -34.11 -27.76 -7.04
N GLU I 270 -34.60 -27.26 -8.19
CA GLU I 270 -34.28 -27.76 -9.57
C GLU I 270 -33.84 -26.54 -10.39
N SER I 271 -32.77 -26.63 -11.19
CA SER I 271 -32.20 -25.48 -11.88
C SER I 271 -32.66 -25.45 -13.33
N VAL I 272 -33.21 -24.31 -13.74
CA VAL I 272 -33.55 -24.08 -15.14
C VAL I 272 -32.27 -23.77 -15.88
N LYS I 273 -32.13 -24.29 -17.09
CA LYS I 273 -30.92 -24.08 -17.88
C LYS I 273 -31.14 -22.94 -18.85
N ILE I 274 -30.23 -21.96 -18.81
CA ILE I 274 -30.27 -20.80 -19.69
C ILE I 274 -29.04 -20.85 -20.58
N ASN I 275 -29.26 -20.68 -21.89
CA ASN I 275 -28.21 -20.76 -22.89
C ASN I 275 -28.04 -19.40 -23.54
N CYS I 276 -26.95 -18.72 -23.21
CA CYS I 276 -26.71 -17.35 -23.66
C CYS I 276 -25.50 -17.33 -24.56
N THR I 277 -25.62 -16.64 -25.70
CA THR I 277 -24.54 -16.59 -26.66
C THR I 277 -24.62 -15.28 -27.46
N ARG I 278 -23.46 -14.86 -27.95
CA ARG I 278 -23.34 -13.75 -28.89
C ARG I 278 -22.81 -14.30 -30.21
N PRO I 279 -23.68 -14.56 -31.18
CA PRO I 279 -23.34 -15.50 -32.26
C PRO I 279 -22.50 -14.95 -33.40
N SER I 280 -22.06 -13.69 -33.36
CA SER I 280 -21.30 -13.08 -34.44
C SER I 280 -19.87 -12.84 -33.98
N ASN I 281 -18.89 -13.33 -34.74
CA ASN I 281 -17.51 -13.09 -34.35
C ASN I 281 -17.19 -11.61 -34.54
N ASN I 282 -16.73 -10.97 -33.47
CA ASN I 282 -16.33 -9.57 -33.48
C ASN I 282 -14.82 -9.47 -33.59
N THR I 283 -14.36 -8.34 -34.13
CA THR I 283 -12.95 -8.08 -34.30
C THR I 283 -12.47 -7.13 -33.22
N ARG I 284 -11.37 -7.50 -32.55
CA ARG I 284 -10.75 -6.67 -31.54
C ARG I 284 -9.49 -6.04 -32.13
N THR I 285 -9.46 -4.72 -32.19
CA THR I 285 -8.34 -3.98 -32.75
C THR I 285 -7.71 -3.12 -31.65
N GLY I 286 -6.42 -3.33 -31.42
CA GLY I 286 -5.73 -2.55 -30.40
C GLY I 286 -5.05 -1.34 -30.99
N ILE I 287 -5.17 -0.21 -30.28
CA ILE I 287 -4.50 1.02 -30.65
C ILE I 287 -3.67 1.47 -29.45
N HIS I 288 -2.64 2.27 -29.70
CA HIS I 288 -1.71 2.68 -28.67
C HIS I 288 -2.05 4.11 -28.24
N ILE I 289 -2.46 4.26 -26.98
CA ILE I 289 -2.89 5.57 -26.50
C ILE I 289 -1.78 6.23 -25.70
N GLY I 290 -0.75 5.47 -25.34
CA GLY I 290 0.37 5.99 -24.60
C GLY I 290 1.55 5.05 -24.66
N PRO I 291 2.54 5.30 -23.81
CA PRO I 291 3.71 4.42 -23.75
C PRO I 291 3.35 3.07 -23.13
N GLY I 292 3.28 2.04 -23.97
CA GLY I 292 2.98 0.71 -23.51
C GLY I 292 1.52 0.46 -23.16
N GLN I 293 0.63 1.36 -23.52
CA GLN I 293 -0.79 1.25 -23.19
C GLN I 293 -1.58 1.02 -24.47
N VAL I 294 -2.29 -0.11 -24.53
CA VAL I 294 -3.07 -0.49 -25.70
C VAL I 294 -4.54 -0.49 -25.32
N PHE I 295 -5.34 0.28 -26.04
CA PHE I 295 -6.79 0.34 -25.83
C PHE I 295 -7.46 -0.48 -26.91
N TYR I 296 -8.17 -1.52 -26.50
CA TYR I 296 -8.73 -2.50 -27.43
C TYR I 296 -10.16 -2.10 -27.77
N LYS I 297 -10.36 -1.65 -29.00
CA LYS I 297 -11.67 -1.21 -29.49
C LYS I 297 -12.30 -2.30 -30.33
N THR I 298 -13.58 -2.10 -30.66
CA THR I 298 -14.32 -3.04 -31.48
C THR I 298 -14.27 -2.60 -32.94
N GLY I 299 -13.83 -3.51 -33.80
CA GLY I 299 -13.84 -3.26 -35.23
C GLY I 299 -15.13 -3.73 -35.88
N ASP I 300 -15.08 -3.95 -37.18
CA ASP I 300 -16.26 -4.43 -37.88
C ASP I 300 -16.53 -5.90 -37.55
N ILE I 301 -17.74 -6.37 -37.80
CA ILE I 301 -18.09 -7.76 -37.52
C ILE I 301 -17.79 -8.61 -38.73
N ILE I 302 -16.90 -9.57 -38.60
CA ILE I 302 -16.53 -10.44 -39.70
C ILE I 302 -17.55 -11.53 -39.87
N GLY I 303 -18.67 -11.20 -40.49
CA GLY I 303 -19.73 -12.17 -40.60
C GLY I 303 -21.01 -11.41 -40.72
N ASP I 304 -22.09 -11.98 -40.22
CA ASP I 304 -23.38 -11.36 -40.29
C ASP I 304 -23.87 -10.91 -38.93
N ILE I 305 -24.46 -9.74 -38.83
CA ILE I 305 -24.90 -9.21 -37.56
C ILE I 305 -25.97 -10.07 -36.95
N ARG I 306 -25.87 -10.39 -35.66
CA ARG I 306 -26.81 -11.25 -34.99
C ARG I 306 -26.92 -10.78 -33.55
N LYS I 307 -28.12 -10.56 -33.03
CA LYS I 307 -28.32 -10.06 -31.67
C LYS I 307 -27.92 -11.14 -30.70
N ALA I 308 -27.75 -10.80 -29.43
CA ALA I 308 -27.34 -11.78 -28.45
C ALA I 308 -28.56 -12.21 -27.75
N TYR I 309 -28.65 -13.47 -27.38
CA TYR I 309 -29.90 -13.93 -26.79
C TYR I 309 -29.61 -14.96 -25.71
N CYS I 310 -30.65 -15.29 -24.96
CA CYS I 310 -30.62 -16.35 -23.96
C CYS I 310 -31.80 -17.27 -24.17
N ASN I 311 -31.57 -18.44 -24.17
CA ASN I 311 -32.63 -19.42 -24.33
C ASN I 311 -33.02 -19.98 -22.97
N ILE I 312 -34.30 -20.06 -22.69
CA ILE I 312 -34.90 -20.67 -21.51
C ILE I 312 -36.02 -21.59 -21.98
N SER I 313 -35.96 -22.86 -21.62
CA SER I 313 -37.00 -23.79 -21.99
C SER I 313 -38.33 -23.37 -21.38
N GLY I 314 -39.36 -23.32 -22.23
CA GLY I 314 -40.66 -22.85 -21.76
C GLY I 314 -41.30 -23.79 -20.76
N ALA I 315 -41.21 -25.09 -21.01
CA ALA I 315 -41.84 -26.06 -20.11
C ALA I 315 -41.19 -26.02 -18.72
N GLN I 316 -39.86 -26.09 -18.67
CA GLN I 316 -39.16 -26.06 -17.39
C GLN I 316 -39.38 -24.74 -16.66
N TRP I 317 -39.29 -23.62 -17.38
CA TRP I 317 -39.47 -22.32 -16.73
C TRP I 317 -40.89 -22.17 -16.19
N HIS I 318 -41.90 -22.59 -16.96
CA HIS I 318 -43.27 -22.46 -16.49
C HIS I 318 -43.55 -23.42 -15.34
N LYS I 319 -42.90 -24.59 -15.34
CA LYS I 319 -43.04 -25.50 -14.21
C LYS I 319 -42.49 -24.88 -12.93
N VAL I 320 -41.24 -24.41 -12.98
CA VAL I 320 -40.64 -23.84 -11.77
C VAL I 320 -41.36 -22.56 -11.37
N LEU I 321 -41.90 -21.83 -12.34
CA LEU I 321 -42.65 -20.62 -12.02
C LEU I 321 -43.99 -20.94 -11.38
N GLY I 322 -44.63 -22.03 -11.78
CA GLY I 322 -45.82 -22.47 -11.07
C GLY I 322 -45.52 -22.90 -9.66
N ARG I 323 -44.40 -23.60 -9.45
CA ARG I 323 -43.99 -23.94 -8.09
C ARG I 323 -43.74 -22.69 -7.25
N VAL I 324 -43.05 -21.71 -7.82
CA VAL I 324 -42.79 -20.46 -7.11
C VAL I 324 -44.10 -19.74 -6.81
N ALA I 325 -45.04 -19.76 -7.76
CA ALA I 325 -46.33 -19.15 -7.54
C ALA I 325 -47.09 -19.82 -6.41
N ASN I 326 -47.04 -21.15 -6.34
CA ASN I 326 -47.70 -21.85 -5.25
C ASN I 326 -47.08 -21.48 -3.91
N LYS I 327 -45.74 -21.41 -3.84
CA LYS I 327 -45.10 -21.01 -2.59
C LYS I 327 -45.47 -19.58 -2.21
N LEU I 328 -45.53 -18.68 -3.19
CA LEU I 328 -45.93 -17.30 -2.92
C LEU I 328 -47.37 -17.22 -2.47
N LYS I 329 -48.25 -18.10 -2.98
CA LYS I 329 -49.61 -18.16 -2.48
C LYS I 329 -49.63 -18.63 -1.02
N GLU I 330 -48.77 -19.60 -0.69
CA GLU I 330 -48.68 -20.05 0.70
C GLU I 330 -48.25 -18.90 1.62
N HIS I 331 -47.27 -18.11 1.19
CA HIS I 331 -46.75 -17.04 2.03
C HIS I 331 -47.52 -15.73 1.91
N PHE I 332 -48.50 -15.62 1.01
CA PHE I 332 -49.17 -14.36 0.74
C PHE I 332 -50.69 -14.49 0.74
N ASN I 333 -51.27 -15.14 1.76
CA ASN I 333 -52.71 -15.17 1.99
C ASN I 333 -53.47 -15.81 0.84
N ASN I 334 -52.83 -16.72 0.11
CA ASN I 334 -53.48 -17.52 -0.93
C ASN I 334 -54.06 -16.64 -2.04
N LYS I 335 -53.47 -15.48 -2.28
CA LYS I 335 -53.93 -14.62 -3.36
C LYS I 335 -53.43 -15.15 -4.70
N THR I 336 -54.01 -14.62 -5.77
CA THR I 336 -53.52 -14.95 -7.11
C THR I 336 -52.25 -14.16 -7.39
N ILE I 337 -51.21 -14.89 -7.79
CA ILE I 337 -49.87 -14.33 -7.92
C ILE I 337 -49.60 -14.03 -9.39
N VAL I 338 -49.34 -12.75 -9.69
CA VAL I 338 -49.05 -12.31 -11.05
C VAL I 338 -47.61 -11.83 -11.10
N PHE I 339 -46.87 -12.27 -12.11
CA PHE I 339 -45.52 -11.79 -12.37
C PHE I 339 -45.59 -10.79 -13.51
N LYS I 340 -45.12 -9.58 -13.27
CA LYS I 340 -45.09 -8.55 -14.29
C LYS I 340 -43.65 -8.22 -14.66
N PRO I 341 -43.41 -7.75 -15.88
CA PRO I 341 -42.05 -7.39 -16.27
C PRO I 341 -41.55 -6.20 -15.47
N SER I 342 -40.22 -6.07 -15.40
CA SER I 342 -39.60 -5.05 -14.58
C SER I 342 -40.11 -3.67 -14.97
N SER I 343 -40.17 -2.78 -13.97
CA SER I 343 -40.84 -1.49 -14.15
C SER I 343 -40.18 -0.65 -15.23
N GLY I 344 -38.85 -0.62 -15.24
CA GLY I 344 -38.13 0.17 -16.23
C GLY I 344 -37.27 1.25 -15.61
N GLY I 345 -36.26 1.70 -16.35
CA GLY I 345 -35.34 2.69 -15.84
C GLY I 345 -33.91 2.44 -16.24
N ASP I 346 -33.02 2.42 -15.26
CA ASP I 346 -31.61 2.19 -15.55
C ASP I 346 -31.41 0.79 -16.11
N PRO I 347 -30.65 0.64 -17.19
CA PRO I 347 -30.46 -0.70 -17.78
C PRO I 347 -29.84 -1.70 -16.81
N GLU I 348 -28.96 -1.24 -15.92
CA GLU I 348 -28.31 -2.16 -14.99
C GLU I 348 -29.27 -2.62 -13.90
N ILE I 349 -30.34 -1.86 -13.66
CA ILE I 349 -31.26 -2.19 -12.58
C ILE I 349 -32.39 -3.09 -13.10
N THR I 350 -32.93 -2.78 -14.27
CA THR I 350 -34.15 -3.42 -14.76
C THR I 350 -33.88 -4.48 -15.83
N MET I 351 -32.63 -4.90 -16.01
CA MET I 351 -32.31 -5.95 -16.97
C MET I 351 -31.41 -6.98 -16.30
N HIS I 352 -31.50 -8.22 -16.80
CA HIS I 352 -30.75 -9.32 -16.23
C HIS I 352 -29.28 -9.21 -16.65
N HIS I 353 -28.47 -8.63 -15.78
CA HIS I 353 -27.04 -8.45 -16.02
C HIS I 353 -26.29 -9.70 -15.60
N PHE I 354 -25.30 -10.09 -16.39
CA PHE I 354 -24.40 -11.17 -16.03
C PHE I 354 -23.18 -11.10 -16.94
N ASN I 355 -22.21 -11.97 -16.68
CA ASN I 355 -20.95 -12.00 -17.41
C ASN I 355 -20.80 -13.37 -18.03
N CYS I 356 -20.61 -13.42 -19.34
CA CYS I 356 -20.55 -14.70 -20.05
C CYS I 356 -19.12 -15.20 -20.22
N ARG I 357 -18.30 -14.46 -20.96
CA ARG I 357 -16.88 -14.79 -21.12
C ARG I 357 -16.04 -13.53 -21.09
N GLY I 358 -16.44 -12.56 -20.28
CA GLY I 358 -15.85 -11.25 -20.30
C GLY I 358 -16.68 -10.19 -20.99
N GLU I 359 -17.76 -10.58 -21.66
CA GLU I 359 -18.73 -9.66 -22.22
C GLU I 359 -19.94 -9.63 -21.29
N PHE I 360 -20.36 -8.44 -20.89
CA PHE I 360 -21.37 -8.27 -19.86
C PHE I 360 -22.72 -8.06 -20.52
N PHE I 361 -23.52 -9.11 -20.58
CA PHE I 361 -24.83 -9.09 -21.19
C PHE I 361 -25.82 -8.35 -20.29
N TYR I 362 -26.80 -7.71 -20.92
CA TYR I 362 -27.93 -7.12 -20.23
C TYR I 362 -29.21 -7.59 -20.91
N CYS I 363 -29.69 -8.76 -20.50
CA CYS I 363 -30.83 -9.38 -21.16
C CYS I 363 -32.14 -8.84 -20.60
N ASN I 364 -33.17 -8.82 -21.52
CA ASN I 364 -34.49 -8.26 -21.27
C ASN I 364 -35.43 -9.42 -20.98
N THR I 365 -35.74 -9.57 -19.70
CA THR I 365 -36.56 -10.70 -19.20
C THR I 365 -37.98 -10.24 -18.93
N THR I 366 -38.66 -9.75 -19.95
CA THR I 366 -40.09 -9.48 -20.03
C THR I 366 -40.87 -10.72 -20.45
N LYS I 367 -40.31 -11.51 -21.36
CA LYS I 367 -40.97 -12.75 -21.77
C LYS I 367 -40.90 -13.80 -20.68
N LEU I 368 -39.89 -13.71 -19.81
CA LEU I 368 -39.80 -14.65 -18.69
C LEU I 368 -40.82 -14.33 -17.60
N PHE I 369 -41.09 -13.05 -17.33
CA PHE I 369 -42.02 -12.74 -16.24
C PHE I 369 -43.27 -11.97 -16.71
N ASN I 370 -44.29 -12.65 -17.24
CA ASN I 370 -45.57 -12.02 -17.54
C ASN I 370 -46.78 -12.84 -17.13
N SER I 371 -46.58 -14.12 -16.86
CA SER I 371 -47.73 -14.99 -16.57
C SER I 371 -48.49 -14.51 -15.35
N THR I 372 -49.76 -14.88 -15.30
CA THR I 372 -50.65 -14.81 -14.14
C THR I 372 -50.93 -16.24 -13.70
N TRP I 373 -50.87 -16.49 -12.40
CA TRP I 373 -50.96 -17.86 -11.87
C TRP I 373 -52.12 -17.93 -10.89
N GLY I 374 -52.96 -18.96 -11.05
CA GLY I 374 -54.10 -19.15 -10.17
C GLY I 374 -55.27 -18.25 -10.49
N THR I 380 -53.17 -21.61 -20.57
CA THR I 380 -52.39 -22.20 -21.66
C THR I 380 -51.09 -21.42 -21.88
N ARG I 381 -49.97 -22.15 -21.91
CA ARG I 381 -48.66 -21.54 -22.07
C ARG I 381 -47.83 -22.39 -23.02
N ASP I 382 -46.85 -21.75 -23.66
CA ASP I 382 -46.06 -22.37 -24.71
C ASP I 382 -44.89 -23.12 -24.09
N ASN I 383 -44.84 -24.44 -24.33
CA ASN I 383 -43.75 -25.27 -23.85
C ASN I 383 -42.60 -25.33 -24.87
N GLY I 384 -42.15 -24.14 -25.28
CA GLY I 384 -41.08 -24.03 -26.24
C GLY I 384 -40.05 -23.03 -25.77
N THR I 385 -38.92 -22.99 -26.48
CA THR I 385 -37.80 -22.16 -26.08
C THR I 385 -38.21 -20.70 -26.03
N ILE I 386 -37.80 -20.01 -24.96
CA ILE I 386 -38.05 -18.59 -24.78
C ILE I 386 -36.73 -17.86 -25.05
N THR I 387 -36.70 -17.09 -26.12
CA THR I 387 -35.49 -16.36 -26.52
C THR I 387 -35.64 -14.90 -26.14
N ILE I 388 -34.77 -14.43 -25.25
CA ILE I 388 -34.84 -13.06 -24.74
C ILE I 388 -33.70 -12.23 -25.31
N PRO I 389 -33.94 -10.98 -25.70
CA PRO I 389 -32.89 -10.16 -26.31
C PRO I 389 -31.93 -9.62 -25.26
N CYS I 390 -30.63 -9.72 -25.54
CA CYS I 390 -29.61 -9.14 -24.68
C CYS I 390 -28.87 -8.02 -25.41
N ARG I 391 -28.31 -7.11 -24.62
CA ARG I 391 -27.61 -5.93 -25.14
C ARG I 391 -26.25 -5.86 -24.45
N ILE I 392 -25.19 -6.24 -25.17
CA ILE I 392 -23.84 -6.19 -24.61
C ILE I 392 -23.50 -4.74 -24.29
N LYS I 393 -22.80 -4.54 -23.17
CA LYS I 393 -22.41 -3.23 -22.71
C LYS I 393 -20.97 -3.30 -22.22
N GLN I 394 -20.18 -2.30 -22.60
CA GLN I 394 -18.74 -2.35 -22.38
C GLN I 394 -18.26 -1.54 -21.19
N ILE I 395 -18.96 -0.48 -20.82
CA ILE I 395 -18.60 0.31 -19.64
C ILE I 395 -19.42 -0.23 -18.48
N ILE I 396 -18.74 -0.79 -17.49
CA ILE I 396 -19.38 -1.62 -16.47
C ILE I 396 -19.28 -0.92 -15.12
N ASN I 397 -20.42 -0.72 -14.49
CA ASN I 397 -20.49 -0.30 -13.09
C ASN I 397 -21.43 -1.26 -12.37
N MET I 398 -20.86 -2.39 -11.93
CA MET I 398 -21.68 -3.38 -11.24
C MET I 398 -22.19 -2.85 -9.91
N TRP I 399 -21.28 -2.51 -9.01
CA TRP I 399 -21.65 -1.94 -7.73
C TRP I 399 -21.91 -0.45 -7.88
N GLN I 400 -23.08 -0.01 -7.41
CA GLN I 400 -23.62 1.28 -7.78
C GLN I 400 -22.82 2.37 -7.07
N GLY I 401 -21.64 2.66 -7.63
CA GLY I 401 -20.74 3.64 -7.09
C GLY I 401 -19.71 3.11 -6.12
N VAL I 402 -19.95 1.93 -5.54
CA VAL I 402 -19.01 1.37 -4.57
C VAL I 402 -17.76 0.84 -5.27
N GLY I 403 -17.95 0.08 -6.35
CA GLY I 403 -16.85 -0.54 -7.05
C GLY I 403 -16.30 0.34 -8.17
N GLN I 404 -15.04 0.07 -8.52
CA GLN I 404 -14.38 0.83 -9.57
C GLN I 404 -15.07 0.59 -10.92
N ALA I 405 -15.31 1.68 -11.65
CA ALA I 405 -15.84 1.57 -12.99
C ALA I 405 -14.82 0.96 -13.92
N MET I 406 -15.30 0.13 -14.85
CA MET I 406 -14.42 -0.67 -15.68
C MET I 406 -14.88 -0.59 -17.13
N TYR I 407 -13.95 -0.87 -18.04
CA TYR I 407 -14.23 -0.98 -19.46
C TYR I 407 -13.80 -2.37 -19.92
N ALA I 408 -14.72 -3.10 -20.55
CA ALA I 408 -14.47 -4.48 -20.92
C ALA I 408 -14.03 -4.55 -22.38
N PRO I 409 -12.80 -4.96 -22.67
CA PRO I 409 -12.40 -5.11 -24.06
C PRO I 409 -13.17 -6.22 -24.73
N PRO I 410 -13.26 -6.20 -26.06
CA PRO I 410 -13.98 -7.26 -26.77
C PRO I 410 -13.27 -8.60 -26.61
N ILE I 411 -13.99 -9.68 -26.95
CA ILE I 411 -13.48 -11.02 -26.67
C ILE I 411 -12.95 -11.66 -27.96
N LYS I 412 -13.24 -11.04 -29.10
CA LYS I 412 -12.66 -11.35 -30.42
C LYS I 412 -13.20 -12.67 -30.98
N GLY I 413 -14.23 -13.26 -30.36
CA GLY I 413 -14.78 -14.49 -30.90
C GLY I 413 -16.25 -14.61 -30.58
N VAL I 414 -16.86 -15.65 -31.15
CA VAL I 414 -18.22 -16.01 -30.78
C VAL I 414 -18.20 -16.67 -29.41
N ILE I 415 -18.97 -16.13 -28.47
CA ILE I 415 -18.96 -16.58 -27.09
C ILE I 415 -20.30 -17.23 -26.78
N LYS I 416 -20.25 -18.39 -26.13
CA LYS I 416 -21.44 -19.10 -25.70
C LYS I 416 -21.15 -19.72 -24.34
N CYS I 417 -22.02 -19.44 -23.36
CA CYS I 417 -21.84 -19.93 -22.01
C CYS I 417 -23.14 -20.56 -21.53
N LEU I 418 -23.00 -21.62 -20.74
CA LEU I 418 -24.12 -22.45 -20.33
C LEU I 418 -24.21 -22.41 -18.81
N SER I 419 -25.30 -21.88 -18.29
CA SER I 419 -25.45 -21.70 -16.84
C SER I 419 -26.85 -22.09 -16.40
N ASN I 420 -26.96 -22.47 -15.12
CA ASN I 420 -28.23 -22.85 -14.52
C ASN I 420 -28.88 -21.61 -13.90
N ILE I 421 -30.20 -21.62 -13.81
CA ILE I 421 -30.93 -20.63 -13.02
C ILE I 421 -31.30 -21.29 -11.71
N THR I 422 -30.74 -20.80 -10.61
CA THR I 422 -30.95 -21.40 -9.30
C THR I 422 -31.71 -20.48 -8.35
N GLY I 423 -32.26 -19.38 -8.84
CA GLY I 423 -33.04 -18.51 -7.97
C GLY I 423 -33.52 -17.28 -8.72
N ILE I 424 -34.44 -16.58 -8.07
CA ILE I 424 -35.00 -15.32 -8.58
C ILE I 424 -34.90 -14.29 -7.46
N LEU I 425 -34.96 -13.02 -7.85
CA LEU I 425 -34.97 -11.91 -6.90
C LEU I 425 -36.19 -11.04 -7.21
N LEU I 426 -37.33 -11.43 -6.62
CA LEU I 426 -38.57 -10.70 -6.86
C LEU I 426 -38.65 -9.47 -5.96
N THR I 427 -39.63 -8.62 -6.26
CA THR I 427 -39.89 -7.43 -5.46
C THR I 427 -41.37 -7.11 -5.57
N ARG I 428 -42.12 -7.41 -4.53
CA ARG I 428 -43.57 -7.27 -4.56
C ARG I 428 -43.97 -5.82 -4.80
N ASP I 429 -45.02 -5.64 -5.60
CA ASP I 429 -45.52 -4.33 -5.98
C ASP I 429 -46.73 -3.99 -5.12
N GLY I 430 -46.62 -2.90 -4.35
CA GLY I 430 -47.68 -2.49 -3.46
C GLY I 430 -48.25 -1.13 -3.80
N ASN I 437 -58.09 -9.85 -4.17
CA ASN I 437 -57.18 -9.09 -5.03
C ASN I 437 -56.06 -9.97 -5.56
N ASN I 438 -54.93 -9.35 -5.88
CA ASN I 438 -53.77 -10.07 -6.39
C ASN I 438 -52.51 -9.35 -5.95
N GLU I 439 -51.40 -10.08 -6.00
CA GLU I 439 -50.09 -9.54 -5.65
C GLU I 439 -49.20 -9.55 -6.88
N THR I 440 -48.53 -8.43 -7.15
CA THR I 440 -47.69 -8.27 -8.32
C THR I 440 -46.22 -8.34 -7.91
N PHE I 441 -45.45 -9.17 -8.61
CA PHE I 441 -44.05 -9.41 -8.27
C PHE I 441 -43.16 -9.09 -9.48
N ARG I 442 -42.67 -7.86 -9.54
CA ARG I 442 -41.65 -7.54 -10.51
C ARG I 442 -40.32 -8.19 -10.11
N PRO I 443 -39.51 -8.59 -11.08
CA PRO I 443 -38.18 -9.12 -10.76
C PRO I 443 -37.21 -7.99 -10.40
N GLY I 444 -36.03 -8.39 -9.92
CA GLY I 444 -34.99 -7.43 -9.62
C GLY I 444 -34.73 -7.24 -8.14
N GLY I 445 -33.50 -7.50 -7.71
CA GLY I 445 -33.13 -7.33 -6.33
C GLY I 445 -32.34 -6.05 -6.12
N GLY I 446 -32.74 -5.30 -5.08
CA GLY I 446 -32.18 -3.98 -4.87
C GLY I 446 -30.71 -4.02 -4.46
N ASN I 447 -30.33 -4.98 -3.64
CA ASN I 447 -29.00 -5.02 -3.05
C ASN I 447 -28.14 -6.09 -3.74
N ILE I 448 -26.82 -5.89 -3.64
CA ILE I 448 -25.89 -6.82 -4.26
C ILE I 448 -25.59 -7.98 -3.32
N LYS I 449 -25.83 -7.81 -2.02
CA LYS I 449 -25.61 -8.90 -1.08
C LYS I 449 -26.51 -10.09 -1.37
N ASP I 450 -27.69 -9.84 -1.94
CA ASP I 450 -28.70 -10.88 -2.07
C ASP I 450 -28.24 -12.03 -2.96
N ASN I 451 -27.23 -11.83 -3.79
CA ASN I 451 -26.66 -12.95 -4.54
C ASN I 451 -26.02 -13.96 -3.61
N TRP I 452 -25.39 -13.47 -2.52
CA TRP I 452 -24.66 -14.32 -1.59
C TRP I 452 -25.41 -14.53 -0.27
N ARG I 453 -26.61 -13.98 -0.14
CA ARG I 453 -27.50 -14.35 0.95
C ARG I 453 -28.25 -15.64 0.66
N ASN I 454 -28.18 -16.14 -0.55
CA ASN I 454 -28.73 -17.45 -0.90
C ASN I 454 -27.68 -18.55 -0.78
N GLU I 455 -26.44 -18.19 -0.44
CA GLU I 455 -25.35 -19.13 -0.26
C GLU I 455 -24.86 -19.19 1.17
N LEU I 456 -24.61 -18.03 1.78
CA LEU I 456 -24.15 -17.93 3.17
C LEU I 456 -25.30 -17.91 4.15
N TYR I 457 -26.47 -18.42 3.77
CA TYR I 457 -27.64 -18.30 4.62
C TYR I 457 -27.60 -19.29 5.77
N LYS I 458 -27.01 -20.46 5.55
CA LYS I 458 -27.00 -21.54 6.52
C LYS I 458 -25.80 -21.51 7.45
N TYR I 459 -24.89 -20.56 7.27
CA TYR I 459 -23.63 -20.54 8.02
C TYR I 459 -23.66 -19.46 9.08
N LYS I 460 -23.12 -19.77 10.25
CA LYS I 460 -23.08 -18.87 11.38
C LYS I 460 -21.74 -19.01 12.08
N VAL I 461 -21.13 -17.88 12.41
CA VAL I 461 -19.82 -17.85 13.06
C VAL I 461 -20.04 -17.78 14.56
N VAL I 462 -19.46 -18.73 15.29
CA VAL I 462 -19.57 -18.80 16.74
C VAL I 462 -18.16 -18.82 17.32
N GLN I 463 -18.01 -18.29 18.52
CA GLN I 463 -16.70 -18.23 19.17
C GLN I 463 -16.61 -19.29 20.27
N ILE I 464 -15.69 -20.23 20.12
CA ILE I 464 -15.57 -21.33 21.07
C ILE I 464 -14.84 -20.84 22.31
N GLU I 465 -15.41 -21.14 23.49
CA GLU I 465 -14.81 -20.75 24.76
C GLU I 465 -14.37 -22.00 25.50
N PRO I 466 -13.07 -22.31 25.54
CA PRO I 466 -12.65 -23.64 26.02
C PRO I 466 -12.68 -23.77 27.54
N LEU I 467 -12.46 -22.68 28.28
CA LEU I 467 -12.38 -22.80 29.73
C LEU I 467 -13.74 -23.08 30.33
N GLY I 468 -13.75 -23.93 31.35
CA GLY I 468 -14.98 -24.30 32.03
C GLY I 468 -14.72 -24.61 33.48
N ILE I 469 -15.73 -24.38 34.31
CA ILE I 469 -15.62 -24.58 35.76
C ILE I 469 -16.84 -25.37 36.21
N ALA I 470 -16.61 -26.45 36.95
CA ALA I 470 -17.67 -27.35 37.35
C ALA I 470 -17.33 -28.02 38.67
N PRO I 471 -18.34 -28.13 39.59
CA PRO I 471 -18.02 -28.72 40.89
C PRO I 471 -17.84 -30.22 40.81
N THR I 472 -16.69 -30.72 41.23
CA THR I 472 -16.48 -32.13 41.27
C THR I 472 -16.03 -32.42 42.66
N LYS I 473 -16.10 -33.67 43.05
CA LYS I 473 -15.71 -34.09 44.38
C LYS I 473 -14.20 -34.07 44.54
N CYS I 474 -13.38 -34.07 43.53
CA CYS I 474 -11.92 -34.14 43.79
C CYS I 474 -11.24 -32.91 44.39
N LYS I 475 -10.37 -33.12 45.37
CA LYS I 475 -9.69 -32.00 46.08
C LYS I 475 -8.34 -31.73 45.43
N ARG I 476 -7.23 -31.85 46.18
CA ARG I 476 -5.86 -31.62 45.66
C ARG I 476 -5.66 -30.18 45.18
N ARG I 477 -4.80 -29.92 44.20
CA ARG I 477 -4.65 -28.48 43.86
C ARG I 477 -3.93 -28.27 42.52
N PHE J 11 -13.08 -28.35 21.60
CA PHE J 11 -13.84 -28.24 20.37
C PHE J 11 -15.29 -28.62 20.62
N LEU J 12 -16.21 -27.99 19.89
CA LEU J 12 -17.61 -28.20 20.12
C LEU J 12 -18.16 -29.40 19.43
N GLY J 13 -18.01 -30.55 20.09
CA GLY J 13 -18.51 -31.89 19.71
C GLY J 13 -19.06 -32.49 20.98
N ALA J 14 -20.30 -32.95 21.00
CA ALA J 14 -20.87 -33.27 22.33
C ALA J 14 -21.32 -32.05 23.03
N ALA J 15 -21.90 -31.12 22.29
CA ALA J 15 -22.39 -29.90 22.86
C ALA J 15 -23.82 -30.03 23.35
N GLY J 16 -24.46 -31.14 23.03
CA GLY J 16 -25.80 -31.38 23.52
C GLY J 16 -25.82 -32.47 24.57
N SER J 17 -24.66 -33.01 24.89
CA SER J 17 -24.56 -34.02 25.90
C SER J 17 -24.53 -33.38 27.24
N THR J 18 -25.12 -34.01 28.24
CA THR J 18 -25.19 -33.47 29.57
C THR J 18 -23.78 -33.46 30.04
N MET J 19 -23.46 -32.69 31.05
CA MET J 19 -22.06 -32.52 31.39
C MET J 19 -21.33 -33.80 31.70
N GLY J 20 -21.93 -34.71 32.44
CA GLY J 20 -21.27 -35.94 32.81
C GLY J 20 -20.95 -36.81 31.65
N ALA J 21 -21.88 -36.97 30.74
CA ALA J 21 -21.64 -37.74 29.53
C ALA J 21 -20.59 -37.15 28.62
N ALA J 22 -20.56 -35.84 28.51
CA ALA J 22 -19.60 -35.17 27.67
C ALA J 22 -18.26 -35.14 28.27
N SER J 23 -18.18 -35.03 29.58
CA SER J 23 -16.85 -34.89 30.19
C SER J 23 -15.94 -36.04 29.79
N ILE J 24 -16.49 -37.24 29.62
CA ILE J 24 -15.68 -38.35 29.14
C ILE J 24 -15.31 -38.15 27.66
N THR J 25 -16.16 -37.45 26.92
CA THR J 25 -15.90 -37.18 25.51
C THR J 25 -15.12 -35.89 25.29
N LEU J 26 -14.86 -35.11 26.34
CA LEU J 26 -13.94 -33.98 26.21
C LEU J 26 -12.52 -34.46 25.90
N THR J 27 -12.21 -35.70 26.25
CA THR J 27 -10.87 -36.23 26.15
C THR J 27 -10.72 -37.34 25.12
N VAL J 28 -11.82 -37.84 24.55
CA VAL J 28 -11.71 -38.86 23.51
C VAL J 28 -11.04 -38.26 22.27
N GLN J 29 -11.28 -36.98 22.00
CA GLN J 29 -10.58 -36.23 20.97
C GLN J 29 -10.13 -34.91 21.58
N ALA J 30 -8.82 -34.74 21.73
CA ALA J 30 -8.26 -33.61 22.47
C ALA J 30 -7.43 -32.69 21.58
N ARG J 31 -7.96 -32.32 20.41
CA ARG J 31 -7.26 -31.48 19.43
C ARG J 31 -5.93 -32.07 19.02
N GLN J 32 -5.87 -33.39 18.82
CA GLN J 32 -4.63 -34.08 18.58
C GLN J 32 -4.39 -34.27 17.08
N LEU J 33 -3.12 -34.36 16.70
CA LEU J 33 -2.69 -34.66 15.33
C LEU J 33 -3.12 -33.57 14.35
N LEU J 34 -2.69 -32.34 14.59
CA LEU J 34 -2.78 -31.32 13.55
C LEU J 34 -1.81 -31.62 12.43
N SER J 35 -0.64 -32.16 12.76
CA SER J 35 0.35 -32.53 11.76
C SER J 35 1.31 -33.59 12.32
N LEU J 57 0.61 -8.81 -0.07
CA LEU J 57 -0.21 -7.75 0.49
C LEU J 57 -1.52 -7.58 -0.29
N THR J 58 -2.19 -8.70 -0.55
CA THR J 58 -3.48 -8.70 -1.20
C THR J 58 -4.59 -8.70 -0.16
N VAL J 59 -5.83 -8.92 -0.60
CA VAL J 59 -6.96 -8.95 0.32
C VAL J 59 -6.81 -10.10 1.31
N TRP J 60 -6.30 -11.23 0.85
CA TRP J 60 -6.21 -12.41 1.71
C TRP J 60 -4.93 -12.44 2.53
N GLY J 61 -3.96 -11.60 2.21
CA GLY J 61 -2.73 -11.56 2.99
C GLY J 61 -2.95 -11.03 4.40
N ILE J 62 -3.71 -9.94 4.52
CA ILE J 62 -3.94 -9.34 5.84
C ILE J 62 -4.87 -10.20 6.67
N LYS J 63 -5.86 -10.84 6.03
CA LYS J 63 -6.86 -11.60 6.77
C LYS J 63 -6.22 -12.73 7.57
N GLN J 64 -5.40 -13.56 6.90
CA GLN J 64 -4.78 -14.69 7.59
C GLN J 64 -3.82 -14.23 8.67
N LEU J 65 -3.07 -13.14 8.44
CA LEU J 65 -2.13 -12.66 9.43
C LEU J 65 -2.85 -12.16 10.68
N GLN J 66 -3.90 -11.35 10.51
CA GLN J 66 -4.66 -10.88 11.65
C GLN J 66 -5.32 -12.04 12.39
N ALA J 67 -5.87 -13.00 11.64
CA ALA J 67 -6.50 -14.16 12.26
C ALA J 67 -5.50 -14.95 13.08
N ARG J 68 -4.31 -15.19 12.53
CA ARG J 68 -3.29 -15.96 13.23
C ARG J 68 -2.82 -15.25 14.49
N VAL J 69 -2.59 -13.94 14.42
CA VAL J 69 -2.15 -13.21 15.60
C VAL J 69 -3.23 -13.24 16.68
N LEU J 70 -4.48 -13.04 16.29
CA LEU J 70 -5.56 -13.07 17.28
C LEU J 70 -5.71 -14.44 17.91
N ALA J 71 -5.62 -15.50 17.11
CA ALA J 71 -5.72 -16.86 17.66
C ALA J 71 -4.58 -17.16 18.62
N VAL J 72 -3.35 -16.76 18.25
CA VAL J 72 -2.21 -16.98 19.14
C VAL J 72 -2.41 -16.22 20.45
N GLU J 73 -2.84 -14.96 20.38
CA GLU J 73 -3.05 -14.19 21.59
C GLU J 73 -4.12 -14.82 22.47
N ARG J 74 -5.22 -15.28 21.87
CA ARG J 74 -6.30 -15.86 22.66
C ARG J 74 -5.90 -17.17 23.30
N TYR J 75 -5.17 -18.02 22.57
CA TYR J 75 -4.70 -19.27 23.15
C TYR J 75 -3.72 -19.01 24.29
N LEU J 76 -2.81 -18.05 24.10
CA LEU J 76 -1.89 -17.70 25.17
C LEU J 76 -2.62 -17.16 26.38
N GLN J 77 -3.67 -16.36 26.18
CA GLN J 77 -4.45 -15.87 27.31
C GLN J 77 -5.14 -17.02 28.05
N ASP J 78 -5.69 -17.98 27.30
CA ASP J 78 -6.30 -19.13 27.95
C ASP J 78 -5.29 -19.90 28.79
N GLN J 79 -4.07 -20.06 28.28
CA GLN J 79 -3.04 -20.74 29.07
C GLN J 79 -2.58 -19.90 30.26
N LYS J 80 -2.56 -18.57 30.12
CA LYS J 80 -2.19 -17.72 31.26
C LYS J 80 -3.19 -17.88 32.40
N PHE J 81 -4.48 -17.86 32.08
CA PHE J 81 -5.47 -18.18 33.12
C PHE J 81 -5.29 -19.60 33.64
N LEU J 82 -5.10 -20.56 32.74
CA LEU J 82 -5.01 -21.96 33.14
C LEU J 82 -3.73 -22.22 33.93
N GLY J 83 -2.68 -21.43 33.68
CA GLY J 83 -1.43 -21.64 34.38
C GLY J 83 -1.40 -21.02 35.76
N LEU J 84 -2.04 -19.85 35.92
CA LEU J 84 -2.03 -19.17 37.21
C LEU J 84 -2.72 -19.98 38.30
N TRP J 85 -3.54 -20.95 37.91
CA TRP J 85 -4.27 -21.78 38.85
C TRP J 85 -3.54 -23.09 39.16
N GLY J 86 -2.32 -23.27 38.67
CA GLY J 86 -1.57 -24.49 38.88
C GLY J 86 -1.84 -25.57 37.85
N CYS J 87 -2.76 -25.34 36.92
CA CYS J 87 -3.13 -26.33 35.92
C CYS J 87 -2.36 -26.10 34.63
N SER J 88 -1.03 -26.16 34.73
CA SER J 88 -0.18 -25.72 33.63
C SER J 88 -0.44 -26.53 32.35
N GLY J 89 -0.56 -27.85 32.47
CA GLY J 89 -0.72 -28.68 31.30
C GLY J 89 -1.76 -29.77 31.44
N LYS J 90 -2.83 -29.51 32.19
CA LYS J 90 -3.85 -30.50 32.49
C LYS J 90 -5.16 -30.12 31.81
N ILE J 91 -5.75 -31.09 31.09
CA ILE J 91 -7.06 -30.87 30.50
C ILE J 91 -8.13 -30.82 31.58
N ILE J 92 -8.09 -31.75 32.53
CA ILE J 92 -8.97 -31.76 33.69
C ILE J 92 -8.11 -31.54 34.91
N CYS J 93 -8.36 -30.45 35.63
CA CYS J 93 -7.51 -30.02 36.74
C CYS J 93 -8.34 -29.88 38.00
N CYS J 94 -8.03 -30.70 39.00
CA CYS J 94 -8.67 -30.58 40.30
C CYS J 94 -8.09 -29.39 41.05
N THR J 95 -8.89 -28.79 41.92
CA THR J 95 -8.47 -27.63 42.69
C THR J 95 -8.97 -27.77 44.12
N ALA J 96 -8.28 -27.09 45.03
CA ALA J 96 -8.60 -27.14 46.45
C ALA J 96 -9.62 -26.10 46.88
N VAL J 97 -10.19 -25.35 45.93
CA VAL J 97 -11.19 -24.33 46.27
C VAL J 97 -12.51 -25.02 46.57
N PRO J 98 -13.08 -24.85 47.76
CA PRO J 98 -14.42 -25.37 48.01
C PRO J 98 -15.46 -24.62 47.19
N TRP J 99 -16.53 -25.34 46.85
CA TRP J 99 -17.61 -24.78 46.05
C TRP J 99 -18.55 -23.99 46.95
N ASN J 100 -18.55 -22.67 46.79
CA ASN J 100 -19.53 -21.84 47.48
C ASN J 100 -20.93 -22.20 46.99
N SER J 101 -21.90 -22.14 47.90
CA SER J 101 -23.29 -22.42 47.55
C SER J 101 -23.97 -21.23 46.89
N SER J 102 -23.44 -20.02 47.05
CA SER J 102 -24.01 -18.87 46.36
C SER J 102 -23.79 -18.99 44.85
N TRP J 103 -22.71 -19.64 44.44
CA TRP J 103 -22.48 -19.87 43.01
C TRP J 103 -23.54 -20.78 42.41
N SER J 104 -23.89 -21.84 43.13
CA SER J 104 -24.93 -22.76 42.69
C SER J 104 -25.34 -23.63 43.87
N ASN J 105 -26.64 -23.67 44.14
CA ASN J 105 -27.19 -24.53 45.18
C ASN J 105 -27.46 -25.93 44.65
N LYS J 106 -27.36 -26.13 43.34
CA LYS J 106 -27.68 -27.40 42.73
C LYS J 106 -26.66 -28.47 43.12
N THR J 107 -27.16 -29.69 43.28
CA THR J 107 -26.33 -30.79 43.69
C THR J 107 -25.55 -31.37 42.51
N PHE J 108 -24.64 -32.29 42.82
CA PHE J 108 -23.72 -32.82 41.82
C PHE J 108 -24.47 -33.51 40.69
N GLU J 109 -25.46 -34.34 41.03
CA GLU J 109 -26.19 -35.07 39.99
C GLU J 109 -27.09 -34.12 39.19
N GLU J 110 -27.64 -33.10 39.83
CA GLU J 110 -28.46 -32.13 39.11
C GLU J 110 -27.62 -31.21 38.24
N ILE J 111 -26.30 -31.19 38.47
CA ILE J 111 -25.41 -30.44 37.59
C ILE J 111 -24.90 -31.31 36.46
N TRP J 112 -24.66 -32.59 36.74
CA TRP J 112 -23.93 -33.42 35.79
C TRP J 112 -24.80 -34.40 35.01
N ASN J 113 -26.09 -34.48 35.32
CA ASN J 113 -26.93 -35.46 34.63
C ASN J 113 -27.98 -34.80 33.74
N ASN J 114 -28.57 -33.70 34.18
CA ASN J 114 -29.55 -32.94 33.40
C ASN J 114 -29.10 -31.51 33.13
N MET J 115 -27.86 -31.32 32.74
CA MET J 115 -27.39 -29.99 32.34
C MET J 115 -26.20 -30.12 31.40
N THR J 116 -26.18 -29.28 30.38
CA THR J 116 -25.11 -29.24 29.40
C THR J 116 -24.14 -28.11 29.76
N TRP J 117 -23.02 -28.08 29.05
CA TRP J 117 -21.96 -27.14 29.40
C TRP J 117 -22.38 -25.69 29.14
N ILE J 118 -23.10 -25.44 28.04
CA ILE J 118 -23.55 -24.08 27.77
C ILE J 118 -24.53 -23.61 28.83
N GLU J 119 -25.47 -24.49 29.21
CA GLU J 119 -26.41 -24.15 30.27
C GLU J 119 -25.69 -23.88 31.58
N TRP J 120 -24.70 -24.71 31.92
CA TRP J 120 -23.96 -24.50 33.17
C TRP J 120 -23.21 -23.19 33.15
N GLU J 121 -22.49 -22.89 32.07
CA GLU J 121 -21.72 -21.65 32.01
C GLU J 121 -22.62 -20.43 31.92
N ARG J 122 -23.86 -20.60 31.48
CA ARG J 122 -24.82 -19.50 31.58
C ARG J 122 -25.32 -19.34 33.00
N GLU J 123 -25.52 -20.46 33.70
CA GLU J 123 -25.96 -20.39 35.10
C GLU J 123 -24.91 -19.71 35.98
N ILE J 124 -23.64 -20.03 35.77
CA ILE J 124 -22.57 -19.47 36.60
C ILE J 124 -21.85 -18.36 35.85
N SER J 125 -22.56 -17.68 34.97
CA SER J 125 -21.96 -16.61 34.14
C SER J 125 -21.62 -15.38 34.96
N ASN J 126 -22.29 -15.15 36.09
CA ASN J 126 -22.00 -13.99 36.91
C ASN J 126 -20.88 -14.22 37.91
N TYR J 127 -20.48 -15.47 38.11
CA TYR J 127 -19.47 -15.76 39.14
C TYR J 127 -18.21 -16.30 38.49
N THR J 128 -17.96 -15.98 37.23
CA THR J 128 -16.72 -16.47 36.62
C THR J 128 -15.52 -15.64 37.09
N SER J 129 -15.66 -14.32 37.16
CA SER J 129 -14.56 -13.49 37.62
C SER J 129 -14.20 -13.79 39.06
N GLN J 130 -15.20 -13.94 39.93
CA GLN J 130 -14.93 -14.25 41.33
C GLN J 130 -14.26 -15.60 41.47
N ILE J 131 -14.72 -16.60 40.72
CA ILE J 131 -14.10 -17.93 40.81
C ILE J 131 -12.67 -17.88 40.29
N TYR J 132 -12.42 -17.11 39.24
CA TYR J 132 -11.05 -16.95 38.75
C TYR J 132 -10.15 -16.34 39.83
N ASP J 133 -10.65 -15.30 40.50
CA ASP J 133 -9.87 -14.67 41.56
C ASP J 133 -9.60 -15.65 42.71
N ILE J 134 -10.62 -16.43 43.08
CA ILE J 134 -10.45 -17.37 44.19
C ILE J 134 -9.47 -18.47 43.81
N LEU J 135 -9.50 -18.92 42.55
CA LEU J 135 -8.52 -19.92 42.11
C LEU J 135 -7.11 -19.36 42.15
N THR J 136 -6.93 -18.12 41.71
CA THR J 136 -5.61 -17.50 41.77
C THR J 136 -5.12 -17.36 43.21
N ILE J 137 -6.01 -16.93 44.11
CA ILE J 137 -5.65 -16.77 45.51
C ILE J 137 -5.30 -18.12 46.14
N SER J 138 -6.08 -19.16 45.82
CA SER J 138 -5.80 -20.48 46.37
C SER J 138 -4.46 -21.02 45.88
N GLN J 139 -4.15 -20.84 44.59
CA GLN J 139 -2.86 -21.30 44.11
C GLN J 139 -1.73 -20.49 44.73
N THR J 140 -1.93 -19.20 44.96
CA THR J 140 -0.94 -18.40 45.67
C THR J 140 -0.71 -18.94 47.08
N GLN J 141 -1.80 -19.28 47.79
CA GLN J 141 -1.67 -19.82 49.13
C GLN J 141 -0.93 -21.15 49.12
N GLN J 142 -1.26 -22.02 48.17
CA GLN J 142 -0.59 -23.32 48.09
C GLN J 142 0.89 -23.15 47.79
N GLU J 143 1.24 -22.24 46.87
CA GLU J 143 2.64 -22.04 46.53
C GLU J 143 3.41 -21.42 47.69
N LYS J 144 2.80 -20.48 48.40
CA LYS J 144 3.43 -19.90 49.58
C LYS J 144 3.65 -20.97 50.66
N ASN J 145 2.66 -21.83 50.87
CA ASN J 145 2.82 -22.89 51.87
C ASN J 145 3.90 -23.87 51.46
N GLU J 146 3.97 -24.20 50.17
CA GLU J 146 5.02 -25.11 49.70
C GLU J 146 6.41 -24.50 49.91
N LYS J 147 6.56 -23.21 49.61
CA LYS J 147 7.85 -22.56 49.84
C LYS J 147 8.17 -22.50 51.33
N ASP J 148 7.16 -22.27 52.17
CA ASP J 148 7.38 -22.23 53.61
C ASP J 148 7.84 -23.59 54.13
N LEU J 149 7.24 -24.67 53.62
CA LEU J 149 7.63 -26.00 54.07
C LEU J 149 9.08 -26.32 53.68
N LEU J 150 9.50 -25.90 52.49
CA LEU J 150 10.86 -26.18 52.04
C LEU J 150 11.90 -25.46 52.89
N GLU J 151 11.50 -24.41 53.59
CA GLU J 151 12.41 -23.67 54.45
C GLU J 151 12.52 -24.32 55.82
N GLN K 1 -40.19 0.58 16.22
CA GLN K 1 -39.67 -0.51 17.04
C GLN K 1 -40.65 -1.68 17.08
N ILE K 2 -40.91 -2.19 18.29
CA ILE K 2 -41.81 -3.31 18.50
C ILE K 2 -43.06 -2.78 19.21
N HIS K 3 -44.22 -3.24 18.77
CA HIS K 3 -45.50 -2.82 19.32
C HIS K 3 -46.46 -4.00 19.33
N LEU K 4 -47.05 -4.27 20.48
CA LEU K 4 -48.00 -5.36 20.66
C LEU K 4 -49.39 -4.78 20.90
N VAL K 5 -50.36 -5.21 20.09
CA VAL K 5 -51.75 -4.78 20.23
C VAL K 5 -52.63 -6.01 20.32
N GLN K 6 -53.75 -5.86 21.02
CA GLN K 6 -54.67 -6.97 21.26
C GLN K 6 -56.09 -6.55 20.95
N SER K 7 -56.98 -7.55 20.88
CA SER K 7 -58.38 -7.31 20.63
C SER K 7 -59.00 -6.49 21.76
N GLY K 8 -60.11 -5.83 21.44
CA GLY K 8 -60.78 -4.96 22.39
C GLY K 8 -61.44 -5.73 23.52
N THR K 9 -61.89 -4.96 24.52
CA THR K 9 -62.53 -5.56 25.69
C THR K 9 -63.82 -6.25 25.29
N GLU K 10 -64.09 -7.40 25.93
CA GLU K 10 -65.25 -8.20 25.61
C GLU K 10 -65.99 -8.56 26.90
N VAL K 11 -67.32 -8.70 26.77
CA VAL K 11 -68.18 -9.14 27.86
C VAL K 11 -68.80 -10.46 27.44
N LYS K 12 -68.59 -11.50 28.24
CA LYS K 12 -68.99 -12.85 27.89
C LYS K 12 -69.88 -13.43 28.99
N LYS K 13 -70.59 -14.49 28.63
CA LYS K 13 -71.43 -15.26 29.54
C LYS K 13 -70.65 -16.45 30.09
N PRO K 14 -70.96 -16.90 31.31
CA PRO K 14 -70.27 -18.08 31.85
C PRO K 14 -70.51 -19.30 30.98
N GLY K 15 -69.43 -20.02 30.72
CA GLY K 15 -69.47 -21.18 29.85
C GLY K 15 -69.15 -20.90 28.40
N SER K 16 -69.06 -19.62 28.02
CA SER K 16 -68.75 -19.26 26.64
C SER K 16 -67.24 -19.26 26.43
N SER K 17 -66.85 -19.25 25.15
CA SER K 17 -65.45 -19.25 24.75
C SER K 17 -65.08 -17.89 24.17
N VAL K 18 -63.97 -17.33 24.65
CA VAL K 18 -63.47 -16.04 24.19
C VAL K 18 -62.10 -16.26 23.56
N THR K 19 -61.85 -15.58 22.45
CA THR K 19 -60.56 -15.63 21.77
C THR K 19 -59.95 -14.23 21.74
N VAL K 20 -58.76 -14.10 22.31
CA VAL K 20 -58.02 -12.83 22.32
C VAL K 20 -56.88 -12.95 21.33
N SER K 21 -56.76 -11.96 20.44
CA SER K 21 -55.76 -11.96 19.39
C SER K 21 -54.64 -11.00 19.76
N CYS K 22 -53.42 -11.36 19.36
CA CYS K 22 -52.23 -10.57 19.60
C CYS K 22 -51.49 -10.37 18.29
N LYS K 23 -51.39 -9.13 17.84
CA LYS K 23 -50.74 -8.79 16.58
C LYS K 23 -49.39 -8.15 16.90
N ALA K 24 -48.31 -8.87 16.61
CA ALA K 24 -46.96 -8.45 16.97
C ALA K 24 -46.35 -7.65 15.82
N TYR K 25 -46.31 -6.33 15.97
CA TYR K 25 -45.64 -5.46 15.02
C TYR K 25 -44.19 -5.28 15.43
N GLY K 26 -43.27 -5.57 14.51
CA GLY K 26 -41.86 -5.48 14.79
C GLY K 26 -41.19 -6.80 15.08
N VAL K 27 -41.94 -7.90 15.12
CA VAL K 27 -41.39 -9.22 15.36
C VAL K 27 -41.13 -9.88 14.01
N ASN K 28 -39.86 -10.16 13.72
CA ASN K 28 -39.50 -10.74 12.42
C ASN K 28 -40.13 -12.12 12.25
N THR K 29 -40.10 -12.93 13.30
CA THR K 29 -40.77 -14.22 13.28
C THR K 29 -40.93 -14.70 14.71
N PHE K 30 -41.84 -15.64 14.91
CA PHE K 30 -42.03 -16.26 16.21
C PHE K 30 -41.09 -17.43 16.44
N GLY K 31 -40.25 -17.76 15.47
CA GLY K 31 -39.17 -18.70 15.71
C GLY K 31 -38.08 -18.11 16.61
N LEU K 32 -37.79 -16.83 16.43
CA LEU K 32 -36.80 -16.13 17.23
C LEU K 32 -37.43 -15.33 18.37
N TYR K 33 -38.73 -15.47 18.58
CA TYR K 33 -39.44 -14.79 19.67
C TYR K 33 -40.32 -15.79 20.36
N ALA K 34 -40.74 -15.46 21.58
CA ALA K 34 -41.65 -16.30 22.36
C ALA K 34 -42.79 -15.46 22.89
N VAL K 35 -44.02 -15.90 22.65
CA VAL K 35 -45.21 -15.20 23.12
C VAL K 35 -45.67 -15.84 24.42
N ASN K 36 -45.67 -15.06 25.50
CA ASN K 36 -46.09 -15.52 26.81
C ASN K 36 -47.36 -14.78 27.20
N TRP K 37 -48.38 -15.53 27.59
CA TRP K 37 -49.67 -14.97 27.95
C TRP K 37 -49.80 -14.89 29.46
N VAL K 38 -50.09 -13.70 29.97
CA VAL K 38 -50.18 -13.46 31.40
C VAL K 38 -51.51 -12.80 31.72
N ARG K 39 -52.03 -13.08 32.92
CA ARG K 39 -53.34 -12.61 33.35
C ARG K 39 -53.20 -11.79 34.63
N GLN K 40 -53.80 -10.62 34.66
CA GLN K 40 -53.78 -9.76 35.84
C GLN K 40 -55.21 -9.54 36.34
N ALA K 41 -55.53 -10.11 37.49
CA ALA K 41 -56.82 -9.90 38.11
C ALA K 41 -56.93 -8.47 38.63
N PRO K 42 -58.15 -7.95 38.77
CA PRO K 42 -58.31 -6.57 39.26
C PRO K 42 -57.72 -6.40 40.65
N GLY K 43 -56.74 -5.52 40.76
CA GLY K 43 -56.08 -5.29 42.05
C GLY K 43 -55.37 -6.53 42.58
N GLN K 44 -54.65 -7.22 41.71
CA GLN K 44 -54.02 -8.48 42.08
C GLN K 44 -52.76 -8.67 41.25
N SER K 45 -51.89 -9.57 41.71
CA SER K 45 -50.64 -9.84 41.04
C SER K 45 -50.86 -10.55 39.71
N LEU K 46 -49.86 -10.46 38.83
CA LEU K 46 -49.96 -11.08 37.52
C LEU K 46 -49.74 -12.59 37.62
N GLU K 47 -50.52 -13.34 36.86
CA GLU K 47 -50.36 -14.79 36.74
C GLU K 47 -49.89 -15.11 35.34
N TYR K 48 -49.38 -16.32 35.16
CA TYR K 48 -48.83 -16.77 33.88
C TYR K 48 -49.71 -17.88 33.33
N ILE K 49 -50.18 -17.70 32.11
CA ILE K 49 -51.13 -18.64 31.49
C ILE K 49 -50.41 -19.69 30.65
N GLY K 50 -49.69 -19.26 29.62
CA GLY K 50 -49.05 -20.20 28.71
C GLY K 50 -48.20 -19.46 27.71
N GLN K 51 -47.56 -20.23 26.83
CA GLN K 51 -46.65 -19.65 25.85
C GLN K 51 -46.59 -20.50 24.61
N ILE K 52 -46.11 -19.90 23.53
CA ILE K 52 -45.56 -20.61 22.38
C ILE K 52 -44.09 -20.23 22.30
N TRP K 53 -43.22 -21.24 22.29
CA TRP K 53 -41.78 -21.03 22.23
C TRP K 53 -41.20 -22.03 21.24
N ARG K 54 -40.58 -21.51 20.18
CA ARG K 54 -40.10 -22.33 19.07
C ARG K 54 -41.21 -23.19 18.50
N TRP K 55 -42.39 -22.58 18.33
CA TRP K 55 -43.57 -23.21 17.74
C TRP K 55 -44.10 -24.38 18.55
N LYS K 56 -43.79 -24.45 19.84
CA LYS K 56 -44.40 -25.40 20.75
C LYS K 56 -45.23 -24.64 21.77
N SER K 57 -46.48 -25.05 21.94
CA SER K 57 -47.42 -24.36 22.81
C SER K 57 -47.67 -25.18 24.06
N SER K 58 -47.74 -24.49 25.20
CA SER K 58 -48.02 -25.13 26.47
C SER K 58 -48.56 -24.09 27.43
N ALA K 59 -49.27 -24.55 28.46
CA ALA K 59 -49.90 -23.69 29.44
C ALA K 59 -49.61 -24.21 30.84
N SER K 60 -49.86 -23.35 31.83
CA SER K 60 -49.65 -23.70 33.22
C SER K 60 -50.57 -24.85 33.61
N HIS K 61 -50.18 -25.55 34.68
CA HIS K 61 -50.98 -26.68 35.17
C HIS K 61 -52.39 -26.24 35.53
N HIS K 62 -52.54 -25.01 36.03
CA HIS K 62 -53.87 -24.49 36.34
C HIS K 62 -54.73 -24.38 35.07
N PHE K 63 -54.13 -23.94 33.98
CA PHE K 63 -54.86 -23.71 32.73
C PHE K 63 -54.76 -24.86 31.74
N ARG K 64 -54.11 -25.97 32.09
CA ARG K 64 -53.95 -27.07 31.16
C ARG K 64 -55.29 -27.68 30.79
N GLY K 65 -55.51 -27.87 29.48
CA GLY K 65 -56.74 -28.41 28.97
C GLY K 65 -57.86 -27.42 28.79
N ARG K 66 -57.73 -26.20 29.32
CA ARG K 66 -58.75 -25.18 29.23
C ARG K 66 -58.33 -23.98 28.39
N VAL K 67 -57.10 -23.97 27.88
CA VAL K 67 -56.56 -22.83 27.14
C VAL K 67 -55.86 -23.38 25.91
N LEU K 68 -56.02 -22.68 24.79
CA LEU K 68 -55.28 -22.95 23.57
C LEU K 68 -54.48 -21.71 23.19
N ILE K 69 -53.20 -21.88 22.90
CA ILE K 69 -52.33 -20.81 22.44
C ILE K 69 -51.93 -21.13 21.00
N SER K 70 -52.22 -20.22 20.09
CA SER K 70 -51.94 -20.42 18.67
C SER K 70 -51.26 -19.19 18.10
N ALA K 71 -50.42 -19.40 17.09
CA ALA K 71 -49.68 -18.31 16.47
C ALA K 71 -49.27 -18.67 15.05
N VAL K 72 -49.26 -17.66 14.19
CA VAL K 72 -48.73 -17.76 12.84
C VAL K 72 -47.88 -16.51 12.57
N ASP K 73 -46.75 -16.70 11.88
CA ASP K 73 -45.82 -15.56 11.71
C ASP K 73 -46.12 -14.74 10.47
N LEU K 74 -45.09 -14.05 9.99
CA LEU K 74 -45.29 -13.03 8.97
C LEU K 74 -45.98 -13.56 7.72
N THR K 75 -46.90 -12.75 7.19
CA THR K 75 -47.46 -12.94 5.87
C THR K 75 -47.31 -11.61 5.11
N GLY K 76 -47.75 -11.61 3.86
CA GLY K 76 -47.65 -10.39 3.06
C GLY K 76 -48.49 -9.26 3.62
N SER K 77 -49.63 -9.59 4.22
CA SER K 77 -50.56 -8.57 4.67
C SER K 77 -50.43 -8.29 6.16
N SER K 78 -50.41 -9.33 6.99
CA SER K 78 -50.50 -9.22 8.43
C SER K 78 -49.16 -9.51 9.10
N PRO K 79 -48.90 -8.91 10.26
CA PRO K 79 -47.73 -9.29 11.05
C PRO K 79 -48.01 -10.60 11.77
N PRO K 80 -47.01 -11.17 12.47
CA PRO K 80 -47.28 -12.39 13.23
C PRO K 80 -48.39 -12.18 14.25
N ILE K 81 -49.29 -13.16 14.33
CA ILE K 81 -50.48 -13.07 15.17
C ILE K 81 -50.43 -14.19 16.20
N SER K 82 -50.83 -13.87 17.43
CA SER K 82 -50.96 -14.86 18.50
C SER K 82 -52.38 -14.80 19.06
N SER K 83 -52.92 -15.98 19.39
CA SER K 83 -54.30 -16.10 19.81
C SER K 83 -54.39 -16.77 21.16
N LEU K 84 -55.21 -16.20 22.05
CA LEU K 84 -55.50 -16.76 23.36
C LEU K 84 -56.98 -17.10 23.44
N GLU K 85 -57.29 -18.38 23.64
CA GLU K 85 -58.67 -18.87 23.70
C GLU K 85 -58.92 -19.48 25.07
N ILE K 86 -59.98 -19.02 25.73
CA ILE K 86 -60.41 -19.58 27.01
C ILE K 86 -61.69 -20.38 26.79
N LYS K 87 -61.68 -21.64 27.23
CA LYS K 87 -62.83 -22.52 27.09
C LYS K 87 -63.57 -22.63 28.42
N ASN K 88 -64.90 -22.68 28.34
CA ASN K 88 -65.76 -22.78 29.52
C ASN K 88 -65.41 -21.71 30.55
N LEU K 89 -65.39 -20.46 30.08
CA LEU K 89 -65.04 -19.33 30.93
C LEU K 89 -66.01 -19.20 32.10
N THR K 90 -65.47 -18.84 33.26
CA THR K 90 -66.24 -18.63 34.47
C THR K 90 -65.94 -17.23 35.02
N SER K 91 -66.45 -16.95 36.23
CA SER K 91 -66.29 -15.63 36.81
C SER K 91 -64.84 -15.37 37.22
N ASP K 92 -64.09 -16.43 37.50
CA ASP K 92 -62.70 -16.27 37.94
C ASP K 92 -61.80 -15.77 36.81
N ASP K 93 -62.26 -15.85 35.56
CA ASP K 93 -61.47 -15.40 34.42
C ASP K 93 -61.59 -13.92 34.15
N THR K 94 -62.37 -13.18 34.95
CA THR K 94 -62.55 -11.75 34.77
C THR K 94 -61.26 -11.04 35.15
N ALA K 95 -60.41 -10.77 34.16
CA ALA K 95 -59.12 -10.15 34.41
C ALA K 95 -58.57 -9.58 33.11
N VAL K 96 -57.58 -8.69 33.25
CA VAL K 96 -56.91 -8.13 32.09
C VAL K 96 -55.86 -9.10 31.58
N TYR K 97 -55.97 -9.49 30.31
CA TYR K 97 -55.04 -10.41 29.68
C TYR K 97 -54.01 -9.62 28.88
N PHE K 98 -52.73 -9.94 29.10
CA PHE K 98 -51.63 -9.25 28.42
C PHE K 98 -50.90 -10.22 27.50
N CYS K 99 -50.26 -9.65 26.49
CA CYS K 99 -49.47 -10.40 25.51
C CYS K 99 -48.03 -9.89 25.54
N THR K 100 -47.08 -10.82 25.55
CA THR K 100 -45.68 -10.48 25.72
C THR K 100 -44.83 -11.23 24.70
N THR K 101 -43.76 -10.59 24.24
CA THR K 101 -42.81 -11.17 23.30
C THR K 101 -41.40 -10.83 23.73
N THR K 102 -40.54 -11.85 23.82
CA THR K 102 -39.14 -11.67 24.18
C THR K 102 -38.24 -12.30 23.13
N SER K 103 -37.09 -11.69 22.91
CA SER K 103 -36.15 -12.18 21.91
C SER K 103 -35.33 -13.33 22.50
N THR K 104 -35.53 -14.53 21.95
CA THR K 104 -34.77 -15.70 22.33
C THR K 104 -33.68 -16.04 21.32
N TYR K 105 -33.19 -15.05 20.56
CA TYR K 105 -32.23 -15.32 19.51
C TYR K 105 -30.89 -15.79 20.07
N ASP K 106 -30.35 -15.06 21.04
CA ASP K 106 -29.06 -15.40 21.63
C ASP K 106 -29.27 -16.01 23.01
N ARG K 107 -28.52 -17.07 23.31
CA ARG K 107 -28.65 -17.76 24.59
C ARG K 107 -28.20 -16.89 25.75
N TRP K 108 -27.18 -16.05 25.53
CA TRP K 108 -26.54 -15.31 26.60
C TRP K 108 -27.16 -13.93 26.83
N SER K 109 -28.44 -13.75 26.49
CA SER K 109 -29.09 -12.47 26.77
C SER K 109 -29.48 -12.35 28.23
N GLY K 110 -29.84 -13.46 28.86
CA GLY K 110 -30.30 -13.46 30.22
C GLY K 110 -31.79 -13.26 30.39
N LEU K 111 -32.49 -12.86 29.33
CA LEU K 111 -33.94 -12.72 29.37
C LEU K 111 -34.67 -14.05 29.36
N HIS K 112 -33.97 -15.16 29.13
CA HIS K 112 -34.62 -16.45 28.99
C HIS K 112 -33.65 -17.55 29.40
N HIS K 113 -34.20 -18.70 29.79
CA HIS K 113 -33.43 -19.91 30.00
C HIS K 113 -34.38 -21.08 30.12
N ASP K 114 -34.12 -22.15 29.36
CA ASP K 114 -34.86 -23.41 29.44
C ASP K 114 -36.36 -23.19 29.25
N GLY K 115 -36.72 -22.20 28.43
CA GLY K 115 -38.11 -21.92 28.14
C GLY K 115 -38.83 -21.11 29.18
N VAL K 116 -38.18 -20.73 30.27
CA VAL K 116 -38.74 -19.87 31.30
C VAL K 116 -38.04 -18.53 31.21
N MET K 117 -38.81 -17.46 31.00
CA MET K 117 -38.21 -16.20 30.57
C MET K 117 -38.95 -15.02 31.18
N ALA K 118 -38.26 -13.88 31.18
CA ALA K 118 -38.86 -12.60 31.52
C ALA K 118 -39.80 -12.16 30.39
N PHE K 119 -40.38 -10.98 30.56
CA PHE K 119 -41.28 -10.39 29.58
C PHE K 119 -40.77 -9.00 29.22
N SER K 120 -40.38 -8.81 27.96
CA SER K 120 -39.71 -7.59 27.54
C SER K 120 -40.64 -6.60 26.85
N SER K 121 -41.56 -7.07 26.02
CA SER K 121 -42.51 -6.21 25.33
C SER K 121 -43.91 -6.59 25.76
N TRP K 122 -44.72 -5.59 26.09
CA TRP K 122 -46.03 -5.80 26.68
C TRP K 122 -47.11 -5.18 25.81
N GLY K 123 -48.18 -5.93 25.58
CA GLY K 123 -49.32 -5.41 24.84
C GLY K 123 -50.19 -4.52 25.70
N GLN K 124 -51.20 -3.92 25.06
CA GLN K 124 -52.08 -2.99 25.76
C GLN K 124 -53.02 -3.68 26.73
N GLY K 125 -53.36 -4.94 26.49
CA GLY K 125 -54.21 -5.68 27.40
C GLY K 125 -55.67 -5.73 26.99
N THR K 126 -56.22 -6.94 26.93
CA THR K 126 -57.63 -7.15 26.60
C THR K 126 -58.38 -7.45 27.89
N LEU K 127 -59.05 -6.44 28.43
CA LEU K 127 -59.82 -6.61 29.65
C LEU K 127 -61.09 -7.41 29.35
N ILE K 128 -61.44 -8.33 30.25
CA ILE K 128 -62.63 -9.15 30.11
C ILE K 128 -63.46 -9.02 31.38
N SER K 129 -64.74 -8.68 31.23
CA SER K 129 -65.66 -8.53 32.34
C SER K 129 -66.82 -9.51 32.16
N VAL K 130 -67.20 -10.20 33.22
CA VAL K 130 -68.29 -11.15 33.16
C VAL K 130 -69.19 -11.01 34.38
N ASP L 1 -43.45 -22.85 41.27
CA ASP L 1 -43.39 -23.39 42.63
C ASP L 1 -42.81 -22.35 43.59
N ILE L 2 -41.77 -21.64 43.14
CA ILE L 2 -41.15 -20.63 43.97
C ILE L 2 -42.11 -19.46 44.17
N GLN L 3 -42.30 -19.05 45.42
CA GLN L 3 -43.15 -17.93 45.75
C GLN L 3 -42.29 -16.70 46.06
N MET L 4 -42.50 -15.63 45.31
CA MET L 4 -41.74 -14.41 45.47
C MET L 4 -42.61 -13.38 46.19
N THR L 5 -42.12 -12.90 47.33
CA THR L 5 -42.89 -11.95 48.12
C THR L 5 -42.14 -10.65 48.25
N GLN L 6 -42.82 -9.53 48.04
CA GLN L 6 -42.15 -8.25 48.06
C GLN L 6 -42.36 -7.55 49.37
N SER L 7 -41.26 -7.17 50.00
CA SER L 7 -41.25 -6.56 51.36
C SER L 7 -42.12 -5.31 51.49
N PRO L 8 -41.67 -4.12 51.01
CA PRO L 8 -42.34 -2.88 51.32
C PRO L 8 -43.70 -2.78 50.63
N SER L 9 -44.64 -3.70 50.96
CA SER L 9 -46.00 -3.84 50.36
C SER L 9 -46.62 -2.57 49.76
N THR L 10 -46.62 -1.45 50.49
CA THR L 10 -47.05 -0.13 49.97
C THR L 10 -46.02 0.83 50.53
N LEU L 11 -45.49 1.75 49.74
CA LEU L 11 -44.50 2.63 50.31
C LEU L 11 -44.89 4.03 50.01
N SER L 12 -44.45 4.94 50.84
CA SER L 12 -44.78 6.33 50.65
C SER L 12 -43.50 7.10 50.48
N ALA L 13 -43.42 7.89 49.42
CA ALA L 13 -42.26 8.73 49.24
C ALA L 13 -42.57 9.84 48.29
N SER L 14 -41.64 10.77 48.13
CA SER L 14 -41.84 11.92 47.28
C SER L 14 -40.65 12.07 46.34
N THR L 15 -40.73 13.09 45.48
CA THR L 15 -39.67 13.34 44.51
C THR L 15 -38.36 13.66 45.23
N GLY L 16 -37.27 13.07 44.74
CA GLY L 16 -35.97 13.24 45.34
C GLY L 16 -35.60 12.18 46.35
N ASP L 17 -36.54 11.33 46.75
CA ASP L 17 -36.24 10.26 47.70
C ASP L 17 -35.54 9.11 47.01
N THR L 18 -34.98 8.21 47.84
CA THR L 18 -34.36 6.99 47.37
C THR L 18 -35.06 5.80 48.02
N VAL L 19 -35.82 5.05 47.23
CA VAL L 19 -36.65 3.96 47.72
C VAL L 19 -35.99 2.63 47.34
N ARG L 20 -35.93 1.71 48.29
CA ARG L 20 -35.38 0.38 48.09
C ARG L 20 -36.50 -0.63 48.27
N ILE L 21 -36.96 -1.21 47.16
CA ILE L 21 -38.02 -2.21 47.16
C ILE L 21 -37.38 -3.58 47.10
N SER L 22 -37.81 -4.48 47.97
CA SER L 22 -37.18 -5.79 48.11
C SER L 22 -38.19 -6.90 47.87
N CYS L 23 -37.67 -8.03 47.41
CA CYS L 23 -38.45 -9.25 47.24
C CYS L 23 -37.58 -10.43 47.67
N ARG L 24 -38.22 -11.51 48.08
CA ARG L 24 -37.50 -12.67 48.59
C ARG L 24 -38.13 -13.93 48.01
N ALA L 25 -37.34 -15.00 47.97
CA ALA L 25 -37.70 -16.20 47.24
C ALA L 25 -37.94 -17.36 48.19
N SER L 26 -38.78 -18.29 47.74
CA SER L 26 -38.97 -19.55 48.45
C SER L 26 -37.70 -20.39 48.44
N GLN L 27 -37.01 -20.42 47.31
CA GLN L 27 -35.77 -21.18 47.15
C GLN L 27 -34.61 -20.20 46.99
N SER L 28 -33.42 -20.75 46.74
CA SER L 28 -32.22 -19.95 46.51
C SER L 28 -32.00 -19.81 45.01
N ILE L 29 -32.22 -18.62 44.48
CA ILE L 29 -32.00 -18.33 43.07
C ILE L 29 -30.56 -17.85 42.94
N THR L 30 -29.66 -18.79 42.63
CA THR L 30 -28.25 -18.49 42.46
C THR L 30 -27.90 -18.09 41.03
N GLY L 31 -28.79 -18.34 40.08
CA GLY L 31 -28.60 -17.95 38.70
C GLY L 31 -29.01 -16.53 38.38
N ASN L 32 -29.51 -15.79 39.38
CA ASN L 32 -29.92 -14.39 39.22
C ASN L 32 -31.07 -14.26 38.23
N TRP L 33 -31.95 -15.27 38.18
CA TRP L 33 -33.10 -15.28 37.29
C TRP L 33 -34.27 -14.54 37.94
N VAL L 34 -34.12 -13.22 38.02
CA VAL L 34 -35.12 -12.35 38.62
C VAL L 34 -35.31 -11.12 37.75
N ALA L 35 -36.56 -10.67 37.61
CA ALA L 35 -36.89 -9.53 36.78
C ALA L 35 -37.80 -8.58 37.55
N TRP L 36 -37.72 -7.30 37.19
CA TRP L 36 -38.46 -6.24 37.86
C TRP L 36 -39.33 -5.49 36.86
N TYR L 37 -40.51 -5.07 37.30
CA TYR L 37 -41.47 -4.38 36.44
C TYR L 37 -41.99 -3.12 37.13
N GLN L 38 -42.76 -2.33 36.37
CA GLN L 38 -43.43 -1.14 36.86
C GLN L 38 -44.73 -1.00 36.08
N GLN L 39 -45.87 -1.05 36.80
CA GLN L 39 -47.17 -0.93 36.17
C GLN L 39 -47.82 0.39 36.60
N ARG L 40 -47.78 1.39 35.73
CA ARG L 40 -48.50 2.62 35.97
C ARG L 40 -50.00 2.38 35.89
N PRO L 41 -50.80 3.18 36.59
CA PRO L 41 -52.25 2.97 36.57
C PRO L 41 -52.80 3.08 35.16
N GLY L 42 -53.71 2.17 34.82
CA GLY L 42 -54.29 2.14 33.48
C GLY L 42 -53.26 1.92 32.39
N LYS L 43 -52.27 1.06 32.63
CA LYS L 43 -51.22 0.81 31.66
C LYS L 43 -50.66 -0.58 31.87
N ALA L 44 -49.93 -1.05 30.87
CA ALA L 44 -49.33 -2.37 30.91
C ALA L 44 -48.04 -2.36 31.71
N PRO L 45 -47.63 -3.52 32.24
CA PRO L 45 -46.34 -3.60 32.92
C PRO L 45 -45.19 -3.26 31.98
N ARG L 46 -44.15 -2.68 32.55
CA ARG L 46 -42.96 -2.29 31.80
C ARG L 46 -41.75 -2.94 32.46
N LEU L 47 -40.90 -3.56 31.65
CA LEU L 47 -39.72 -4.22 32.20
C LEU L 47 -38.61 -3.21 32.48
N LEU L 48 -37.98 -3.35 33.64
CA LEU L 48 -36.90 -2.48 34.07
C LEU L 48 -35.58 -3.22 34.24
N ILE L 49 -35.61 -4.40 34.87
CA ILE L 49 -34.40 -5.14 35.21
C ILE L 49 -34.61 -6.60 34.84
N TYR L 50 -33.63 -7.20 34.18
CA TYR L 50 -33.58 -8.62 33.96
C TYR L 50 -32.22 -9.15 34.42
N ARG L 51 -32.16 -10.44 34.73
CA ARG L 51 -30.93 -11.07 35.20
C ARG L 51 -30.37 -10.35 36.43
N GLY L 52 -31.24 -10.04 37.38
CA GLY L 52 -30.80 -9.47 38.63
C GLY L 52 -30.55 -7.98 38.62
N ALA L 53 -29.56 -7.52 37.83
CA ALA L 53 -29.18 -6.12 37.83
C ALA L 53 -28.85 -5.59 36.44
N ALA L 54 -29.43 -6.15 35.38
CA ALA L 54 -29.16 -5.71 34.03
C ALA L 54 -30.29 -4.80 33.55
N LEU L 55 -29.93 -3.70 32.92
CA LEU L 55 -30.89 -2.67 32.53
C LEU L 55 -31.20 -2.75 31.04
N LEU L 56 -32.48 -2.65 30.70
CA LEU L 56 -32.87 -2.55 29.30
C LEU L 56 -32.48 -1.19 28.73
N GLY L 57 -32.43 -1.13 27.41
CA GLY L 57 -32.32 0.17 26.75
C GLY L 57 -33.61 0.95 26.88
N GLY L 58 -33.48 2.27 27.03
CA GLY L 58 -34.63 3.12 27.22
C GLY L 58 -35.18 3.16 28.63
N VAL L 59 -34.47 2.59 29.59
CA VAL L 59 -34.88 2.63 31.00
C VAL L 59 -33.87 3.50 31.73
N PRO L 60 -34.32 4.42 32.59
CA PRO L 60 -33.38 5.35 33.23
C PRO L 60 -32.33 4.62 34.06
N SER L 61 -31.12 5.20 34.07
CA SER L 61 -30.02 4.59 34.79
C SER L 61 -30.21 4.68 36.30
N ARG L 62 -31.15 5.50 36.76
CA ARG L 62 -31.40 5.63 38.19
C ARG L 62 -31.90 4.31 38.78
N PHE L 63 -32.72 3.58 38.02
CA PHE L 63 -33.16 2.26 38.46
C PHE L 63 -31.97 1.31 38.48
N ARG L 64 -31.82 0.57 39.57
CA ARG L 64 -30.75 -0.40 39.71
C ARG L 64 -31.22 -1.54 40.60
N GLY L 65 -30.56 -2.69 40.48
CA GLY L 65 -30.93 -3.87 41.22
C GLY L 65 -29.71 -4.53 41.85
N SER L 66 -29.99 -5.45 42.78
CA SER L 66 -28.97 -6.23 43.44
C SER L 66 -29.46 -7.65 43.60
N ALA L 67 -28.53 -8.59 43.60
CA ALA L 67 -28.86 -10.00 43.65
C ALA L 67 -28.13 -10.67 44.80
N ALA L 68 -28.85 -11.48 45.56
CA ALA L 68 -28.29 -12.28 46.64
C ALA L 68 -28.78 -13.71 46.47
N GLY L 69 -28.53 -14.53 47.49
CA GLY L 69 -29.00 -15.91 47.44
C GLY L 69 -30.51 -16.01 47.36
N THR L 70 -31.22 -15.24 48.20
CA THR L 70 -32.67 -15.20 48.19
C THR L 70 -33.23 -13.79 48.27
N ASP L 71 -32.39 -12.76 48.33
CA ASP L 71 -32.83 -11.39 48.51
C ASP L 71 -32.52 -10.59 47.24
N PHE L 72 -33.55 -9.98 46.66
CA PHE L 72 -33.40 -9.13 45.49
C PHE L 72 -34.02 -7.78 45.78
N THR L 73 -33.30 -6.71 45.46
CA THR L 73 -33.72 -5.36 45.79
C THR L 73 -33.68 -4.48 44.54
N LEU L 74 -34.47 -3.41 44.57
CA LEU L 74 -34.51 -2.41 43.52
C LEU L 74 -34.25 -1.04 44.13
N THR L 75 -33.28 -0.32 43.57
CA THR L 75 -32.82 0.96 44.11
C THR L 75 -33.19 2.06 43.12
N ILE L 76 -34.26 2.79 43.42
CA ILE L 76 -34.70 3.91 42.58
C ILE L 76 -34.13 5.21 43.13
N GLY L 77 -32.93 5.57 42.70
CA GLY L 77 -32.34 6.82 43.13
C GLY L 77 -32.98 8.01 42.43
N ASN L 78 -33.14 9.10 43.18
CA ASN L 78 -33.74 10.33 42.68
C ASN L 78 -35.12 10.06 42.07
N LEU L 79 -36.06 9.66 42.93
CA LEU L 79 -37.41 9.33 42.51
C LEU L 79 -38.09 10.53 41.86
N GLN L 80 -38.86 10.26 40.79
CA GLN L 80 -39.67 11.27 40.13
C GLN L 80 -41.11 10.78 40.02
N ALA L 81 -41.98 11.66 39.50
CA ALA L 81 -43.41 11.39 39.49
C ALA L 81 -43.76 10.18 38.62
N GLU L 82 -43.13 10.07 37.45
CA GLU L 82 -43.46 8.97 36.54
C GLU L 82 -43.05 7.63 37.12
N ASP L 83 -42.11 7.63 38.07
CA ASP L 83 -41.62 6.37 38.64
C ASP L 83 -42.64 5.74 39.59
N PHE L 84 -43.62 6.52 40.05
CA PHE L 84 -44.61 5.97 40.97
C PHE L 84 -45.46 4.91 40.28
N GLY L 85 -45.69 3.81 40.98
CA GLY L 85 -46.46 2.72 40.44
C GLY L 85 -46.23 1.45 41.23
N THR L 86 -47.02 0.43 40.88
CA THR L 86 -46.95 -0.87 41.56
C THR L 86 -45.85 -1.70 40.91
N PHE L 87 -44.65 -1.66 41.49
CA PHE L 87 -43.55 -2.47 40.99
C PHE L 87 -43.78 -3.94 41.31
N TYR L 88 -43.22 -4.80 40.45
CA TYR L 88 -43.37 -6.24 40.62
C TYR L 88 -42.01 -6.92 40.56
N CYS L 89 -41.88 -8.01 41.30
CA CYS L 89 -40.68 -8.82 41.30
C CYS L 89 -41.05 -10.18 40.74
N GLN L 90 -40.35 -10.59 39.68
CA GLN L 90 -40.63 -11.84 38.98
C GLN L 90 -39.40 -12.72 38.98
N GLN L 91 -39.63 -14.02 39.13
CA GLN L 91 -38.58 -15.02 39.02
C GLN L 91 -38.88 -15.91 37.82
N TYR L 92 -37.86 -16.18 37.01
CA TYR L 92 -37.94 -17.18 35.96
C TYR L 92 -36.86 -18.24 36.07
N ASP L 93 -36.45 -18.57 37.31
CA ASP L 93 -35.49 -19.65 37.51
C ASP L 93 -36.12 -21.02 37.33
N THR L 94 -37.39 -21.16 37.73
CA THR L 94 -38.05 -22.45 37.69
C THR L 94 -39.48 -22.28 37.17
N TYR L 95 -39.86 -23.15 36.25
CA TYR L 95 -41.20 -23.13 35.70
C TYR L 95 -42.23 -23.46 36.79
N PRO L 96 -43.37 -22.74 36.82
CA PRO L 96 -43.67 -21.54 36.03
C PRO L 96 -43.13 -20.27 36.68
N GLY L 97 -43.02 -19.19 35.90
CA GLY L 97 -42.64 -17.91 36.47
C GLY L 97 -43.72 -17.37 37.38
N THR L 98 -43.29 -16.64 38.41
CA THR L 98 -44.20 -16.10 39.41
C THR L 98 -43.87 -14.64 39.68
N PHE L 99 -44.87 -13.90 40.15
CA PHE L 99 -44.75 -12.47 40.44
C PHE L 99 -45.03 -12.22 41.91
N GLY L 100 -44.42 -11.17 42.45
CA GLY L 100 -44.76 -10.73 43.79
C GLY L 100 -46.13 -10.07 43.84
N GLN L 101 -46.62 -9.88 45.06
CA GLN L 101 -47.96 -9.30 45.23
C GLN L 101 -48.00 -7.86 44.73
N GLY L 102 -46.98 -7.08 45.02
CA GLY L 102 -46.88 -5.73 44.52
C GLY L 102 -46.30 -4.78 45.55
N THR L 103 -45.80 -3.65 45.07
CA THR L 103 -45.26 -2.59 45.92
C THR L 103 -45.66 -1.26 45.31
N LYS L 104 -46.79 -0.72 45.77
CA LYS L 104 -47.25 0.58 45.29
C LYS L 104 -46.47 1.70 45.95
N VAL L 105 -46.02 2.66 45.15
CA VAL L 105 -45.32 3.84 45.64
C VAL L 105 -46.19 5.04 45.34
N GLU L 106 -46.54 5.80 46.38
CA GLU L 106 -47.42 6.94 46.27
C GLU L 106 -46.76 8.17 46.86
N VAL L 107 -47.15 9.34 46.35
CA VAL L 107 -46.59 10.59 46.85
C VAL L 107 -47.03 10.81 48.29
N LYS L 108 -46.09 11.21 49.13
CA LYS L 108 -46.32 11.40 50.56
C LYS L 108 -46.91 10.15 51.22
N GLN M 1 -36.50 79.60 13.40
CA GLN M 1 -36.91 78.75 12.29
C GLN M 1 -36.24 79.20 10.99
N VAL M 2 -35.82 78.23 10.17
CA VAL M 2 -35.12 78.56 8.94
C VAL M 2 -36.13 78.91 7.85
N GLN M 3 -36.13 80.18 7.45
CA GLN M 3 -36.90 80.64 6.29
C GLN M 3 -36.02 80.52 5.07
N LEU M 4 -36.11 79.39 4.37
CA LEU M 4 -35.20 79.05 3.29
C LEU M 4 -35.63 79.78 2.02
N GLN M 5 -34.95 80.88 1.70
CA GLN M 5 -35.21 81.67 0.51
C GLN M 5 -34.00 81.60 -0.40
N GLU M 6 -34.22 81.29 -1.67
CA GLU M 6 -33.16 81.14 -2.66
C GLU M 6 -33.17 82.35 -3.59
N SER M 7 -32.00 82.96 -3.76
CA SER M 7 -31.86 84.05 -4.71
C SER M 7 -31.93 83.50 -6.14
N GLY M 8 -32.90 83.97 -6.91
CA GLY M 8 -33.12 83.45 -8.24
C GLY M 8 -32.86 84.47 -9.31
N PRO M 9 -31.80 84.27 -10.10
CA PRO M 9 -31.55 85.14 -11.25
C PRO M 9 -32.68 85.10 -12.27
N GLY M 10 -33.33 83.97 -12.42
CA GLY M 10 -34.40 83.81 -13.41
C GLY M 10 -33.91 83.53 -14.81
N LEU M 11 -32.99 84.35 -15.33
CA LEU M 11 -32.42 84.16 -16.65
C LEU M 11 -30.90 84.24 -16.53
N VAL M 12 -30.21 83.26 -17.14
CA VAL M 12 -28.76 83.20 -17.13
C VAL M 12 -28.28 83.01 -18.57
N LYS M 13 -27.30 83.79 -18.97
CA LYS M 13 -26.74 83.64 -20.31
C LYS M 13 -25.94 82.35 -20.40
N PRO M 14 -26.09 81.59 -21.48
CA PRO M 14 -25.33 80.34 -21.63
C PRO M 14 -23.83 80.61 -21.70
N SER M 15 -23.06 79.64 -21.20
CA SER M 15 -21.60 79.73 -21.15
C SER M 15 -21.15 80.95 -20.35
N GLU M 16 -21.81 81.18 -19.21
CA GLU M 16 -21.48 82.30 -18.34
C GLU M 16 -21.51 81.84 -16.89
N THR M 17 -20.80 82.59 -16.05
CA THR M 17 -20.81 82.30 -14.62
C THR M 17 -22.19 82.54 -14.03
N LEU M 18 -22.58 81.69 -13.09
CA LEU M 18 -23.89 81.73 -12.48
C LEU M 18 -23.77 82.11 -11.01
N SER M 19 -24.79 82.79 -10.49
CA SER M 19 -24.90 83.11 -9.07
C SER M 19 -26.29 82.69 -8.59
N VAL M 20 -26.41 81.41 -8.22
CA VAL M 20 -27.64 80.87 -7.66
C VAL M 20 -27.38 80.55 -6.20
N THR M 21 -28.08 81.23 -5.30
CA THR M 21 -27.73 81.21 -3.89
C THR M 21 -28.99 81.07 -3.05
N CYS M 22 -28.86 80.37 -1.93
CA CYS M 22 -29.96 80.14 -0.98
C CYS M 22 -29.62 80.83 0.33
N SER M 23 -30.60 81.52 0.92
CA SER M 23 -30.38 82.20 2.18
C SER M 23 -30.89 81.36 3.34
N VAL M 24 -30.23 81.48 4.49
CA VAL M 24 -30.57 80.76 5.70
C VAL M 24 -30.82 81.76 6.81
N SER M 25 -31.93 81.60 7.52
CA SER M 25 -32.36 82.56 8.54
C SER M 25 -32.42 81.88 9.91
N GLY M 26 -31.82 82.50 10.91
CA GLY M 26 -31.95 82.06 12.28
C GLY M 26 -31.45 80.66 12.55
N ASP M 27 -30.29 80.30 12.00
CA ASP M 27 -29.72 78.98 12.20
C ASP M 27 -28.21 79.07 12.25
N SER M 28 -27.59 78.13 12.95
CA SER M 28 -26.14 78.03 12.96
C SER M 28 -25.64 77.62 11.57
N MET M 29 -24.61 78.30 11.10
CA MET M 29 -24.16 78.09 9.72
C MET M 29 -23.43 76.76 9.57
N ASN M 30 -22.61 76.39 10.56
CA ASN M 30 -21.85 75.16 10.52
C ASN M 30 -22.50 74.03 11.30
N ASN M 31 -23.80 74.13 11.57
CA ASN M 31 -24.49 73.09 12.32
C ASN M 31 -24.64 71.82 11.49
N TYR M 32 -24.87 71.97 10.19
CA TYR M 32 -25.10 70.83 9.31
C TYR M 32 -24.28 70.99 8.03
N TYR M 33 -24.00 69.87 7.39
CA TYR M 33 -23.37 69.90 6.07
C TYR M 33 -24.34 70.50 5.06
N TRP M 34 -23.81 71.31 4.15
CA TRP M 34 -24.62 72.06 3.20
C TRP M 34 -24.65 71.32 1.86
N THR M 35 -25.86 71.12 1.33
CA THR M 35 -26.05 70.40 0.09
C THR M 35 -27.06 71.13 -0.78
N TRP M 36 -27.00 70.84 -2.09
CA TRP M 36 -27.86 71.48 -3.08
C TRP M 36 -28.53 70.42 -3.94
N ILE M 37 -29.73 70.73 -4.41
CA ILE M 37 -30.53 69.82 -5.24
C ILE M 37 -30.95 70.58 -6.49
N ARG M 38 -30.78 69.93 -7.65
CA ARG M 38 -31.18 70.49 -8.93
C ARG M 38 -31.97 69.44 -9.71
N GLN M 39 -33.22 69.73 -10.02
CA GLN M 39 -34.11 68.80 -10.69
C GLN M 39 -34.45 69.32 -12.09
N SER M 40 -33.99 68.60 -13.12
CA SER M 40 -34.34 68.95 -14.48
C SER M 40 -35.78 68.56 -14.78
N PRO M 41 -36.46 69.33 -15.63
CA PRO M 41 -37.83 68.96 -16.02
C PRO M 41 -37.87 67.59 -16.68
N GLY M 42 -38.91 66.83 -16.35
CA GLY M 42 -39.04 65.48 -16.88
C GLY M 42 -37.92 64.55 -16.44
N LYS M 43 -37.48 64.68 -15.20
CA LYS M 43 -36.36 63.90 -14.69
C LYS M 43 -36.57 63.64 -13.20
N GLY M 44 -35.90 62.60 -12.70
CA GLY M 44 -35.95 62.31 -11.29
C GLY M 44 -35.15 63.31 -10.48
N LEU M 45 -35.42 63.31 -9.17
CA LEU M 45 -34.72 64.22 -8.27
C LEU M 45 -33.22 63.96 -8.30
N GLU M 46 -32.46 64.95 -8.75
CA GLU M 46 -31.01 64.83 -8.92
C GLU M 46 -30.30 65.67 -7.87
N TRP M 47 -29.33 65.06 -7.20
CA TRP M 47 -28.55 65.72 -6.17
C TRP M 47 -27.18 66.08 -6.72
N ILE M 48 -26.85 67.37 -6.68
CA ILE M 48 -25.53 67.84 -7.08
C ILE M 48 -24.62 67.83 -5.85
N GLY M 49 -23.31 67.91 -6.10
CA GLY M 49 -22.32 67.77 -5.05
C GLY M 49 -22.47 68.72 -3.88
N TYR M 50 -22.35 68.19 -2.67
CA TYR M 50 -22.52 68.98 -1.46
C TYR M 50 -21.19 69.53 -0.97
N ILE M 51 -21.27 70.54 -0.10
CA ILE M 51 -20.10 71.15 0.52
C ILE M 51 -20.17 70.92 2.02
N SER M 52 -19.04 70.51 2.60
CA SER M 52 -18.98 70.33 4.04
C SER M 52 -18.87 71.67 4.75
N ASP M 53 -19.15 71.66 6.05
CA ASP M 53 -18.95 72.85 6.87
C ASP M 53 -17.47 73.22 7.01
N ARG M 54 -16.57 72.32 6.65
CA ARG M 54 -15.14 72.59 6.62
C ARG M 54 -14.68 73.16 5.29
N GLU M 55 -15.61 73.70 4.49
CA GLU M 55 -15.30 74.32 3.19
C GLU M 55 -14.65 73.33 2.22
N SER M 56 -15.02 72.06 2.32
CA SER M 56 -14.64 71.04 1.36
C SER M 56 -15.90 70.56 0.66
N ALA M 57 -15.92 70.64 -0.67
CA ALA M 57 -17.12 70.40 -1.46
C ALA M 57 -16.98 69.09 -2.24
N THR M 58 -17.88 68.15 -1.96
CA THR M 58 -18.00 66.98 -2.82
C THR M 58 -18.60 67.40 -4.16
N TYR M 59 -18.21 66.70 -5.22
CA TYR M 59 -18.60 67.05 -6.57
C TYR M 59 -19.13 65.83 -7.31
N ASN M 60 -20.26 66.00 -8.00
CA ASN M 60 -20.78 64.94 -8.84
C ASN M 60 -19.85 64.74 -10.03
N PRO M 61 -19.36 63.52 -10.26
CA PRO M 61 -18.44 63.31 -11.40
C PRO M 61 -19.05 63.66 -12.75
N SER M 62 -20.37 63.58 -12.88
CA SER M 62 -21.02 63.98 -14.13
C SER M 62 -20.86 65.48 -14.39
N LEU M 63 -20.90 66.28 -13.32
CA LEU M 63 -20.81 67.73 -13.49
C LEU M 63 -19.41 68.18 -13.87
N ASN M 64 -18.42 67.30 -13.76
CA ASN M 64 -17.02 67.59 -14.11
C ASN M 64 -16.47 68.79 -13.34
N SER M 65 -16.91 68.95 -12.10
CA SER M 65 -16.45 70.01 -11.21
C SER M 65 -16.71 71.40 -11.80
N ARG M 66 -17.75 71.53 -12.62
CA ARG M 66 -18.13 72.85 -13.13
C ARG M 66 -18.60 73.76 -12.01
N VAL M 67 -19.35 73.20 -11.06
CA VAL M 67 -19.89 74.00 -9.97
C VAL M 67 -18.79 74.30 -8.95
N VAL M 68 -18.76 75.54 -8.47
CA VAL M 68 -17.88 75.96 -7.38
C VAL M 68 -18.73 76.65 -6.33
N ILE M 69 -18.62 76.19 -5.09
CA ILE M 69 -19.46 76.68 -4.00
C ILE M 69 -18.58 77.13 -2.85
N SER M 70 -18.88 78.31 -2.31
CA SER M 70 -18.22 78.84 -1.13
C SER M 70 -19.25 79.55 -0.27
N ARG M 71 -19.50 79.03 0.93
CA ARG M 71 -20.51 79.60 1.81
C ARG M 71 -20.05 80.95 2.36
N ASP M 72 -20.93 81.94 2.30
CA ASP M 72 -20.61 83.30 2.70
C ASP M 72 -20.91 83.45 4.19
N THR M 73 -19.87 83.73 4.98
CA THR M 73 -20.03 83.82 6.43
C THR M 73 -20.95 84.96 6.82
N SER M 74 -20.83 86.11 6.14
CA SER M 74 -21.61 87.28 6.52
C SER M 74 -23.08 87.13 6.14
N LYS M 75 -23.35 86.61 4.95
CA LYS M 75 -24.70 86.65 4.38
C LYS M 75 -25.53 85.40 4.70
N ASN M 76 -24.96 84.41 5.40
CA ASN M 76 -25.66 83.16 5.70
C ASN M 76 -26.18 82.52 4.41
N GLN M 77 -25.37 82.55 3.36
CA GLN M 77 -25.80 82.17 2.02
C GLN M 77 -24.79 81.21 1.40
N LEU M 78 -25.30 80.26 0.61
CA LEU M 78 -24.46 79.30 -0.11
C LEU M 78 -24.34 79.75 -1.56
N SER M 79 -23.23 80.41 -1.89
CA SER M 79 -23.04 80.91 -3.25
C SER M 79 -22.56 79.81 -4.17
N LEU M 80 -23.30 79.57 -5.25
CA LEU M 80 -22.95 78.60 -6.27
C LEU M 80 -22.49 79.32 -7.52
N LYS M 81 -21.34 78.91 -8.05
CA LYS M 81 -20.79 79.47 -9.28
C LYS M 81 -20.74 78.36 -10.33
N LEU M 82 -21.58 78.48 -11.36
CA LEU M 82 -21.68 77.50 -12.43
C LEU M 82 -21.16 78.13 -13.71
N ASN M 83 -20.19 77.47 -14.34
CA ASN M 83 -19.52 77.98 -15.52
C ASN M 83 -19.81 77.09 -16.72
N SER M 84 -19.78 77.70 -17.91
CA SER M 84 -20.02 77.01 -19.17
C SER M 84 -21.37 76.28 -19.15
N VAL M 85 -22.41 76.98 -18.70
CA VAL M 85 -23.73 76.36 -18.59
C VAL M 85 -24.33 76.15 -19.98
N THR M 86 -25.34 75.28 -20.03
CA THR M 86 -26.08 74.98 -21.25
C THR M 86 -27.56 74.98 -20.88
N PRO M 87 -28.47 75.11 -21.86
CA PRO M 87 -29.91 75.01 -21.53
C PRO M 87 -30.27 73.72 -20.81
N ALA M 88 -29.57 72.63 -21.09
CA ALA M 88 -29.90 71.35 -20.47
C ALA M 88 -29.67 71.38 -18.96
N ASP M 89 -28.54 71.92 -18.51
CA ASP M 89 -28.21 71.84 -17.10
C ASP M 89 -29.08 72.79 -16.26
N THR M 90 -29.44 73.95 -16.82
CA THR M 90 -30.23 74.91 -16.07
C THR M 90 -31.60 74.34 -15.73
N ALA M 91 -31.98 74.46 -14.46
CA ALA M 91 -33.23 73.90 -13.98
C ALA M 91 -33.52 74.49 -12.61
N VAL M 92 -34.56 73.97 -11.96
CA VAL M 92 -34.91 74.43 -10.62
C VAL M 92 -33.86 73.96 -9.63
N TYR M 93 -33.47 74.84 -8.72
CA TYR M 93 -32.45 74.56 -7.72
C TYR M 93 -33.08 74.53 -6.34
N TYR M 94 -32.66 73.58 -5.51
CA TYR M 94 -33.12 73.46 -4.14
C TYR M 94 -31.93 73.49 -3.19
N CYS M 95 -32.11 74.17 -2.07
CA CYS M 95 -31.11 74.26 -1.00
C CYS M 95 -31.54 73.34 0.12
N ALA M 96 -30.61 72.55 0.65
CA ALA M 96 -30.95 71.55 1.64
C ALA M 96 -29.85 71.41 2.68
N THR M 97 -30.23 70.88 3.84
CA THR M 97 -29.32 70.60 4.94
C THR M 97 -29.20 69.10 5.10
N ALA M 98 -27.97 68.62 5.31
CA ALA M 98 -27.70 67.20 5.44
C ALA M 98 -27.12 66.91 6.82
N ARG M 99 -27.74 65.96 7.53
CA ARG M 99 -27.25 65.50 8.82
C ARG M 99 -26.39 64.26 8.59
N ARG M 100 -25.09 64.36 8.88
CA ARG M 100 -24.23 63.20 8.73
C ARG M 100 -24.52 62.19 9.82
N GLY M 101 -24.89 60.98 9.39
CA GLY M 101 -25.03 59.86 10.30
C GLY M 101 -24.22 58.68 9.79
N GLN M 102 -23.61 57.96 10.72
CA GLN M 102 -22.77 56.82 10.39
C GLN M 102 -23.51 55.54 10.78
N ARG M 103 -23.52 54.57 9.88
CA ARG M 103 -24.01 53.24 10.16
C ARG M 103 -22.82 52.29 10.30
N ILE M 104 -22.77 51.57 11.42
CA ILE M 104 -21.70 50.62 11.68
C ILE M 104 -22.32 49.22 11.67
N TYR M 105 -21.72 48.34 10.89
CA TYR M 105 -22.18 46.96 10.75
C TYR M 105 -21.15 45.95 11.22
N GLY M 106 -20.10 46.39 11.90
CA GLY M 106 -19.07 45.48 12.39
C GLY M 106 -18.07 46.15 13.29
N VAL M 107 -16.80 45.78 13.18
CA VAL M 107 -15.76 46.30 14.05
C VAL M 107 -15.33 47.67 13.53
N VAL M 108 -15.54 48.70 14.36
CA VAL M 108 -15.18 50.06 13.96
C VAL M 108 -13.67 50.21 13.87
N SER M 109 -12.93 49.43 14.65
CA SER M 109 -11.46 49.54 14.63
C SER M 109 -10.91 49.19 13.26
N PHE M 110 -11.43 48.15 12.63
CA PHE M 110 -11.02 47.82 11.26
C PHE M 110 -11.49 48.88 10.28
N GLY M 111 -12.67 49.45 10.53
CA GLY M 111 -13.29 50.42 9.66
C GLY M 111 -14.39 49.78 8.85
N GLU M 112 -15.63 49.90 9.33
CA GLU M 112 -16.81 49.41 8.64
C GLU M 112 -17.97 50.39 8.78
N PHE M 113 -17.65 51.66 9.05
CA PHE M 113 -18.64 52.72 9.14
C PHE M 113 -18.73 53.41 7.79
N PHE M 114 -19.95 53.65 7.31
CA PHE M 114 -20.20 54.48 6.14
C PHE M 114 -21.17 55.58 6.52
N TYR M 115 -20.91 56.80 6.06
CA TYR M 115 -21.71 57.95 6.43
C TYR M 115 -22.87 58.13 5.45
N TYR M 116 -24.08 58.23 6.01
CA TYR M 116 -25.29 58.49 5.23
C TYR M 116 -25.89 59.80 5.69
N TYR M 117 -26.34 60.62 4.74
CA TYR M 117 -26.86 61.95 5.03
C TYR M 117 -28.38 61.93 4.95
N SER M 118 -29.02 62.66 5.85
CA SER M 118 -30.47 62.81 5.88
C SER M 118 -30.84 64.25 5.57
N MET M 119 -31.78 64.43 4.65
CA MET M 119 -32.19 65.77 4.20
C MET M 119 -33.23 66.30 5.17
N ASP M 120 -32.77 67.02 6.19
CA ASP M 120 -33.69 67.53 7.21
C ASP M 120 -34.55 68.66 6.65
N VAL M 121 -33.95 69.59 5.92
CA VAL M 121 -34.66 70.74 5.35
C VAL M 121 -34.47 70.70 3.84
N TRP M 122 -35.55 70.97 3.11
CA TRP M 122 -35.55 70.93 1.65
C TRP M 122 -35.79 72.33 1.10
N GLY M 123 -35.37 72.56 -0.14
CA GLY M 123 -35.46 73.89 -0.72
C GLY M 123 -36.86 74.22 -1.20
N LYS M 124 -37.19 75.51 -1.12
CA LYS M 124 -38.45 75.99 -1.69
C LYS M 124 -38.44 75.88 -3.21
N GLY M 125 -37.32 76.20 -3.84
CA GLY M 125 -37.17 76.03 -5.26
C GLY M 125 -37.12 77.36 -6.00
N THR M 126 -36.13 77.49 -6.89
CA THR M 126 -36.01 78.63 -7.77
C THR M 126 -35.72 78.13 -9.18
N THR M 127 -36.50 78.61 -10.15
CA THR M 127 -36.42 78.13 -11.52
C THR M 127 -35.61 79.11 -12.36
N VAL M 128 -34.58 78.60 -13.03
CA VAL M 128 -33.70 79.42 -13.86
C VAL M 128 -33.65 78.82 -15.26
N THR M 129 -33.83 79.67 -16.27
CA THR M 129 -33.79 79.27 -17.66
C THR M 129 -32.79 80.13 -18.41
N VAL M 130 -32.20 79.57 -19.47
CA VAL M 130 -31.21 80.30 -20.24
C VAL M 130 -31.88 81.40 -21.04
N SER M 131 -31.17 82.52 -21.20
CA SER M 131 -31.68 83.65 -21.96
C SER M 131 -30.85 83.90 -23.21
N VAL N 3 -39.87 55.52 -15.10
CA VAL N 3 -40.65 55.83 -13.91
C VAL N 3 -42.09 55.34 -14.10
N ARG N 4 -42.50 54.39 -13.26
CA ARG N 4 -43.84 53.83 -13.32
C ARG N 4 -44.53 54.02 -11.97
N PRO N 5 -45.51 54.92 -11.86
CA PRO N 5 -46.21 55.09 -10.59
C PRO N 5 -47.06 53.88 -10.24
N LEU N 6 -47.31 53.72 -8.94
CA LEU N 6 -48.08 52.62 -8.41
C LEU N 6 -49.34 53.16 -7.73
N SER N 7 -50.49 52.59 -8.09
CA SER N 7 -51.75 53.02 -7.49
C SER N 7 -51.85 52.54 -6.04
N VAL N 8 -52.63 53.27 -5.26
CA VAL N 8 -52.82 52.98 -3.84
C VAL N 8 -54.32 52.88 -3.57
N ALA N 9 -54.72 51.83 -2.86
CA ALA N 9 -56.12 51.64 -2.52
C ALA N 9 -56.65 52.82 -1.72
N LEU N 10 -57.85 53.28 -2.07
CA LEU N 10 -58.43 54.44 -1.40
C LEU N 10 -58.79 54.11 0.05
N GLY N 11 -58.30 54.93 0.97
CA GLY N 11 -58.60 54.77 2.37
C GLY N 11 -57.86 53.65 3.07
N GLU N 12 -56.91 53.00 2.39
CA GLU N 12 -56.16 51.88 2.97
C GLU N 12 -54.67 52.18 2.86
N THR N 13 -53.93 51.83 3.92
CA THR N 13 -52.49 52.00 3.90
C THR N 13 -51.85 51.03 2.91
N ALA N 14 -50.90 51.53 2.13
CA ALA N 14 -50.22 50.75 1.11
C ALA N 14 -48.71 50.83 1.33
N ARG N 15 -48.01 49.78 0.92
CA ARG N 15 -46.57 49.66 1.10
C ARG N 15 -45.89 49.63 -0.27
N ILE N 16 -44.88 50.46 -0.44
CA ILE N 16 -44.09 50.51 -1.66
C ILE N 16 -42.69 49.99 -1.37
N SER N 17 -42.21 49.08 -2.22
CA SER N 17 -40.89 48.48 -2.07
C SER N 17 -39.88 49.30 -2.86
N CYS N 18 -38.67 49.43 -2.29
CA CYS N 18 -37.64 50.23 -2.93
C CYS N 18 -37.20 49.60 -4.23
N GLY N 19 -37.08 50.43 -5.28
CA GLY N 19 -36.75 49.91 -6.60
C GLY N 19 -35.37 49.27 -6.65
N ARG N 20 -34.37 49.96 -6.11
CA ARG N 20 -33.00 49.44 -6.12
C ARG N 20 -32.81 48.44 -4.98
N GLN N 21 -31.82 47.57 -5.15
CA GLN N 21 -31.55 46.49 -4.21
C GLN N 21 -30.25 46.76 -3.46
N ALA N 22 -30.27 46.55 -2.15
CA ALA N 22 -29.09 46.77 -1.33
C ALA N 22 -28.11 45.61 -1.46
N LEU N 23 -26.82 45.93 -1.46
CA LEU N 23 -25.77 44.93 -1.51
C LEU N 23 -25.22 44.60 -0.12
N GLY N 24 -25.77 45.17 0.93
CA GLY N 24 -25.32 44.90 2.27
C GLY N 24 -26.28 45.47 3.29
N SER N 25 -25.74 45.86 4.44
CA SER N 25 -26.55 46.55 5.44
C SER N 25 -26.94 47.92 4.92
N ARG N 26 -28.23 48.25 5.05
CA ARG N 26 -28.79 49.41 4.41
C ARG N 26 -29.37 50.39 5.44
N ALA N 27 -29.18 51.68 5.16
CA ALA N 27 -29.79 52.77 5.92
C ALA N 27 -30.48 53.71 4.93
N VAL N 28 -31.73 53.40 4.61
CA VAL N 28 -32.42 54.12 3.53
C VAL N 28 -32.81 55.51 4.00
N GLN N 29 -33.04 56.39 3.03
CA GLN N 29 -33.56 57.73 3.28
C GLN N 29 -34.80 57.93 2.43
N TRP N 30 -35.91 58.30 3.05
CA TRP N 30 -37.18 58.50 2.38
C TRP N 30 -37.53 59.98 2.40
N TYR N 31 -37.86 60.53 1.22
CA TYR N 31 -38.26 61.92 1.10
C TYR N 31 -39.49 62.01 0.19
N GLN N 32 -40.48 62.80 0.63
CA GLN N 32 -41.70 63.02 -0.14
C GLN N 32 -41.59 64.37 -0.84
N HIS N 33 -41.36 64.33 -2.15
CA HIS N 33 -41.26 65.57 -2.92
C HIS N 33 -42.60 66.28 -2.97
N ARG N 34 -42.56 67.60 -2.92
CA ARG N 34 -43.74 68.44 -3.02
C ARG N 34 -43.58 69.43 -4.16
N PRO N 35 -44.42 69.37 -5.20
CA PRO N 35 -44.29 70.31 -6.32
C PRO N 35 -44.61 71.73 -5.87
N GLY N 36 -43.69 72.66 -6.14
CA GLY N 36 -43.89 74.04 -5.77
C GLY N 36 -43.60 74.36 -4.32
N GLN N 37 -43.16 73.39 -3.53
CA GLN N 37 -42.87 73.60 -2.12
C GLN N 37 -41.67 72.75 -1.72
N ALA N 38 -41.30 72.86 -0.44
CA ALA N 38 -40.17 72.09 0.07
C ALA N 38 -40.60 70.66 0.36
N PRO N 39 -39.91 69.66 -0.18
CA PRO N 39 -40.18 68.27 0.19
C PRO N 39 -39.96 68.05 1.68
N ILE N 40 -40.64 67.05 2.22
CA ILE N 40 -40.52 66.66 3.63
C ILE N 40 -39.91 65.27 3.69
N LEU N 41 -38.86 65.13 4.51
CA LEU N 41 -38.27 63.82 4.74
C LEU N 41 -39.23 62.96 5.55
N LEU N 42 -39.32 61.68 5.18
CA LEU N 42 -40.29 60.76 5.78
C LEU N 42 -39.68 59.87 6.86
N ILE N 43 -38.61 59.14 6.52
CA ILE N 43 -37.97 58.22 7.46
C ILE N 43 -36.47 58.29 7.25
N TYR N 44 -35.71 58.32 8.34
CA TYR N 44 -34.26 58.23 8.31
C TYR N 44 -33.83 56.97 9.04
N ASN N 45 -32.83 56.29 8.51
CA ASN N 45 -32.28 55.05 9.07
C ASN N 45 -33.32 53.92 9.06
N ASN N 46 -34.46 54.13 8.40
CA ASN N 46 -35.48 53.11 8.19
C ASN N 46 -36.09 52.64 9.51
N GLN N 47 -35.84 53.39 10.58
CA GLN N 47 -36.31 52.96 11.89
C GLN N 47 -37.28 53.96 12.53
N ASP N 48 -36.87 55.23 12.62
CA ASP N 48 -37.59 56.21 13.42
C ASP N 48 -37.97 57.42 12.57
N ARG N 49 -39.10 58.03 12.92
CA ARG N 49 -39.59 59.20 12.20
C ARG N 49 -38.83 60.45 12.65
N PRO N 50 -38.56 61.36 11.72
CA PRO N 50 -37.95 62.64 12.10
C PRO N 50 -38.92 63.47 12.93
N SER N 51 -38.36 64.42 13.69
CA SER N 51 -39.17 65.28 14.53
C SER N 51 -40.16 66.08 13.69
N GLY N 52 -41.42 66.10 14.13
CA GLY N 52 -42.48 66.77 13.41
C GLY N 52 -43.15 65.96 12.33
N ILE N 53 -42.75 64.70 12.13
CA ILE N 53 -43.32 63.85 11.10
C ILE N 53 -44.25 62.83 11.77
N PRO N 54 -45.47 62.65 11.27
CA PRO N 54 -46.39 61.69 11.89
C PRO N 54 -45.90 60.27 11.74
N GLU N 55 -46.45 59.39 12.59
CA GLU N 55 -46.11 57.97 12.57
C GLU N 55 -46.69 57.22 11.37
N ARG N 56 -47.43 57.92 10.50
CA ARG N 56 -48.05 57.27 9.35
C ARG N 56 -46.99 56.64 8.43
N PHE N 57 -45.78 57.16 8.50
CA PHE N 57 -44.69 56.63 7.68
C PHE N 57 -43.78 55.76 8.54
N SER N 58 -43.62 54.49 8.18
CA SER N 58 -42.81 53.55 8.95
C SER N 58 -42.04 52.65 8.01
N GLY N 59 -40.96 52.07 8.48
CA GLY N 59 -40.15 51.22 7.62
C GLY N 59 -39.63 49.95 8.27
N THR N 60 -39.33 48.96 7.44
CA THR N 60 -38.83 47.69 7.95
C THR N 60 -37.44 47.82 8.55
N PRO N 61 -37.18 47.10 9.64
CA PRO N 61 -35.85 47.12 10.23
C PRO N 61 -34.82 46.36 9.39
N ASP N 62 -33.52 46.58 9.63
CA ASP N 62 -32.46 45.94 8.83
C ASP N 62 -32.02 44.65 9.47
N ILE N 63 -32.80 44.15 10.42
CA ILE N 63 -32.47 42.90 11.08
C ILE N 63 -32.41 41.82 10.02
N ASN N 64 -31.37 40.99 10.05
CA ASN N 64 -31.17 39.95 9.04
C ASN N 64 -30.94 40.47 7.62
N PHE N 65 -30.71 39.57 6.68
CA PHE N 65 -30.45 40.00 5.31
C PHE N 65 -31.49 39.20 4.58
N GLY N 66 -31.93 39.68 3.42
CA GLY N 66 -32.99 39.02 2.70
C GLY N 66 -34.32 39.69 2.99
N THR N 67 -34.29 40.98 3.30
CA THR N 67 -35.51 41.72 3.57
C THR N 67 -35.41 43.09 2.90
N ARG N 68 -36.51 43.52 2.28
CA ARG N 68 -36.51 44.71 1.45
C ARG N 68 -37.20 45.86 2.18
N ALA N 69 -36.56 47.03 2.16
CA ALA N 69 -37.11 48.20 2.84
C ALA N 69 -38.36 48.68 2.12
N THR N 70 -39.34 49.16 2.91
CA THR N 70 -40.60 49.64 2.36
C THR N 70 -41.02 50.89 3.11
N LEU N 71 -41.89 51.66 2.45
CA LEU N 71 -42.44 52.89 3.01
C LEU N 71 -43.94 52.73 3.20
N THR N 72 -44.44 53.14 4.35
CA THR N 72 -45.86 53.08 4.66
C THR N 72 -46.48 54.46 4.55
N ILE N 73 -47.71 54.50 4.02
CA ILE N 73 -48.46 55.74 3.86
C ILE N 73 -49.86 55.52 4.38
N SER N 74 -50.53 56.62 4.73
CA SER N 74 -51.86 56.57 5.33
C SER N 74 -52.91 56.94 4.28
N GLY N 75 -53.48 55.92 3.63
CA GLY N 75 -54.56 56.16 2.70
C GLY N 75 -54.13 57.02 1.52
N VAL N 76 -55.03 57.91 1.11
CA VAL N 76 -54.81 58.80 -0.03
C VAL N 76 -55.17 60.22 0.38
N GLU N 77 -54.34 61.18 -0.04
CA GLU N 77 -54.59 62.58 0.24
C GLU N 77 -53.76 63.41 -0.73
N ALA N 78 -53.89 64.75 -0.60
CA ALA N 78 -53.13 65.64 -1.47
C ALA N 78 -51.63 65.49 -1.24
N GLY N 79 -51.21 65.36 0.02
CA GLY N 79 -49.80 65.15 0.30
C GLY N 79 -49.31 63.81 -0.21
N ASP N 80 -50.14 62.77 -0.09
CA ASP N 80 -49.74 61.44 -0.54
C ASP N 80 -49.60 61.38 -2.06
N GLU N 81 -50.36 62.21 -2.77
CA GLU N 81 -50.39 62.13 -4.23
C GLU N 81 -49.03 62.45 -4.83
N ALA N 82 -48.28 63.36 -4.23
CA ALA N 82 -47.01 63.77 -4.79
C ALA N 82 -45.98 62.66 -4.71
N ASP N 83 -44.94 62.78 -5.53
CA ASP N 83 -43.93 61.74 -5.64
C ASP N 83 -43.06 61.68 -4.40
N TYR N 84 -42.52 60.49 -4.12
CA TYR N 84 -41.55 60.27 -3.06
C TYR N 84 -40.45 59.35 -3.58
N TYR N 85 -39.29 59.43 -2.95
CA TYR N 85 -38.08 58.75 -3.43
C TYR N 85 -37.50 57.85 -2.34
N CYS N 86 -36.86 56.77 -2.78
CA CYS N 86 -36.14 55.85 -1.92
C CYS N 86 -34.65 56.02 -2.18
N HIS N 87 -33.90 56.29 -1.12
CA HIS N 87 -32.47 56.59 -1.24
C HIS N 87 -31.67 55.53 -0.49
N MET N 88 -31.11 54.57 -1.24
CA MET N 88 -30.44 53.41 -0.68
C MET N 88 -29.02 53.76 -0.29
N TRP N 89 -28.62 53.37 0.92
CA TRP N 89 -27.24 53.47 1.38
C TRP N 89 -26.77 52.11 1.85
N ASP N 90 -25.99 51.43 1.01
CA ASP N 90 -25.40 50.14 1.37
C ASP N 90 -23.88 50.28 1.38
N SER N 91 -23.23 49.40 2.14
CA SER N 91 -21.79 49.51 2.36
C SER N 91 -21.02 49.33 1.06
N ARG N 92 -21.42 48.36 0.24
CA ARG N 92 -20.64 48.03 -0.95
C ARG N 92 -20.73 49.13 -1.99
N SER N 93 -21.92 49.65 -2.25
CA SER N 93 -22.09 50.67 -3.29
C SER N 93 -21.35 51.95 -2.92
N GLY N 94 -21.42 52.37 -1.67
CA GLY N 94 -20.82 53.60 -1.23
C GLY N 94 -21.85 54.71 -1.15
N PHE N 95 -21.41 55.91 -1.55
CA PHE N 95 -22.30 57.06 -1.59
C PHE N 95 -23.32 56.90 -2.69
N SER N 96 -24.56 57.31 -2.41
CA SER N 96 -25.65 57.20 -3.38
C SER N 96 -25.92 58.58 -3.96
N TRP N 97 -25.27 58.86 -5.09
CA TRP N 97 -25.39 60.19 -5.71
C TRP N 97 -26.77 60.40 -6.32
N SER N 98 -27.35 59.35 -6.90
CA SER N 98 -28.65 59.44 -7.56
C SER N 98 -29.74 58.94 -6.61
N PHE N 99 -30.83 59.71 -6.55
CA PHE N 99 -31.96 59.31 -5.71
C PHE N 99 -32.59 58.02 -6.20
N GLY N 100 -32.80 57.91 -7.51
CA GLY N 100 -33.40 56.72 -8.10
C GLY N 100 -34.75 57.03 -8.74
N GLY N 101 -35.40 55.95 -9.16
CA GLY N 101 -36.69 56.09 -9.82
C GLY N 101 -37.75 56.60 -8.87
N ALA N 102 -38.67 57.40 -9.41
CA ALA N 102 -39.73 57.99 -8.61
C ALA N 102 -40.95 57.08 -8.54
N THR N 103 -41.65 57.13 -7.42
CA THR N 103 -42.90 56.43 -7.22
C THR N 103 -43.97 57.44 -6.82
N ARG N 104 -45.14 57.37 -7.47
CA ARG N 104 -46.19 58.36 -7.30
C ARG N 104 -47.50 57.68 -6.93
N LEU N 105 -48.28 58.33 -6.07
CA LEU N 105 -49.61 57.85 -5.72
C LEU N 105 -50.64 58.47 -6.65
N THR N 106 -51.57 57.66 -7.14
CA THR N 106 -52.68 58.12 -7.96
C THR N 106 -53.98 57.64 -7.35
N VAL N 107 -54.90 58.57 -7.13
CA VAL N 107 -56.21 58.28 -6.56
C VAL N 107 -57.27 58.98 -7.39
N LEU N 108 -58.36 58.27 -7.68
CA LEU N 108 -59.47 58.82 -8.45
C LEU N 108 -60.74 58.05 -8.13
N GLY N 109 -61.87 58.73 -8.22
CA GLY N 109 -63.15 58.11 -7.97
C GLY N 109 -63.34 57.67 -6.53
N GLN O 1 72.66 27.39 -43.06
CA GLN O 1 71.52 28.14 -42.58
C GLN O 1 70.48 28.28 -43.69
N VAL O 2 69.19 28.23 -43.31
CA VAL O 2 68.13 28.28 -44.31
C VAL O 2 67.91 29.73 -44.73
N GLN O 3 68.16 30.00 -46.00
CA GLN O 3 67.97 31.33 -46.59
C GLN O 3 66.78 31.28 -47.54
N LEU O 4 65.81 32.14 -47.32
CA LEU O 4 64.57 32.13 -48.09
C LEU O 4 64.70 33.13 -49.23
N GLN O 5 65.18 32.65 -50.38
CA GLN O 5 65.38 33.48 -51.56
C GLN O 5 64.06 33.56 -52.33
N GLU O 6 63.49 34.75 -52.41
CA GLU O 6 62.21 34.94 -53.09
C GLU O 6 62.43 35.05 -54.59
N SER O 7 61.64 34.29 -55.35
CA SER O 7 61.63 34.37 -56.81
C SER O 7 60.41 35.12 -57.33
N GLY O 8 59.69 35.81 -56.45
CA GLY O 8 58.51 36.53 -56.82
C GLY O 8 58.78 37.64 -57.82
N PRO O 9 57.92 37.76 -58.84
CA PRO O 9 58.12 38.82 -59.83
C PRO O 9 58.06 40.22 -59.24
N GLY O 10 57.27 40.41 -58.19
CA GLY O 10 57.04 41.73 -57.63
C GLY O 10 55.84 42.44 -58.20
N LEU O 11 55.27 41.93 -59.28
CA LEU O 11 54.08 42.51 -59.90
C LEU O 11 53.40 41.44 -60.74
N VAL O 12 52.08 41.52 -60.81
CA VAL O 12 51.29 40.54 -61.56
C VAL O 12 50.09 41.25 -62.17
N LYS O 13 49.64 40.74 -63.31
CA LYS O 13 48.41 41.23 -63.91
C LYS O 13 47.20 40.62 -63.20
N PRO O 14 46.08 41.33 -63.18
CA PRO O 14 44.86 40.75 -62.59
C PRO O 14 44.42 39.51 -63.35
N SER O 15 43.85 38.56 -62.60
CA SER O 15 43.40 37.28 -63.15
C SER O 15 44.53 36.53 -63.86
N GLU O 16 45.72 36.55 -63.28
CA GLU O 16 46.88 35.89 -63.85
C GLU O 16 47.62 35.11 -62.78
N THR O 17 48.40 34.12 -63.23
CA THR O 17 49.17 33.30 -62.31
C THR O 17 50.28 34.13 -61.65
N LEU O 18 50.44 33.93 -60.34
CA LEU O 18 51.46 34.61 -59.56
C LEU O 18 52.36 33.55 -58.93
N SER O 19 53.63 33.54 -59.35
CA SER O 19 54.57 32.50 -58.93
C SER O 19 55.65 33.10 -58.06
N VAL O 20 55.59 32.81 -56.77
CA VAL O 20 56.64 33.18 -55.81
C VAL O 20 57.29 31.90 -55.31
N THR O 21 58.61 31.82 -55.45
CA THR O 21 59.36 30.63 -55.09
C THR O 21 60.40 30.97 -54.04
N CYS O 22 60.46 30.16 -52.98
CA CYS O 22 61.41 30.34 -51.88
C CYS O 22 62.45 29.23 -51.95
N SER O 23 63.72 29.62 -52.02
CA SER O 23 64.79 28.63 -52.05
C SER O 23 65.03 28.05 -50.66
N VAL O 24 65.55 26.84 -50.62
CA VAL O 24 65.89 26.15 -49.38
C VAL O 24 67.39 25.92 -49.37
N SER O 25 68.06 26.39 -48.32
CA SER O 25 69.51 26.33 -48.21
C SER O 25 69.90 25.49 -47.00
N GLY O 26 70.84 24.57 -47.20
CA GLY O 26 71.41 23.80 -46.12
C GLY O 26 70.67 22.54 -45.73
N ASP O 27 69.53 22.24 -46.37
CA ASP O 27 68.76 21.07 -46.02
C ASP O 27 67.98 20.59 -47.24
N SER O 28 67.57 19.33 -47.21
CA SER O 28 66.81 18.75 -48.30
C SER O 28 65.34 19.16 -48.22
N MET O 29 64.57 18.73 -49.22
CA MET O 29 63.17 19.14 -49.30
C MET O 29 62.27 18.23 -48.48
N ASN O 30 62.69 16.98 -48.27
CA ASN O 30 61.79 15.99 -47.67
C ASN O 30 61.76 16.10 -46.14
N ASN O 31 62.67 16.87 -45.55
CA ASN O 31 62.78 16.88 -44.09
C ASN O 31 61.68 17.73 -43.45
N TYR O 32 61.59 19.01 -43.80
CA TYR O 32 60.70 19.95 -43.14
C TYR O 32 59.41 20.09 -43.91
N TYR O 33 58.28 20.07 -43.20
CA TYR O 33 57.01 20.42 -43.81
C TYR O 33 57.05 21.88 -44.25
N TRP O 34 56.57 22.13 -45.47
CA TRP O 34 56.72 23.43 -46.11
C TRP O 34 55.43 24.23 -45.98
N THR O 35 55.57 25.53 -45.73
CA THR O 35 54.46 26.39 -45.37
C THR O 35 54.47 27.63 -46.24
N TRP O 36 53.37 28.38 -46.20
CA TRP O 36 53.27 29.68 -46.84
C TRP O 36 52.36 30.60 -46.04
N ILE O 37 52.71 31.88 -46.01
CA ILE O 37 51.99 32.88 -45.23
C ILE O 37 51.83 34.14 -46.08
N ARG O 38 50.65 34.76 -46.02
CA ARG O 38 50.34 35.95 -46.80
C ARG O 38 49.65 36.96 -45.90
N GLN O 39 50.24 38.14 -45.74
CA GLN O 39 49.71 39.19 -44.88
C GLN O 39 49.32 40.41 -45.71
N SER O 40 48.03 40.70 -45.76
CA SER O 40 47.56 41.90 -46.42
C SER O 40 47.87 43.12 -45.56
N PRO O 41 48.14 44.28 -46.18
CA PRO O 41 48.39 45.48 -45.40
C PRO O 41 47.20 45.89 -44.55
N GLY O 42 47.49 46.39 -43.36
CA GLY O 42 46.43 46.80 -42.44
C GLY O 42 45.54 45.65 -41.99
N LYS O 43 46.12 44.46 -41.82
CA LYS O 43 45.37 43.27 -41.49
C LYS O 43 46.23 42.37 -40.61
N GLY O 44 45.57 41.52 -39.83
CA GLY O 44 46.28 40.52 -39.05
C GLY O 44 46.95 39.50 -39.95
N LEU O 45 48.02 38.91 -39.44
CA LEU O 45 48.79 37.95 -40.24
C LEU O 45 47.90 36.77 -40.62
N GLU O 46 47.83 36.48 -41.91
CA GLU O 46 46.95 35.44 -42.44
C GLU O 46 47.78 34.25 -42.90
N TRP O 47 47.45 33.08 -42.36
CA TRP O 47 48.05 31.81 -42.78
C TRP O 47 47.16 31.15 -43.81
N ILE O 48 47.70 30.97 -45.01
CA ILE O 48 46.90 30.49 -46.14
C ILE O 48 46.81 28.96 -46.13
N GLY O 49 47.94 28.29 -45.95
CA GLY O 49 47.91 26.83 -45.94
C GLY O 49 49.28 26.20 -45.88
N TYR O 50 49.27 24.88 -46.05
CA TYR O 50 50.47 24.05 -45.97
C TYR O 50 50.63 23.23 -47.25
N ILE O 51 51.87 22.89 -47.56
CA ILE O 51 52.18 21.85 -48.53
C ILE O 51 53.06 20.81 -47.84
N SER O 52 52.59 19.58 -47.78
CA SER O 52 53.29 18.54 -47.04
C SER O 52 54.43 17.96 -47.87
N ASP O 53 55.37 17.32 -47.18
CA ASP O 53 56.44 16.60 -47.85
C ASP O 53 55.92 15.40 -48.63
N ARG O 54 54.70 14.94 -48.34
CA ARG O 54 54.03 13.90 -49.10
C ARG O 54 53.28 14.44 -50.30
N GLU O 55 53.48 15.71 -50.64
CA GLU O 55 52.89 16.37 -51.80
C GLU O 55 51.37 16.47 -51.69
N SER O 56 50.88 16.80 -50.49
CA SER O 56 49.46 17.09 -50.27
C SER O 56 49.35 18.49 -49.68
N ALA O 57 48.39 19.27 -50.19
CA ALA O 57 48.24 20.66 -49.82
C ALA O 57 46.84 20.90 -49.27
N THR O 58 46.75 21.66 -48.19
CA THR O 58 45.49 22.09 -47.60
C THR O 58 45.53 23.60 -47.42
N TYR O 59 44.44 24.27 -47.77
CA TYR O 59 44.37 25.72 -47.73
C TYR O 59 43.04 26.18 -47.17
N ASN O 60 42.89 27.49 -47.04
CA ASN O 60 41.67 28.06 -46.50
C ASN O 60 40.50 27.77 -47.44
N PRO O 61 39.33 27.44 -46.90
CA PRO O 61 38.13 27.33 -47.76
C PRO O 61 37.76 28.64 -48.43
N SER O 62 38.18 29.78 -47.86
CA SER O 62 37.92 31.07 -48.50
C SER O 62 38.74 31.23 -49.78
N LEU O 63 39.92 30.61 -49.81
CA LEU O 63 40.78 30.70 -51.00
C LEU O 63 40.17 29.98 -52.19
N ASN O 64 39.22 29.07 -51.94
CA ASN O 64 38.56 28.29 -53.00
C ASN O 64 39.56 27.55 -53.88
N SER O 65 40.63 27.05 -53.27
CA SER O 65 41.65 26.26 -53.95
C SER O 65 42.27 27.01 -55.12
N ARG O 66 42.43 28.33 -54.97
CA ARG O 66 43.15 29.11 -55.98
C ARG O 66 44.63 28.75 -55.99
N VAL O 67 45.20 28.46 -54.82
CA VAL O 67 46.62 28.16 -54.73
C VAL O 67 46.85 26.68 -55.02
N VAL O 68 47.73 26.40 -55.98
CA VAL O 68 48.14 25.04 -56.31
C VAL O 68 49.66 24.99 -56.24
N ILE O 69 50.18 24.00 -55.53
CA ILE O 69 51.60 23.93 -55.21
C ILE O 69 52.23 22.75 -55.94
N SER O 70 53.16 23.05 -56.84
CA SER O 70 54.07 22.06 -57.38
C SER O 70 55.48 22.65 -57.31
N ARG O 71 56.35 21.98 -56.55
CA ARG O 71 57.62 22.56 -56.15
C ARG O 71 58.74 22.03 -57.03
N ASP O 72 59.83 22.78 -57.08
CA ASP O 72 61.04 22.39 -57.80
C ASP O 72 61.87 21.50 -56.91
N THR O 73 61.55 20.20 -56.92
CA THR O 73 62.22 19.25 -56.05
C THR O 73 63.71 19.15 -56.38
N SER O 74 64.06 19.36 -57.65
CA SER O 74 65.47 19.26 -58.04
C SER O 74 66.28 20.46 -57.57
N LYS O 75 65.69 21.65 -57.64
CA LYS O 75 66.41 22.89 -57.36
C LYS O 75 66.33 23.33 -55.90
N ASN O 76 65.74 22.50 -55.02
CA ASN O 76 65.61 22.83 -53.61
C ASN O 76 64.82 24.12 -53.41
N GLN O 77 63.73 24.26 -54.16
CA GLN O 77 62.92 25.48 -54.15
C GLN O 77 61.44 25.12 -54.05
N LEU O 78 60.67 25.99 -53.42
CA LEU O 78 59.24 25.80 -53.21
C LEU O 78 58.46 26.89 -53.95
N SER O 79 57.73 26.49 -54.98
CA SER O 79 56.99 27.44 -55.81
C SER O 79 55.58 27.62 -55.28
N LEU O 80 55.19 28.87 -55.01
CA LEU O 80 53.84 29.22 -54.63
C LEU O 80 53.14 29.85 -55.83
N LYS O 81 52.02 29.28 -56.25
CA LYS O 81 51.29 29.74 -57.42
C LYS O 81 49.89 30.18 -57.01
N LEU O 82 49.54 31.41 -57.36
CA LEU O 82 48.20 31.95 -57.16
C LEU O 82 47.61 32.30 -58.51
N ASN O 83 46.43 31.75 -58.79
CA ASN O 83 45.76 31.96 -60.08
C ASN O 83 44.48 32.75 -59.88
N SER O 84 44.11 33.49 -60.93
CA SER O 84 42.95 34.38 -60.90
C SER O 84 43.05 35.37 -59.73
N VAL O 85 44.18 36.08 -59.68
CA VAL O 85 44.45 36.95 -58.54
C VAL O 85 43.59 38.21 -58.61
N THR O 86 43.52 38.90 -57.49
CA THR O 86 42.80 40.16 -57.33
C THR O 86 43.71 41.12 -56.57
N PRO O 87 43.48 42.43 -56.67
CA PRO O 87 44.30 43.37 -55.90
C PRO O 87 44.29 43.10 -54.41
N ALA O 88 43.19 42.57 -53.87
CA ALA O 88 43.11 42.29 -52.44
C ALA O 88 44.10 41.20 -52.02
N ASP O 89 44.20 40.13 -52.80
CA ASP O 89 44.99 38.99 -52.35
C ASP O 89 46.49 39.26 -52.44
N THR O 90 46.92 40.04 -53.44
CA THR O 90 48.34 40.32 -53.61
C THR O 90 48.87 41.08 -52.41
N ALA O 91 49.88 40.49 -51.75
CA ALA O 91 50.45 41.06 -50.54
C ALA O 91 51.79 40.37 -50.27
N VAL O 92 52.35 40.65 -49.10
CA VAL O 92 53.63 40.06 -48.73
C VAL O 92 53.46 38.56 -48.51
N TYR O 93 54.45 37.79 -48.96
CA TYR O 93 54.47 36.35 -48.82
C TYR O 93 55.63 35.93 -47.94
N TYR O 94 55.35 35.13 -46.91
CA TYR O 94 56.37 34.55 -46.06
C TYR O 94 56.43 33.04 -46.29
N CYS O 95 57.60 32.55 -46.67
CA CYS O 95 57.84 31.12 -46.82
C CYS O 95 58.54 30.61 -45.56
N ALA O 96 57.86 29.75 -44.81
CA ALA O 96 58.35 29.30 -43.52
C ALA O 96 58.35 27.78 -43.47
N THR O 97 59.05 27.24 -42.48
CA THR O 97 59.12 25.80 -42.26
C THR O 97 58.40 25.46 -40.96
N ALA O 98 57.71 24.32 -40.94
CA ALA O 98 57.02 23.84 -39.75
C ALA O 98 57.30 22.35 -39.59
N ARG O 99 57.37 21.91 -38.33
CA ARG O 99 57.52 20.50 -38.00
C ARG O 99 56.36 20.08 -37.10
N ARG O 100 55.72 18.97 -37.44
CA ARG O 100 54.52 18.56 -36.75
C ARG O 100 54.82 17.99 -35.37
N GLY O 101 53.94 18.31 -34.42
CA GLY O 101 53.96 17.67 -33.12
C GLY O 101 52.56 17.27 -32.73
N GLN O 102 52.47 16.14 -32.04
CA GLN O 102 51.18 15.59 -31.63
C GLN O 102 50.96 15.85 -30.15
N ARG O 103 49.74 16.31 -29.83
CA ARG O 103 49.33 16.50 -28.45
C ARG O 103 48.34 15.41 -28.08
N ILE O 104 48.65 14.64 -27.05
CA ILE O 104 47.83 13.53 -26.61
C ILE O 104 47.26 13.87 -25.26
N TYR O 105 45.93 13.89 -25.15
CA TYR O 105 45.27 14.20 -23.89
C TYR O 105 44.61 12.98 -23.28
N GLY O 106 44.30 11.98 -24.11
CA GLY O 106 43.66 10.78 -23.61
C GLY O 106 44.27 9.51 -24.15
N VAL O 107 43.45 8.50 -24.42
CA VAL O 107 43.92 7.20 -24.87
C VAL O 107 44.20 7.29 -26.37
N VAL O 108 45.46 7.08 -26.74
CA VAL O 108 45.86 7.25 -28.14
C VAL O 108 45.25 6.19 -29.04
N SER O 109 44.89 5.03 -28.47
CA SER O 109 44.26 4.00 -29.29
C SER O 109 42.82 4.38 -29.66
N PHE O 110 42.23 5.32 -28.92
CA PHE O 110 40.90 5.81 -29.23
C PHE O 110 40.90 6.98 -30.21
N GLY O 111 42.07 7.50 -30.57
CA GLY O 111 42.18 8.64 -31.46
C GLY O 111 42.16 9.99 -30.77
N GLU O 112 42.44 10.05 -29.47
CA GLU O 112 42.36 11.30 -28.72
C GLU O 112 43.70 12.05 -28.79
N PHE O 113 44.09 12.40 -30.01
CA PHE O 113 45.27 13.21 -30.25
C PHE O 113 45.01 14.17 -31.39
N PHE O 114 45.68 15.32 -31.36
CA PHE O 114 45.65 16.28 -32.46
C PHE O 114 47.05 16.79 -32.71
N TYR O 115 47.33 17.12 -33.98
CA TYR O 115 48.66 17.54 -34.40
C TYR O 115 48.74 19.06 -34.43
N TYR O 116 49.82 19.62 -33.88
CA TYR O 116 50.07 21.05 -33.91
C TYR O 116 51.41 21.31 -34.57
N TYR O 117 51.45 22.33 -35.42
CA TYR O 117 52.64 22.67 -36.19
C TYR O 117 53.30 23.90 -35.58
N SER O 118 54.63 23.90 -35.55
CA SER O 118 55.41 24.99 -34.98
C SER O 118 56.29 25.61 -36.05
N MET O 119 56.27 26.94 -36.15
CA MET O 119 57.04 27.67 -37.15
C MET O 119 58.47 27.86 -36.63
N ASP O 120 59.34 26.89 -36.95
CA ASP O 120 60.72 26.97 -36.48
C ASP O 120 61.51 28.01 -37.27
N VAL O 121 61.34 28.07 -38.59
CA VAL O 121 62.05 29.00 -39.46
C VAL O 121 61.03 29.84 -40.20
N TRP O 122 61.30 31.14 -40.32
CA TRP O 122 60.43 32.09 -40.97
C TRP O 122 61.11 32.68 -42.20
N GLY O 123 60.31 33.17 -43.13
CA GLY O 123 60.86 33.75 -44.34
C GLY O 123 61.07 35.25 -44.22
N LYS O 124 61.93 35.77 -45.10
CA LYS O 124 62.20 37.21 -45.10
C LYS O 124 61.03 37.99 -45.70
N GLY O 125 60.46 37.50 -46.79
CA GLY O 125 59.27 38.10 -47.35
C GLY O 125 59.53 38.80 -48.67
N THR O 126 58.49 38.83 -49.51
CA THR O 126 58.51 39.53 -50.78
C THR O 126 57.14 40.16 -51.02
N THR O 127 57.11 41.27 -51.74
CA THR O 127 55.90 42.04 -51.95
C THR O 127 55.55 42.06 -53.44
N VAL O 128 54.25 41.93 -53.75
CA VAL O 128 53.76 41.96 -55.11
C VAL O 128 52.60 42.94 -55.19
N THR O 129 52.37 43.48 -56.38
CA THR O 129 51.30 44.44 -56.63
C THR O 129 50.64 44.13 -57.96
N VAL O 130 49.37 44.50 -58.08
CA VAL O 130 48.65 44.33 -59.34
C VAL O 130 48.88 45.53 -60.24
N SER O 131 48.57 45.36 -61.52
CA SER O 131 48.71 46.44 -62.50
C SER O 131 47.45 47.30 -62.53
N VAL P 3 42.62 44.67 -33.83
CA VAL P 3 43.92 44.75 -33.19
C VAL P 3 43.88 45.74 -32.03
N ARG P 4 43.85 45.22 -30.81
CA ARG P 4 43.83 46.04 -29.62
C ARG P 4 45.10 45.81 -28.81
N PRO P 5 46.03 46.78 -28.79
CA PRO P 5 47.30 46.55 -28.10
C PRO P 5 47.28 46.98 -26.64
N LEU P 6 47.98 46.22 -25.80
CA LEU P 6 48.18 46.57 -24.39
C LEU P 6 49.62 47.09 -24.27
N SER P 7 49.77 48.40 -24.42
CA SER P 7 51.08 49.02 -24.58
C SER P 7 51.41 49.88 -23.36
N VAL P 8 52.62 49.72 -22.83
CA VAL P 8 53.13 50.50 -21.72
C VAL P 8 54.62 50.72 -21.95
N ALA P 9 55.18 51.68 -21.22
CA ALA P 9 56.59 52.02 -21.36
C ALA P 9 57.48 50.91 -20.80
N LEU P 10 58.79 51.15 -20.82
CA LEU P 10 59.75 50.18 -20.34
C LEU P 10 59.61 49.98 -18.83
N GLY P 11 60.05 48.82 -18.36
CA GLY P 11 60.03 48.50 -16.95
C GLY P 11 58.70 48.01 -16.43
N GLU P 12 57.67 47.93 -17.26
CA GLU P 12 56.35 47.47 -16.85
C GLU P 12 55.91 46.32 -17.75
N THR P 13 55.46 45.24 -17.13
CA THR P 13 54.98 44.06 -17.84
C THR P 13 53.46 44.05 -17.78
N ALA P 14 52.83 44.23 -18.95
CA ALA P 14 51.38 44.19 -19.07
C ALA P 14 50.99 42.90 -19.78
N ARG P 15 50.32 42.01 -19.05
CA ARG P 15 49.96 40.69 -19.55
C ARG P 15 48.51 40.68 -20.00
N ILE P 16 48.28 40.21 -21.23
CA ILE P 16 46.95 40.03 -21.77
C ILE P 16 46.83 38.60 -22.25
N SER P 17 45.71 37.95 -21.92
CA SER P 17 45.49 36.57 -22.32
C SER P 17 45.33 36.47 -23.84
N CYS P 18 45.41 35.24 -24.34
CA CYS P 18 45.28 35.00 -25.77
C CYS P 18 43.90 35.44 -26.25
N GLY P 19 43.83 35.83 -27.53
CA GLY P 19 42.58 36.36 -28.05
C GLY P 19 41.42 35.40 -27.92
N ARG P 20 41.64 34.12 -28.21
CA ARG P 20 40.59 33.13 -28.08
C ARG P 20 40.71 32.37 -26.77
N GLN P 21 39.68 31.59 -26.46
CA GLN P 21 39.64 30.76 -25.26
C GLN P 21 39.66 29.29 -25.66
N ALA P 22 40.46 28.50 -24.94
CA ALA P 22 40.59 27.09 -25.25
C ALA P 22 39.31 26.34 -24.91
N LEU P 23 38.93 25.41 -25.78
CA LEU P 23 37.79 24.54 -25.56
C LEU P 23 38.22 23.15 -25.10
N GLY P 24 39.50 22.97 -24.76
CA GLY P 24 39.99 21.67 -24.35
C GLY P 24 41.44 21.76 -23.94
N SER P 25 42.15 20.66 -24.17
CA SER P 25 43.59 20.66 -23.94
C SER P 25 44.27 21.51 -25.00
N ARG P 26 45.11 22.44 -24.55
CA ARG P 26 45.64 23.48 -25.43
C ARG P 26 47.16 23.36 -25.54
N ALA P 27 47.66 23.45 -26.77
CA ALA P 27 49.08 23.57 -27.05
C ALA P 27 49.28 24.83 -27.89
N VAL P 28 49.71 25.91 -27.25
CA VAL P 28 49.75 27.22 -27.85
C VAL P 28 51.17 27.53 -28.33
N GLN P 29 51.26 28.37 -29.36
CA GLN P 29 52.52 28.84 -29.90
C GLN P 29 52.52 30.36 -29.92
N TRP P 30 53.58 30.96 -29.38
CA TRP P 30 53.71 32.41 -29.31
C TRP P 30 54.86 32.87 -30.18
N TYR P 31 54.58 33.78 -31.10
CA TYR P 31 55.57 34.30 -32.04
C TYR P 31 55.62 35.82 -31.95
N GLN P 32 56.81 36.37 -32.14
CA GLN P 32 56.98 37.82 -32.27
C GLN P 32 57.28 38.12 -33.72
N HIS P 33 56.57 39.10 -34.28
CA HIS P 33 56.65 39.37 -35.71
C HIS P 33 57.37 40.70 -35.95
N ARG P 34 58.47 40.64 -36.68
CA ARG P 34 59.25 41.81 -37.03
C ARG P 34 59.17 42.04 -38.53
N PRO P 35 58.48 43.10 -38.98
CA PRO P 35 58.35 43.34 -40.42
C PRO P 35 59.71 43.52 -41.07
N GLY P 36 59.85 42.96 -42.28
CA GLY P 36 61.11 43.05 -42.99
C GLY P 36 62.20 42.14 -42.43
N GLN P 37 61.83 41.20 -41.58
CA GLN P 37 62.78 40.30 -40.95
C GLN P 37 62.13 38.93 -40.78
N ALA P 38 62.85 38.04 -40.09
CA ALA P 38 62.35 36.69 -39.84
C ALA P 38 61.85 36.58 -38.41
N PRO P 39 60.55 36.40 -38.18
CA PRO P 39 60.06 36.19 -36.81
C PRO P 39 60.69 34.96 -36.16
N ILE P 40 60.96 35.06 -34.87
CA ILE P 40 61.50 33.96 -34.08
C ILE P 40 60.44 33.55 -33.07
N LEU P 41 60.19 32.24 -32.97
CA LEU P 41 59.17 31.70 -32.08
C LEU P 41 59.61 31.94 -30.64
N LEU P 42 58.68 32.41 -29.81
CA LEU P 42 58.97 32.52 -28.38
C LEU P 42 58.87 31.17 -27.70
N ILE P 43 57.68 30.59 -27.68
CA ILE P 43 57.47 29.26 -27.12
C ILE P 43 56.63 28.42 -28.08
N TYR P 44 57.31 27.62 -28.92
CA TYR P 44 56.57 26.67 -29.74
C TYR P 44 55.87 25.62 -28.88
N ASN P 45 56.55 25.16 -27.84
CA ASN P 45 55.90 24.32 -26.84
C ASN P 45 55.06 25.18 -25.91
N ASN P 46 54.04 24.58 -25.31
CA ASN P 46 53.13 25.33 -24.46
C ASN P 46 53.84 25.92 -23.25
N GLN P 47 54.88 25.23 -22.76
CA GLN P 47 55.56 25.65 -21.53
C GLN P 47 57.08 25.55 -21.60
N ASP P 48 57.66 25.41 -22.79
CA ASP P 48 59.11 25.27 -22.93
C ASP P 48 59.66 26.39 -23.79
N ARG P 49 60.67 27.10 -23.27
CA ARG P 49 61.38 28.11 -24.05
C ARG P 49 62.59 27.46 -24.72
N PRO P 50 62.69 27.46 -26.04
CA PRO P 50 63.85 26.86 -26.70
C PRO P 50 65.12 27.64 -26.45
N SER P 51 66.23 27.05 -26.88
CA SER P 51 67.53 27.71 -26.72
C SER P 51 67.60 28.97 -27.57
N GLY P 52 68.16 30.03 -26.98
CA GLY P 52 68.29 31.30 -27.65
C GLY P 52 67.18 32.30 -27.39
N ILE P 53 66.26 31.99 -26.48
CA ILE P 53 65.12 32.84 -26.17
C ILE P 53 65.24 33.28 -24.73
N PRO P 54 65.16 34.58 -24.42
CA PRO P 54 65.28 35.03 -23.04
C PRO P 54 64.11 34.57 -22.18
N GLU P 55 64.37 34.49 -20.87
CA GLU P 55 63.38 34.02 -19.92
C GLU P 55 62.25 35.03 -19.70
N ARG P 56 62.40 36.25 -20.22
CA ARG P 56 61.42 37.30 -19.95
C ARG P 56 60.03 36.93 -20.48
N PHE P 57 59.98 36.36 -21.68
CA PHE P 57 58.71 35.97 -22.26
C PHE P 57 58.06 34.87 -21.43
N SER P 58 56.76 35.01 -21.19
CA SER P 58 56.05 34.19 -20.22
C SER P 58 55.37 33.01 -20.91
N GLY P 59 55.56 31.82 -20.35
CA GLY P 59 54.85 30.64 -20.80
C GLY P 59 54.20 29.89 -19.64
N THR P 60 52.96 29.44 -19.85
CA THR P 60 52.22 28.77 -18.78
C THR P 60 51.95 27.32 -19.17
N PRO P 61 52.17 26.37 -18.27
CA PRO P 61 51.92 24.97 -18.59
C PRO P 61 50.44 24.65 -18.65
N ASP P 62 50.12 23.52 -19.29
CA ASP P 62 48.75 23.05 -19.42
C ASP P 62 48.45 22.10 -18.26
N ILE P 63 47.82 22.62 -17.22
CA ILE P 63 47.44 21.84 -16.05
C ILE P 63 45.99 22.15 -15.72
N ASN P 64 45.24 21.12 -15.37
CA ASN P 64 43.79 21.21 -15.08
C ASN P 64 43.12 21.73 -16.37
N PHE P 65 42.22 22.70 -16.27
CA PHE P 65 41.56 23.26 -17.44
C PHE P 65 41.23 24.72 -17.19
N GLY P 66 41.26 25.51 -18.25
CA GLY P 66 40.92 26.92 -18.17
C GLY P 66 42.05 27.85 -17.80
N THR P 67 43.23 27.33 -17.48
CA THR P 67 44.37 28.19 -17.17
C THR P 67 44.80 28.94 -18.43
N ARG P 68 45.14 30.21 -18.25
CA ARG P 68 45.41 31.11 -19.36
C ARG P 68 46.91 31.29 -19.57
N ALA P 69 47.31 31.44 -20.83
CA ALA P 69 48.68 31.76 -21.19
C ALA P 69 48.75 33.22 -21.60
N THR P 70 49.61 33.99 -20.95
CA THR P 70 49.71 35.42 -21.17
C THR P 70 51.11 35.78 -21.65
N LEU P 71 51.30 37.07 -21.93
CA LEU P 71 52.54 37.61 -22.45
C LEU P 71 53.01 38.74 -21.56
N THR P 72 54.11 38.53 -20.85
CA THR P 72 54.74 39.55 -20.02
C THR P 72 56.06 39.96 -20.67
N ILE P 73 56.14 41.22 -21.10
CA ILE P 73 57.28 41.72 -21.86
C ILE P 73 57.67 43.09 -21.35
N SER P 74 58.98 43.33 -21.23
CA SER P 74 59.51 44.61 -20.77
C SER P 74 60.78 44.68 -21.57
N GLY P 75 61.77 45.43 -21.10
CA GLY P 75 63.05 45.44 -21.78
C GLY P 75 62.77 45.73 -23.24
N VAL P 76 62.07 46.81 -23.52
CA VAL P 76 61.64 47.07 -24.89
C VAL P 76 62.77 47.08 -25.91
N GLU P 77 62.54 46.41 -27.03
CA GLU P 77 63.54 46.29 -28.07
C GLU P 77 62.80 46.59 -29.34
N ALA P 78 63.48 46.71 -30.46
CA ALA P 78 62.79 47.10 -31.68
C ALA P 78 61.72 46.09 -32.07
N GLY P 79 62.00 44.80 -31.99
CA GLY P 79 60.99 43.78 -32.27
C GLY P 79 59.87 43.83 -31.26
N ASP P 80 60.18 44.21 -30.02
CA ASP P 80 59.17 44.36 -28.98
C ASP P 80 58.14 45.41 -29.37
N GLU P 81 58.58 46.51 -29.98
CA GLU P 81 57.65 47.53 -30.43
C GLU P 81 56.69 46.98 -31.48
N ALA P 82 57.10 45.92 -32.18
CA ALA P 82 56.24 45.27 -33.15
C ALA P 82 55.29 44.30 -32.46
N ASP P 83 54.30 43.82 -33.21
CA ASP P 83 53.22 43.04 -32.63
C ASP P 83 53.63 41.59 -32.40
N TYR P 84 52.87 40.93 -31.53
CA TYR P 84 53.03 39.51 -31.23
C TYR P 84 51.76 38.78 -31.62
N TYR P 85 51.88 37.46 -31.83
CA TYR P 85 50.75 36.63 -32.19
C TYR P 85 50.68 35.42 -31.28
N CYS P 86 49.47 35.06 -30.88
CA CYS P 86 49.19 33.86 -30.09
C CYS P 86 48.38 32.89 -30.94
N HIS P 87 48.89 31.67 -31.08
CA HIS P 87 48.27 30.66 -31.93
C HIS P 87 47.81 29.50 -31.06
N MET P 88 46.48 29.33 -30.97
CA MET P 88 45.88 28.39 -30.04
C MET P 88 45.52 27.10 -30.77
N TRP P 89 45.86 25.96 -30.18
CA TRP P 89 45.46 24.65 -30.69
C TRP P 89 44.75 23.89 -29.56
N ASP P 90 43.45 23.67 -29.73
CA ASP P 90 42.66 22.88 -28.79
C ASP P 90 42.00 21.74 -29.53
N SER P 91 41.66 20.68 -28.77
CA SER P 91 41.21 19.44 -29.38
C SER P 91 39.90 19.62 -30.15
N ARG P 92 38.94 20.33 -29.57
CA ARG P 92 37.62 20.40 -30.16
C ARG P 92 37.58 21.32 -31.37
N SER P 93 38.34 22.43 -31.34
CA SER P 93 38.30 23.38 -32.44
C SER P 93 38.86 22.77 -33.72
N GLY P 94 39.97 22.05 -33.62
CA GLY P 94 40.62 21.45 -34.77
C GLY P 94 41.81 22.28 -35.21
N PHE P 95 42.01 22.30 -36.53
CA PHE P 95 43.07 23.11 -37.11
C PHE P 95 42.79 24.59 -36.88
N SER P 96 43.81 25.33 -36.47
CA SER P 96 43.70 26.77 -36.22
C SER P 96 44.17 27.51 -37.47
N TRP P 97 43.24 27.67 -38.42
CA TRP P 97 43.58 28.30 -39.69
C TRP P 97 44.00 29.76 -39.50
N SER P 98 43.27 30.49 -38.66
CA SER P 98 43.62 31.88 -38.37
C SER P 98 44.48 31.97 -37.13
N PHE P 99 45.48 32.87 -37.16
CA PHE P 99 46.32 33.06 -35.99
C PHE P 99 45.59 33.86 -34.91
N GLY P 100 44.84 34.88 -35.30
CA GLY P 100 44.08 35.67 -34.35
C GLY P 100 44.60 37.10 -34.25
N GLY P 101 44.19 37.76 -33.17
CA GLY P 101 44.58 39.14 -32.95
C GLY P 101 46.04 39.27 -32.60
N ALA P 102 46.52 40.51 -32.68
CA ALA P 102 47.92 40.84 -32.43
C ALA P 102 48.03 41.80 -31.25
N THR P 103 49.07 41.63 -30.45
CA THR P 103 49.35 42.50 -29.32
C THR P 103 50.78 43.02 -29.43
N ARG P 104 50.99 44.27 -29.02
CA ARG P 104 52.30 44.90 -29.08
C ARG P 104 52.50 45.81 -27.88
N LEU P 105 53.76 46.14 -27.62
CA LEU P 105 54.16 47.02 -26.53
C LEU P 105 54.87 48.23 -27.12
N THR P 106 54.20 49.38 -27.14
CA THR P 106 54.73 50.59 -27.73
C THR P 106 55.08 51.59 -26.63
N VAL P 107 56.27 52.19 -26.74
CA VAL P 107 56.75 53.19 -25.80
C VAL P 107 56.84 54.52 -26.51
N LEU P 108 56.25 55.56 -25.92
CA LEU P 108 56.28 56.90 -26.48
C LEU P 108 56.62 57.89 -25.37
N GLY P 109 57.27 58.98 -25.76
CA GLY P 109 57.66 60.01 -24.82
C GLY P 109 56.54 60.97 -24.47
N GLN Q 1 -48.66 -24.87 -67.94
CA GLN Q 1 -47.63 -24.17 -68.71
C GLN Q 1 -47.34 -22.79 -68.14
N VAL Q 2 -46.05 -22.51 -67.90
CA VAL Q 2 -45.60 -21.21 -67.44
C VAL Q 2 -44.67 -20.64 -68.51
N GLN Q 3 -45.12 -19.56 -69.16
CA GLN Q 3 -44.36 -18.94 -70.23
C GLN Q 3 -44.95 -17.57 -70.50
N LEU Q 4 -44.09 -16.63 -70.85
CA LEU Q 4 -44.48 -15.24 -71.09
C LEU Q 4 -44.37 -14.90 -72.56
N GLN Q 5 -45.45 -14.36 -73.12
CA GLN Q 5 -45.48 -13.91 -74.51
C GLN Q 5 -45.51 -12.38 -74.51
N GLU Q 6 -44.39 -11.77 -74.90
CA GLU Q 6 -44.23 -10.32 -74.83
C GLU Q 6 -44.68 -9.67 -76.13
N SER Q 7 -45.59 -8.72 -76.02
CA SER Q 7 -46.01 -7.94 -77.18
C SER Q 7 -44.90 -6.99 -77.59
N GLY Q 8 -44.57 -6.99 -78.88
CA GLY Q 8 -43.49 -6.18 -79.38
C GLY Q 8 -43.95 -5.05 -80.29
N PRO Q 9 -43.91 -3.81 -79.77
CA PRO Q 9 -44.21 -2.67 -80.66
C PRO Q 9 -43.12 -2.41 -81.67
N GLY Q 10 -41.85 -2.48 -81.26
CA GLY Q 10 -40.73 -2.30 -82.15
C GLY Q 10 -40.25 -0.88 -82.33
N LEU Q 11 -40.96 0.10 -81.77
CA LEU Q 11 -40.59 1.50 -81.98
C LEU Q 11 -41.02 2.32 -80.77
N VAL Q 12 -40.30 3.42 -80.55
CA VAL Q 12 -40.59 4.37 -79.47
C VAL Q 12 -40.53 5.79 -80.00
N LYS Q 13 -41.56 6.56 -79.68
CA LYS Q 13 -41.51 8.00 -79.85
C LYS Q 13 -40.82 8.61 -78.64
N PRO Q 14 -39.76 9.40 -78.83
CA PRO Q 14 -39.02 9.94 -77.69
C PRO Q 14 -39.91 10.77 -76.78
N SER Q 15 -39.66 10.66 -75.47
CA SER Q 15 -40.43 11.32 -74.42
C SER Q 15 -41.90 10.91 -74.43
N GLU Q 16 -42.20 9.66 -74.79
CA GLU Q 16 -43.56 9.15 -74.84
C GLU Q 16 -43.62 7.78 -74.18
N THR Q 17 -44.82 7.40 -73.77
CA THR Q 17 -45.03 6.13 -73.09
C THR Q 17 -44.92 4.96 -74.06
N LEU Q 18 -44.16 3.94 -73.65
CA LEU Q 18 -44.04 2.70 -74.40
C LEU Q 18 -44.64 1.57 -73.57
N SER Q 19 -45.54 0.81 -74.16
CA SER Q 19 -46.22 -0.30 -73.49
C SER Q 19 -45.77 -1.60 -74.12
N VAL Q 20 -44.84 -2.29 -73.45
CA VAL Q 20 -44.42 -3.63 -73.83
C VAL Q 20 -45.04 -4.59 -72.82
N THR Q 21 -45.92 -5.47 -73.30
CA THR Q 21 -46.76 -6.28 -72.43
C THR Q 21 -46.45 -7.75 -72.64
N CYS Q 22 -46.21 -8.46 -71.55
CA CYS Q 22 -45.95 -9.90 -71.57
C CYS Q 22 -47.22 -10.62 -71.12
N SER Q 23 -47.71 -11.53 -71.97
CA SER Q 23 -48.91 -12.31 -71.67
C SER Q 23 -48.48 -13.70 -71.21
N VAL Q 24 -48.88 -14.06 -69.99
CA VAL Q 24 -48.52 -15.38 -69.47
C VAL Q 24 -49.28 -16.46 -70.24
N SER Q 25 -48.59 -17.56 -70.52
CA SER Q 25 -49.14 -18.61 -71.37
C SER Q 25 -49.92 -19.61 -70.51
N GLY Q 26 -51.19 -19.28 -70.26
CA GLY Q 26 -52.07 -20.21 -69.56
C GLY Q 26 -51.62 -20.60 -68.17
N ASP Q 27 -51.18 -19.63 -67.37
CA ASP Q 27 -50.72 -19.89 -66.01
C ASP Q 27 -51.45 -18.95 -65.06
N SER Q 28 -51.83 -19.49 -63.90
CA SER Q 28 -52.50 -18.67 -62.89
C SER Q 28 -51.53 -17.67 -62.29
N MET Q 29 -52.05 -16.48 -61.97
CA MET Q 29 -51.21 -15.45 -61.36
C MET Q 29 -50.67 -15.89 -60.01
N ASN Q 30 -51.51 -16.53 -59.19
CA ASN Q 30 -51.16 -17.18 -57.90
C ASN Q 30 -50.24 -16.25 -57.11
N ASN Q 31 -49.16 -16.76 -56.51
CA ASN Q 31 -48.23 -15.95 -55.73
C ASN Q 31 -47.00 -15.53 -56.52
N TYR Q 32 -46.99 -15.78 -57.83
CA TYR Q 32 -45.83 -15.43 -58.64
C TYR Q 32 -45.60 -13.92 -58.66
N TYR Q 33 -44.33 -13.52 -58.65
CA TYR Q 33 -43.94 -12.14 -58.77
C TYR Q 33 -43.23 -11.95 -60.11
N TRP Q 34 -43.72 -11.01 -60.91
CA TRP Q 34 -43.21 -10.76 -62.24
C TRP Q 34 -42.20 -9.63 -62.22
N THR Q 35 -41.15 -9.75 -63.03
CA THR Q 35 -40.12 -8.73 -63.11
C THR Q 35 -39.86 -8.37 -64.56
N TRP Q 36 -39.27 -7.19 -64.77
CA TRP Q 36 -38.95 -6.70 -66.09
C TRP Q 36 -37.45 -6.42 -66.17
N ILE Q 37 -36.80 -6.88 -67.23
CA ILE Q 37 -35.35 -6.79 -67.39
C ILE Q 37 -35.06 -6.05 -68.69
N ARG Q 38 -34.24 -5.02 -68.60
CA ARG Q 38 -33.84 -4.21 -69.75
C ARG Q 38 -32.33 -4.27 -69.89
N GLN Q 39 -31.86 -4.88 -70.97
CA GLN Q 39 -30.43 -5.05 -71.22
C GLN Q 39 -30.01 -4.11 -72.34
N SER Q 40 -29.37 -3.00 -71.97
CA SER Q 40 -28.87 -2.07 -72.98
C SER Q 40 -27.67 -2.68 -73.71
N PRO Q 41 -27.54 -2.43 -75.01
CA PRO Q 41 -26.38 -2.95 -75.74
C PRO Q 41 -25.08 -2.38 -75.18
N GLY Q 42 -24.06 -3.23 -75.11
CA GLY Q 42 -22.79 -2.83 -74.55
C GLY Q 42 -22.75 -2.69 -73.04
N LYS Q 43 -23.80 -3.14 -72.35
CA LYS Q 43 -23.89 -3.03 -70.90
C LYS Q 43 -24.21 -4.40 -70.31
N GLY Q 44 -23.87 -4.55 -69.03
CA GLY Q 44 -24.25 -5.75 -68.32
C GLY Q 44 -25.76 -5.85 -68.14
N LEU Q 45 -26.22 -7.06 -67.86
CA LEU Q 45 -27.66 -7.29 -67.71
C LEU Q 45 -28.21 -6.42 -66.58
N GLU Q 46 -29.03 -5.45 -66.95
CA GLU Q 46 -29.62 -4.50 -66.00
C GLU Q 46 -31.01 -4.96 -65.63
N TRP Q 47 -31.28 -5.00 -64.32
CA TRP Q 47 -32.58 -5.46 -63.81
C TRP Q 47 -33.27 -4.26 -63.16
N ILE Q 48 -34.37 -3.82 -63.78
CA ILE Q 48 -35.01 -2.58 -63.36
C ILE Q 48 -35.83 -2.79 -62.11
N GLY Q 49 -36.85 -3.63 -62.18
CA GLY Q 49 -37.74 -3.83 -61.05
C GLY Q 49 -38.65 -5.02 -61.26
N TYR Q 50 -39.46 -5.29 -60.24
CA TYR Q 50 -40.36 -6.43 -60.25
C TYR Q 50 -41.72 -6.01 -59.70
N ILE Q 51 -42.79 -6.40 -60.39
CA ILE Q 51 -44.14 -6.21 -59.87
C ILE Q 51 -44.57 -7.43 -59.06
N SER Q 52 -45.22 -7.17 -57.93
CA SER Q 52 -45.68 -8.22 -57.04
C SER Q 52 -47.16 -8.48 -57.26
N ASP Q 53 -47.62 -9.62 -56.73
CA ASP Q 53 -49.04 -9.96 -56.83
C ASP Q 53 -49.92 -9.00 -56.05
N ARG Q 54 -49.34 -8.24 -55.12
CA ARG Q 54 -50.06 -7.24 -54.36
C ARG Q 54 -50.13 -5.90 -55.08
N GLU Q 55 -49.86 -5.87 -56.38
CA GLU Q 55 -49.91 -4.65 -57.20
C GLU Q 55 -48.96 -3.58 -56.67
N SER Q 56 -47.83 -4.00 -56.11
CA SER Q 56 -46.77 -3.09 -55.69
C SER Q 56 -45.50 -3.45 -56.44
N ALA Q 57 -44.95 -2.49 -57.17
CA ALA Q 57 -43.77 -2.70 -58.00
C ALA Q 57 -42.58 -1.97 -57.39
N THR Q 58 -41.57 -2.73 -56.97
CA THR Q 58 -40.36 -2.12 -56.47
C THR Q 58 -39.52 -1.60 -57.63
N TYR Q 59 -39.06 -0.35 -57.50
CA TYR Q 59 -38.46 0.37 -58.62
C TYR Q 59 -36.99 0.64 -58.35
N ASN Q 60 -36.20 0.61 -59.43
CA ASN Q 60 -34.81 0.99 -59.33
C ASN Q 60 -34.71 2.48 -59.05
N PRO Q 61 -33.99 2.89 -58.00
CA PRO Q 61 -33.90 4.33 -57.69
C PRO Q 61 -33.27 5.16 -58.80
N SER Q 62 -32.46 4.55 -59.66
CA SER Q 62 -31.87 5.30 -60.78
C SER Q 62 -32.94 5.73 -61.78
N LEU Q 63 -34.01 4.94 -61.90
CA LEU Q 63 -35.07 5.28 -62.85
C LEU Q 63 -35.90 6.46 -62.38
N ASN Q 64 -35.77 6.84 -61.11
CA ASN Q 64 -36.51 7.96 -60.53
C ASN Q 64 -38.02 7.79 -60.66
N SER Q 65 -38.49 6.55 -60.51
CA SER Q 65 -39.91 6.21 -60.58
C SER Q 65 -40.53 6.59 -61.92
N ARG Q 66 -39.73 6.61 -62.99
CA ARG Q 66 -40.26 6.87 -64.32
C ARG Q 66 -41.16 5.72 -64.77
N VAL Q 67 -40.79 4.49 -64.45
CA VAL Q 67 -41.58 3.34 -64.86
C VAL Q 67 -42.78 3.17 -63.94
N VAL Q 68 -43.95 2.92 -64.52
CA VAL Q 68 -45.17 2.63 -63.78
C VAL Q 68 -45.73 1.32 -64.29
N ILE Q 69 -45.97 0.37 -63.38
CA ILE Q 69 -46.34 -0.99 -63.74
C ILE Q 69 -47.80 -1.22 -63.37
N SER Q 70 -48.64 -1.44 -64.37
CA SER Q 70 -50.01 -1.89 -64.18
C SER Q 70 -50.31 -2.97 -65.20
N ARG Q 71 -51.06 -3.98 -64.78
CA ARG Q 71 -51.27 -5.17 -65.60
C ARG Q 71 -52.75 -5.32 -65.95
N ASP Q 72 -52.98 -6.02 -67.07
CA ASP Q 72 -54.34 -6.36 -67.50
C ASP Q 72 -54.66 -7.73 -66.92
N THR Q 73 -55.33 -7.71 -65.75
CA THR Q 73 -55.60 -8.96 -65.04
C THR Q 73 -56.51 -9.88 -65.85
N SER Q 74 -57.52 -9.33 -66.51
CA SER Q 74 -58.48 -10.15 -67.25
C SER Q 74 -57.80 -10.91 -68.39
N LYS Q 75 -56.92 -10.24 -69.13
CA LYS Q 75 -56.26 -10.85 -70.27
C LYS Q 75 -55.01 -11.64 -69.89
N ASN Q 76 -54.67 -11.70 -68.61
CA ASN Q 76 -53.49 -12.43 -68.13
C ASN Q 76 -52.21 -11.94 -68.79
N GLN Q 77 -52.09 -10.63 -68.94
CA GLN Q 77 -50.90 -10.01 -69.53
C GLN Q 77 -50.47 -8.84 -68.66
N LEU Q 78 -49.16 -8.69 -68.48
CA LEU Q 78 -48.59 -7.64 -67.65
C LEU Q 78 -47.86 -6.63 -68.52
N SER Q 79 -48.20 -5.35 -68.35
CA SER Q 79 -47.72 -4.29 -69.23
C SER Q 79 -46.59 -3.52 -68.56
N LEU Q 80 -45.52 -3.28 -69.31
CA LEU Q 80 -44.41 -2.45 -68.86
C LEU Q 80 -44.52 -1.08 -69.53
N LYS Q 81 -44.53 -0.02 -68.73
CA LYS Q 81 -44.71 1.34 -69.22
C LYS Q 81 -43.51 2.19 -68.82
N LEU Q 82 -42.95 2.92 -69.78
CA LEU Q 82 -41.85 3.85 -69.55
C LEU Q 82 -42.24 5.22 -70.09
N ASN Q 83 -42.19 6.23 -69.23
CA ASN Q 83 -42.54 7.59 -69.62
C ASN Q 83 -41.31 8.48 -69.59
N SER Q 84 -41.37 9.55 -70.40
CA SER Q 84 -40.25 10.48 -70.57
C SER Q 84 -38.97 9.72 -70.96
N VAL Q 85 -39.10 8.87 -71.98
CA VAL Q 85 -38.00 8.00 -72.36
C VAL Q 85 -36.90 8.79 -73.07
N THR Q 86 -35.75 8.15 -73.19
CA THR Q 86 -34.57 8.67 -73.87
C THR Q 86 -34.00 7.56 -74.74
N PRO Q 87 -33.26 7.90 -75.79
CA PRO Q 87 -32.68 6.85 -76.65
C PRO Q 87 -31.80 5.86 -75.90
N ALA Q 88 -31.13 6.29 -74.83
CA ALA Q 88 -30.33 5.37 -74.04
C ALA Q 88 -31.20 4.38 -73.28
N ASP Q 89 -32.38 4.82 -72.82
CA ASP Q 89 -33.23 3.98 -71.98
C ASP Q 89 -33.74 2.77 -72.74
N THR Q 90 -34.16 2.95 -73.99
CA THR Q 90 -34.79 1.87 -74.74
C THR Q 90 -33.79 0.75 -75.03
N ALA Q 91 -34.25 -0.49 -74.89
CA ALA Q 91 -33.42 -1.67 -75.12
C ALA Q 91 -34.33 -2.88 -75.17
N VAL Q 92 -33.70 -4.05 -75.27
CA VAL Q 92 -34.45 -5.31 -75.26
C VAL Q 92 -35.06 -5.51 -73.87
N TYR Q 93 -36.32 -5.91 -73.85
CA TYR Q 93 -37.08 -6.10 -72.62
C TYR Q 93 -37.39 -7.56 -72.42
N TYR Q 94 -37.15 -8.07 -71.21
CA TYR Q 94 -37.46 -9.45 -70.83
C TYR Q 94 -38.45 -9.43 -69.68
N CYS Q 95 -39.53 -10.20 -69.83
CA CYS Q 95 -40.52 -10.39 -68.77
C CYS Q 95 -40.28 -11.74 -68.11
N ALA Q 96 -39.95 -11.71 -66.81
CA ALA Q 96 -39.57 -12.91 -66.09
C ALA Q 96 -40.38 -13.02 -64.80
N THR Q 97 -40.59 -14.26 -64.36
CA THR Q 97 -41.30 -14.56 -63.12
C THR Q 97 -40.29 -15.00 -62.07
N ALA Q 98 -40.37 -14.40 -60.89
CA ALA Q 98 -39.48 -14.73 -59.79
C ALA Q 98 -40.31 -15.10 -58.56
N ARG Q 99 -39.95 -16.22 -57.94
CA ARG Q 99 -40.58 -16.68 -56.71
C ARG Q 99 -39.64 -16.40 -55.55
N ARG Q 100 -40.17 -15.74 -54.52
CA ARG Q 100 -39.32 -15.35 -53.40
C ARG Q 100 -39.03 -16.54 -52.50
N GLY Q 101 -37.80 -16.59 -51.99
CA GLY Q 101 -37.45 -17.50 -50.93
C GLY Q 101 -36.77 -16.71 -49.82
N GLN Q 102 -36.88 -17.23 -48.60
CA GLN Q 102 -36.34 -16.56 -47.44
C GLN Q 102 -35.07 -17.27 -46.98
N ARG Q 103 -33.99 -16.52 -46.78
CA ARG Q 103 -32.78 -17.13 -46.25
C ARG Q 103 -32.82 -16.81 -44.77
N ILE Q 104 -32.81 -17.85 -43.94
CA ILE Q 104 -32.86 -17.64 -42.51
C ILE Q 104 -31.52 -18.02 -41.94
N TYR Q 105 -30.85 -17.04 -41.33
CA TYR Q 105 -29.51 -17.26 -40.79
C TYR Q 105 -29.37 -17.15 -39.30
N GLY Q 106 -30.49 -16.95 -38.58
CA GLY Q 106 -30.45 -16.84 -37.14
C GLY Q 106 -31.82 -16.95 -36.54
N VAL Q 107 -32.13 -16.13 -35.53
CA VAL Q 107 -33.41 -16.19 -34.83
C VAL Q 107 -34.43 -15.39 -35.62
N VAL Q 108 -35.41 -16.10 -36.21
CA VAL Q 108 -36.38 -15.45 -37.08
C VAL Q 108 -37.34 -14.58 -36.26
N SER Q 109 -37.43 -14.80 -34.95
CA SER Q 109 -38.27 -13.94 -34.13
C SER Q 109 -37.65 -12.56 -33.96
N PHE Q 110 -36.35 -12.43 -34.24
CA PHE Q 110 -35.68 -11.15 -34.22
C PHE Q 110 -35.64 -10.46 -35.58
N GLY Q 111 -35.76 -11.22 -36.67
CA GLY Q 111 -35.76 -10.66 -38.00
C GLY Q 111 -34.60 -11.09 -38.88
N GLU Q 112 -34.08 -12.31 -38.70
CA GLU Q 112 -32.95 -12.79 -39.49
C GLU Q 112 -33.41 -13.50 -40.75
N PHE Q 113 -34.01 -12.73 -41.65
CA PHE Q 113 -34.47 -13.25 -42.94
C PHE Q 113 -34.40 -12.15 -43.98
N PHE Q 114 -33.83 -12.46 -45.15
CA PHE Q 114 -33.93 -11.60 -46.32
C PHE Q 114 -34.46 -12.43 -47.47
N TYR Q 115 -35.27 -11.82 -48.31
CA TYR Q 115 -35.96 -12.53 -49.38
C TYR Q 115 -35.16 -12.44 -50.67
N TYR Q 116 -34.88 -13.59 -51.27
CA TYR Q 116 -34.15 -13.68 -52.53
C TYR Q 116 -35.09 -14.18 -53.61
N TYR Q 117 -34.94 -13.63 -54.81
CA TYR Q 117 -35.80 -13.98 -55.94
C TYR Q 117 -35.01 -14.83 -56.94
N SER Q 118 -35.61 -15.94 -57.36
CA SER Q 118 -35.00 -16.85 -58.33
C SER Q 118 -35.80 -16.77 -59.63
N MET Q 119 -35.11 -16.57 -60.74
CA MET Q 119 -35.75 -16.39 -62.04
C MET Q 119 -35.87 -17.75 -62.71
N ASP Q 120 -37.01 -18.41 -62.52
CA ASP Q 120 -37.26 -19.71 -63.12
C ASP Q 120 -37.76 -19.63 -64.54
N VAL Q 121 -38.42 -18.54 -64.93
CA VAL Q 121 -38.92 -18.33 -66.28
C VAL Q 121 -38.38 -17.00 -66.79
N TRP Q 122 -37.98 -16.97 -68.06
CA TRP Q 122 -37.38 -15.80 -68.66
C TRP Q 122 -38.16 -15.42 -69.92
N GLY Q 123 -38.14 -14.12 -70.23
CA GLY Q 123 -38.84 -13.65 -71.41
C GLY Q 123 -38.07 -13.92 -72.68
N LYS Q 124 -38.80 -13.96 -73.81
CA LYS Q 124 -38.17 -14.18 -75.10
C LYS Q 124 -37.36 -12.97 -75.54
N GLY Q 125 -37.83 -11.77 -75.21
CA GLY Q 125 -37.09 -10.56 -75.58
C GLY Q 125 -37.89 -9.71 -76.55
N THR Q 126 -37.84 -8.40 -76.32
CA THR Q 126 -38.52 -7.43 -77.17
C THR Q 126 -37.57 -6.26 -77.43
N THR Q 127 -36.98 -6.23 -78.63
CA THR Q 127 -36.02 -5.20 -79.01
C THR Q 127 -36.78 -4.03 -79.62
N VAL Q 128 -36.61 -2.85 -79.03
CA VAL Q 128 -37.33 -1.66 -79.45
C VAL Q 128 -36.37 -0.47 -79.44
N THR Q 129 -36.47 0.36 -80.47
CA THR Q 129 -35.60 1.52 -80.62
C THR Q 129 -36.45 2.78 -80.77
N VAL Q 130 -35.87 3.92 -80.37
CA VAL Q 130 -36.58 5.19 -80.46
C VAL Q 130 -36.68 5.63 -81.92
N SER Q 131 -37.64 6.50 -82.19
CA SER Q 131 -37.84 7.04 -83.53
C SER Q 131 -37.59 8.54 -83.57
N VAL R 3 -17.09 -6.36 -67.36
CA VAL R 3 -17.52 -7.47 -68.21
C VAL R 3 -16.31 -8.08 -68.92
N ARG R 4 -15.25 -8.30 -68.16
CA ARG R 4 -14.04 -8.89 -68.73
C ARG R 4 -14.30 -10.32 -69.19
N PRO R 5 -13.91 -10.69 -70.40
CA PRO R 5 -14.14 -12.05 -70.89
C PRO R 5 -13.08 -13.03 -70.41
N LEU R 6 -13.38 -14.31 -70.59
CA LEU R 6 -12.47 -15.40 -70.29
C LEU R 6 -12.35 -16.32 -71.50
N SER R 7 -11.13 -16.68 -71.84
CA SER R 7 -10.85 -17.52 -72.99
C SER R 7 -10.85 -18.98 -72.56
N VAL R 8 -11.90 -19.71 -72.92
CA VAL R 8 -12.04 -21.13 -72.61
C VAL R 8 -12.03 -21.88 -73.93
N ALA R 9 -10.98 -22.66 -74.16
CA ALA R 9 -10.85 -23.42 -75.40
C ALA R 9 -11.75 -24.65 -75.37
N LEU R 10 -11.82 -25.32 -76.51
CA LEU R 10 -12.62 -26.53 -76.63
C LEU R 10 -12.14 -27.60 -75.65
N GLY R 11 -13.08 -28.18 -74.91
CA GLY R 11 -12.77 -29.23 -73.97
C GLY R 11 -12.08 -28.78 -72.70
N GLU R 12 -12.17 -27.51 -72.34
CA GLU R 12 -11.55 -26.98 -71.15
C GLU R 12 -12.56 -26.91 -70.02
N THR R 13 -12.20 -27.45 -68.86
CA THR R 13 -13.06 -27.45 -67.68
C THR R 13 -12.53 -26.43 -66.68
N ALA R 14 -13.42 -25.57 -66.18
CA ALA R 14 -13.04 -24.54 -65.23
C ALA R 14 -14.22 -24.24 -64.32
N ARG R 15 -13.92 -23.65 -63.17
CA ARG R 15 -14.92 -23.19 -62.21
C ARG R 15 -14.83 -21.68 -62.11
N ILE R 16 -15.96 -21.01 -62.36
CA ILE R 16 -16.01 -19.55 -62.41
C ILE R 16 -16.66 -19.05 -61.13
N SER R 17 -16.04 -18.07 -60.49
CA SER R 17 -16.54 -17.51 -59.25
C SER R 17 -17.24 -16.19 -59.50
N CYS R 18 -18.06 -15.77 -58.52
CA CYS R 18 -18.73 -14.48 -58.61
C CYS R 18 -17.72 -13.36 -58.44
N GLY R 19 -17.97 -12.25 -59.14
CA GLY R 19 -17.05 -11.12 -59.06
C GLY R 19 -17.04 -10.47 -57.68
N ARG R 20 -18.20 -10.37 -57.05
CA ARG R 20 -18.32 -9.70 -55.77
C ARG R 20 -18.00 -10.65 -54.63
N GLN R 21 -17.83 -10.08 -53.44
CA GLN R 21 -17.52 -10.83 -52.23
C GLN R 21 -18.66 -10.71 -51.23
N ALA R 22 -18.95 -11.81 -50.55
CA ALA R 22 -20.06 -11.84 -49.61
C ALA R 22 -19.71 -11.11 -48.32
N LEU R 23 -20.69 -10.39 -47.77
CA LEU R 23 -20.58 -9.77 -46.46
C LEU R 23 -21.34 -10.53 -45.39
N GLY R 24 -21.82 -11.72 -45.71
CA GLY R 24 -22.57 -12.51 -44.75
C GLY R 24 -22.92 -13.86 -45.34
N SER R 25 -23.93 -14.49 -44.75
CA SER R 25 -24.47 -15.71 -45.33
C SER R 25 -25.23 -15.38 -46.60
N ARG R 26 -24.75 -15.90 -47.73
CA ARG R 26 -25.36 -15.50 -49.02
C ARG R 26 -26.01 -16.66 -49.76
N ALA R 27 -27.12 -16.33 -50.44
CA ALA R 27 -27.87 -17.24 -51.30
C ALA R 27 -27.85 -16.68 -52.71
N VAL R 28 -26.98 -17.23 -53.55
CA VAL R 28 -26.69 -16.69 -54.87
C VAL R 28 -27.45 -17.50 -55.92
N GLN R 29 -27.89 -16.82 -56.98
CA GLN R 29 -28.54 -17.45 -58.12
C GLN R 29 -27.65 -17.28 -59.35
N TRP R 30 -27.45 -18.37 -60.08
CA TRP R 30 -26.66 -18.36 -61.30
C TRP R 30 -27.60 -18.47 -62.50
N TYR R 31 -27.39 -17.60 -63.49
CA TYR R 31 -28.20 -17.59 -64.70
C TYR R 31 -27.30 -17.73 -65.92
N GLN R 32 -27.69 -18.60 -66.84
CA GLN R 32 -27.00 -18.78 -68.11
C GLN R 32 -27.77 -18.07 -69.20
N HIS R 33 -27.14 -17.06 -69.81
CA HIS R 33 -27.81 -16.27 -70.83
C HIS R 33 -27.96 -17.07 -72.12
N ARG R 34 -28.90 -16.63 -72.96
CA ARG R 34 -29.14 -17.24 -74.25
C ARG R 34 -29.42 -16.15 -75.27
N PRO R 35 -28.61 -16.02 -76.33
CA PRO R 35 -28.80 -14.92 -77.29
C PRO R 35 -30.09 -15.08 -78.08
N GLY R 36 -30.92 -14.06 -78.05
CA GLY R 36 -32.15 -14.05 -78.84
C GLY R 36 -33.23 -14.98 -78.33
N GLN R 37 -33.08 -15.49 -77.11
CA GLN R 37 -34.06 -16.40 -76.52
C GLN R 37 -34.09 -16.15 -75.01
N ALA R 38 -34.70 -17.09 -74.29
CA ALA R 38 -34.87 -16.95 -72.85
C ALA R 38 -33.67 -17.55 -72.13
N PRO R 39 -32.96 -16.77 -71.30
CA PRO R 39 -31.87 -17.36 -70.50
C PRO R 39 -32.39 -18.40 -69.53
N ILE R 40 -31.54 -19.38 -69.23
CA ILE R 40 -31.90 -20.49 -68.35
C ILE R 40 -30.99 -20.47 -67.14
N LEU R 41 -31.60 -20.46 -65.94
CA LEU R 41 -30.85 -20.46 -64.70
C LEU R 41 -30.27 -21.85 -64.46
N LEU R 42 -29.07 -21.90 -63.85
CA LEU R 42 -28.44 -23.18 -63.58
C LEU R 42 -28.50 -23.54 -62.10
N ILE R 43 -28.10 -22.61 -61.23
CA ILE R 43 -28.04 -22.86 -59.80
C ILE R 43 -28.61 -21.66 -59.05
N TYR R 44 -29.48 -21.95 -58.07
CA TYR R 44 -30.04 -20.92 -57.20
C TYR R 44 -29.87 -21.35 -55.76
N ASN R 45 -29.87 -20.36 -54.86
CA ASN R 45 -29.72 -20.57 -53.42
C ASN R 45 -28.37 -21.20 -53.10
N ASN R 46 -27.43 -21.11 -54.05
CA ASN R 46 -26.02 -21.45 -53.89
C ASN R 46 -25.76 -22.95 -53.80
N GLN R 47 -26.80 -23.77 -53.65
CA GLN R 47 -26.66 -25.21 -53.87
C GLN R 47 -27.85 -25.84 -54.59
N ASP R 48 -28.99 -25.16 -54.67
CA ASP R 48 -30.19 -25.76 -55.22
C ASP R 48 -30.15 -25.70 -56.75
N ARG R 49 -30.51 -26.82 -57.38
CA ARG R 49 -30.46 -26.97 -58.82
C ARG R 49 -31.84 -27.34 -59.36
N PRO R 50 -32.40 -26.56 -60.28
CA PRO R 50 -33.67 -26.95 -60.88
C PRO R 50 -33.53 -28.23 -61.70
N SER R 51 -34.62 -28.98 -61.78
CA SER R 51 -34.60 -30.24 -62.52
C SER R 51 -34.36 -30.00 -64.00
N GLY R 52 -33.54 -30.85 -64.59
CA GLY R 52 -33.19 -30.74 -65.99
C GLY R 52 -31.86 -30.06 -66.27
N ILE R 53 -31.06 -29.81 -65.25
CA ILE R 53 -29.77 -29.14 -65.39
C ILE R 53 -28.67 -30.19 -65.29
N PRO R 54 -27.67 -30.16 -66.16
CA PRO R 54 -26.61 -31.17 -66.09
C PRO R 54 -25.82 -31.10 -64.79
N GLU R 55 -25.20 -32.23 -64.46
CA GLU R 55 -24.51 -32.36 -63.17
C GLU R 55 -23.27 -31.47 -63.09
N ARG R 56 -22.79 -30.98 -64.23
CA ARG R 56 -21.59 -30.15 -64.21
C ARG R 56 -21.82 -28.84 -63.46
N PHE R 57 -23.00 -28.25 -63.62
CA PHE R 57 -23.32 -26.98 -62.98
C PHE R 57 -23.76 -27.22 -61.54
N SER R 58 -22.91 -26.84 -60.59
CA SER R 58 -23.20 -27.03 -59.17
C SER R 58 -22.64 -25.86 -58.41
N GLY R 59 -22.94 -25.76 -57.12
CA GLY R 59 -22.45 -24.66 -56.31
C GLY R 59 -22.00 -25.02 -54.90
N THR R 60 -21.21 -24.14 -54.29
CA THR R 60 -20.74 -24.39 -52.93
C THR R 60 -21.86 -24.28 -51.92
N PRO R 61 -21.85 -25.13 -50.89
CA PRO R 61 -22.98 -25.17 -49.96
C PRO R 61 -23.32 -23.93 -49.11
N ASP R 62 -22.39 -22.98 -48.87
CA ASP R 62 -22.58 -21.78 -47.99
C ASP R 62 -22.32 -22.02 -46.52
N ILE R 63 -21.87 -23.21 -46.18
CA ILE R 63 -21.51 -23.52 -44.80
C ILE R 63 -20.27 -22.70 -44.47
N ASN R 64 -20.09 -22.28 -43.20
CA ASN R 64 -18.97 -21.42 -42.76
C ASN R 64 -18.95 -20.05 -43.45
N PHE R 65 -17.89 -19.27 -43.25
CA PHE R 65 -17.86 -17.94 -43.84
C PHE R 65 -16.65 -17.74 -44.71
N GLY R 66 -16.77 -16.89 -45.73
CA GLY R 66 -15.66 -16.57 -46.59
C GLY R 66 -15.40 -17.55 -47.71
N THR R 67 -16.09 -18.69 -47.73
CA THR R 67 -15.90 -19.64 -48.82
C THR R 67 -16.49 -19.08 -50.11
N ARG R 68 -15.70 -19.16 -51.18
CA ARG R 68 -16.13 -18.59 -52.45
C ARG R 68 -17.11 -19.52 -53.16
N ALA R 69 -18.21 -18.95 -53.64
CA ALA R 69 -19.23 -19.70 -54.38
C ALA R 69 -18.92 -19.65 -55.86
N THR R 70 -18.87 -20.83 -56.49
CA THR R 70 -18.50 -20.94 -57.89
C THR R 70 -19.54 -21.76 -58.65
N LEU R 71 -19.71 -21.43 -59.93
CA LEU R 71 -20.53 -22.23 -60.83
C LEU R 71 -19.61 -23.10 -61.67
N THR R 72 -19.53 -24.38 -61.34
CA THR R 72 -18.68 -25.30 -62.08
C THR R 72 -19.26 -25.54 -63.47
N ILE R 73 -18.38 -25.50 -64.48
CA ILE R 73 -18.78 -25.77 -65.86
C ILE R 73 -17.74 -26.68 -66.49
N SER R 74 -18.20 -27.55 -67.39
CA SER R 74 -17.32 -28.47 -68.11
C SER R 74 -17.98 -28.85 -69.43
N GLY R 75 -17.16 -28.88 -70.49
CA GLY R 75 -17.67 -29.22 -71.80
C GLY R 75 -18.11 -28.00 -72.58
N VAL R 76 -17.50 -27.78 -73.75
CA VAL R 76 -17.84 -26.61 -74.54
C VAL R 76 -19.01 -26.93 -75.46
N GLU R 77 -20.03 -26.07 -75.42
CA GLU R 77 -21.21 -26.22 -76.26
C GLU R 77 -21.80 -24.84 -76.50
N ALA R 78 -22.79 -24.79 -77.41
CA ALA R 78 -23.34 -23.51 -77.85
C ALA R 78 -23.98 -22.75 -76.69
N GLY R 79 -24.66 -23.46 -75.79
CA GLY R 79 -25.26 -22.79 -74.64
C GLY R 79 -24.23 -22.20 -73.71
N ASP R 80 -23.10 -22.89 -73.52
CA ASP R 80 -22.07 -22.39 -72.62
C ASP R 80 -21.34 -21.19 -73.19
N GLU R 81 -21.51 -20.91 -74.48
CA GLU R 81 -20.82 -19.78 -75.10
C GLU R 81 -21.28 -18.46 -74.51
N ALA R 82 -22.57 -18.34 -74.21
CA ALA R 82 -23.09 -17.10 -73.64
C ALA R 82 -22.60 -16.90 -72.21
N ASP R 83 -22.65 -15.65 -71.75
CA ASP R 83 -22.10 -15.30 -70.46
C ASP R 83 -22.97 -15.80 -69.31
N TYR R 84 -22.38 -15.83 -68.12
CA TYR R 84 -23.06 -16.20 -66.89
C TYR R 84 -23.13 -14.99 -65.97
N TYR R 85 -24.13 -15.00 -65.08
CA TYR R 85 -24.29 -13.95 -64.08
C TYR R 85 -24.50 -14.58 -62.71
N CYS R 86 -23.77 -14.07 -61.72
CA CYS R 86 -23.94 -14.47 -60.33
C CYS R 86 -24.64 -13.34 -59.59
N HIS R 87 -25.85 -13.60 -59.10
CA HIS R 87 -26.64 -12.61 -58.38
C HIS R 87 -26.45 -12.86 -56.89
N MET R 88 -25.60 -12.04 -56.26
CA MET R 88 -25.22 -12.24 -54.87
C MET R 88 -26.21 -11.54 -53.95
N TRP R 89 -26.78 -12.29 -53.02
CA TRP R 89 -27.65 -11.76 -51.99
C TRP R 89 -26.98 -11.94 -50.64
N ASP R 90 -26.63 -10.83 -49.99
CA ASP R 90 -25.90 -10.85 -48.74
C ASP R 90 -26.81 -10.47 -47.58
N SER R 91 -26.37 -10.85 -46.38
CA SER R 91 -27.11 -10.49 -45.17
C SER R 91 -27.11 -8.98 -44.94
N ARG R 92 -25.97 -8.34 -45.17
CA ARG R 92 -25.81 -6.91 -44.87
C ARG R 92 -25.80 -6.02 -46.10
N SER R 93 -25.43 -6.54 -47.27
CA SER R 93 -25.34 -5.70 -48.46
C SER R 93 -26.69 -5.10 -48.82
N GLY R 94 -27.76 -5.80 -48.52
CA GLY R 94 -29.10 -5.34 -48.81
C GLY R 94 -29.68 -6.04 -50.02
N PHE R 95 -30.56 -5.32 -50.71
CA PHE R 95 -31.18 -5.86 -51.90
C PHE R 95 -30.21 -5.79 -53.08
N SER R 96 -30.20 -6.83 -53.91
CA SER R 96 -29.22 -6.97 -54.98
C SER R 96 -29.85 -6.54 -56.30
N TRP R 97 -29.69 -5.25 -56.64
CA TRP R 97 -30.28 -4.74 -57.87
C TRP R 97 -29.49 -5.21 -59.10
N SER R 98 -28.17 -5.13 -59.04
CA SER R 98 -27.33 -5.36 -60.21
C SER R 98 -26.84 -6.81 -60.24
N PHE R 99 -26.89 -7.41 -61.44
CA PHE R 99 -26.39 -8.77 -61.60
C PHE R 99 -24.88 -8.83 -61.38
N GLY R 100 -24.15 -7.83 -61.87
CA GLY R 100 -22.70 -7.80 -61.73
C GLY R 100 -22.00 -8.03 -63.05
N GLY R 101 -20.67 -8.07 -62.96
CA GLY R 101 -19.87 -8.29 -64.15
C GLY R 101 -20.10 -9.67 -64.74
N ALA R 102 -20.36 -9.69 -66.05
CA ALA R 102 -20.62 -10.93 -66.75
C ALA R 102 -19.34 -11.72 -66.95
N THR R 103 -19.45 -13.05 -66.89
CA THR R 103 -18.33 -13.95 -67.10
C THR R 103 -18.51 -14.64 -68.45
N ARG R 104 -17.57 -14.45 -69.36
CA ARG R 104 -17.67 -14.89 -70.74
C ARG R 104 -16.92 -16.19 -70.93
N LEU R 105 -17.50 -17.10 -71.72
CA LEU R 105 -16.82 -18.29 -72.20
C LEU R 105 -16.73 -18.20 -73.71
N THR R 106 -15.52 -17.97 -74.23
CA THR R 106 -15.31 -17.72 -75.65
C THR R 106 -14.36 -18.76 -76.23
N VAL R 107 -14.65 -19.19 -77.45
CA VAL R 107 -13.85 -20.21 -78.13
C VAL R 107 -13.37 -19.63 -79.45
N LEU R 108 -12.08 -19.78 -79.73
CA LEU R 108 -11.49 -19.35 -80.99
C LEU R 108 -10.43 -20.35 -81.42
N GLY R 109 -10.42 -20.67 -82.71
CA GLY R 109 -9.47 -21.61 -83.26
C GLY R 109 -8.20 -20.95 -83.79
#